data_6UBA
#
_entry.id   6UBA
#
_cell.length_a   121.262
_cell.length_b   152.798
_cell.length_c   169.423
_cell.angle_alpha   90.000
_cell.angle_beta   90.000
_cell.angle_gamma   90.000
#
_symmetry.space_group_name_H-M   'P 21 21 21'
#
loop_
_entity.id
_entity.type
_entity.pdbx_description
1 polymer 'Glyco_hydro_cc domain-containing protein'
2 branched beta-D-glucopyranose-(1-3)-beta-D-glucopyranose-(1-3)-beta-D-glucopyranose
3 branched beta-D-glucopyranose-(1-3)-beta-D-glucopyranose
4 water water
#
_entity_poly.entity_id   1
_entity_poly.type   'polypeptide(L)'
_entity_poly.pdbx_seq_one_letter_code
;MGSSHHHHHHSSGLVPAGSHMVKKRVLLWDYTNTRDVKWAMDKINFKGPLHSCSNWNTWYPDELKHRLPFRPMIHGKNNL
TGGEWQNILKTNEEVIHFFNEPERAGISPEEAAKIWNDQVLALRTSHHKRLVSPSCASDPAGIAWIKKWMNLVAKNPPDY
LGLHWYGTKGDEMIRYLESMHKEHPHQPIIVSEWASTSRSYPDVLGLTVQLANWMDSTPWVAEYALFGCMRQMADDFVSP
EAQLMNKDGSFTDLMWKYMSDQPMHI
;
_entity_poly.pdbx_strand_id   A,B,C,D,E,F,G,H,I,J
#
loop_
_chem_comp.id
_chem_comp.type
_chem_comp.name
_chem_comp.formula
BGC D-saccharide, beta linking beta-D-glucopyranose 'C6 H12 O6'
#
# COMPACT_ATOMS: atom_id res chain seq x y z
N HIS A 20 -18.69 11.29 -14.68
CA HIS A 20 -19.62 11.93 -13.69
C HIS A 20 -19.33 13.42 -13.57
N MET A 21 -20.38 14.23 -13.46
CA MET A 21 -20.30 15.70 -13.35
C MET A 21 -19.49 16.04 -12.10
N VAL A 22 -18.32 16.67 -12.26
CA VAL A 22 -17.49 17.16 -11.12
C VAL A 22 -18.11 18.47 -10.62
N LYS A 23 -18.42 18.55 -9.32
CA LYS A 23 -19.14 19.68 -8.70
C LYS A 23 -18.33 20.24 -7.54
N LYS A 24 -17.46 21.22 -7.82
CA LYS A 24 -16.56 21.87 -6.84
C LYS A 24 -16.73 23.40 -6.85
N ARG A 25 -17.64 23.94 -7.66
CA ARG A 25 -17.68 25.41 -7.92
C ARG A 25 -18.59 26.08 -6.89
N VAL A 26 -18.07 27.11 -6.22
CA VAL A 26 -18.81 27.94 -5.22
C VAL A 26 -19.43 29.13 -5.94
N LEU A 27 -20.67 29.46 -5.58
CA LEU A 27 -21.36 30.70 -6.00
C LEU A 27 -21.11 31.77 -4.93
N LEU A 28 -20.14 32.66 -5.17
CA LEU A 28 -19.94 33.89 -4.34
C LEU A 28 -21.10 34.84 -4.63
N TRP A 29 -21.90 35.15 -3.61
CA TRP A 29 -23.15 35.94 -3.74
C TRP A 29 -23.06 37.18 -2.84
N ASP A 30 -22.45 38.25 -3.37
CA ASP A 30 -22.24 39.53 -2.64
C ASP A 30 -23.59 40.03 -2.15
N TYR A 31 -23.60 40.66 -0.97
CA TYR A 31 -24.83 41.11 -0.27
C TYR A 31 -25.57 42.16 -1.11
N THR A 32 -24.86 42.86 -2.01
CA THR A 32 -25.49 43.87 -2.92
C THR A 32 -26.50 43.16 -3.82
N ASN A 33 -26.24 41.90 -4.20
CA ASN A 33 -27.20 41.06 -4.97
C ASN A 33 -28.46 40.86 -4.13
N THR A 34 -28.30 40.49 -2.86
CA THR A 34 -29.42 40.28 -1.89
C THR A 34 -30.18 41.61 -1.71
N ARG A 35 -29.45 42.72 -1.64
CA ARG A 35 -30.01 44.08 -1.38
C ARG A 35 -30.83 44.57 -2.59
N ASP A 36 -30.38 44.30 -3.82
CA ASP A 36 -30.87 44.99 -5.05
C ASP A 36 -31.54 44.03 -6.03
N VAL A 37 -31.05 42.81 -6.20
CA VAL A 37 -31.46 41.90 -7.32
C VAL A 37 -31.58 40.45 -6.83
N LYS A 38 -32.34 40.21 -5.75
CA LYS A 38 -32.73 38.85 -5.26
C LYS A 38 -33.03 37.95 -6.46
N TRP A 39 -33.91 38.42 -7.36
CA TRP A 39 -34.45 37.68 -8.53
C TRP A 39 -33.34 37.02 -9.35
N ALA A 40 -32.11 37.55 -9.32
CA ALA A 40 -30.96 37.04 -10.10
C ALA A 40 -30.64 35.60 -9.68
N MET A 41 -30.87 35.24 -8.40
CA MET A 41 -30.56 33.90 -7.86
C MET A 41 -31.40 32.84 -8.58
N ASP A 42 -32.66 33.15 -8.92
CA ASP A 42 -33.61 32.23 -9.60
C ASP A 42 -33.13 31.95 -11.04
N LYS A 43 -32.22 32.75 -11.57
CA LYS A 43 -31.69 32.57 -12.95
C LYS A 43 -30.40 31.73 -12.94
N ILE A 44 -29.90 31.37 -11.75
CA ILE A 44 -28.72 30.47 -11.59
C ILE A 44 -29.06 29.10 -12.17
N ASN A 45 -28.06 28.42 -12.75
CA ASN A 45 -28.14 27.01 -13.22
C ASN A 45 -27.64 26.11 -12.08
N PHE A 46 -28.55 25.33 -11.49
CA PHE A 46 -28.30 24.46 -10.31
C PHE A 46 -28.06 22.99 -10.75
N LYS A 47 -28.19 22.71 -12.06
CA LYS A 47 -28.03 21.36 -12.65
C LYS A 47 -26.61 21.15 -13.18
N GLY A 48 -25.77 22.20 -13.13
CA GLY A 48 -24.36 22.17 -13.56
C GLY A 48 -23.43 21.94 -12.37
N PRO A 49 -22.15 22.35 -12.48
CA PRO A 49 -21.15 22.07 -11.44
C PRO A 49 -21.11 22.99 -10.21
N LEU A 50 -22.07 23.90 -10.05
CA LEU A 50 -22.23 24.65 -8.78
C LEU A 50 -22.56 23.65 -7.66
N HIS A 51 -21.92 23.80 -6.50
CA HIS A 51 -21.93 22.78 -5.41
C HIS A 51 -22.18 23.42 -4.04
N SER A 52 -21.94 24.73 -3.88
CA SER A 52 -22.13 25.47 -2.60
C SER A 52 -22.19 26.98 -2.89
N CYS A 53 -22.32 27.79 -1.82
CA CYS A 53 -22.55 29.26 -1.89
C CYS A 53 -22.00 29.91 -0.62
N SER A 54 -21.40 31.10 -0.73
CA SER A 54 -20.97 31.95 0.42
C SER A 54 -21.19 33.41 0.06
N ASN A 55 -21.28 34.30 1.06
CA ASN A 55 -21.62 35.72 0.86
C ASN A 55 -20.83 36.63 1.84
N TRP A 56 -19.68 36.16 2.35
CA TRP A 56 -18.79 36.95 3.25
C TRP A 56 -19.50 37.35 4.55
N ASN A 57 -20.65 36.74 4.87
CA ASN A 57 -21.51 37.16 6.01
C ASN A 57 -21.94 35.94 6.82
N THR A 58 -22.39 36.19 8.06
CA THR A 58 -22.93 35.19 9.02
C THR A 58 -24.36 34.80 8.62
N TRP A 59 -25.13 35.75 8.08
CA TRP A 59 -26.59 35.59 7.78
C TRP A 59 -26.77 34.87 6.44
N TYR A 60 -27.92 34.22 6.26
CA TYR A 60 -28.26 33.32 5.14
C TYR A 60 -28.98 34.12 4.05
N PRO A 61 -28.61 33.96 2.75
CA PRO A 61 -29.35 34.57 1.66
C PRO A 61 -30.63 33.81 1.30
N ASP A 62 -31.78 34.29 1.81
CA ASP A 62 -33.10 33.63 1.70
C ASP A 62 -33.37 33.20 0.25
N GLU A 63 -33.03 34.03 -0.73
CA GLU A 63 -33.33 33.81 -2.17
C GLU A 63 -32.69 32.50 -2.66
N LEU A 64 -31.61 32.03 -2.00
CA LEU A 64 -30.94 30.74 -2.31
C LEU A 64 -31.94 29.58 -2.18
N LYS A 65 -32.85 29.65 -1.19
CA LYS A 65 -33.92 28.67 -0.91
C LYS A 65 -33.31 27.26 -0.77
N HIS A 66 -32.13 27.18 -0.14
CA HIS A 66 -31.40 25.95 0.24
C HIS A 66 -31.09 25.07 -0.99
N ARG A 67 -31.02 25.65 -2.19
CA ARG A 67 -30.77 24.88 -3.45
C ARG A 67 -29.29 24.48 -3.51
N LEU A 68 -28.42 25.13 -2.74
CA LEU A 68 -27.00 24.74 -2.53
C LEU A 68 -26.66 24.90 -1.05
N PRO A 69 -25.73 24.09 -0.51
CA PRO A 69 -25.21 24.32 0.85
C PRO A 69 -24.61 25.73 0.94
N PHE A 70 -24.86 26.41 2.05
CA PHE A 70 -24.32 27.77 2.34
C PHE A 70 -23.20 27.66 3.37
N ARG A 71 -22.08 28.35 3.14
CA ARG A 71 -20.98 28.46 4.15
C ARG A 71 -21.05 29.85 4.77
N PRO A 72 -21.58 30.00 6.00
CA PRO A 72 -21.49 31.25 6.73
C PRO A 72 -20.01 31.62 6.93
N MET A 73 -19.73 32.91 7.08
CA MET A 73 -18.37 33.43 7.32
C MET A 73 -18.37 34.28 8.60
N ILE A 74 -17.36 34.09 9.44
CA ILE A 74 -16.94 35.04 10.51
C ILE A 74 -15.92 35.98 9.85
N HIS A 75 -16.39 37.07 9.23
CA HIS A 75 -15.61 37.94 8.31
C HIS A 75 -14.51 38.68 9.08
N GLY A 76 -14.85 39.28 10.22
CA GLY A 76 -13.92 40.06 11.07
C GLY A 76 -14.37 40.12 12.51
N LYS A 77 -13.70 40.95 13.30
CA LYS A 77 -13.92 41.10 14.77
C LYS A 77 -15.35 41.58 15.04
N ASN A 78 -15.96 42.30 14.08
CA ASN A 78 -17.34 42.86 14.18
C ASN A 78 -18.39 41.74 14.15
N ASN A 79 -18.00 40.48 13.89
CA ASN A 79 -18.93 39.33 13.68
C ASN A 79 -18.82 38.31 14.83
N LEU A 80 -18.20 38.69 15.95
CA LEU A 80 -17.91 37.78 17.11
C LEU A 80 -18.95 37.94 18.22
N THR A 81 -19.83 38.96 18.15
CA THR A 81 -20.78 39.33 19.23
C THR A 81 -22.18 39.55 18.65
N GLY A 82 -23.19 39.67 19.53
CA GLY A 82 -24.57 40.04 19.18
C GLY A 82 -25.17 39.14 18.11
N GLY A 83 -26.11 39.66 17.33
CA GLY A 83 -26.88 38.94 16.30
C GLY A 83 -26.00 38.26 15.28
N GLU A 84 -24.82 38.84 15.00
CA GLU A 84 -23.81 38.28 14.06
C GLU A 84 -23.38 36.89 14.56
N TRP A 85 -22.97 36.79 15.83
CA TRP A 85 -22.51 35.52 16.44
C TRP A 85 -23.69 34.55 16.60
N GLN A 86 -24.90 35.05 16.86
CA GLN A 86 -26.13 34.24 17.03
C GLN A 86 -26.42 33.49 15.72
N ASN A 87 -26.22 34.15 14.58
CA ASN A 87 -26.40 33.56 13.23
C ASN A 87 -25.48 32.35 13.08
N ILE A 88 -24.24 32.45 13.60
CA ILE A 88 -23.21 31.38 13.54
C ILE A 88 -23.59 30.22 14.47
N LEU A 89 -24.05 30.54 15.69
CA LEU A 89 -24.40 29.52 16.73
C LEU A 89 -25.63 28.72 16.28
N LYS A 90 -26.55 29.32 15.52
CA LYS A 90 -27.91 28.74 15.23
C LYS A 90 -27.93 28.04 13.86
N THR A 91 -26.89 28.19 13.03
CA THR A 91 -26.90 27.70 11.63
C THR A 91 -26.97 26.16 11.60
N ASN A 92 -27.69 25.62 10.61
CA ASN A 92 -27.81 24.17 10.32
C ASN A 92 -26.75 23.75 9.29
N GLU A 93 -26.00 24.70 8.74
CA GLU A 93 -25.03 24.45 7.63
C GLU A 93 -23.76 23.85 8.25
N GLU A 94 -23.01 23.07 7.46
CA GLU A 94 -21.95 22.14 7.95
C GLU A 94 -20.57 22.83 8.03
N VAL A 95 -20.27 23.79 7.15
CA VAL A 95 -18.91 24.39 6.99
C VAL A 95 -18.96 25.90 7.22
N ILE A 96 -18.06 26.41 8.05
CA ILE A 96 -17.99 27.85 8.45
C ILE A 96 -16.58 28.37 8.18
N HIS A 97 -16.49 29.53 7.50
CA HIS A 97 -15.24 30.25 7.19
C HIS A 97 -14.85 31.17 8.36
N PHE A 98 -13.58 31.20 8.72
CA PHE A 98 -13.00 32.20 9.68
C PHE A 98 -12.64 33.47 8.88
N PHE A 99 -11.75 34.32 9.42
CA PHE A 99 -11.56 35.74 9.03
C PHE A 99 -11.17 35.85 7.55
N ASN A 100 -11.66 36.91 6.89
CA ASN A 100 -11.32 37.30 5.49
C ASN A 100 -10.11 38.24 5.53
N GLU A 101 -9.01 37.84 4.90
CA GLU A 101 -7.74 38.61 4.79
C GLU A 101 -7.49 39.39 6.08
N PRO A 102 -7.24 38.67 7.20
CA PRO A 102 -7.05 39.32 8.50
C PRO A 102 -5.77 40.18 8.56
N GLU A 103 -4.77 39.84 7.74
CA GLU A 103 -3.45 40.53 7.68
C GLU A 103 -3.64 41.98 7.20
N ARG A 104 -4.77 42.27 6.54
CA ARG A 104 -5.10 43.61 5.98
C ARG A 104 -6.20 44.30 6.80
N ALA A 105 -6.60 43.73 7.94
CA ALA A 105 -7.62 44.32 8.85
C ALA A 105 -7.03 44.51 10.27
N GLY A 106 -5.70 44.47 10.40
CA GLY A 106 -4.99 44.68 11.67
C GLY A 106 -5.30 43.61 12.70
N ILE A 107 -5.53 42.37 12.27
CA ILE A 107 -5.70 41.17 13.15
C ILE A 107 -4.42 40.34 13.04
N SER A 108 -3.63 40.26 14.11
CA SER A 108 -2.37 39.47 14.19
C SER A 108 -2.70 37.99 14.20
N PRO A 109 -1.78 37.09 13.78
CA PRO A 109 -1.94 35.65 13.97
C PRO A 109 -2.26 35.26 15.43
N GLU A 110 -1.61 35.91 16.40
CA GLU A 110 -1.74 35.60 17.85
C GLU A 110 -3.16 35.92 18.32
N GLU A 111 -3.71 37.05 17.85
CA GLU A 111 -5.06 37.54 18.22
C GLU A 111 -6.13 36.60 17.63
N ALA A 112 -5.91 36.12 16.40
CA ALA A 112 -6.85 35.22 15.66
C ALA A 112 -6.79 33.81 16.26
N ALA A 113 -5.61 33.37 16.72
CA ALA A 113 -5.39 32.07 17.41
C ALA A 113 -6.14 32.07 18.74
N LYS A 114 -6.13 33.18 19.47
CA LYS A 114 -6.83 33.34 20.77
C LYS A 114 -8.35 33.23 20.55
N ILE A 115 -8.88 33.94 19.55
CA ILE A 115 -10.33 33.97 19.22
C ILE A 115 -10.78 32.57 18.77
N TRP A 116 -9.94 31.88 17.99
CA TRP A 116 -10.15 30.48 17.51
C TRP A 116 -10.34 29.56 18.71
N ASN A 117 -9.37 29.54 19.65
CA ASN A 117 -9.39 28.66 20.86
C ASN A 117 -10.57 29.03 21.75
N ASP A 118 -10.78 30.32 22.01
CA ASP A 118 -11.71 30.83 23.06
C ASP A 118 -13.18 30.76 22.61
N GLN A 119 -13.46 30.71 21.30
CA GLN A 119 -14.82 31.02 20.77
C GLN A 119 -15.20 30.16 19.55
N VAL A 120 -14.31 30.02 18.56
CA VAL A 120 -14.66 29.42 17.24
C VAL A 120 -14.58 27.89 17.31
N LEU A 121 -13.58 27.35 18.00
CA LEU A 121 -13.29 25.88 18.08
C LEU A 121 -14.52 25.13 18.60
N ALA A 122 -15.26 25.73 19.53
CA ALA A 122 -16.52 25.20 20.11
C ALA A 122 -17.51 24.83 19.01
N LEU A 123 -17.48 25.53 17.87
CA LEU A 123 -18.38 25.22 16.71
C LEU A 123 -18.07 23.81 16.19
N ARG A 124 -16.86 23.28 16.43
CA ARG A 124 -16.49 21.90 16.05
C ARG A 124 -16.74 20.93 17.22
N THR A 125 -16.10 21.17 18.37
CA THR A 125 -16.09 20.23 19.52
C THR A 125 -17.53 20.02 20.04
N SER A 126 -18.38 21.05 19.93
CA SER A 126 -19.72 21.12 20.57
C SER A 126 -20.85 21.09 19.52
N HIS A 127 -20.70 21.74 18.37
CA HIS A 127 -21.75 21.88 17.32
C HIS A 127 -21.40 21.06 16.07
N HIS A 128 -20.21 20.44 16.04
CA HIS A 128 -19.76 19.45 15.00
C HIS A 128 -19.79 20.08 13.61
N LYS A 129 -19.45 21.36 13.51
CA LYS A 129 -19.21 22.08 12.23
C LYS A 129 -17.77 21.84 11.81
N ARG A 130 -17.49 21.92 10.50
CA ARG A 130 -16.12 21.95 9.95
C ARG A 130 -15.72 23.40 9.74
N LEU A 131 -14.45 23.72 10.00
CA LEU A 131 -13.94 25.12 10.06
C LEU A 131 -12.89 25.32 8.98
N VAL A 132 -13.03 26.38 8.18
CA VAL A 132 -12.04 26.86 7.18
C VAL A 132 -11.13 27.89 7.89
N SER A 133 -9.82 27.76 7.71
CA SER A 133 -8.81 28.75 8.19
C SER A 133 -9.21 30.12 7.67
N PRO A 134 -8.67 31.22 8.25
CA PRO A 134 -8.78 32.53 7.62
C PRO A 134 -8.21 32.42 6.19
N SER A 135 -8.81 33.14 5.25
CA SER A 135 -8.37 33.21 3.83
C SER A 135 -7.58 34.51 3.63
N CYS A 136 -6.24 34.40 3.54
CA CYS A 136 -5.29 35.52 3.33
C CYS A 136 -5.01 35.69 1.83
N ALA A 137 -4.48 36.85 1.45
CA ALA A 137 -4.06 37.18 0.06
C ALA A 137 -2.83 36.33 -0.31
N SER A 138 -2.57 36.19 -1.61
CA SER A 138 -1.48 35.33 -2.17
C SER A 138 -0.17 36.14 -2.29
N ASP A 139 0.09 37.05 -1.34
CA ASP A 139 1.32 37.88 -1.29
C ASP A 139 2.15 37.46 -0.07
N PRO A 140 3.44 37.84 0.01
CA PRO A 140 4.30 37.44 1.12
C PRO A 140 3.70 37.69 2.51
N ALA A 141 2.98 38.80 2.69
CA ALA A 141 2.32 39.19 3.96
C ALA A 141 1.28 38.15 4.36
N GLY A 142 0.43 37.74 3.40
CA GLY A 142 -0.63 36.73 3.58
C GLY A 142 -0.05 35.35 3.82
N ILE A 143 0.92 34.93 3.00
CA ILE A 143 1.59 33.60 3.09
C ILE A 143 2.22 33.46 4.48
N ALA A 144 2.81 34.54 5.00
CA ALA A 144 3.51 34.58 6.31
C ALA A 144 2.48 34.54 7.44
N TRP A 145 1.36 35.24 7.29
CA TRP A 145 0.28 35.33 8.30
C TRP A 145 -0.31 33.93 8.56
N ILE A 146 -0.72 33.25 7.48
CA ILE A 146 -1.37 31.91 7.55
C ILE A 146 -0.33 30.89 8.02
N LYS A 147 0.94 31.02 7.63
CA LYS A 147 2.03 30.11 8.09
C LYS A 147 2.11 30.16 9.62
N LYS A 148 2.07 31.37 10.19
CA LYS A 148 2.24 31.59 11.66
C LYS A 148 1.00 31.09 12.40
N TRP A 149 -0.20 31.42 11.91
CA TRP A 149 -1.50 31.09 12.56
C TRP A 149 -1.71 29.56 12.57
N MET A 150 -1.39 28.89 11.45
CA MET A 150 -1.50 27.41 11.33
C MET A 150 -0.57 26.73 12.33
N ASN A 151 0.61 27.31 12.58
CA ASN A 151 1.60 26.80 13.57
C ASN A 151 1.05 27.02 14.98
N LEU A 152 0.43 28.16 15.25
CA LEU A 152 -0.10 28.53 16.60
C LEU A 152 -1.26 27.62 17.01
N VAL A 153 -2.02 27.07 16.05
CA VAL A 153 -3.24 26.25 16.31
C VAL A 153 -3.05 24.83 15.76
N ALA A 154 -1.79 24.36 15.64
CA ALA A 154 -1.44 23.05 15.06
C ALA A 154 -2.08 21.91 15.87
N LYS A 155 -2.33 22.11 17.16
CA LYS A 155 -2.94 21.10 18.07
C LYS A 155 -4.46 21.05 17.86
N ASN A 156 -5.04 22.08 17.23
CA ASN A 156 -6.47 22.14 16.86
C ASN A 156 -6.60 22.72 15.45
N PRO A 157 -6.09 22.02 14.42
CA PRO A 157 -5.97 22.61 13.09
C PRO A 157 -7.35 22.78 12.45
N PRO A 158 -7.50 23.63 11.42
CA PRO A 158 -8.75 23.75 10.69
C PRO A 158 -8.98 22.53 9.79
N ASP A 159 -10.23 22.30 9.39
CA ASP A 159 -10.65 21.18 8.52
C ASP A 159 -10.24 21.48 7.07
N TYR A 160 -10.21 22.76 6.68
CA TYR A 160 -9.79 23.21 5.33
C TYR A 160 -8.86 24.42 5.45
N LEU A 161 -7.90 24.51 4.53
CA LEU A 161 -7.04 25.71 4.32
C LEU A 161 -7.73 26.62 3.29
N GLY A 162 -8.09 27.84 3.71
CA GLY A 162 -8.70 28.88 2.87
C GLY A 162 -7.65 29.72 2.17
N LEU A 163 -7.75 29.87 0.84
CA LEU A 163 -6.80 30.63 -0.01
C LEU A 163 -7.58 31.61 -0.90
N HIS A 164 -6.99 32.79 -1.11
CA HIS A 164 -7.34 33.73 -2.22
C HIS A 164 -6.20 33.69 -3.24
N TRP A 165 -6.51 33.95 -4.52
CA TRP A 165 -5.51 34.22 -5.57
C TRP A 165 -6.11 35.12 -6.65
N TYR A 166 -5.45 36.25 -6.90
CA TYR A 166 -5.72 37.16 -8.04
C TYR A 166 -4.42 37.39 -8.82
N GLY A 167 -4.51 37.39 -10.15
CA GLY A 167 -3.38 37.59 -11.07
C GLY A 167 -3.79 37.34 -12.51
N THR A 168 -2.83 37.32 -13.44
CA THR A 168 -3.07 37.25 -14.90
C THR A 168 -2.54 35.94 -15.49
N LYS A 169 -1.65 35.25 -14.78
CA LYS A 169 -0.95 34.02 -15.28
C LYS A 169 -1.47 32.79 -14.52
N GLY A 170 -2.25 31.96 -15.21
CA GLY A 170 -2.83 30.72 -14.67
C GLY A 170 -1.75 29.78 -14.13
N ASP A 171 -0.62 29.66 -14.82
CA ASP A 171 0.51 28.79 -14.42
C ASP A 171 1.02 29.21 -13.04
N GLU A 172 0.91 30.49 -12.68
CA GLU A 172 1.38 31.03 -11.38
C GLU A 172 0.39 30.68 -10.26
N MET A 173 -0.92 30.65 -10.54
CA MET A 173 -1.96 30.23 -9.56
C MET A 173 -1.77 28.75 -9.23
N ILE A 174 -1.58 27.92 -10.26
CA ILE A 174 -1.31 26.45 -10.13
C ILE A 174 -0.08 26.26 -9.22
N ARG A 175 1.01 26.98 -9.50
CA ARG A 175 2.30 26.85 -8.76
C ARG A 175 2.08 27.28 -7.30
N TYR A 176 1.19 28.25 -7.05
CA TYR A 176 0.85 28.78 -5.70
C TYR A 176 0.06 27.74 -4.91
N LEU A 177 -0.98 27.14 -5.53
CA LEU A 177 -1.82 26.10 -4.89
C LEU A 177 -0.93 24.89 -4.55
N GLU A 178 -0.13 24.42 -5.51
CA GLU A 178 0.82 23.29 -5.33
C GLU A 178 1.80 23.63 -4.20
N SER A 179 2.25 24.89 -4.14
CA SER A 179 3.21 25.40 -3.13
C SER A 179 2.56 25.37 -1.74
N MET A 180 1.31 25.85 -1.61
CA MET A 180 0.60 25.93 -0.31
C MET A 180 0.16 24.52 0.14
N HIS A 181 -0.10 23.61 -0.80
CA HIS A 181 -0.48 22.20 -0.52
C HIS A 181 0.72 21.43 0.04
N LYS A 182 1.94 21.76 -0.41
CA LYS A 182 3.20 21.14 0.10
C LYS A 182 3.51 21.68 1.49
N GLU A 183 3.31 22.98 1.71
CA GLU A 183 3.62 23.69 2.98
C GLU A 183 2.61 23.27 4.06
N HIS A 184 1.36 22.99 3.67
CA HIS A 184 0.23 22.65 4.58
C HIS A 184 -0.51 21.42 4.06
N PRO A 185 0.11 20.22 4.15
CA PRO A 185 -0.43 19.02 3.47
C PRO A 185 -1.52 18.24 4.23
N HIS A 186 -1.90 18.68 5.43
CA HIS A 186 -2.70 17.89 6.40
C HIS A 186 -4.21 18.02 6.14
N GLN A 187 -4.65 19.00 5.35
CA GLN A 187 -6.09 19.21 5.06
C GLN A 187 -6.28 19.61 3.60
N PRO A 188 -7.50 19.45 3.03
CA PRO A 188 -7.80 19.93 1.69
C PRO A 188 -7.81 21.47 1.64
N ILE A 189 -7.76 22.03 0.44
CA ILE A 189 -7.75 23.50 0.19
C ILE A 189 -9.12 23.91 -0.36
N ILE A 190 -9.66 25.02 0.17
CA ILE A 190 -10.80 25.79 -0.42
C ILE A 190 -10.23 27.11 -0.94
N VAL A 191 -10.37 27.38 -2.23
CA VAL A 191 -10.06 28.70 -2.85
C VAL A 191 -11.31 29.57 -2.70
N SER A 192 -11.39 30.33 -1.59
CA SER A 192 -12.60 31.08 -1.16
C SER A 192 -12.85 32.28 -2.07
N GLU A 193 -11.81 32.78 -2.74
CA GLU A 193 -11.88 33.84 -3.78
C GLU A 193 -10.75 33.62 -4.79
N TRP A 194 -11.05 33.70 -6.09
CA TRP A 194 -10.03 33.80 -7.16
C TRP A 194 -10.65 34.42 -8.41
N ALA A 195 -9.82 35.02 -9.25
CA ALA A 195 -10.20 35.65 -10.55
C ALA A 195 -8.94 36.04 -11.32
N SER A 196 -9.05 36.11 -12.65
CA SER A 196 -8.08 36.82 -13.52
C SER A 196 -8.28 38.32 -13.31
N THR A 197 -7.17 39.06 -13.19
CA THR A 197 -7.15 40.56 -13.11
C THR A 197 -6.79 41.15 -14.47
N SER A 198 -6.56 40.32 -15.49
CA SER A 198 -6.23 40.76 -16.88
C SER A 198 -7.35 41.65 -17.39
N ARG A 199 -7.00 42.70 -18.13
CA ARG A 199 -7.95 43.63 -18.79
C ARG A 199 -8.24 43.13 -20.21
N SER A 200 -7.59 42.05 -20.63
CA SER A 200 -7.79 41.33 -21.92
C SER A 200 -8.75 40.16 -21.68
N TYR A 201 -9.94 40.19 -22.30
CA TYR A 201 -10.99 39.16 -22.05
C TYR A 201 -10.48 37.77 -22.44
N PRO A 202 -9.83 37.57 -23.60
CA PRO A 202 -9.26 36.26 -23.95
C PRO A 202 -8.34 35.68 -22.87
N ASP A 203 -7.60 36.54 -22.15
CA ASP A 203 -6.66 36.15 -21.07
C ASP A 203 -7.45 35.83 -19.79
N VAL A 204 -8.59 36.49 -19.57
CA VAL A 204 -9.52 36.21 -18.43
C VAL A 204 -10.15 34.82 -18.65
N LEU A 205 -10.81 34.64 -19.81
CA LEU A 205 -11.46 33.38 -20.21
C LEU A 205 -10.45 32.23 -20.18
N GLY A 206 -9.25 32.46 -20.72
CA GLY A 206 -8.18 31.44 -20.82
C GLY A 206 -7.75 30.94 -19.45
N LEU A 207 -7.54 31.84 -18.49
CA LEU A 207 -7.10 31.52 -17.10
C LEU A 207 -8.24 30.79 -16.38
N THR A 208 -9.45 31.36 -16.41
CA THR A 208 -10.65 30.83 -15.72
C THR A 208 -10.84 29.37 -16.17
N VAL A 209 -10.92 29.12 -17.48
CA VAL A 209 -11.09 27.77 -18.10
C VAL A 209 -9.95 26.85 -17.64
N GLN A 210 -8.69 27.30 -17.70
CA GLN A 210 -7.50 26.49 -17.33
C GLN A 210 -7.62 26.03 -15.88
N LEU A 211 -7.90 26.94 -14.95
CA LEU A 211 -7.82 26.70 -13.49
C LEU A 211 -9.06 25.90 -13.03
N ALA A 212 -10.24 26.20 -13.57
CA ALA A 212 -11.48 25.43 -13.33
C ALA A 212 -11.21 23.94 -13.63
N ASN A 213 -10.74 23.65 -14.83
CA ASN A 213 -10.50 22.26 -15.32
C ASN A 213 -9.38 21.62 -14.49
N TRP A 214 -8.31 22.37 -14.17
CA TRP A 214 -7.16 21.84 -13.39
C TRP A 214 -7.60 21.51 -11.97
N MET A 215 -8.34 22.40 -11.31
CA MET A 215 -8.80 22.24 -9.90
C MET A 215 -9.86 21.13 -9.84
N ASP A 216 -10.72 21.01 -10.87
CA ASP A 216 -11.75 19.95 -11.01
C ASP A 216 -11.10 18.57 -10.89
N SER A 217 -9.93 18.35 -11.49
CA SER A 217 -9.24 17.03 -11.54
C SER A 217 -8.12 16.95 -10.49
N THR A 218 -8.06 17.89 -9.53
CA THR A 218 -7.10 17.89 -8.40
C THR A 218 -7.83 17.54 -7.11
N PRO A 219 -7.68 16.30 -6.58
CA PRO A 219 -8.47 15.85 -5.43
C PRO A 219 -8.39 16.76 -4.19
N TRP A 220 -7.21 17.32 -3.89
CA TRP A 220 -6.95 18.05 -2.61
C TRP A 220 -7.49 19.49 -2.68
N VAL A 221 -8.11 19.89 -3.80
CA VAL A 221 -8.93 21.14 -3.87
C VAL A 221 -10.40 20.75 -3.67
N ALA A 222 -10.94 21.05 -2.48
CA ALA A 222 -12.32 20.70 -2.07
C ALA A 222 -13.32 21.48 -2.94
N GLU A 223 -13.17 22.81 -2.99
CA GLU A 223 -14.01 23.70 -3.82
C GLU A 223 -13.24 24.99 -4.13
N TYR A 224 -13.72 25.75 -5.13
CA TYR A 224 -13.13 27.03 -5.58
C TYR A 224 -14.25 28.01 -5.95
N ALA A 225 -14.01 29.30 -5.71
CA ALA A 225 -15.04 30.38 -5.74
C ALA A 225 -14.59 31.54 -6.64
N LEU A 226 -15.12 31.60 -7.87
CA LEU A 226 -14.76 32.65 -8.88
C LEU A 226 -15.44 33.96 -8.49
N PHE A 227 -14.65 35.03 -8.35
CA PHE A 227 -15.11 36.38 -7.92
C PHE A 227 -15.66 37.16 -9.12
N GLY A 228 -16.67 38.01 -8.88
CA GLY A 228 -17.11 39.05 -9.83
C GLY A 228 -18.61 39.09 -10.08
N CYS A 229 -19.41 38.24 -9.41
CA CYS A 229 -20.89 38.20 -9.60
C CYS A 229 -21.55 39.28 -8.73
N MET A 230 -21.48 40.52 -9.22
CA MET A 230 -22.06 41.74 -8.58
C MET A 230 -22.17 42.82 -9.66
N ARG A 231 -23.06 43.81 -9.47
CA ARG A 231 -23.43 44.81 -10.51
C ARG A 231 -22.30 45.83 -10.72
N GLN A 232 -21.78 46.40 -9.62
CA GLN A 232 -20.68 47.40 -9.65
C GLN A 232 -19.34 46.66 -9.54
N MET A 233 -18.25 47.29 -9.99
CA MET A 233 -16.87 46.84 -9.68
C MET A 233 -16.67 47.00 -8.17
N ALA A 234 -16.07 46.01 -7.52
CA ALA A 234 -15.76 46.01 -6.07
C ALA A 234 -14.79 47.15 -5.77
N ASP A 235 -13.81 47.36 -6.68
CA ASP A 235 -12.65 48.27 -6.49
C ASP A 235 -11.95 48.44 -7.85
N ASP A 236 -10.79 49.08 -7.87
CA ASP A 236 -9.98 49.37 -9.09
C ASP A 236 -9.04 48.19 -9.39
N PHE A 237 -8.88 47.25 -8.46
CA PHE A 237 -7.91 46.13 -8.58
C PHE A 237 -8.46 45.07 -9.55
N VAL A 238 -9.72 44.67 -9.39
CA VAL A 238 -10.38 43.59 -10.19
C VAL A 238 -10.67 44.11 -11.60
N SER A 239 -10.73 43.21 -12.57
CA SER A 239 -10.91 43.51 -14.02
C SER A 239 -12.39 43.60 -14.35
N PRO A 240 -12.85 44.68 -15.03
CA PRO A 240 -14.20 44.71 -15.61
C PRO A 240 -14.50 43.56 -16.58
N GLU A 241 -13.47 42.98 -17.21
CA GLU A 241 -13.61 41.89 -18.21
C GLU A 241 -13.90 40.56 -17.50
N ALA A 242 -13.63 40.48 -16.19
CA ALA A 242 -13.82 39.28 -15.34
C ALA A 242 -15.17 39.32 -14.62
N GLN A 243 -15.99 40.36 -14.83
CA GLN A 243 -17.33 40.49 -14.19
C GLN A 243 -18.19 39.29 -14.61
N LEU A 244 -18.95 38.74 -13.67
CA LEU A 244 -19.86 37.59 -13.86
C LEU A 244 -21.31 38.10 -13.95
N MET A 245 -21.54 39.36 -13.56
CA MET A 245 -22.86 40.04 -13.64
C MET A 245 -22.69 41.36 -14.38
N ASN A 246 -23.65 41.69 -15.27
CA ASN A 246 -23.75 43.01 -15.95
C ASN A 246 -24.39 44.01 -14.98
N LYS A 247 -24.41 45.29 -15.34
CA LYS A 247 -24.93 46.39 -14.49
C LYS A 247 -26.44 46.23 -14.25
N ASP A 248 -27.16 45.54 -15.15
CA ASP A 248 -28.62 45.33 -15.05
C ASP A 248 -28.95 44.09 -14.20
N GLY A 249 -27.94 43.29 -13.84
CA GLY A 249 -28.12 42.12 -12.95
C GLY A 249 -28.17 40.79 -13.72
N SER A 250 -28.26 40.84 -15.05
CA SER A 250 -28.12 39.66 -15.94
C SER A 250 -26.68 39.13 -15.83
N PHE A 251 -26.46 37.88 -16.25
CA PHE A 251 -25.15 37.18 -16.12
C PHE A 251 -24.35 37.33 -17.41
N THR A 252 -23.03 37.45 -17.27
CA THR A 252 -22.07 37.50 -18.40
C THR A 252 -21.90 36.08 -18.94
N ASP A 253 -21.33 35.95 -20.14
CA ASP A 253 -21.05 34.63 -20.76
C ASP A 253 -20.03 33.89 -19.90
N LEU A 254 -19.12 34.60 -19.21
CA LEU A 254 -18.11 33.97 -18.33
C LEU A 254 -18.83 33.27 -17.17
N MET A 255 -19.87 33.92 -16.63
CA MET A 255 -20.68 33.38 -15.51
C MET A 255 -21.45 32.14 -16.01
N TRP A 256 -22.05 32.22 -17.20
CA TRP A 256 -22.77 31.09 -17.82
C TRP A 256 -21.85 29.88 -17.89
N LYS A 257 -20.64 30.07 -18.44
CA LYS A 257 -19.64 28.98 -18.62
C LYS A 257 -19.26 28.41 -17.24
N TYR A 258 -19.00 29.30 -16.27
CA TYR A 258 -18.60 28.92 -14.88
C TYR A 258 -19.65 27.97 -14.29
N MET A 259 -20.93 28.28 -14.45
CA MET A 259 -22.04 27.59 -13.74
C MET A 259 -22.68 26.49 -14.61
N SER A 260 -22.30 26.33 -15.88
CA SER A 260 -22.98 25.41 -16.82
C SER A 260 -22.04 24.33 -17.40
N ASP A 261 -20.75 24.64 -17.61
CA ASP A 261 -19.85 23.83 -18.49
C ASP A 261 -18.82 23.07 -17.64
N GLN A 262 -18.79 21.74 -17.77
CA GLN A 262 -17.79 20.86 -17.11
C GLN A 262 -17.49 19.68 -18.04
N PRO A 263 -16.31 19.64 -18.70
CA PRO A 263 -15.24 20.63 -18.51
C PRO A 263 -15.64 22.03 -19.02
N MET A 264 -14.95 23.06 -18.55
CA MET A 264 -15.01 24.45 -19.10
C MET A 264 -14.27 24.47 -20.44
N HIS A 265 -14.73 25.30 -21.37
CA HIS A 265 -14.12 25.52 -22.71
C HIS A 265 -14.12 27.03 -23.02
N ILE A 266 -13.20 27.47 -23.87
CA ILE A 266 -13.09 28.90 -24.31
C ILE A 266 -14.14 29.17 -25.40
N HIS B 20 -1.99 -6.02 19.05
CA HIS B 20 -1.18 -7.28 18.78
C HIS B 20 -0.08 -6.98 17.75
N MET B 21 1.11 -7.54 18.00
CA MET B 21 2.32 -7.30 17.19
C MET B 21 2.03 -7.79 15.77
N VAL B 22 2.04 -6.88 14.78
CA VAL B 22 1.90 -7.25 13.34
C VAL B 22 3.27 -7.75 12.86
N LYS B 23 3.29 -8.95 12.26
CA LYS B 23 4.54 -9.65 11.88
C LYS B 23 4.47 -10.01 10.38
N LYS B 24 4.95 -9.11 9.52
CA LYS B 24 4.95 -9.27 8.04
C LYS B 24 6.35 -9.07 7.45
N ARG B 25 7.38 -8.85 8.28
CA ARG B 25 8.70 -8.40 7.80
C ARG B 25 9.57 -9.61 7.49
N VAL B 26 10.13 -9.65 6.28
CA VAL B 26 11.06 -10.72 5.80
C VAL B 26 12.49 -10.28 6.09
N LEU B 27 13.33 -11.20 6.55
CA LEU B 27 14.79 -11.04 6.69
C LEU B 27 15.45 -11.56 5.40
N LEU B 28 15.80 -10.65 4.48
CA LEU B 28 16.65 -10.97 3.30
C LEU B 28 18.07 -11.22 3.81
N TRP B 29 18.59 -12.44 3.59
CA TRP B 29 19.89 -12.90 4.14
C TRP B 29 20.79 -13.33 2.98
N ASP B 30 21.51 -12.36 2.39
CA ASP B 30 22.41 -12.59 1.24
C ASP B 30 23.44 -13.66 1.62
N TYR B 31 23.82 -14.50 0.65
CA TYR B 31 24.73 -15.66 0.85
C TYR B 31 26.09 -15.20 1.35
N THR B 32 26.49 -13.94 1.09
CA THR B 32 27.78 -13.38 1.57
C THR B 32 27.77 -13.38 3.10
N ASN B 33 26.61 -13.16 3.73
CA ASN B 33 26.43 -13.26 5.20
C ASN B 33 26.76 -14.68 5.64
N THR B 34 26.20 -15.69 4.96
CA THR B 34 26.43 -17.13 5.25
C THR B 34 27.91 -17.45 5.04
N ARG B 35 28.53 -16.88 3.99
CA ARG B 35 29.94 -17.14 3.59
C ARG B 35 30.91 -16.57 4.63
N ASP B 36 30.63 -15.37 5.16
CA ASP B 36 31.63 -14.53 5.88
C ASP B 36 31.25 -14.31 7.37
N VAL B 37 29.97 -14.14 7.69
CA VAL B 37 29.52 -13.65 9.04
C VAL B 37 28.26 -14.39 9.50
N LYS B 38 28.27 -15.72 9.48
CA LYS B 38 27.21 -16.59 10.07
C LYS B 38 26.73 -15.97 11.39
N TRP B 39 27.68 -15.68 12.29
CA TRP B 39 27.46 -15.19 13.68
C TRP B 39 26.47 -14.02 13.72
N ALA B 40 26.34 -13.25 12.65
CA ALA B 40 25.45 -12.06 12.57
C ALA B 40 24.00 -12.49 12.78
N MET B 41 23.62 -13.70 12.35
CA MET B 41 22.22 -14.22 12.44
C MET B 41 21.81 -14.33 13.91
N ASP B 42 22.74 -14.71 14.80
CA ASP B 42 22.47 -14.88 16.25
C ASP B 42 22.20 -13.52 16.91
N LYS B 43 22.53 -12.41 16.25
CA LYS B 43 22.32 -11.04 16.78
C LYS B 43 20.97 -10.48 16.30
N ILE B 44 20.25 -11.21 15.43
CA ILE B 44 18.88 -10.84 14.97
C ILE B 44 17.94 -10.82 16.18
N ASN B 45 16.96 -9.91 16.16
CA ASN B 45 15.84 -9.84 17.15
C ASN B 45 14.67 -10.65 16.57
N PHE B 46 14.33 -11.78 17.19
CA PHE B 46 13.30 -12.75 16.74
C PHE B 46 11.99 -12.53 17.51
N LYS B 47 11.97 -11.61 18.47
CA LYS B 47 10.80 -11.29 19.35
C LYS B 47 10.02 -10.10 18.78
N GLY B 48 10.52 -9.47 17.72
CA GLY B 48 9.88 -8.32 17.04
C GLY B 48 9.06 -8.76 15.83
N PRO B 49 8.82 -7.87 14.85
CA PRO B 49 7.95 -8.18 13.71
C PRO B 49 8.56 -8.96 12.53
N LEU B 50 9.78 -9.47 12.66
CA LEU B 50 10.34 -10.45 11.68
C LEU B 50 9.46 -11.70 11.71
N HIS B 51 9.13 -12.25 10.53
CA HIS B 51 8.10 -13.31 10.37
C HIS B 51 8.59 -14.43 9.44
N SER B 52 9.59 -14.18 8.59
CA SER B 52 10.14 -15.16 7.62
C SER B 52 11.52 -14.70 7.13
N CYS B 53 12.14 -15.46 6.23
CA CYS B 53 13.53 -15.27 5.74
C CYS B 53 13.66 -15.84 4.34
N SER B 54 14.42 -15.20 3.45
CA SER B 54 14.79 -15.72 2.10
C SER B 54 16.23 -15.28 1.79
N ASN B 55 16.90 -15.96 0.85
CA ASN B 55 18.33 -15.72 0.53
C ASN B 55 18.60 -15.87 -0.97
N TRP B 56 17.58 -15.72 -1.82
CA TRP B 56 17.71 -15.77 -3.32
C TRP B 56 18.23 -17.14 -3.79
N ASN B 57 18.21 -18.17 -2.92
CA ASN B 57 18.82 -19.48 -3.22
C ASN B 57 17.85 -20.62 -2.84
N THR B 58 18.12 -21.82 -3.39
CA THR B 58 17.38 -23.08 -3.13
C THR B 58 17.78 -23.65 -1.77
N TRP B 59 19.04 -23.48 -1.37
CA TRP B 59 19.63 -24.10 -0.14
C TRP B 59 19.27 -23.26 1.09
N TYR B 60 19.28 -23.92 2.25
CA TYR B 60 18.83 -23.37 3.56
C TYR B 60 20.02 -22.76 4.31
N PRO B 61 19.86 -21.55 4.89
CA PRO B 61 20.92 -20.97 5.74
C PRO B 61 20.92 -21.57 7.16
N ASP B 62 21.82 -22.54 7.40
CA ASP B 62 21.90 -23.34 8.65
C ASP B 62 21.84 -22.42 9.88
N GLU B 63 22.54 -21.29 9.84
CA GLU B 63 22.69 -20.36 10.99
C GLU B 63 21.31 -19.83 11.45
N LEU B 64 20.31 -19.84 10.56
CA LEU B 64 18.90 -19.45 10.89
C LEU B 64 18.36 -20.35 12.02
N LYS B 65 18.71 -21.64 12.00
CA LYS B 65 18.33 -22.66 13.01
C LYS B 65 16.80 -22.68 13.16
N HIS B 66 16.09 -22.53 12.04
CA HIS B 66 14.61 -22.65 11.89
C HIS B 66 13.88 -21.66 12.81
N ARG B 67 14.51 -20.55 13.21
CA ARG B 67 13.90 -19.55 14.13
C ARG B 67 12.84 -18.72 13.38
N LEU B 68 12.88 -18.72 12.04
CA LEU B 68 11.84 -18.14 11.15
C LEU B 68 11.61 -19.10 10.00
N PRO B 69 10.38 -19.15 9.43
CA PRO B 69 10.14 -19.90 8.19
C PRO B 69 11.06 -19.36 7.09
N PHE B 70 11.62 -20.26 6.28
CA PHE B 70 12.51 -19.93 5.13
C PHE B 70 11.73 -20.14 3.83
N ARG B 71 11.82 -19.19 2.90
CA ARG B 71 11.26 -19.35 1.53
C ARG B 71 12.41 -19.62 0.57
N PRO B 72 12.62 -20.88 0.15
CA PRO B 72 13.58 -21.17 -0.93
C PRO B 72 13.17 -20.42 -2.20
N MET B 73 14.13 -20.13 -3.07
CA MET B 73 13.89 -19.45 -4.36
C MET B 73 14.47 -20.30 -5.50
N ILE B 74 13.70 -20.42 -6.58
CA ILE B 74 14.18 -20.85 -7.93
C ILE B 74 14.60 -19.57 -8.65
N HIS B 75 15.85 -19.15 -8.46
CA HIS B 75 16.36 -17.80 -8.85
C HIS B 75 16.38 -17.65 -10.38
N GLY B 76 16.90 -18.64 -11.09
CA GLY B 76 17.01 -18.64 -12.56
C GLY B 76 17.10 -20.05 -13.14
N LYS B 77 17.38 -20.14 -14.44
CA LYS B 77 17.43 -21.42 -15.21
C LYS B 77 18.50 -22.35 -14.62
N ASN B 78 19.53 -21.79 -13.99
CA ASN B 78 20.67 -22.54 -13.38
C ASN B 78 20.20 -23.34 -12.15
N ASN B 79 18.97 -23.14 -11.68
CA ASN B 79 18.43 -23.73 -10.41
C ASN B 79 17.35 -24.79 -10.70
N LEU B 80 17.23 -25.27 -11.94
CA LEU B 80 16.16 -26.19 -12.39
C LEU B 80 16.64 -27.65 -12.42
N THR B 81 17.94 -27.90 -12.26
CA THR B 81 18.57 -29.25 -12.42
C THR B 81 19.50 -29.54 -11.24
N GLY B 82 19.96 -30.80 -11.14
CA GLY B 82 20.99 -31.24 -10.18
C GLY B 82 20.64 -30.90 -8.75
N GLY B 83 21.67 -30.72 -7.91
CA GLY B 83 21.55 -30.46 -6.46
C GLY B 83 20.68 -29.25 -6.14
N GLU B 84 20.67 -28.25 -7.03
CA GLU B 84 19.82 -27.03 -6.91
C GLU B 84 18.34 -27.45 -6.84
N TRP B 85 17.88 -28.25 -7.81
CA TRP B 85 16.47 -28.72 -7.87
C TRP B 85 16.17 -29.69 -6.74
N GLN B 86 17.15 -30.49 -6.32
CA GLN B 86 17.01 -31.48 -5.22
C GLN B 86 16.68 -30.74 -3.92
N ASN B 87 17.32 -29.59 -3.69
CA ASN B 87 17.07 -28.72 -2.50
C ASN B 87 15.59 -28.31 -2.49
N ILE B 88 15.02 -28.00 -3.65
CA ILE B 88 13.60 -27.57 -3.82
C ILE B 88 12.66 -28.76 -3.57
N LEU B 89 12.98 -29.93 -4.12
CA LEU B 89 12.14 -31.15 -4.02
C LEU B 89 12.08 -31.65 -2.57
N LYS B 90 13.15 -31.45 -1.79
CA LYS B 90 13.32 -32.09 -0.45
C LYS B 90 12.91 -31.14 0.68
N THR B 91 12.67 -29.86 0.41
CA THR B 91 12.42 -28.83 1.46
C THR B 91 11.14 -29.14 2.24
N ASN B 92 11.14 -28.86 3.54
CA ASN B 92 9.98 -28.97 4.46
C ASN B 92 9.25 -27.62 4.55
N GLU B 93 9.79 -26.57 3.93
CA GLU B 93 9.25 -25.19 4.04
C GLU B 93 8.04 -25.06 3.10
N GLU B 94 7.10 -24.16 3.42
CA GLU B 94 5.72 -24.13 2.86
C GLU B 94 5.63 -23.27 1.59
N VAL B 95 6.45 -22.21 1.46
CA VAL B 95 6.35 -21.19 0.37
C VAL B 95 7.65 -21.13 -0.43
N ILE B 96 7.55 -21.18 -1.76
CA ILE B 96 8.70 -21.20 -2.70
C ILE B 96 8.54 -20.07 -3.73
N HIS B 97 9.58 -19.25 -3.92
CA HIS B 97 9.65 -18.15 -4.91
C HIS B 97 10.11 -18.70 -6.27
N PHE B 98 9.49 -18.24 -7.35
CA PHE B 98 9.95 -18.49 -8.75
C PHE B 98 10.99 -17.40 -9.10
N PHE B 99 11.22 -17.17 -10.40
CA PHE B 99 12.42 -16.47 -10.95
C PHE B 99 12.54 -15.04 -10.41
N ASN B 100 13.77 -14.60 -10.19
CA ASN B 100 14.14 -13.21 -9.78
C ASN B 100 14.36 -12.37 -11.04
N GLU B 101 13.57 -11.32 -11.22
CA GLU B 101 13.66 -10.34 -12.35
C GLU B 101 14.03 -11.10 -13.62
N PRO B 102 13.14 -11.97 -14.13
CA PRO B 102 13.45 -12.78 -15.31
C PRO B 102 13.57 -11.94 -16.59
N GLU B 103 12.91 -10.79 -16.63
CA GLU B 103 12.88 -9.86 -17.79
C GLU B 103 14.28 -9.29 -18.03
N ARG B 104 15.17 -9.35 -17.03
CA ARG B 104 16.57 -8.83 -17.09
C ARG B 104 17.58 -9.99 -17.15
N ALA B 105 17.13 -11.24 -17.29
CA ALA B 105 18.01 -12.43 -17.41
C ALA B 105 17.72 -13.19 -18.71
N GLY B 106 17.02 -12.56 -19.66
CA GLY B 106 16.69 -13.13 -20.98
C GLY B 106 15.80 -14.35 -20.88
N ILE B 107 14.88 -14.35 -19.91
CA ILE B 107 13.81 -15.39 -19.74
C ILE B 107 12.49 -14.75 -20.17
N SER B 108 11.90 -15.18 -21.29
CA SER B 108 10.61 -14.68 -21.82
C SER B 108 9.48 -15.16 -20.92
N PRO B 109 8.32 -14.47 -20.90
CA PRO B 109 7.11 -15.00 -20.24
C PRO B 109 6.74 -16.42 -20.70
N GLU B 110 6.86 -16.70 -22.00
CA GLU B 110 6.48 -18.00 -22.63
C GLU B 110 7.38 -19.12 -22.09
N GLU B 111 8.68 -18.84 -21.96
CA GLU B 111 9.70 -19.81 -21.48
C GLU B 111 9.46 -20.12 -19.99
N ALA B 112 9.09 -19.12 -19.20
CA ALA B 112 8.85 -19.22 -17.73
C ALA B 112 7.51 -19.93 -17.48
N ALA B 113 6.51 -19.71 -18.35
CA ALA B 113 5.19 -20.38 -18.30
C ALA B 113 5.36 -21.88 -18.57
N LYS B 114 6.23 -22.25 -19.51
CA LYS B 114 6.53 -23.66 -19.87
C LYS B 114 7.18 -24.37 -18.67
N ILE B 115 8.18 -23.73 -18.06
CA ILE B 115 8.95 -24.29 -16.89
C ILE B 115 8.00 -24.45 -15.69
N TRP B 116 7.10 -23.47 -15.49
CA TRP B 116 6.05 -23.47 -14.44
C TRP B 116 5.18 -24.73 -14.59
N ASN B 117 4.57 -24.92 -15.77
CA ASN B 117 3.65 -26.05 -16.07
C ASN B 117 4.42 -27.38 -15.96
N ASP B 118 5.61 -27.47 -16.57
CA ASP B 118 6.35 -28.74 -16.78
C ASP B 118 7.04 -29.23 -15.50
N GLN B 119 7.30 -28.35 -14.52
CA GLN B 119 8.30 -28.64 -13.46
C GLN B 119 7.91 -28.04 -12.09
N VAL B 120 7.49 -26.77 -12.03
CA VAL B 120 7.31 -26.02 -10.75
C VAL B 120 5.93 -26.34 -10.15
N LEU B 121 4.90 -26.42 -10.98
CA LEU B 121 3.46 -26.59 -10.56
C LEU B 121 3.33 -27.85 -9.68
N ALA B 122 4.08 -28.90 -9.99
CA ALA B 122 4.14 -30.19 -9.26
C ALA B 122 4.44 -29.94 -7.78
N LEU B 123 5.18 -28.88 -7.45
CA LEU B 123 5.49 -28.53 -6.04
C LEU B 123 4.20 -28.19 -5.28
N ARG B 124 3.14 -27.81 -6.00
CA ARG B 124 1.81 -27.54 -5.39
C ARG B 124 0.93 -28.80 -5.46
N THR B 125 0.68 -29.32 -6.67
CA THR B 125 -0.26 -30.43 -6.95
C THR B 125 0.15 -31.68 -6.16
N SER B 126 1.47 -31.88 -5.97
CA SER B 126 2.07 -33.15 -5.48
C SER B 126 2.73 -32.95 -4.10
N HIS B 127 3.38 -31.82 -3.84
CA HIS B 127 4.14 -31.55 -2.58
C HIS B 127 3.41 -30.50 -1.71
N HIS B 128 2.31 -29.93 -2.21
CA HIS B 128 1.38 -29.02 -1.47
C HIS B 128 2.12 -27.79 -0.92
N LYS B 129 3.09 -27.28 -1.68
CA LYS B 129 3.77 -25.99 -1.43
C LYS B 129 2.94 -24.86 -2.04
N ARG B 130 3.05 -23.65 -1.50
CA ARG B 130 2.48 -22.43 -2.12
C ARG B 130 3.59 -21.75 -2.93
N LEU B 131 3.23 -21.17 -4.08
CA LEU B 131 4.19 -20.67 -5.10
C LEU B 131 4.01 -19.16 -5.27
N VAL B 132 5.12 -18.41 -5.20
CA VAL B 132 5.18 -16.96 -5.51
C VAL B 132 5.55 -16.81 -6.98
N SER B 133 4.84 -15.95 -7.71
CA SER B 133 5.15 -15.57 -9.11
C SER B 133 6.60 -15.12 -9.17
N PRO B 134 7.22 -15.07 -10.37
CA PRO B 134 8.49 -14.37 -10.53
C PRO B 134 8.32 -12.93 -10.03
N SER B 135 9.36 -12.37 -9.40
CA SER B 135 9.40 -10.96 -8.90
C SER B 135 10.17 -10.10 -9.91
N CYS B 136 9.44 -9.29 -10.68
CA CYS B 136 9.98 -8.38 -11.72
C CYS B 136 10.21 -6.98 -11.12
N ALA B 137 11.02 -6.15 -11.79
CA ALA B 137 11.28 -4.75 -11.42
C ALA B 137 10.01 -3.91 -11.64
N SER B 138 9.95 -2.75 -10.99
CA SER B 138 8.77 -1.84 -10.98
C SER B 138 8.84 -0.84 -12.16
N ASP B 139 9.34 -1.29 -13.31
CA ASP B 139 9.46 -0.47 -14.55
C ASP B 139 8.53 -1.06 -15.61
N PRO B 140 8.21 -0.31 -16.69
CA PRO B 140 7.32 -0.81 -17.74
C PRO B 140 7.65 -2.20 -18.28
N ALA B 141 8.94 -2.54 -18.40
CA ALA B 141 9.43 -3.85 -18.89
C ALA B 141 8.98 -4.97 -17.93
N GLY B 142 9.16 -4.76 -16.62
CA GLY B 142 8.76 -5.70 -15.56
C GLY B 142 7.25 -5.83 -15.45
N ILE B 143 6.53 -4.71 -15.43
CA ILE B 143 5.04 -4.66 -15.34
C ILE B 143 4.44 -5.45 -16.51
N ALA B 144 5.03 -5.31 -17.71
CA ALA B 144 4.57 -5.95 -18.96
C ALA B 144 4.88 -7.45 -18.92
N TRP B 145 6.04 -7.83 -18.38
CA TRP B 145 6.51 -9.25 -18.28
C TRP B 145 5.55 -10.04 -17.40
N ILE B 146 5.28 -9.55 -16.19
CA ILE B 146 4.40 -10.23 -15.19
C ILE B 146 2.97 -10.21 -15.70
N LYS B 147 2.53 -9.16 -16.39
CA LYS B 147 1.16 -9.09 -16.97
C LYS B 147 0.97 -10.25 -17.95
N LYS B 148 1.97 -10.51 -18.81
CA LYS B 148 1.90 -11.54 -19.87
C LYS B 148 1.95 -12.94 -19.24
N TRP B 149 2.87 -13.16 -18.29
CA TRP B 149 3.11 -14.47 -17.63
C TRP B 149 1.89 -14.89 -16.81
N MET B 150 1.29 -13.95 -16.07
CA MET B 150 0.07 -14.18 -15.25
C MET B 150 -1.10 -14.59 -16.16
N ASN B 151 -1.19 -14.01 -17.36
CA ASN B 151 -2.22 -14.35 -18.37
C ASN B 151 -1.95 -15.76 -18.93
N LEU B 152 -0.69 -16.11 -19.18
CA LEU B 152 -0.29 -17.42 -19.77
C LEU B 152 -0.59 -18.58 -18.81
N VAL B 153 -0.58 -18.33 -17.50
CA VAL B 153 -0.75 -19.39 -16.44
C VAL B 153 -2.00 -19.10 -15.61
N ALA B 154 -2.98 -18.39 -16.17
CA ALA B 154 -4.23 -17.96 -15.48
C ALA B 154 -5.02 -19.18 -14.99
N LYS B 155 -4.90 -20.33 -15.67
CA LYS B 155 -5.61 -21.58 -15.32
C LYS B 155 -4.90 -22.29 -14.16
N ASN B 156 -3.64 -21.92 -13.87
CA ASN B 156 -2.86 -22.43 -12.72
C ASN B 156 -2.10 -21.26 -12.08
N PRO B 157 -2.81 -20.27 -11.51
CA PRO B 157 -2.18 -19.03 -11.08
C PRO B 157 -1.30 -19.27 -9.86
N PRO B 158 -0.34 -18.36 -9.55
CA PRO B 158 0.45 -18.47 -8.33
C PRO B 158 -0.38 -18.11 -7.09
N ASP B 159 0.07 -18.55 -5.92
CA ASP B 159 -0.59 -18.30 -4.61
C ASP B 159 -0.34 -16.84 -4.18
N TYR B 160 0.82 -16.28 -4.54
CA TYR B 160 1.20 -14.88 -4.25
C TYR B 160 1.80 -14.21 -5.49
N LEU B 161 1.55 -12.91 -5.64
CA LEU B 161 2.21 -12.03 -6.64
C LEU B 161 3.46 -11.42 -6.00
N GLY B 162 4.63 -11.74 -6.56
CA GLY B 162 5.93 -11.21 -6.12
C GLY B 162 6.26 -9.89 -6.82
N LEU B 163 6.60 -8.86 -6.04
CA LEU B 163 6.94 -7.50 -6.52
C LEU B 163 8.28 -7.04 -5.93
N HIS B 164 9.07 -6.32 -6.73
CA HIS B 164 10.19 -5.46 -6.29
C HIS B 164 9.75 -4.00 -6.44
N TRP B 165 10.29 -3.11 -5.60
CA TRP B 165 10.21 -1.63 -5.78
C TRP B 165 11.42 -0.95 -5.14
N TYR B 166 12.14 -0.18 -5.96
CA TYR B 166 13.22 0.75 -5.53
C TYR B 166 12.91 2.15 -6.05
N GLY B 167 13.15 3.17 -5.22
CA GLY B 167 12.90 4.58 -5.53
C GLY B 167 13.09 5.46 -4.29
N THR B 168 12.74 6.74 -4.40
CA THR B 168 13.01 7.77 -3.35
C THR B 168 11.70 8.29 -2.75
N LYS B 169 10.56 8.11 -3.44
CA LYS B 169 9.25 8.68 -3.05
C LYS B 169 8.32 7.55 -2.58
N GLY B 170 8.06 7.50 -1.27
CA GLY B 170 7.18 6.50 -0.63
C GLY B 170 5.78 6.51 -1.23
N ASP B 171 5.24 7.69 -1.51
CA ASP B 171 3.87 7.85 -2.09
C ASP B 171 3.80 7.12 -3.43
N GLU B 172 4.92 7.02 -4.17
CA GLU B 172 4.98 6.35 -5.50
C GLU B 172 4.99 4.82 -5.33
N MET B 173 5.63 4.29 -4.28
CA MET B 173 5.63 2.83 -3.98
C MET B 173 4.21 2.40 -3.60
N ILE B 174 3.54 3.18 -2.75
CA ILE B 174 2.12 2.94 -2.33
C ILE B 174 1.24 2.89 -3.59
N ARG B 175 1.38 3.87 -4.48
CA ARG B 175 0.54 3.99 -5.70
C ARG B 175 0.81 2.80 -6.62
N TYR B 176 2.04 2.27 -6.62
CA TYR B 176 2.47 1.10 -7.45
C TYR B 176 1.84 -0.18 -6.90
N LEU B 177 1.91 -0.40 -5.58
CA LEU B 177 1.32 -1.59 -4.92
C LEU B 177 -0.19 -1.58 -5.15
N GLU B 178 -0.85 -0.45 -4.90
CA GLU B 178 -2.31 -0.25 -5.12
C GLU B 178 -2.64 -0.53 -6.59
N SER B 179 -1.78 -0.08 -7.50
CA SER B 179 -1.93 -0.24 -8.97
C SER B 179 -1.83 -1.73 -9.35
N MET B 180 -0.84 -2.45 -8.82
CA MET B 180 -0.61 -3.89 -9.13
C MET B 180 -1.68 -4.76 -8.47
N HIS B 181 -2.22 -4.34 -7.32
CA HIS B 181 -3.30 -5.05 -6.58
C HIS B 181 -4.61 -4.96 -7.37
N LYS B 182 -4.86 -3.84 -8.07
CA LYS B 182 -6.06 -3.64 -8.91
C LYS B 182 -5.92 -4.49 -10.19
N GLU B 183 -4.73 -4.51 -10.79
CA GLU B 183 -4.43 -5.22 -12.06
C GLU B 183 -4.45 -6.74 -11.83
N HIS B 184 -4.05 -7.20 -10.64
CA HIS B 184 -3.93 -8.64 -10.26
C HIS B 184 -4.58 -8.87 -8.91
N PRO B 185 -5.93 -8.81 -8.81
CA PRO B 185 -6.63 -8.81 -7.52
C PRO B 185 -6.89 -10.19 -6.88
N HIS B 186 -6.49 -11.29 -7.54
CA HIS B 186 -6.93 -12.67 -7.20
C HIS B 186 -6.06 -13.30 -6.11
N GLN B 187 -4.89 -12.74 -5.80
CA GLN B 187 -4.00 -13.29 -4.74
C GLN B 187 -3.36 -12.15 -3.96
N PRO B 188 -2.85 -12.42 -2.73
CA PRO B 188 -2.11 -11.42 -1.97
C PRO B 188 -0.76 -11.12 -2.63
N ILE B 189 -0.13 -10.01 -2.21
CA ILE B 189 1.18 -9.54 -2.75
C ILE B 189 2.26 -9.81 -1.69
N ILE B 190 3.41 -10.33 -2.15
CA ILE B 190 4.69 -10.38 -1.38
C ILE B 190 5.65 -9.39 -2.07
N VAL B 191 6.12 -8.38 -1.33
CA VAL B 191 7.21 -7.45 -1.78
C VAL B 191 8.54 -8.14 -1.44
N SER B 192 9.08 -8.92 -2.39
CA SER B 192 10.25 -9.82 -2.17
C SER B 192 11.55 -9.02 -2.03
N GLU B 193 11.58 -7.78 -2.57
CA GLU B 193 12.67 -6.80 -2.38
C GLU B 193 12.09 -5.38 -2.45
N TRP B 194 12.48 -4.51 -1.52
CA TRP B 194 12.23 -3.05 -1.63
C TRP B 194 13.24 -2.29 -0.76
N ALA B 195 13.47 -1.02 -1.10
CA ALA B 195 14.37 -0.09 -0.37
C ALA B 195 14.23 1.32 -0.95
N SER B 196 14.53 2.34 -0.13
CA SER B 196 14.81 3.71 -0.58
C SER B 196 16.18 3.71 -1.27
N THR B 197 16.29 4.38 -2.42
CA THR B 197 17.56 4.60 -3.16
C THR B 197 18.09 6.00 -2.89
N SER B 198 17.41 6.80 -2.07
CA SER B 198 17.83 8.18 -1.68
C SER B 198 19.22 8.11 -1.03
N ARG B 199 20.07 9.10 -1.32
CA ARG B 199 21.42 9.24 -0.71
C ARG B 199 21.32 10.13 0.54
N SER B 200 20.13 10.63 0.84
CA SER B 200 19.78 11.41 2.06
C SER B 200 19.18 10.46 3.11
N TYR B 201 19.86 10.27 4.25
CA TYR B 201 19.43 9.28 5.27
C TYR B 201 18.03 9.62 5.79
N PRO B 202 17.71 10.89 6.14
CA PRO B 202 16.36 11.24 6.57
C PRO B 202 15.27 10.81 5.58
N ASP B 203 15.57 10.83 4.27
CA ASP B 203 14.63 10.43 3.19
C ASP B 203 14.55 8.89 3.12
N VAL B 204 15.63 8.18 3.44
CA VAL B 204 15.66 6.69 3.53
C VAL B 204 14.80 6.25 4.71
N LEU B 205 15.11 6.76 5.90
CA LEU B 205 14.37 6.47 7.16
C LEU B 205 12.90 6.82 6.99
N GLY B 206 12.60 7.97 6.41
CA GLY B 206 11.22 8.47 6.21
C GLY B 206 10.38 7.54 5.36
N LEU B 207 10.95 7.06 4.24
CA LEU B 207 10.25 6.14 3.29
C LEU B 207 10.07 4.77 3.95
N THR B 208 11.15 4.22 4.51
CA THR B 208 11.16 2.88 5.17
C THR B 208 10.04 2.85 6.21
N VAL B 209 10.04 3.81 7.14
CA VAL B 209 9.04 3.96 8.24
C VAL B 209 7.63 4.07 7.64
N GLN B 210 7.43 4.92 6.63
CA GLN B 210 6.11 5.16 6.00
C GLN B 210 5.57 3.84 5.44
N LEU B 211 6.37 3.12 4.66
CA LEU B 211 5.92 1.94 3.87
C LEU B 211 5.75 0.71 4.78
N ALA B 212 6.64 0.53 5.76
CA ALA B 212 6.53 -0.53 6.79
C ALA B 212 5.16 -0.41 7.47
N ASN B 213 4.83 0.77 8.00
CA ASN B 213 3.59 1.03 8.76
C ASN B 213 2.38 0.91 7.82
N TRP B 214 2.48 1.40 6.58
CA TRP B 214 1.37 1.34 5.59
C TRP B 214 1.09 -0.12 5.21
N MET B 215 2.13 -0.90 4.91
CA MET B 215 2.00 -2.32 4.47
C MET B 215 1.54 -3.18 5.65
N ASP B 216 1.99 -2.87 6.88
CA ASP B 216 1.57 -3.55 8.13
C ASP B 216 0.04 -3.53 8.26
N SER B 217 -0.61 -2.42 7.93
CA SER B 217 -2.08 -2.23 8.10
C SER B 217 -2.83 -2.45 6.78
N THR B 218 -2.18 -2.99 5.75
CA THR B 218 -2.80 -3.35 4.44
C THR B 218 -2.93 -4.87 4.33
N PRO B 219 -4.15 -5.43 4.49
CA PRO B 219 -4.33 -6.89 4.54
C PRO B 219 -3.76 -7.66 3.36
N TRP B 220 -3.87 -7.13 2.13
CA TRP B 220 -3.53 -7.86 0.88
C TRP B 220 -2.02 -7.85 0.62
N VAL B 221 -1.22 -7.24 1.49
CA VAL B 221 0.27 -7.41 1.52
C VAL B 221 0.59 -8.50 2.55
N ALA B 222 0.94 -9.70 2.08
CA ALA B 222 1.24 -10.88 2.93
C ALA B 222 2.51 -10.62 3.74
N GLU B 223 3.60 -10.24 3.06
CA GLU B 223 4.89 -9.88 3.72
C GLU B 223 5.70 -8.95 2.80
N TYR B 224 6.72 -8.30 3.35
CA TYR B 224 7.62 -7.35 2.63
C TYR B 224 9.05 -7.52 3.15
N ALA B 225 10.02 -7.33 2.26
CA ALA B 225 11.45 -7.70 2.47
C ALA B 225 12.36 -6.50 2.16
N LEU B 226 12.84 -5.82 3.20
CA LEU B 226 13.72 -4.61 3.07
C LEU B 226 15.14 -5.06 2.69
N PHE B 227 15.67 -4.52 1.59
CA PHE B 227 16.99 -4.88 1.02
C PHE B 227 18.11 -4.10 1.75
N GLY B 228 19.29 -4.70 1.89
CA GLY B 228 20.54 -4.00 2.26
C GLY B 228 21.32 -4.66 3.39
N CYS B 229 20.89 -5.80 3.93
CA CYS B 229 21.58 -6.51 5.03
C CYS B 229 22.72 -7.37 4.47
N MET B 230 23.83 -6.72 4.14
CA MET B 230 25.07 -7.32 3.59
C MET B 230 26.23 -6.33 3.79
N ARG B 231 27.47 -6.80 3.82
CA ARG B 231 28.66 -5.99 4.21
C ARG B 231 29.03 -4.99 3.12
N GLN B 232 29.14 -5.45 1.87
CA GLN B 232 29.46 -4.60 0.69
C GLN B 232 28.16 -4.09 0.07
N MET B 233 28.24 -2.99 -0.69
CA MET B 233 27.16 -2.54 -1.60
C MET B 233 27.00 -3.61 -2.69
N ALA B 234 25.75 -3.98 -3.00
CA ALA B 234 25.41 -4.96 -4.07
C ALA B 234 25.89 -4.41 -5.42
N ASP B 235 25.72 -3.11 -5.63
CA ASP B 235 25.93 -2.42 -6.92
C ASP B 235 25.94 -0.90 -6.68
N ASP B 236 25.96 -0.10 -7.75
CA ASP B 236 25.99 1.39 -7.70
C ASP B 236 24.56 1.96 -7.60
N PHE B 237 23.53 1.13 -7.82
CA PHE B 237 22.12 1.57 -7.88
C PHE B 237 21.59 1.85 -6.45
N VAL B 238 21.83 0.91 -5.52
CA VAL B 238 21.31 0.98 -4.12
C VAL B 238 22.11 2.03 -3.34
N SER B 239 21.48 2.61 -2.32
CA SER B 239 22.03 3.72 -1.48
C SER B 239 22.87 3.15 -0.34
N PRO B 240 24.11 3.64 -0.14
CA PRO B 240 24.87 3.32 1.09
C PRO B 240 24.15 3.71 2.39
N GLU B 241 23.24 4.69 2.34
CA GLU B 241 22.49 5.21 3.52
C GLU B 241 21.38 4.22 3.90
N ALA B 242 21.00 3.32 2.99
CA ALA B 242 19.93 2.31 3.18
C ALA B 242 20.51 0.97 3.63
N GLN B 243 21.83 0.86 3.81
CA GLN B 243 22.49 -0.39 4.28
C GLN B 243 21.93 -0.75 5.66
N LEU B 244 21.67 -2.05 5.86
CA LEU B 244 21.15 -2.63 7.13
C LEU B 244 22.30 -3.29 7.90
N MET B 245 23.44 -3.50 7.25
CA MET B 245 24.67 -4.06 7.86
C MET B 245 25.85 -3.11 7.58
N ASN B 246 26.71 -2.89 8.57
CA ASN B 246 27.99 -2.16 8.45
C ASN B 246 29.04 -3.11 7.83
N LYS B 247 30.21 -2.60 7.48
CA LYS B 247 31.30 -3.37 6.81
C LYS B 247 31.84 -4.45 7.76
N ASP B 248 31.71 -4.27 9.08
CA ASP B 248 32.22 -5.22 10.10
C ASP B 248 31.19 -6.33 10.39
N GLY B 249 29.96 -6.19 9.88
CA GLY B 249 28.89 -7.21 10.01
C GLY B 249 27.89 -6.88 11.09
N SER B 250 28.15 -5.86 11.93
CA SER B 250 27.18 -5.28 12.89
C SER B 250 26.02 -4.66 12.11
N PHE B 251 24.89 -4.43 12.78
CA PHE B 251 23.63 -3.92 12.16
C PHE B 251 23.56 -2.40 12.31
N THR B 252 23.01 -1.74 11.29
CA THR B 252 22.75 -0.27 11.30
C THR B 252 21.51 -0.01 12.14
N ASP B 253 21.29 1.24 12.53
CA ASP B 253 20.10 1.66 13.31
C ASP B 253 18.84 1.40 12.47
N LEU B 254 18.94 1.51 11.13
CA LEU B 254 17.78 1.26 10.23
C LEU B 254 17.37 -0.20 10.35
N MET B 255 18.34 -1.11 10.43
CA MET B 255 18.12 -2.57 10.58
C MET B 255 17.47 -2.84 11.94
N TRP B 256 17.99 -2.22 13.00
CA TRP B 256 17.44 -2.35 14.37
C TRP B 256 15.95 -1.98 14.36
N LYS B 257 15.62 -0.82 13.78
CA LYS B 257 14.22 -0.31 13.73
C LYS B 257 13.37 -1.29 12.92
N TYR B 258 13.87 -1.76 11.78
CA TYR B 258 13.16 -2.70 10.87
C TYR B 258 12.76 -3.96 11.65
N MET B 259 13.67 -4.51 12.48
CA MET B 259 13.48 -5.84 13.11
C MET B 259 12.96 -5.71 14.55
N SER B 260 12.82 -4.51 15.11
CA SER B 260 12.47 -4.31 16.55
C SER B 260 11.17 -3.52 16.74
N ASP B 261 10.85 -2.54 15.87
CA ASP B 261 9.85 -1.49 16.16
C ASP B 261 8.58 -1.69 15.32
N GLN B 262 7.42 -1.83 15.97
CA GLN B 262 6.09 -1.94 15.32
C GLN B 262 5.06 -1.24 16.21
N PRO B 263 4.56 -0.04 15.85
CA PRO B 263 4.88 0.60 14.57
C PRO B 263 6.35 1.03 14.48
N MET B 264 6.86 1.24 13.25
CA MET B 264 8.17 1.90 12.99
C MET B 264 8.02 3.40 13.27
N HIS B 265 9.09 4.04 13.73
CA HIS B 265 9.18 5.50 13.99
C HIS B 265 10.53 6.02 13.47
N ILE B 266 10.60 7.32 13.15
CA ILE B 266 11.84 8.00 12.68
C ILE B 266 12.72 8.33 13.89
N HIS C 20 70.44 7.69 -34.80
CA HIS C 20 69.84 8.66 -33.86
C HIS C 20 69.07 7.89 -32.78
N MET C 21 68.94 8.48 -31.57
CA MET C 21 67.81 8.26 -30.64
C MET C 21 66.50 8.51 -31.41
N VAL C 22 65.67 7.48 -31.59
CA VAL C 22 64.33 7.62 -32.24
C VAL C 22 63.37 8.18 -31.18
N LYS C 23 62.68 9.28 -31.51
CA LYS C 23 61.83 10.04 -30.56
C LYS C 23 60.41 10.18 -31.14
N LYS C 24 59.54 9.20 -30.85
CA LYS C 24 58.13 9.16 -31.34
C LYS C 24 57.13 9.02 -30.18
N ARG C 25 57.59 9.01 -28.93
CA ARG C 25 56.74 8.62 -27.77
C ARG C 25 56.04 9.86 -27.22
N VAL C 26 54.71 9.79 -27.09
CA VAL C 26 53.85 10.87 -26.52
C VAL C 26 53.68 10.61 -25.02
N LEU C 27 53.75 11.68 -24.23
CA LEU C 27 53.41 11.68 -22.79
C LEU C 27 51.93 12.08 -22.65
N LEU C 28 51.04 11.10 -22.48
CA LEU C 28 49.62 11.33 -22.11
C LEU C 28 49.59 11.79 -20.66
N TRP C 29 49.11 13.01 -20.41
CA TRP C 29 49.14 13.68 -19.09
C TRP C 29 47.71 14.03 -18.66
N ASP C 30 47.01 13.06 -18.04
CA ASP C 30 45.61 13.21 -17.58
C ASP C 30 45.52 14.43 -16.66
N TYR C 31 44.40 15.15 -16.72
CA TYR C 31 44.18 16.42 -15.98
C TYR C 31 44.24 16.18 -14.47
N THR C 32 43.99 14.95 -14.01
CA THR C 32 44.07 14.60 -12.56
C THR C 32 45.51 14.80 -12.08
N ASN C 33 46.50 14.56 -12.95
CA ASN C 33 47.93 14.84 -12.66
C ASN C 33 48.11 16.34 -12.42
N THR C 34 47.56 17.18 -13.30
CA THR C 34 47.61 18.66 -13.21
C THR C 34 46.88 19.10 -11.92
N ARG C 35 45.76 18.45 -11.60
CA ARG C 35 44.90 18.81 -10.44
C ARG C 35 45.59 18.47 -9.12
N ASP C 36 46.31 17.34 -9.04
CA ASP C 36 46.74 16.72 -7.76
C ASP C 36 48.26 16.67 -7.61
N VAL C 37 49.01 16.41 -8.69
CA VAL C 37 50.48 16.08 -8.60
C VAL C 37 51.25 16.75 -9.76
N LYS C 38 51.10 18.07 -9.94
CA LYS C 38 51.91 18.89 -10.88
C LYS C 38 53.37 18.43 -10.82
N TRP C 39 53.92 18.36 -9.60
CA TRP C 39 55.35 18.05 -9.29
C TRP C 39 55.84 16.82 -10.05
N ALA C 40 54.95 15.88 -10.39
CA ALA C 40 55.29 14.62 -11.09
C ALA C 40 55.93 14.91 -12.44
N MET C 41 55.53 16.01 -13.11
CA MET C 41 56.03 16.39 -14.46
C MET C 41 57.54 16.65 -14.39
N ASP C 42 58.02 17.26 -13.30
CA ASP C 42 59.47 17.60 -13.11
C ASP C 42 60.30 16.32 -12.96
N LYS C 43 59.68 15.18 -12.70
CA LYS C 43 60.39 13.88 -12.54
C LYS C 43 60.43 13.12 -13.87
N ILE C 44 59.79 13.64 -14.93
CA ILE C 44 59.84 13.07 -16.31
C ILE C 44 61.29 13.13 -16.81
N ASN C 45 61.69 12.15 -17.60
CA ASN C 45 62.98 12.10 -18.33
C ASN C 45 62.74 12.68 -19.74
N PHE C 46 63.31 13.85 -20.02
CA PHE C 46 63.13 14.63 -21.27
C PHE C 46 64.29 14.38 -22.25
N LYS C 47 65.31 13.62 -21.82
CA LYS C 47 66.55 13.35 -22.59
C LYS C 47 66.44 12.00 -23.31
N GLY C 48 65.35 11.26 -23.08
CA GLY C 48 65.05 9.98 -23.74
C GLY C 48 64.13 10.17 -24.95
N PRO C 49 63.38 9.12 -25.36
CA PRO C 49 62.56 9.18 -26.57
C PRO C 49 61.18 9.84 -26.48
N LEU C 50 60.84 10.50 -25.36
CA LEU C 50 59.63 11.36 -25.29
C LEU C 50 59.82 12.52 -26.29
N HIS C 51 58.77 12.84 -27.06
CA HIS C 51 58.85 13.77 -28.21
C HIS C 51 57.71 14.79 -28.21
N SER C 52 56.60 14.52 -27.51
CA SER C 52 55.41 15.40 -27.44
C SER C 52 54.55 15.03 -26.24
N CYS C 53 53.42 15.72 -26.04
CA CYS C 53 52.52 15.59 -24.86
C CYS C 53 51.10 15.99 -25.27
N SER C 54 50.08 15.29 -24.75
CA SER C 54 48.64 15.64 -24.90
C SER C 54 47.91 15.31 -23.60
N ASN C 55 46.74 15.92 -23.37
CA ASN C 55 45.99 15.79 -22.08
C ASN C 55 44.48 15.76 -22.32
N TRP C 56 44.02 15.38 -23.52
CA TRP C 56 42.58 15.24 -23.87
C TRP C 56 41.84 16.57 -23.73
N ASN C 57 42.55 17.70 -23.63
CA ASN C 57 41.94 19.02 -23.33
C ASN C 57 42.50 20.09 -24.27
N THR C 58 41.78 21.21 -24.37
CA THR C 58 42.14 22.43 -25.15
C THR C 58 43.24 23.23 -24.43
N TRP C 59 43.21 23.24 -23.10
CA TRP C 59 44.10 24.09 -22.25
C TRP C 59 45.46 23.40 -22.07
N TYR C 60 46.49 24.21 -21.80
CA TYR C 60 47.91 23.81 -21.74
C TYR C 60 48.29 23.44 -20.30
N PRO C 61 49.01 22.32 -20.09
CA PRO C 61 49.52 21.97 -18.76
C PRO C 61 50.79 22.77 -18.40
N ASP C 62 50.62 23.84 -17.62
CA ASP C 62 51.69 24.81 -17.26
C ASP C 62 52.95 24.07 -16.80
N GLU C 63 52.80 23.02 -15.99
CA GLU C 63 53.92 22.28 -15.35
C GLU C 63 54.85 21.69 -16.43
N LEU C 64 54.36 21.48 -17.65
CA LEU C 64 55.17 20.98 -18.81
C LEU C 64 56.32 21.96 -19.09
N LYS C 65 56.06 23.27 -18.94
CA LYS C 65 57.04 24.38 -19.14
C LYS C 65 57.68 24.27 -20.52
N HIS C 66 56.88 23.90 -21.52
CA HIS C 66 57.22 23.84 -22.97
C HIS C 66 58.42 22.92 -23.23
N ARG C 67 58.70 21.96 -22.35
CA ARG C 67 59.86 21.03 -22.49
C ARG C 67 59.57 19.99 -23.59
N LEU C 68 58.30 19.83 -23.97
CA LEU C 68 57.87 19.02 -25.15
C LEU C 68 56.76 19.79 -25.87
N PRO C 69 56.63 19.63 -27.21
CA PRO C 69 55.48 20.17 -27.93
C PRO C 69 54.18 19.58 -27.33
N PHE C 70 53.15 20.41 -27.19
CA PHE C 70 51.81 20.01 -26.68
C PHE C 70 50.83 19.95 -27.86
N ARG C 71 50.01 18.89 -27.93
CA ARG C 71 48.90 18.78 -28.90
C ARG C 71 47.60 19.04 -28.17
N PRO C 72 46.99 20.25 -28.28
CA PRO C 72 45.65 20.47 -27.76
C PRO C 72 44.67 19.52 -28.44
N MET C 73 43.56 19.19 -27.76
CA MET C 73 42.49 18.32 -28.29
C MET C 73 41.15 19.06 -28.23
N ILE C 74 40.38 18.95 -29.31
CA ILE C 74 38.91 19.24 -29.35
C ILE C 74 38.22 17.91 -29.00
N HIS C 75 38.02 17.65 -27.71
CA HIS C 75 37.63 16.32 -27.16
C HIS C 75 36.21 15.95 -27.61
N GLY C 76 35.26 16.89 -27.48
CA GLY C 76 33.84 16.68 -27.84
C GLY C 76 33.14 18.00 -28.15
N LYS C 77 31.81 17.94 -28.31
CA LYS C 77 30.94 19.09 -28.67
C LYS C 77 31.04 20.19 -27.61
N ASN C 78 31.36 19.84 -26.36
CA ASN C 78 31.48 20.78 -25.22
C ASN C 78 32.70 21.69 -25.37
N ASN C 79 33.57 21.45 -26.37
CA ASN C 79 34.88 22.15 -26.55
C ASN C 79 34.86 23.04 -27.80
N LEU C 80 33.69 23.33 -28.37
CA LEU C 80 33.53 24.06 -29.65
C LEU C 80 33.19 25.54 -29.42
N THR C 81 32.89 25.95 -28.18
CA THR C 81 32.40 27.31 -27.83
C THR C 81 33.15 27.86 -26.62
N GLY C 82 32.97 29.15 -26.31
CA GLY C 82 33.48 29.83 -25.11
C GLY C 82 34.98 29.66 -24.94
N GLY C 83 35.46 29.70 -23.70
CA GLY C 83 36.88 29.64 -23.31
C GLY C 83 37.59 28.40 -23.86
N GLU C 84 36.86 27.29 -24.03
CA GLU C 84 37.39 26.04 -24.61
C GLU C 84 37.89 26.31 -26.03
N TRP C 85 37.05 26.91 -26.88
CA TRP C 85 37.40 27.22 -28.30
C TRP C 85 38.48 28.31 -28.35
N GLN C 86 38.46 29.26 -27.41
CA GLN C 86 39.44 30.38 -27.32
C GLN C 86 40.84 29.80 -27.12
N ASN C 87 40.96 28.76 -26.30
CA ASN C 87 42.25 28.05 -26.03
C ASN C 87 42.79 27.50 -27.35
N ILE C 88 41.92 26.97 -28.22
CA ILE C 88 42.28 26.38 -29.54
C ILE C 88 42.70 27.49 -30.50
N LEU C 89 41.96 28.61 -30.54
CA LEU C 89 42.22 29.73 -31.47
C LEU C 89 43.55 30.42 -31.14
N LYS C 90 43.95 30.45 -29.86
CA LYS C 90 45.07 31.28 -29.36
C LYS C 90 46.37 30.46 -29.26
N THR C 91 46.33 29.13 -29.40
CA THR C 91 47.50 28.24 -29.15
C THR C 91 48.61 28.52 -30.17
N ASN C 92 49.87 28.43 -29.72
CA ASN C 92 51.10 28.55 -30.55
C ASN C 92 51.56 27.17 -31.01
N GLU C 93 50.90 26.09 -30.54
CA GLU C 93 51.32 24.70 -30.81
C GLU C 93 50.86 24.30 -32.22
N GLU C 94 51.56 23.36 -32.86
CA GLU C 94 51.52 23.10 -34.32
C GLU C 94 50.44 22.07 -34.70
N VAL C 95 50.14 21.10 -33.82
CA VAL C 95 49.26 19.93 -34.14
C VAL C 95 48.08 19.89 -33.15
N ILE C 96 46.86 19.74 -33.68
CA ILE C 96 45.59 19.75 -32.88
C ILE C 96 44.80 18.47 -33.22
N HIS C 97 44.36 17.75 -32.18
CA HIS C 97 43.52 16.53 -32.27
C HIS C 97 42.04 16.94 -32.34
N PHE C 98 41.27 16.26 -33.21
CA PHE C 98 39.79 16.35 -33.24
C PHE C 98 39.21 15.34 -32.23
N PHE C 99 37.95 14.95 -32.39
CA PHE C 99 37.10 14.31 -31.34
C PHE C 99 37.72 12.98 -30.86
N ASN C 100 37.57 12.71 -29.57
CA ASN C 100 37.97 11.43 -28.91
C ASN C 100 36.80 10.44 -28.98
N GLU C 101 37.01 9.29 -29.63
CA GLU C 101 36.02 8.19 -29.78
C GLU C 101 34.63 8.78 -29.93
N PRO C 102 34.35 9.49 -31.05
CA PRO C 102 33.06 10.15 -31.25
C PRO C 102 31.91 9.15 -31.41
N GLU C 103 32.21 7.94 -31.90
CA GLU C 103 31.21 6.86 -32.15
C GLU C 103 30.58 6.40 -30.83
N ARG C 104 31.23 6.69 -29.69
CA ARG C 104 30.76 6.31 -28.33
C ARG C 104 30.26 7.53 -27.56
N ALA C 105 30.14 8.70 -28.20
CA ALA C 105 29.62 9.95 -27.59
C ALA C 105 28.40 10.47 -28.37
N GLY C 106 27.82 9.63 -29.25
CA GLY C 106 26.63 9.99 -30.05
C GLY C 106 26.90 11.13 -31.03
N ILE C 107 28.11 11.18 -31.57
CA ILE C 107 28.52 12.11 -32.68
C ILE C 107 28.62 11.30 -33.97
N SER C 108 27.72 11.51 -34.93
CA SER C 108 27.71 10.81 -36.24
C SER C 108 28.88 11.30 -37.08
N PRO C 109 29.35 10.50 -38.07
CA PRO C 109 30.32 11.00 -39.07
C PRO C 109 29.86 12.30 -39.76
N GLU C 110 28.57 12.40 -40.10
CA GLU C 110 27.98 13.55 -40.84
C GLU C 110 28.08 14.82 -39.98
N GLU C 111 27.80 14.70 -38.68
CA GLU C 111 27.81 15.83 -37.70
C GLU C 111 29.25 16.32 -37.49
N ALA C 112 30.23 15.40 -37.46
CA ALA C 112 31.67 15.69 -37.23
C ALA C 112 32.28 16.29 -38.50
N ALA C 113 31.82 15.85 -39.68
CA ALA C 113 32.23 16.38 -41.01
C ALA C 113 31.77 17.84 -41.14
N LYS C 114 30.55 18.15 -40.67
CA LYS C 114 29.98 19.53 -40.71
C LYS C 114 30.81 20.45 -39.81
N ILE C 115 31.12 20.02 -38.59
CA ILE C 115 31.90 20.81 -37.58
C ILE C 115 33.32 21.04 -38.12
N TRP C 116 33.91 20.02 -38.75
CA TRP C 116 35.26 20.07 -39.40
C TRP C 116 35.27 21.19 -40.45
N ASN C 117 34.34 21.16 -41.42
CA ASN C 117 34.25 22.14 -42.53
C ASN C 117 33.96 23.54 -41.97
N ASP C 118 32.99 23.65 -41.06
CA ASP C 118 32.41 24.94 -40.61
C ASP C 118 33.33 25.67 -39.63
N GLN C 119 34.24 24.98 -38.93
CA GLN C 119 34.88 25.52 -37.70
C GLN C 119 36.35 25.09 -37.55
N VAL C 120 36.67 23.80 -37.75
CA VAL C 120 38.01 23.23 -37.42
C VAL C 120 39.01 23.49 -38.55
N LEU C 121 38.57 23.36 -39.82
CA LEU C 121 39.42 23.45 -41.03
C LEU C 121 40.16 24.79 -41.06
N ALA C 122 39.51 25.86 -40.61
CA ALA C 122 40.07 27.23 -40.51
C ALA C 122 41.38 27.22 -39.71
N LEU C 123 41.55 26.29 -38.77
CA LEU C 123 42.79 26.17 -37.98
C LEU C 123 43.97 25.82 -38.90
N ARG C 124 43.69 25.23 -40.07
CA ARG C 124 44.74 24.92 -41.09
C ARG C 124 44.84 26.06 -42.10
N THR C 125 43.74 26.38 -42.81
CA THR C 125 43.74 27.33 -43.95
C THR C 125 44.18 28.72 -43.47
N SER C 126 43.87 29.07 -42.22
CA SER C 126 44.00 30.45 -41.66
C SER C 126 45.09 30.52 -40.58
N HIS C 127 45.23 29.50 -39.72
CA HIS C 127 46.18 29.50 -38.57
C HIS C 127 47.34 28.51 -38.81
N HIS C 128 47.31 27.76 -39.92
CA HIS C 128 48.41 26.88 -40.42
C HIS C 128 48.80 25.83 -39.38
N LYS C 129 47.80 25.31 -38.66
CA LYS C 129 47.94 24.14 -37.76
C LYS C 129 47.77 22.87 -38.61
N ARG C 130 48.36 21.76 -38.15
CA ARG C 130 48.10 20.41 -38.71
C ARG C 130 47.03 19.75 -37.84
N LEU C 131 46.13 18.99 -38.47
CA LEU C 131 44.91 18.45 -37.82
C LEU C 131 44.95 16.91 -37.82
N VAL C 132 44.74 16.30 -36.66
CA VAL C 132 44.57 14.82 -36.49
C VAL C 132 43.09 14.51 -36.60
N SER C 133 42.73 13.48 -37.37
CA SER C 133 41.35 12.94 -37.46
C SER C 133 40.85 12.64 -36.06
N PRO C 134 39.53 12.47 -35.86
CA PRO C 134 39.04 11.90 -34.61
C PRO C 134 39.70 10.53 -34.41
N SER C 135 40.00 10.18 -33.16
CA SER C 135 40.60 8.87 -32.77
C SER C 135 39.49 7.96 -32.24
N CYS C 136 39.08 6.97 -33.06
CA CYS C 136 38.03 5.98 -32.75
C CYS C 136 38.66 4.71 -32.16
N ALA C 137 37.84 3.88 -31.49
CA ALA C 137 38.25 2.57 -30.93
C ALA C 137 38.55 1.59 -32.07
N SER C 138 39.31 0.53 -31.76
CA SER C 138 39.80 -0.47 -32.74
C SER C 138 38.78 -1.61 -32.91
N ASP C 139 37.49 -1.30 -32.87
CA ASP C 139 36.37 -2.27 -33.04
C ASP C 139 35.62 -1.93 -34.32
N PRO C 140 34.80 -2.85 -34.87
CA PRO C 140 34.06 -2.60 -36.12
C PRO C 140 33.30 -1.27 -36.16
N ALA C 141 32.72 -0.84 -35.05
CA ALA C 141 31.97 0.43 -34.91
C ALA C 141 32.90 1.63 -35.19
N GLY C 142 34.09 1.62 -34.57
CA GLY C 142 35.12 2.67 -34.74
C GLY C 142 35.71 2.67 -36.13
N ILE C 143 36.09 1.49 -36.65
CA ILE C 143 36.67 1.31 -38.01
C ILE C 143 35.69 1.86 -39.05
N ALA C 144 34.38 1.61 -38.86
CA ALA C 144 33.31 2.02 -39.79
C ALA C 144 33.08 3.54 -39.69
N TRP C 145 33.16 4.10 -38.47
CA TRP C 145 32.95 5.55 -38.21
C TRP C 145 34.01 6.37 -38.95
N ILE C 146 35.29 6.03 -38.74
CA ILE C 146 36.45 6.76 -39.33
C ILE C 146 36.45 6.52 -40.85
N LYS C 147 36.06 5.35 -41.33
CA LYS C 147 35.99 5.06 -42.79
C LYS C 147 35.01 6.04 -43.44
N LYS C 148 33.85 6.27 -42.81
CA LYS C 148 32.76 7.13 -43.36
C LYS C 148 33.20 8.60 -43.31
N TRP C 149 33.75 9.04 -42.17
CA TRP C 149 34.16 10.45 -41.92
C TRP C 149 35.29 10.86 -42.87
N MET C 150 36.28 9.98 -43.06
CA MET C 150 37.43 10.21 -43.99
C MET C 150 36.92 10.36 -45.42
N ASN C 151 35.88 9.62 -45.81
CA ASN C 151 35.24 9.70 -47.14
C ASN C 151 34.49 11.04 -47.26
N LEU C 152 33.80 11.48 -46.21
CA LEU C 152 32.97 12.72 -46.20
C LEU C 152 33.86 13.97 -46.34
N VAL C 153 35.12 13.91 -45.88
CA VAL C 153 36.04 15.09 -45.86
C VAL C 153 37.28 14.80 -46.73
N ALA C 154 37.15 13.91 -47.73
CA ALA C 154 38.24 13.47 -48.62
C ALA C 154 38.84 14.67 -49.38
N LYS C 155 38.04 15.70 -49.63
CA LYS C 155 38.45 16.93 -50.37
C LYS C 155 39.23 17.87 -49.42
N ASN C 156 39.14 17.66 -48.11
CA ASN C 156 39.91 18.41 -47.07
C ASN C 156 40.39 17.42 -46.01
N PRO C 157 41.27 16.46 -46.37
CA PRO C 157 41.60 15.36 -45.46
C PRO C 157 42.42 15.85 -44.28
N PRO C 158 42.49 15.10 -43.17
CA PRO C 158 43.36 15.45 -42.05
C PRO C 158 44.83 15.19 -42.38
N ASP C 159 45.73 15.84 -41.64
CA ASP C 159 47.20 15.71 -41.81
C ASP C 159 47.67 14.37 -41.23
N TYR C 160 47.01 13.87 -40.18
CA TYR C 160 47.30 12.56 -39.54
C TYR C 160 46.00 11.79 -39.28
N LEU C 161 46.07 10.45 -39.39
CA LEU C 161 45.01 9.52 -38.96
C LEU C 161 45.25 9.14 -37.50
N GLY C 162 44.30 9.48 -36.61
CA GLY C 162 44.33 9.16 -35.17
C GLY C 162 43.71 7.80 -34.92
N LEU C 163 44.43 6.93 -34.19
CA LEU C 163 44.00 5.55 -33.84
C LEU C 163 44.16 5.31 -32.33
N HIS C 164 43.21 4.57 -31.75
CA HIS C 164 43.34 3.89 -30.44
C HIS C 164 43.50 2.39 -30.68
N TRP C 165 44.20 1.69 -29.79
CA TRP C 165 44.21 0.20 -29.72
C TRP C 165 44.46 -0.26 -28.28
N TYR C 166 43.55 -1.07 -27.77
CA TYR C 166 43.69 -1.81 -26.49
C TYR C 166 43.45 -3.30 -26.74
N GLY C 167 44.25 -4.16 -26.11
CA GLY C 167 44.18 -5.63 -26.24
C GLY C 167 45.36 -6.30 -25.55
N THR C 168 45.53 -7.61 -25.73
CA THR C 168 46.53 -8.43 -25.00
C THR C 168 47.58 -9.00 -25.97
N LYS C 169 47.28 -9.03 -27.27
CA LYS C 169 48.15 -9.66 -28.31
C LYS C 169 48.79 -8.58 -29.19
N GLY C 170 50.09 -8.36 -29.02
CA GLY C 170 50.89 -7.39 -29.79
C GLY C 170 50.79 -7.61 -31.28
N ASP C 171 50.82 -8.87 -31.72
CA ASP C 171 50.74 -9.26 -33.16
C ASP C 171 49.43 -8.73 -33.75
N GLU C 172 48.36 -8.62 -32.94
CA GLU C 172 47.03 -8.15 -33.41
C GLU C 172 47.03 -6.62 -33.56
N MET C 173 47.75 -5.89 -32.70
CA MET C 173 47.89 -4.40 -32.81
C MET C 173 48.66 -4.07 -34.09
N ILE C 174 49.76 -4.78 -34.34
CA ILE C 174 50.60 -4.64 -35.56
C ILE C 174 49.72 -4.85 -36.79
N ARG C 175 48.93 -5.93 -36.82
CA ARG C 175 48.06 -6.31 -37.97
C ARG C 175 46.99 -5.22 -38.17
N TYR C 176 46.53 -4.59 -37.08
CA TYR C 176 45.51 -3.51 -37.11
C TYR C 176 46.10 -2.23 -37.71
N LEU C 177 47.29 -1.83 -37.26
CA LEU C 177 47.99 -0.62 -37.76
C LEU C 177 48.28 -0.81 -39.26
N GLU C 178 48.85 -1.96 -39.64
CA GLU C 178 49.15 -2.32 -41.05
C GLU C 178 47.85 -2.30 -41.86
N SER C 179 46.75 -2.78 -41.28
CA SER C 179 45.41 -2.84 -41.92
C SER C 179 44.87 -1.42 -42.15
N MET C 180 44.97 -0.53 -41.16
CA MET C 180 44.45 0.86 -41.24
C MET C 180 45.35 1.71 -42.16
N HIS C 181 46.65 1.39 -42.23
CA HIS C 181 47.63 2.08 -43.11
C HIS C 181 47.34 1.76 -44.58
N LYS C 182 46.88 0.54 -44.88
CA LYS C 182 46.50 0.10 -46.24
C LYS C 182 45.17 0.77 -46.65
N GLU C 183 44.22 0.83 -45.71
CA GLU C 183 42.85 1.39 -45.93
C GLU C 183 42.93 2.91 -46.10
N HIS C 184 43.87 3.57 -45.41
CA HIS C 184 44.03 5.04 -45.38
C HIS C 184 45.50 5.40 -45.59
N PRO C 185 46.04 5.21 -46.82
CA PRO C 185 47.49 5.33 -47.05
C PRO C 185 48.04 6.75 -47.29
N HIS C 186 47.18 7.78 -47.28
CA HIS C 186 47.49 9.14 -47.80
C HIS C 186 48.17 10.01 -46.72
N GLN C 187 48.12 9.63 -45.44
CA GLN C 187 48.75 10.41 -44.35
C GLN C 187 49.39 9.47 -43.34
N PRO C 188 50.33 9.96 -42.50
CA PRO C 188 50.90 9.16 -41.42
C PRO C 188 49.87 8.89 -40.32
N ILE C 189 50.16 7.92 -39.44
CA ILE C 189 49.26 7.52 -38.32
C ILE C 189 49.85 8.03 -37.01
N ILE C 190 49.00 8.60 -36.16
CA ILE C 190 49.28 8.88 -34.72
C ILE C 190 48.41 7.91 -33.90
N VAL C 191 49.04 7.07 -33.08
CA VAL C 191 48.35 6.21 -32.08
C VAL C 191 48.16 7.05 -30.81
N SER C 192 47.03 7.74 -30.71
CA SER C 192 46.74 8.78 -29.68
C SER C 192 46.53 8.13 -28.31
N GLU C 193 46.15 6.85 -28.28
CA GLU C 193 46.05 6.00 -27.06
C GLU C 193 46.33 4.54 -27.43
N TRP C 194 47.15 3.85 -26.64
CA TRP C 194 47.28 2.38 -26.71
C TRP C 194 47.83 1.86 -25.38
N ALA C 195 47.57 0.58 -25.09
CA ALA C 195 48.05 -0.14 -23.88
C ALA C 195 47.70 -1.63 -24.00
N SER C 196 48.47 -2.48 -23.32
CA SER C 196 48.09 -3.88 -23.00
C SER C 196 46.99 -3.83 -21.94
N THR C 197 45.95 -4.64 -22.11
CA THR C 197 44.84 -4.83 -21.13
C THR C 197 45.06 -6.13 -20.33
N SER C 198 46.14 -6.87 -20.61
CA SER C 198 46.50 -8.12 -19.88
C SER C 198 46.64 -7.81 -18.39
N ARG C 199 46.19 -8.74 -17.54
CA ARG C 199 46.32 -8.65 -16.06
C ARG C 199 47.61 -9.35 -15.62
N SER C 200 48.36 -9.93 -16.58
CA SER C 200 49.69 -10.56 -16.39
C SER C 200 50.78 -9.54 -16.76
N TYR C 201 51.60 -9.11 -15.79
CA TYR C 201 52.60 -8.03 -16.01
C TYR C 201 53.59 -8.43 -17.10
N PRO C 202 54.14 -9.67 -17.11
CA PRO C 202 55.04 -10.10 -18.18
C PRO C 202 54.43 -9.92 -19.59
N ASP C 203 53.11 -10.09 -19.72
CA ASP C 203 52.38 -9.96 -21.00
C ASP C 203 52.18 -8.47 -21.33
N VAL C 204 52.05 -7.61 -20.30
CA VAL C 204 51.96 -6.14 -20.47
C VAL C 204 53.32 -5.62 -20.97
N LEU C 205 54.38 -5.92 -20.23
CA LEU C 205 55.78 -5.52 -20.55
C LEU C 205 56.15 -6.04 -21.94
N GLY C 206 55.83 -7.30 -22.24
CA GLY C 206 56.14 -7.95 -23.52
C GLY C 206 55.53 -7.24 -24.71
N LEU C 207 54.25 -6.87 -24.62
CA LEU C 207 53.50 -6.17 -25.70
C LEU C 207 54.04 -4.75 -25.85
N THR C 208 54.14 -4.01 -24.75
CA THR C 208 54.63 -2.60 -24.71
C THR C 208 55.98 -2.54 -25.43
N VAL C 209 56.94 -3.35 -25.00
CA VAL C 209 58.33 -3.44 -25.56
C VAL C 209 58.24 -3.78 -27.06
N GLN C 210 57.45 -4.78 -27.44
CA GLN C 210 57.32 -5.24 -28.86
C GLN C 210 56.84 -4.06 -29.74
N LEU C 211 55.77 -3.38 -29.32
CA LEU C 211 55.05 -2.38 -30.17
C LEU C 211 55.85 -1.06 -30.21
N ALA C 212 56.44 -0.65 -29.09
CA ALA C 212 57.34 0.52 -29.01
C ALA C 212 58.45 0.37 -30.06
N ASN C 213 59.18 -0.76 -30.03
CA ASN C 213 60.32 -1.02 -30.92
C ASN C 213 59.84 -1.16 -32.37
N TRP C 214 58.69 -1.80 -32.60
CA TRP C 214 58.13 -1.99 -33.96
C TRP C 214 57.71 -0.64 -34.56
N MET C 215 57.01 0.18 -33.79
CA MET C 215 56.49 1.50 -34.25
C MET C 215 57.67 2.47 -34.43
N ASP C 216 58.69 2.39 -33.57
CA ASP C 216 59.95 3.20 -33.66
C ASP C 216 60.58 3.04 -35.05
N SER C 217 60.60 1.83 -35.61
CA SER C 217 61.27 1.53 -36.91
C SER C 217 60.26 1.47 -38.06
N THR C 218 59.02 1.94 -37.85
CA THR C 218 57.96 2.04 -38.89
C THR C 218 57.75 3.50 -39.27
N PRO C 219 58.25 3.96 -40.44
CA PRO C 219 58.21 5.37 -40.81
C PRO C 219 56.83 6.03 -40.75
N TRP C 220 55.78 5.32 -41.16
CA TRP C 220 54.41 5.90 -41.35
C TRP C 220 53.66 6.01 -40.02
N VAL C 221 54.27 5.61 -38.90
CA VAL C 221 53.78 5.93 -37.52
C VAL C 221 54.53 7.18 -37.05
N ALA C 222 53.85 8.32 -37.04
CA ALA C 222 54.43 9.63 -36.66
C ALA C 222 54.79 9.62 -35.17
N GLU C 223 53.83 9.27 -34.30
CA GLU C 223 54.04 9.14 -32.85
C GLU C 223 53.00 8.17 -32.26
N TYR C 224 53.24 7.70 -31.03
CA TYR C 224 52.37 6.76 -30.29
C TYR C 224 52.36 7.13 -28.80
N ALA C 225 51.23 6.92 -28.14
CA ALA C 225 50.90 7.45 -26.80
C ALA C 225 50.43 6.32 -25.87
N LEU C 226 51.32 5.83 -24.99
CA LEU C 226 51.03 4.73 -24.04
C LEU C 226 50.16 5.26 -22.89
N PHE C 227 49.00 4.63 -22.67
CA PHE C 227 47.99 5.03 -21.66
C PHE C 227 48.38 4.48 -20.28
N GLY C 228 48.05 5.22 -19.21
CA GLY C 228 48.07 4.72 -17.83
C GLY C 228 48.80 5.60 -16.83
N CYS C 229 49.33 6.77 -17.24
CA CYS C 229 50.07 7.68 -16.33
C CYS C 229 49.07 8.57 -15.57
N MET C 230 48.44 7.99 -14.55
CA MET C 230 47.46 8.64 -13.65
C MET C 230 47.37 7.80 -12.36
N ARG C 231 46.93 8.40 -11.25
CA ARG C 231 46.97 7.78 -9.89
C ARG C 231 45.92 6.69 -9.75
N GLN C 232 44.66 6.98 -10.13
CA GLN C 232 43.53 6.01 -10.07
C GLN C 232 43.44 5.27 -11.41
N MET C 233 42.82 4.10 -11.41
CA MET C 233 42.38 3.42 -12.66
C MET C 233 41.32 4.30 -13.31
N ALA C 234 41.39 4.49 -14.63
CA ALA C 234 40.40 5.26 -15.43
C ALA C 234 39.04 4.58 -15.33
N ASP C 235 39.03 3.24 -15.37
CA ASP C 235 37.83 2.39 -15.49
C ASP C 235 38.20 0.94 -15.19
N ASP C 236 37.27 0.00 -15.40
CA ASP C 236 37.45 -1.45 -15.14
C ASP C 236 38.08 -2.14 -16.36
N PHE C 237 38.13 -1.47 -17.52
CA PHE C 237 38.59 -2.06 -18.79
C PHE C 237 40.13 -2.18 -18.79
N VAL C 238 40.83 -1.11 -18.41
CA VAL C 238 42.32 -1.03 -18.45
C VAL C 238 42.90 -1.86 -17.30
N SER C 239 44.12 -2.36 -17.47
CA SER C 239 44.83 -3.26 -16.53
C SER C 239 45.56 -2.45 -15.46
N PRO C 240 45.39 -2.76 -14.16
CA PRO C 240 46.25 -2.22 -13.11
C PRO C 240 47.75 -2.48 -13.31
N GLU C 241 48.11 -3.55 -14.04
CA GLU C 241 49.52 -3.97 -14.29
C GLU C 241 50.15 -3.06 -15.34
N ALA C 242 49.33 -2.35 -16.12
CA ALA C 242 49.77 -1.44 -17.22
C ALA C 242 49.85 0.01 -16.73
N GLN C 243 49.58 0.27 -15.45
CA GLN C 243 49.67 1.64 -14.84
C GLN C 243 51.11 2.14 -14.99
N LEU C 244 51.26 3.41 -15.35
CA LEU C 244 52.56 4.12 -15.52
C LEU C 244 52.83 4.99 -14.29
N MET C 245 51.82 5.22 -13.45
CA MET C 245 51.93 5.99 -12.19
C MET C 245 51.36 5.13 -11.04
N ASN C 246 52.03 5.13 -9.88
CA ASN C 246 51.55 4.53 -8.61
C ASN C 246 50.54 5.48 -7.97
N LYS C 247 49.85 5.04 -6.92
CA LYS C 247 48.80 5.83 -6.21
C LYS C 247 49.40 7.07 -5.55
N ASP C 248 50.70 7.07 -5.23
CA ASP C 248 51.39 8.21 -4.56
C ASP C 248 51.90 9.22 -5.60
N GLY C 249 51.85 8.90 -6.89
CA GLY C 249 52.22 9.81 -7.99
C GLY C 249 53.62 9.54 -8.54
N SER C 250 54.40 8.67 -7.88
CA SER C 250 55.68 8.14 -8.40
C SER C 250 55.41 7.29 -9.65
N PHE C 251 56.43 7.05 -10.47
CA PHE C 251 56.32 6.34 -11.77
C PHE C 251 56.64 4.86 -11.57
N THR C 252 55.93 4.01 -12.31
CA THR C 252 56.16 2.54 -12.35
C THR C 252 57.41 2.27 -13.21
N ASP C 253 57.97 1.08 -13.10
CA ASP C 253 59.14 0.66 -13.91
C ASP C 253 58.75 0.65 -15.39
N LEU C 254 57.48 0.37 -15.72
CA LEU C 254 56.99 0.36 -17.12
C LEU C 254 57.10 1.78 -17.69
N MET C 255 56.75 2.79 -16.87
CA MET C 255 56.82 4.23 -17.25
C MET C 255 58.28 4.62 -17.45
N TRP C 256 59.16 4.21 -16.54
CA TRP C 256 60.62 4.47 -16.64
C TRP C 256 61.14 3.97 -17.98
N LYS C 257 60.84 2.71 -18.32
CA LYS C 257 61.29 2.06 -19.57
C LYS C 257 60.73 2.82 -20.77
N TYR C 258 59.44 3.17 -20.73
CA TYR C 258 58.73 3.90 -21.81
C TYR C 258 59.48 5.20 -22.13
N MET C 259 59.88 5.95 -21.10
CA MET C 259 60.40 7.33 -21.25
C MET C 259 61.94 7.36 -21.26
N SER C 260 62.63 6.25 -21.05
CA SER C 260 64.11 6.23 -20.89
C SER C 260 64.82 5.34 -21.93
N ASP C 261 64.20 4.24 -22.37
CA ASP C 261 64.92 3.13 -23.07
C ASP C 261 64.53 3.10 -24.56
N GLN C 262 65.52 3.21 -25.44
CA GLN C 262 65.34 3.09 -26.93
C GLN C 262 66.59 2.43 -27.51
N PRO C 263 66.52 1.14 -27.94
CA PRO C 263 65.29 0.36 -27.94
C PRO C 263 64.76 0.06 -26.52
N MET C 264 63.48 -0.26 -26.40
CA MET C 264 62.85 -0.82 -25.17
C MET C 264 63.31 -2.27 -25.01
N HIS C 265 63.47 -2.71 -23.75
CA HIS C 265 63.83 -4.11 -23.38
C HIS C 265 62.97 -4.56 -22.20
N ILE C 266 62.77 -5.87 -22.05
CA ILE C 266 61.98 -6.48 -20.94
C ILE C 266 62.85 -6.53 -19.67
N HIS D 20 23.03 -0.67 56.66
CA HIS D 20 22.46 -1.55 55.55
C HIS D 20 22.57 -0.82 54.20
N MET D 21 22.94 -1.56 53.17
CA MET D 21 23.20 -1.02 51.81
C MET D 21 21.91 -0.37 51.30
N VAL D 22 21.92 0.95 51.07
CA VAL D 22 20.77 1.69 50.47
C VAL D 22 20.81 1.44 48.95
N LYS D 23 19.70 0.97 48.38
CA LYS D 23 19.61 0.54 46.97
C LYS D 23 18.48 1.30 46.27
N LYS D 24 18.78 2.45 45.69
CA LYS D 24 17.80 3.35 45.00
C LYS D 24 18.26 3.67 43.56
N ARG D 25 19.37 3.11 43.10
CA ARG D 25 20.03 3.56 41.84
C ARG D 25 19.48 2.77 40.66
N VAL D 26 19.00 3.48 39.63
CA VAL D 26 18.47 2.90 38.37
C VAL D 26 19.62 2.80 37.36
N LEU D 27 19.68 1.68 36.63
CA LEU D 27 20.57 1.49 35.45
C LEU D 27 19.79 1.88 34.20
N LEU D 28 20.03 3.10 33.70
CA LEU D 28 19.54 3.55 32.37
C LEU D 28 20.34 2.81 31.30
N TRP D 29 19.67 2.00 30.48
CA TRP D 29 20.29 1.10 29.49
C TRP D 29 19.78 1.44 28.09
N ASP D 30 20.42 2.43 27.43
CA ASP D 30 20.03 2.92 26.08
C ASP D 30 20.02 1.74 25.12
N TYR D 31 19.09 1.74 24.16
CA TYR D 31 18.87 0.63 23.20
C TYR D 31 20.12 0.40 22.34
N THR D 32 20.98 1.42 22.17
CA THR D 32 22.24 1.30 21.40
C THR D 32 23.14 0.27 22.09
N ASN D 33 23.10 0.18 23.42
CA ASN D 33 23.82 -0.87 24.20
C ASN D 33 23.30 -2.25 23.77
N THR D 34 21.97 -2.42 23.73
CA THR D 34 21.30 -3.69 23.32
C THR D 34 21.66 -3.99 21.86
N ARG D 35 21.73 -2.96 21.01
CA ARG D 35 21.99 -3.10 19.54
C ARG D 35 23.44 -3.53 19.29
N ASP D 36 24.40 -3.00 20.06
CA ASP D 36 25.85 -3.04 19.70
C ASP D 36 26.68 -3.82 20.73
N VAL D 37 26.38 -3.73 22.03
CA VAL D 37 27.27 -4.23 23.12
C VAL D 37 26.45 -4.88 24.25
N LYS D 38 25.57 -5.83 23.92
CA LYS D 38 24.83 -6.68 24.89
C LYS D 38 25.77 -7.07 26.04
N TRP D 39 26.94 -7.61 25.69
CA TRP D 39 27.96 -8.17 26.61
C TRP D 39 28.28 -7.22 27.77
N ALA D 40 28.11 -5.92 27.58
CA ALA D 40 28.41 -4.88 28.59
C ALA D 40 27.56 -5.11 29.85
N MET D 41 26.34 -5.62 29.70
CA MET D 41 25.39 -5.84 30.83
C MET D 41 25.98 -6.85 31.82
N ASP D 42 26.68 -7.88 31.32
CA ASP D 42 27.30 -8.95 32.15
C ASP D 42 28.46 -8.38 33.00
N LYS D 43 28.95 -7.18 32.68
CA LYS D 43 30.05 -6.53 33.44
C LYS D 43 29.50 -5.59 34.52
N ILE D 44 28.17 -5.42 34.58
CA ILE D 44 27.49 -4.62 35.65
C ILE D 44 27.76 -5.28 37.01
N ASN D 45 27.87 -4.48 38.06
CA ASN D 45 27.96 -4.92 39.48
C ASN D 45 26.54 -4.92 40.05
N PHE D 46 26.00 -6.11 40.34
CA PHE D 46 24.61 -6.34 40.81
C PHE D 46 24.56 -6.48 42.34
N LYS D 47 25.71 -6.49 43.00
CA LYS D 47 25.86 -6.69 44.48
C LYS D 47 25.94 -5.33 45.19
N GLY D 48 25.99 -4.23 44.44
CA GLY D 48 26.04 -2.85 44.97
C GLY D 48 24.66 -2.21 45.03
N PRO D 49 24.56 -0.86 45.02
CA PRO D 49 23.27 -0.17 45.18
C PRO D 49 22.38 -0.04 43.94
N LEU D 50 22.69 -0.68 42.82
CA LEU D 50 21.75 -0.80 41.67
C LEU D 50 20.53 -1.58 42.14
N HIS D 51 19.33 -1.13 41.78
CA HIS D 51 18.04 -1.62 42.35
C HIS D 51 17.00 -1.87 41.25
N SER D 52 17.14 -1.26 40.07
CA SER D 52 16.19 -1.39 38.92
C SER D 52 16.87 -0.94 37.62
N CYS D 53 16.14 -0.97 36.50
CA CYS D 53 16.65 -0.71 35.14
C CYS D 53 15.49 -0.20 34.26
N SER D 54 15.77 0.76 33.36
CA SER D 54 14.83 1.25 32.32
C SER D 54 15.61 1.55 31.04
N ASN D 55 14.94 1.59 29.88
CA ASN D 55 15.60 1.75 28.56
C ASN D 55 14.76 2.62 27.61
N TRP D 56 13.87 3.47 28.14
CA TRP D 56 13.03 4.42 27.36
C TRP D 56 12.11 3.68 26.38
N ASN D 57 11.93 2.37 26.54
CA ASN D 57 11.18 1.52 25.57
C ASN D 57 10.19 0.61 26.30
N THR D 58 9.22 0.08 25.54
CA THR D 58 8.18 -0.88 26.00
C THR D 58 8.78 -2.29 26.13
N TRP D 59 9.73 -2.63 25.25
CA TRP D 59 10.32 -4.00 25.15
C TRP D 59 11.42 -4.18 26.21
N TYR D 60 11.67 -5.44 26.58
CA TYR D 60 12.56 -5.87 27.68
C TYR D 60 13.97 -6.13 27.13
N PRO D 61 15.03 -5.63 27.80
CA PRO D 61 16.41 -5.95 27.42
C PRO D 61 16.85 -7.34 27.90
N ASP D 62 16.78 -8.33 27.00
CA ASP D 62 17.03 -9.78 27.29
C ASP D 62 18.33 -9.94 28.10
N GLU D 63 19.38 -9.20 27.75
CA GLU D 63 20.73 -9.33 28.35
C GLU D 63 20.68 -9.07 29.86
N LEU D 64 19.67 -8.32 30.34
CA LEU D 64 19.46 -8.04 31.79
C LEU D 64 19.27 -9.37 32.55
N LYS D 65 18.60 -10.34 31.93
CA LYS D 65 18.33 -11.71 32.48
C LYS D 65 17.67 -11.58 33.86
N HIS D 66 16.77 -10.60 34.00
CA HIS D 66 15.91 -10.37 35.20
C HIS D 66 16.74 -10.16 36.47
N ARG D 67 18.01 -9.74 36.36
CA ARG D 67 18.91 -9.54 37.54
C ARG D 67 18.50 -8.28 38.31
N LEU D 68 17.74 -7.38 37.68
CA LEU D 68 17.11 -6.20 38.33
C LEU D 68 15.69 -6.06 37.79
N PRO D 69 14.74 -5.52 38.58
CA PRO D 69 13.42 -5.17 38.06
C PRO D 69 13.56 -4.18 36.91
N PHE D 70 12.77 -4.36 35.85
CA PHE D 70 12.74 -3.48 34.65
C PHE D 70 11.47 -2.61 34.70
N ARG D 71 11.58 -1.32 34.43
CA ARG D 71 10.42 -0.41 34.26
C ARG D 71 10.23 -0.14 32.78
N PRO D 72 9.26 -0.79 32.11
CA PRO D 72 8.90 -0.41 30.74
C PRO D 72 8.47 1.05 30.70
N MET D 73 8.62 1.70 29.54
CA MET D 73 8.19 3.10 29.31
C MET D 73 7.24 3.16 28.12
N ILE D 74 6.16 3.92 28.26
CA ILE D 74 5.33 4.45 27.14
C ILE D 74 5.95 5.80 26.75
N HIS D 75 6.93 5.77 25.84
CA HIS D 75 7.83 6.92 25.55
C HIS D 75 7.05 8.06 24.91
N GLY D 76 6.24 7.76 23.89
CA GLY D 76 5.43 8.75 23.14
C GLY D 76 4.22 8.11 22.48
N LYS D 77 3.54 8.88 21.63
CA LYS D 77 2.27 8.49 20.96
C LYS D 77 2.50 7.27 20.07
N ASN D 78 3.73 7.07 19.58
CA ASN D 78 4.13 5.94 18.69
C ASN D 78 4.11 4.62 19.46
N ASN D 79 3.91 4.62 20.78
CA ASN D 79 4.02 3.43 21.66
C ASN D 79 2.64 3.02 22.22
N LEU D 80 1.55 3.54 21.65
CA LEU D 80 0.16 3.35 22.17
C LEU D 80 -0.59 2.25 21.41
N THR D 81 -0.03 1.76 20.29
CA THR D 81 -0.71 0.80 19.36
C THR D 81 0.22 -0.37 19.02
N GLY D 82 -0.33 -1.40 18.37
CA GLY D 82 0.43 -2.54 17.80
C GLY D 82 1.33 -3.22 18.84
N GLY D 83 2.43 -3.82 18.38
CA GLY D 83 3.37 -4.60 19.19
C GLY D 83 3.94 -3.80 20.35
N GLU D 84 4.07 -2.48 20.20
CA GLU D 84 4.55 -1.55 21.27
C GLU D 84 3.61 -1.66 22.47
N TRP D 85 2.30 -1.50 22.25
CA TRP D 85 1.28 -1.56 23.34
C TRP D 85 1.16 -3.00 23.89
N GLN D 86 1.34 -4.01 23.03
CA GLN D 86 1.26 -5.44 23.42
C GLN D 86 2.36 -5.75 24.45
N ASN D 87 3.55 -5.16 24.28
CA ASN D 87 4.70 -5.31 25.21
C ASN D 87 4.27 -4.80 26.59
N ILE D 88 3.51 -3.70 26.64
CA ILE D 88 3.04 -3.05 27.90
C ILE D 88 1.95 -3.93 28.54
N LEU D 89 1.01 -4.44 27.75
CA LEU D 89 -0.14 -5.25 28.24
C LEU D 89 0.36 -6.59 28.82
N LYS D 90 1.46 -7.14 28.30
CA LYS D 90 1.91 -8.53 28.58
C LYS D 90 3.00 -8.56 29.67
N THR D 91 3.56 -7.42 30.06
CA THR D 91 4.74 -7.35 30.98
C THR D 91 4.36 -7.89 32.36
N ASN D 92 5.30 -8.58 33.00
CA ASN D 92 5.20 -9.11 34.39
C ASN D 92 5.78 -8.09 35.38
N GLU D 93 6.37 -7.00 34.89
CA GLU D 93 7.09 -6.00 35.73
C GLU D 93 6.04 -5.09 36.39
N GLU D 94 6.38 -4.51 37.54
CA GLU D 94 5.41 -3.90 38.51
C GLU D 94 5.19 -2.40 38.21
N VAL D 95 6.19 -1.68 37.69
CA VAL D 95 6.18 -0.19 37.55
C VAL D 95 6.38 0.20 36.07
N ILE D 96 5.53 1.09 35.56
CA ILE D 96 5.52 1.53 34.13
C ILE D 96 5.59 3.06 34.08
N HIS D 97 6.51 3.61 33.29
CA HIS D 97 6.69 5.07 33.04
C HIS D 97 5.76 5.51 31.91
N PHE D 98 5.12 6.68 32.06
CA PHE D 98 4.38 7.37 30.99
C PHE D 98 5.37 8.23 30.19
N PHE D 99 4.88 9.23 29.45
CA PHE D 99 5.59 9.92 28.34
C PHE D 99 6.90 10.57 28.83
N ASN D 100 7.92 10.54 27.96
CA ASN D 100 9.24 11.19 28.16
C ASN D 100 9.19 12.61 27.60
N GLU D 101 9.39 13.61 28.46
CA GLU D 101 9.41 15.07 28.11
C GLU D 101 8.36 15.34 27.04
N PRO D 102 7.06 15.19 27.36
CA PRO D 102 5.98 15.36 26.38
C PRO D 102 5.86 16.79 25.89
N GLU D 103 6.27 17.76 26.72
CA GLU D 103 6.19 19.22 26.43
C GLU D 103 7.09 19.57 25.24
N ARG D 104 8.07 18.71 24.93
CA ARG D 104 9.05 18.90 23.81
C ARG D 104 8.75 17.96 22.65
N ALA D 105 7.64 17.22 22.67
CA ALA D 105 7.22 16.29 21.59
C ALA D 105 5.82 16.66 21.08
N GLY D 106 5.34 17.87 21.39
CA GLY D 106 4.04 18.41 20.94
C GLY D 106 2.86 17.61 21.48
N ILE D 107 2.98 17.08 22.71
CA ILE D 107 1.88 16.42 23.46
C ILE D 107 1.42 17.37 24.56
N SER D 108 0.20 17.92 24.45
CA SER D 108 -0.40 18.84 25.45
C SER D 108 -0.75 18.07 26.72
N PRO D 109 -0.84 18.73 27.89
CA PRO D 109 -1.38 18.10 29.10
C PRO D 109 -2.76 17.45 28.89
N GLU D 110 -3.64 18.12 28.13
CA GLU D 110 -5.04 17.68 27.88
C GLU D 110 -5.03 16.37 27.08
N GLU D 111 -4.15 16.26 26.09
CA GLU D 111 -4.03 15.08 25.19
C GLU D 111 -3.48 13.89 25.99
N ALA D 112 -2.53 14.13 26.91
CA ALA D 112 -1.87 13.10 27.75
C ALA D 112 -2.83 12.63 28.85
N ALA D 113 -3.67 13.54 29.37
CA ALA D 113 -4.72 13.24 30.37
C ALA D 113 -5.78 12.31 29.76
N LYS D 114 -6.15 12.56 28.50
CA LYS D 114 -7.15 11.74 27.76
C LYS D 114 -6.60 10.32 27.56
N ILE D 115 -5.34 10.20 27.12
CA ILE D 115 -4.68 8.88 26.85
C ILE D 115 -4.53 8.12 28.17
N TRP D 116 -4.20 8.81 29.25
CA TRP D 116 -4.09 8.25 30.63
C TRP D 116 -5.43 7.60 31.03
N ASN D 117 -6.53 8.36 30.97
CA ASN D 117 -7.89 7.89 31.36
C ASN D 117 -8.33 6.76 30.42
N ASP D 118 -8.17 6.92 29.11
CA ASP D 118 -8.78 6.03 28.07
C ASP D 118 -8.01 4.71 27.93
N GLN D 119 -6.75 4.63 28.34
CA GLN D 119 -5.85 3.54 27.90
C GLN D 119 -4.85 3.10 28.99
N VAL D 120 -4.18 4.04 29.68
CA VAL D 120 -3.03 3.72 30.59
C VAL D 120 -3.55 3.30 31.97
N LEU D 121 -4.59 3.96 32.48
CA LEU D 121 -5.15 3.77 33.85
C LEU D 121 -5.52 2.30 34.08
N ALA D 122 -6.03 1.63 33.03
CA ALA D 122 -6.41 0.20 33.03
C ALA D 122 -5.23 -0.67 33.49
N LEU D 123 -3.99 -0.23 33.24
CA LEU D 123 -2.78 -0.99 33.67
C LEU D 123 -2.75 -1.05 35.21
N ARG D 124 -3.42 -0.13 35.91
CA ARG D 124 -3.52 -0.14 37.39
C ARG D 124 -4.79 -0.88 37.82
N THR D 125 -5.97 -0.40 37.39
CA THR D 125 -7.29 -0.88 37.87
C THR D 125 -7.46 -2.37 37.53
N SER D 126 -6.87 -2.82 36.42
CA SER D 126 -7.11 -4.16 35.81
C SER D 126 -5.85 -5.06 35.91
N HIS D 127 -4.64 -4.52 35.71
CA HIS D 127 -3.37 -5.30 35.68
C HIS D 127 -2.52 -5.02 36.94
N HIS D 128 -2.96 -4.09 37.80
CA HIS D 128 -2.36 -3.81 39.15
C HIS D 128 -0.90 -3.42 39.03
N LYS D 129 -0.56 -2.67 37.98
CA LYS D 129 0.76 -2.02 37.80
C LYS D 129 0.72 -0.67 38.53
N ARG D 130 1.89 -0.18 38.96
CA ARG D 130 2.06 1.20 39.46
C ARG D 130 2.56 2.07 38.30
N LEU D 131 2.10 3.32 38.24
CA LEU D 131 2.29 4.22 37.08
C LEU D 131 3.10 5.46 37.51
N VAL D 132 4.17 5.77 36.77
CA VAL D 132 4.97 7.01 36.93
C VAL D 132 4.39 8.06 35.98
N SER D 133 4.19 9.28 36.47
CA SER D 133 3.77 10.46 35.66
C SER D 133 4.73 10.59 34.50
N PRO D 134 4.36 11.35 33.44
CA PRO D 134 5.35 11.75 32.43
C PRO D 134 6.49 12.47 33.14
N SER D 135 7.72 12.29 32.65
CA SER D 135 8.94 12.95 33.18
C SER D 135 9.29 14.13 32.26
N CYS D 136 9.03 15.35 32.73
CA CYS D 136 9.29 16.63 32.02
C CYS D 136 10.65 17.18 32.43
N ALA D 137 11.20 18.11 31.62
CA ALA D 137 12.47 18.83 31.90
C ALA D 137 12.29 19.77 33.10
N SER D 138 13.39 20.18 33.72
CA SER D 138 13.41 21.00 34.96
C SER D 138 13.41 22.50 34.61
N ASP D 139 12.71 22.90 33.55
CA ASP D 139 12.58 24.30 33.09
C ASP D 139 11.13 24.73 33.26
N PRO D 140 10.83 26.06 33.22
CA PRO D 140 9.47 26.56 33.41
C PRO D 140 8.41 25.87 32.54
N ALA D 141 8.75 25.51 31.30
CA ALA D 141 7.83 24.82 30.35
C ALA D 141 7.44 23.44 30.90
N GLY D 142 8.42 22.67 31.39
CA GLY D 142 8.23 21.34 31.98
C GLY D 142 7.48 21.41 33.30
N ILE D 143 7.88 22.32 34.19
CA ILE D 143 7.25 22.53 35.53
C ILE D 143 5.76 22.85 35.33
N ALA D 144 5.44 23.66 34.33
CA ALA D 144 4.06 24.12 34.01
C ALA D 144 3.25 22.97 33.40
N TRP D 145 3.89 22.15 32.54
CA TRP D 145 3.24 20.99 31.86
C TRP D 145 2.77 19.97 32.90
N ILE D 146 3.67 19.55 33.79
CA ILE D 146 3.39 18.52 34.83
C ILE D 146 2.40 19.11 35.85
N LYS D 147 2.48 20.40 36.16
CA LYS D 147 1.54 21.06 37.11
C LYS D 147 0.11 20.92 36.55
N LYS D 148 -0.08 21.16 35.24
CA LYS D 148 -1.41 21.15 34.59
C LYS D 148 -1.93 19.71 34.50
N TRP D 149 -1.08 18.77 34.07
CA TRP D 149 -1.44 17.35 33.86
C TRP D 149 -1.83 16.69 35.19
N MET D 150 -1.07 16.95 36.26
CA MET D 150 -1.33 16.41 37.62
C MET D 150 -2.69 16.92 38.12
N ASN D 151 -3.06 18.16 37.79
CA ASN D 151 -4.37 18.77 38.15
C ASN D 151 -5.49 18.09 37.34
N LEU D 152 -5.25 17.81 36.05
CA LEU D 152 -6.26 17.21 35.13
C LEU D 152 -6.61 15.77 35.56
N VAL D 153 -5.68 15.06 36.19
CA VAL D 153 -5.84 13.62 36.56
C VAL D 153 -5.78 13.45 38.08
N ALA D 154 -6.10 14.49 38.85
CA ALA D 154 -6.03 14.52 40.33
C ALA D 154 -6.92 13.44 40.94
N LYS D 155 -8.00 13.05 40.25
CA LYS D 155 -8.98 12.03 40.72
C LYS D 155 -8.42 10.62 40.46
N ASN D 156 -7.41 10.49 39.60
CA ASN D 156 -6.68 9.23 39.33
C ASN D 156 -5.20 9.51 39.24
N PRO D 157 -4.55 9.94 40.35
CA PRO D 157 -3.18 10.44 40.29
C PRO D 157 -2.20 9.30 40.02
N PRO D 158 -0.98 9.60 39.55
CA PRO D 158 0.05 8.57 39.38
C PRO D 158 0.61 8.12 40.74
N ASP D 159 1.22 6.94 40.77
CA ASP D 159 1.83 6.33 41.98
C ASP D 159 3.16 7.04 42.29
N TYR D 160 3.87 7.51 41.27
CA TYR D 160 5.15 8.26 41.41
C TYR D 160 5.15 9.48 40.50
N LEU D 161 5.80 10.56 40.96
CA LEU D 161 6.11 11.76 40.14
C LEU D 161 7.48 11.57 39.49
N GLY D 162 7.51 11.55 38.15
CA GLY D 162 8.74 11.43 37.35
C GLY D 162 9.35 12.79 37.08
N LEU D 163 10.66 12.94 37.37
CA LEU D 163 11.42 14.20 37.19
C LEU D 163 12.71 13.92 36.41
N HIS D 164 13.10 14.87 35.54
CA HIS D 164 14.46 15.01 34.98
C HIS D 164 15.13 16.22 35.63
N TRP D 165 16.46 16.21 35.74
CA TRP D 165 17.27 17.40 36.09
C TRP D 165 18.67 17.29 35.49
N TYR D 166 19.05 18.29 34.70
CA TYR D 166 20.43 18.48 34.19
C TYR D 166 20.90 19.90 34.56
N GLY D 167 22.16 20.02 34.96
CA GLY D 167 22.80 21.29 35.38
C GLY D 167 24.17 21.05 35.98
N THR D 168 24.78 22.09 36.54
CA THR D 168 26.19 22.07 37.03
C THR D 168 26.25 22.25 38.55
N LYS D 169 25.19 22.76 39.17
CA LYS D 169 25.16 23.11 40.62
C LYS D 169 24.25 22.12 41.35
N GLY D 170 24.85 21.24 42.15
CA GLY D 170 24.15 20.22 42.96
C GLY D 170 23.13 20.84 43.90
N ASP D 171 23.47 21.97 44.53
CA ASP D 171 22.58 22.68 45.47
C ASP D 171 21.28 23.08 44.76
N GLU D 172 21.34 23.32 43.44
CA GLU D 172 20.15 23.74 42.64
C GLU D 172 19.25 22.53 42.34
N MET D 173 19.83 21.34 42.14
CA MET D 173 19.05 20.08 41.92
C MET D 173 18.30 19.74 43.22
N ILE D 174 18.98 19.83 44.35
CA ILE D 174 18.40 19.59 45.71
C ILE D 174 17.20 20.53 45.90
N ARG D 175 17.38 21.83 45.61
CA ARG D 175 16.35 22.88 45.81
C ARG D 175 15.16 22.60 44.88
N TYR D 176 15.41 22.03 43.70
CA TYR D 176 14.38 21.69 42.68
C TYR D 176 13.55 20.50 43.16
N LEU D 177 14.21 19.43 43.64
CA LEU D 177 13.53 18.21 44.16
C LEU D 177 12.67 18.61 45.37
N GLU D 178 13.24 19.35 46.32
CA GLU D 178 12.53 19.86 47.53
C GLU D 178 11.34 20.72 47.08
N SER D 179 11.52 21.53 46.04
CA SER D 179 10.48 22.43 45.48
C SER D 179 9.34 21.61 44.87
N MET D 180 9.66 20.59 44.08
CA MET D 180 8.65 19.73 43.39
C MET D 180 7.95 18.82 44.41
N HIS D 181 8.64 18.42 45.48
CA HIS D 181 8.08 17.58 46.59
C HIS D 181 7.04 18.38 47.38
N LYS D 182 7.25 19.69 47.55
CA LYS D 182 6.30 20.61 48.25
C LYS D 182 5.08 20.85 47.36
N GLU D 183 5.29 21.05 46.06
CA GLU D 183 4.23 21.35 45.05
C GLU D 183 3.36 20.11 44.82
N HIS D 184 3.94 18.91 44.90
CA HIS D 184 3.28 17.61 44.63
C HIS D 184 3.60 16.62 45.74
N PRO D 185 3.04 16.82 46.97
CA PRO D 185 3.45 16.04 48.14
C PRO D 185 2.78 14.67 48.33
N HIS D 186 1.89 14.27 47.42
CA HIS D 186 0.95 13.13 47.61
C HIS D 186 1.60 11.80 47.22
N GLN D 187 2.72 11.79 46.49
CA GLN D 187 3.40 10.54 46.05
C GLN D 187 4.91 10.72 46.12
N PRO D 188 5.69 9.62 46.17
CA PRO D 188 7.15 9.70 46.11
C PRO D 188 7.63 10.14 44.73
N ILE D 189 8.89 10.56 44.63
CA ILE D 189 9.52 11.05 43.37
C ILE D 189 10.47 9.98 42.83
N ILE D 190 10.41 9.74 41.52
CA ILE D 190 11.45 8.99 40.75
C ILE D 190 12.16 10.02 39.84
N VAL D 191 13.48 10.17 40.01
CA VAL D 191 14.33 10.97 39.09
C VAL D 191 14.74 10.05 37.92
N SER D 192 13.93 10.04 36.85
CA SER D 192 14.03 9.07 35.73
C SER D 192 15.27 9.35 34.87
N GLU D 193 15.78 10.59 34.90
CA GLU D 193 17.06 11.01 34.27
C GLU D 193 17.66 12.16 35.08
N TRP D 194 18.96 12.11 35.36
CA TRP D 194 19.73 13.26 35.88
C TRP D 194 21.22 13.07 35.57
N ALA D 195 21.98 14.17 35.52
CA ALA D 195 23.43 14.20 35.28
C ALA D 195 23.96 15.63 35.49
N SER D 196 25.24 15.76 35.84
CA SER D 196 26.02 17.01 35.73
C SER D 196 26.27 17.27 34.24
N THR D 197 26.10 18.51 33.79
CA THR D 197 26.42 18.99 32.42
C THR D 197 27.76 19.72 32.41
N SER D 198 28.43 19.84 33.57
CA SER D 198 29.76 20.49 33.69
C SER D 198 30.76 19.79 32.77
N ARG D 199 31.65 20.56 32.14
CA ARG D 199 32.75 20.04 31.27
C ARG D 199 34.01 19.84 32.13
N SER D 200 33.94 20.18 33.42
CA SER D 200 35.00 19.96 34.43
C SER D 200 34.70 18.67 35.20
N TYR D 201 35.56 17.65 35.08
CA TYR D 201 35.29 16.30 35.67
C TYR D 201 35.15 16.40 37.18
N PRO D 202 36.03 17.13 37.91
CA PRO D 202 35.87 17.30 39.36
C PRO D 202 34.48 17.84 39.76
N ASP D 203 33.87 18.68 38.93
CA ASP D 203 32.53 19.28 39.16
C ASP D 203 31.44 18.26 38.83
N VAL D 204 31.69 17.36 37.88
CA VAL D 204 30.77 16.22 37.53
C VAL D 204 30.75 15.23 38.70
N LEU D 205 31.93 14.74 39.08
CA LEU D 205 32.12 13.78 40.21
C LEU D 205 31.54 14.38 41.49
N GLY D 206 31.82 15.65 41.76
CA GLY D 206 31.37 16.36 42.99
C GLY D 206 29.86 16.41 43.11
N LEU D 207 29.16 16.74 42.01
CA LEU D 207 27.67 16.83 41.97
C LEU D 207 27.07 15.43 42.10
N THR D 208 27.55 14.48 41.28
CA THR D 208 27.05 13.08 41.25
C THR D 208 27.12 12.51 42.67
N VAL D 209 28.29 12.57 43.31
CA VAL D 209 28.55 12.09 44.71
C VAL D 209 27.59 12.79 45.67
N GLN D 210 27.47 14.12 45.61
CA GLN D 210 26.61 14.91 46.52
C GLN D 210 25.16 14.44 46.43
N LEU D 211 24.63 14.32 45.21
CA LEU D 211 23.17 14.08 44.97
C LEU D 211 22.82 12.61 45.23
N ALA D 212 23.69 11.68 44.85
CA ALA D 212 23.56 10.23 45.15
C ALA D 212 23.38 10.07 46.66
N ASN D 213 24.31 10.60 47.46
CA ASN D 213 24.32 10.47 48.94
C ASN D 213 23.10 11.20 49.53
N TRP D 214 22.74 12.38 49.01
CA TRP D 214 21.59 13.18 49.51
C TRP D 214 20.28 12.44 49.25
N MET D 215 20.10 11.92 48.02
CA MET D 215 18.86 11.21 47.60
C MET D 215 18.75 9.87 48.33
N ASP D 216 19.89 9.19 48.56
CA ASP D 216 19.97 7.91 49.31
C ASP D 216 19.34 8.07 50.70
N SER D 217 19.55 9.20 51.38
CA SER D 217 19.07 9.45 52.77
C SER D 217 17.79 10.29 52.78
N THR D 218 17.14 10.49 51.62
CA THR D 218 15.85 11.23 51.48
C THR D 218 14.74 10.23 51.19
N PRO D 219 13.86 9.90 52.18
CA PRO D 219 12.85 8.85 52.01
C PRO D 219 11.93 9.02 50.80
N TRP D 220 11.51 10.25 50.48
CA TRP D 220 10.47 10.52 49.45
C TRP D 220 11.05 10.47 48.03
N VAL D 221 12.35 10.20 47.87
CA VAL D 221 12.97 9.83 46.56
C VAL D 221 13.01 8.30 46.49
N ALA D 222 12.12 7.70 45.69
CA ALA D 222 11.98 6.24 45.53
C ALA D 222 13.24 5.67 44.86
N GLU D 223 13.60 6.23 43.70
CA GLU D 223 14.84 5.85 42.97
C GLU D 223 15.31 7.02 42.09
N TYR D 224 16.55 6.96 41.60
CA TYR D 224 17.18 7.99 40.74
C TYR D 224 18.06 7.31 39.69
N ALA D 225 18.14 7.90 38.49
CA ALA D 225 18.70 7.28 37.27
C ALA D 225 19.75 8.19 36.63
N LEU D 226 21.04 7.91 36.84
CA LEU D 226 22.17 8.73 36.31
C LEU D 226 22.33 8.45 34.81
N PHE D 227 22.30 9.50 33.99
CA PHE D 227 22.37 9.42 32.50
C PHE D 227 23.83 9.34 32.06
N GLY D 228 24.08 8.62 30.96
CA GLY D 228 25.35 8.67 30.20
C GLY D 228 25.96 7.31 29.87
N CYS D 229 25.29 6.19 30.21
CA CYS D 229 25.82 4.83 29.93
C CYS D 229 25.46 4.42 28.50
N MET D 230 26.22 4.95 27.54
CA MET D 230 26.10 4.70 26.08
C MET D 230 27.43 5.09 25.42
N ARG D 231 27.72 4.54 24.23
CA ARG D 231 29.06 4.68 23.57
C ARG D 231 29.25 6.09 22.99
N GLN D 232 28.26 6.60 22.25
CA GLN D 232 28.27 7.95 21.63
C GLN D 232 27.66 8.95 22.61
N MET D 233 27.98 10.23 22.46
CA MET D 233 27.23 11.34 23.13
C MET D 233 25.82 11.35 22.54
N ALA D 234 24.79 11.49 23.39
CA ALA D 234 23.38 11.55 22.98
C ALA D 234 23.16 12.79 22.09
N ASP D 235 23.82 13.90 22.44
CA ASP D 235 23.62 15.25 21.86
C ASP D 235 24.77 16.16 22.31
N ASP D 236 24.68 17.46 22.02
CA ASP D 236 25.69 18.48 22.36
C ASP D 236 25.46 19.03 23.77
N PHE D 237 24.30 18.76 24.37
CA PHE D 237 23.89 19.33 25.67
C PHE D 237 24.63 18.63 26.83
N VAL D 238 24.67 17.30 26.81
CA VAL D 238 25.29 16.47 27.89
C VAL D 238 26.82 16.57 27.80
N SER D 239 27.50 16.39 28.92
CA SER D 239 28.98 16.51 29.08
C SER D 239 29.66 15.21 28.74
N PRO D 240 30.70 15.22 27.87
CA PRO D 240 31.57 14.05 27.69
C PRO D 240 32.23 13.55 28.98
N GLU D 241 32.42 14.42 29.98
CA GLU D 241 33.08 14.10 31.27
C GLU D 241 32.12 13.30 32.17
N ALA D 242 30.82 13.34 31.88
CA ALA D 242 29.75 12.67 32.64
C ALA D 242 29.40 11.30 32.01
N GLN D 243 30.06 10.91 30.93
CA GLN D 243 29.83 9.58 30.27
C GLN D 243 30.13 8.47 31.27
N LEU D 244 29.28 7.44 31.27
CA LEU D 244 29.37 6.24 32.15
C LEU D 244 29.95 5.07 31.36
N MET D 245 29.97 5.19 30.03
CA MET D 245 30.55 4.18 29.09
C MET D 245 31.56 4.87 28.17
N ASN D 246 32.71 4.22 27.93
CA ASN D 246 33.72 4.64 26.92
C ASN D 246 33.24 4.21 25.53
N LYS D 247 33.93 4.65 24.47
CA LYS D 247 33.54 4.38 23.06
C LYS D 247 33.65 2.88 22.75
N ASP D 248 34.48 2.13 23.49
CA ASP D 248 34.70 0.67 23.28
C ASP D 248 33.64 -0.16 24.04
N GLY D 249 32.85 0.47 24.91
CA GLY D 249 31.75 -0.19 25.65
C GLY D 249 32.13 -0.54 27.08
N SER D 250 33.40 -0.39 27.45
CA SER D 250 33.88 -0.49 28.86
C SER D 250 33.28 0.67 29.67
N PHE D 251 33.28 0.54 31.00
CA PHE D 251 32.65 1.52 31.94
C PHE D 251 33.71 2.52 32.43
N THR D 252 33.29 3.77 32.61
CA THR D 252 34.12 4.86 33.18
C THR D 252 34.19 4.65 34.70
N ASP D 253 35.14 5.32 35.35
CA ASP D 253 35.30 5.29 36.82
C ASP D 253 34.04 5.87 37.48
N LEU D 254 33.38 6.83 36.83
CA LEU D 254 32.14 7.45 37.36
C LEU D 254 31.04 6.38 37.43
N MET D 255 30.96 5.53 36.41
CA MET D 255 29.98 4.42 36.33
C MET D 255 30.29 3.40 37.43
N TRP D 256 31.57 3.05 37.59
CA TRP D 256 32.02 2.11 38.66
C TRP D 256 31.53 2.61 40.01
N LYS D 257 31.81 3.88 40.33
CA LYS D 257 31.44 4.50 41.63
C LYS D 257 29.92 4.47 41.78
N TYR D 258 29.18 4.85 40.73
CA TYR D 258 27.69 4.89 40.72
C TYR D 258 27.13 3.52 41.12
N MET D 259 27.69 2.43 40.57
CA MET D 259 27.10 1.07 40.69
C MET D 259 27.76 0.26 41.81
N SER D 260 28.81 0.77 42.48
CA SER D 260 29.62 -0.01 43.46
C SER D 260 29.65 0.62 44.85
N ASP D 261 29.61 1.96 44.97
CA ASP D 261 29.99 2.68 46.21
C ASP D 261 28.75 3.29 46.89
N GLN D 262 28.50 2.92 48.14
CA GLN D 262 27.42 3.48 48.99
C GLN D 262 27.91 3.54 50.44
N PRO D 263 28.22 4.73 51.00
CA PRO D 263 28.05 6.01 50.30
C PRO D 263 28.99 6.15 49.09
N MET D 264 28.65 7.07 48.16
CA MET D 264 29.55 7.52 47.07
C MET D 264 30.62 8.43 47.68
N HIS D 265 31.83 8.39 47.11
CA HIS D 265 32.98 9.25 47.50
C HIS D 265 33.68 9.76 46.24
N ILE D 266 34.37 10.90 46.34
CA ILE D 266 35.14 11.51 45.22
C ILE D 266 36.48 10.78 45.07
N SER E 19 -8.34 -10.64 24.09
CA SER E 19 -7.59 -11.76 23.42
C SER E 19 -6.11 -11.77 23.86
N HIS E 20 -5.83 -11.50 25.15
CA HIS E 20 -4.47 -11.48 25.77
C HIS E 20 -4.40 -12.42 26.97
N MET E 21 -3.26 -13.11 27.11
CA MET E 21 -3.03 -14.11 28.18
C MET E 21 -3.17 -13.41 29.53
N VAL E 22 -4.16 -13.80 30.33
CA VAL E 22 -4.33 -13.28 31.72
C VAL E 22 -3.33 -14.01 32.63
N LYS E 23 -2.51 -13.27 33.37
CA LYS E 23 -1.39 -13.81 34.18
C LYS E 23 -1.53 -13.34 35.63
N LYS E 24 -2.24 -14.12 36.45
CA LYS E 24 -2.52 -13.83 37.89
C LYS E 24 -2.10 -15.00 38.79
N ARG E 25 -1.52 -16.07 38.25
CA ARG E 25 -1.32 -17.33 39.00
C ARG E 25 0.04 -17.30 39.71
N VAL E 26 0.04 -17.54 41.02
CA VAL E 26 1.26 -17.61 41.88
C VAL E 26 1.73 -19.07 41.94
N LEU E 27 3.04 -19.27 41.84
CA LEU E 27 3.72 -20.57 42.10
C LEU E 27 4.13 -20.61 43.57
N LEU E 28 3.33 -21.29 44.41
CA LEU E 28 3.72 -21.63 45.80
C LEU E 28 4.81 -22.69 45.76
N TRP E 29 6.00 -22.38 46.27
CA TRP E 29 7.21 -23.24 46.18
C TRP E 29 7.71 -23.57 47.58
N ASP E 30 7.16 -24.61 48.20
CA ASP E 30 7.50 -25.06 49.57
C ASP E 30 9.01 -25.31 49.65
N TYR E 31 9.62 -25.01 50.79
CA TYR E 31 11.09 -25.08 51.01
C TYR E 31 11.58 -26.53 50.84
N THR E 32 10.71 -27.52 51.01
CA THR E 32 11.07 -28.96 50.83
C THR E 32 11.48 -29.18 49.36
N ASN E 33 10.86 -28.45 48.43
CA ASN E 33 11.24 -28.47 46.99
C ASN E 33 12.68 -27.98 46.85
N THR E 34 13.01 -26.85 47.49
CA THR E 34 14.37 -26.24 47.49
C THR E 34 15.36 -27.22 48.14
N ARG E 35 14.93 -27.89 49.22
CA ARG E 35 15.79 -28.82 50.02
C ARG E 35 16.11 -30.09 49.21
N ASP E 36 15.14 -30.62 48.46
CA ASP E 36 15.19 -32.01 47.92
C ASP E 36 15.22 -32.05 46.39
N VAL E 37 14.48 -31.17 45.70
CA VAL E 37 14.21 -31.27 44.23
C VAL E 37 14.26 -29.91 43.55
N LYS E 38 15.34 -29.14 43.75
CA LYS E 38 15.64 -27.87 43.03
C LYS E 38 15.25 -28.02 41.56
N TRP E 39 15.75 -29.08 40.92
CA TRP E 39 15.62 -29.38 39.47
C TRP E 39 14.18 -29.25 38.99
N ALA E 40 13.19 -29.45 39.87
CA ALA E 40 11.75 -29.39 39.53
C ALA E 40 11.38 -28.01 38.99
N MET E 41 12.04 -26.95 39.47
CA MET E 41 11.75 -25.54 39.08
C MET E 41 12.03 -25.36 37.58
N ASP E 42 13.06 -26.00 37.04
CA ASP E 42 13.45 -25.90 35.60
C ASP E 42 12.38 -26.56 34.71
N LYS E 43 11.49 -27.37 35.28
CA LYS E 43 10.41 -28.06 34.51
C LYS E 43 9.12 -27.22 34.53
N ILE E 44 9.10 -26.10 35.27
CA ILE E 44 7.95 -25.14 35.29
C ILE E 44 7.77 -24.57 33.87
N ASN E 45 6.52 -24.29 33.50
CA ASN E 45 6.13 -23.56 32.25
C ASN E 45 6.01 -22.07 32.60
N PHE E 46 6.92 -21.24 32.08
CA PHE E 46 7.04 -19.79 32.37
C PHE E 46 6.38 -18.96 31.26
N LYS E 47 5.88 -19.61 30.20
CA LYS E 47 5.26 -18.96 29.01
C LYS E 47 3.73 -18.93 29.16
N GLY E 48 3.20 -19.55 30.22
CA GLY E 48 1.76 -19.60 30.51
C GLY E 48 1.34 -18.52 31.51
N PRO E 49 0.22 -18.70 32.24
CA PRO E 49 -0.30 -17.67 33.14
C PRO E 49 0.34 -17.55 34.54
N LEU E 50 1.43 -18.27 34.83
CA LEU E 50 2.25 -18.02 36.04
C LEU E 50 2.80 -16.60 35.97
N HIS E 51 2.75 -15.85 37.08
CA HIS E 51 3.02 -14.39 37.10
C HIS E 51 3.94 -14.01 38.28
N SER E 52 4.02 -14.84 39.33
CA SER E 52 4.85 -14.59 40.53
C SER E 52 5.06 -15.89 41.30
N CYS E 53 5.77 -15.83 42.44
CA CYS E 53 6.21 -16.99 43.24
C CYS E 53 6.37 -16.56 44.71
N SER E 54 6.00 -17.41 45.66
CA SER E 54 6.25 -17.23 47.12
C SER E 54 6.56 -18.59 47.74
N ASN E 55 7.21 -18.61 48.92
CA ASN E 55 7.69 -19.85 49.57
C ASN E 55 7.56 -19.78 51.10
N TRP E 56 6.66 -18.92 51.61
CA TRP E 56 6.37 -18.79 53.07
C TRP E 56 7.62 -18.36 53.85
N ASN E 57 8.67 -17.87 53.17
CA ASN E 57 9.98 -17.57 53.80
C ASN E 57 10.48 -16.20 53.34
N THR E 58 11.45 -15.65 54.10
CA THR E 58 12.15 -14.37 53.84
C THR E 58 13.19 -14.55 52.72
N TRP E 59 13.83 -15.72 52.67
CA TRP E 59 14.96 -16.01 51.76
C TRP E 59 14.44 -16.38 50.37
N TYR E 60 15.28 -16.17 49.35
CA TYR E 60 14.96 -16.30 47.91
C TYR E 60 15.30 -17.71 47.43
N PRO E 61 14.40 -18.38 46.66
CA PRO E 61 14.72 -19.67 46.05
C PRO E 61 15.58 -19.53 44.79
N ASP E 62 16.89 -19.72 44.94
CA ASP E 62 17.92 -19.51 43.88
C ASP E 62 17.49 -20.16 42.57
N GLU E 63 16.93 -21.38 42.63
CA GLU E 63 16.56 -22.19 41.44
C GLU E 63 15.54 -21.44 40.56
N LEU E 64 14.78 -20.50 41.13
CA LEU E 64 13.81 -19.64 40.39
C LEU E 64 14.55 -18.85 39.29
N LYS E 65 15.77 -18.40 39.59
CA LYS E 65 16.67 -17.64 38.67
C LYS E 65 15.92 -16.42 38.12
N HIS E 66 15.12 -15.77 38.97
CA HIS E 66 14.40 -14.49 38.73
C HIS E 66 13.46 -14.59 37.52
N ARG E 67 13.02 -15.80 37.14
CA ARG E 67 12.13 -16.01 35.96
C ARG E 67 10.69 -15.54 36.28
N LEU E 68 10.36 -15.38 37.56
CA LEU E 68 9.11 -14.74 38.04
C LEU E 68 9.45 -13.85 39.22
N PRO E 69 8.69 -12.74 39.44
CA PRO E 69 8.83 -11.96 40.66
C PRO E 69 8.59 -12.84 41.88
N PHE E 70 9.39 -12.67 42.94
CA PHE E 70 9.28 -13.40 44.21
C PHE E 70 8.67 -12.47 45.28
N ARG E 71 7.72 -12.96 46.06
CA ARG E 71 7.18 -12.23 47.23
C ARG E 71 7.75 -12.86 48.49
N PRO E 72 8.76 -12.24 49.14
CA PRO E 72 9.21 -12.70 50.44
C PRO E 72 8.04 -12.61 51.45
N MET E 73 8.08 -13.44 52.49
CA MET E 73 7.06 -13.46 53.55
C MET E 73 7.73 -13.27 54.90
N ILE E 74 7.13 -12.43 55.74
CA ILE E 74 7.36 -12.38 57.22
C ILE E 74 6.36 -13.35 57.84
N HIS E 75 6.73 -14.63 57.94
CA HIS E 75 5.81 -15.77 58.25
C HIS E 75 5.29 -15.65 59.68
N GLY E 76 6.17 -15.40 60.65
CA GLY E 76 5.83 -15.29 62.09
C GLY E 76 6.85 -14.47 62.85
N LYS E 77 6.73 -14.45 64.19
CA LYS E 77 7.58 -13.66 65.12
C LYS E 77 9.06 -14.06 64.98
N ASN E 78 9.32 -15.30 64.57
CA ASN E 78 10.69 -15.86 64.41
C ASN E 78 11.42 -15.21 63.22
N ASN E 79 10.73 -14.39 62.42
CA ASN E 79 11.26 -13.81 61.15
C ASN E 79 11.47 -12.29 61.28
N LEU E 80 11.46 -11.74 62.49
CA LEU E 80 11.51 -10.28 62.76
C LEU E 80 12.93 -9.82 63.13
N THR E 81 13.86 -10.74 63.37
CA THR E 81 15.23 -10.45 63.88
C THR E 81 16.28 -11.21 63.06
N GLY E 82 17.56 -10.91 63.27
CA GLY E 82 18.72 -11.62 62.71
C GLY E 82 18.65 -11.73 61.19
N GLY E 83 19.26 -12.79 60.63
CA GLY E 83 19.40 -13.03 59.19
C GLY E 83 18.05 -13.06 58.48
N GLU E 84 16.99 -13.49 59.18
CA GLU E 84 15.60 -13.52 58.65
C GLU E 84 15.19 -12.10 58.25
N TRP E 85 15.32 -11.13 59.17
CA TRP E 85 14.93 -9.72 58.92
C TRP E 85 15.88 -9.07 57.90
N GLN E 86 17.15 -9.47 57.88
CA GLN E 86 18.18 -8.94 56.94
C GLN E 86 17.76 -9.29 55.50
N ASN E 87 17.23 -10.49 55.28
CA ASN E 87 16.71 -10.96 53.97
C ASN E 87 15.61 -10.01 53.49
N ILE E 88 14.75 -9.55 54.41
CA ILE E 88 13.60 -8.64 54.11
C ILE E 88 14.13 -7.24 53.80
N LEU E 89 15.11 -6.74 54.58
CA LEU E 89 15.66 -5.37 54.43
C LEU E 89 16.42 -5.24 53.10
N LYS E 90 17.04 -6.31 52.61
CA LYS E 90 18.01 -6.28 51.48
C LYS E 90 17.34 -6.66 50.15
N THR E 91 16.10 -7.17 50.16
CA THR E 91 15.41 -7.71 48.95
C THR E 91 15.19 -6.60 47.92
N ASN E 92 15.32 -6.95 46.64
CA ASN E 92 15.03 -6.07 45.47
C ASN E 92 13.59 -6.26 45.00
N GLU E 93 12.86 -7.22 45.58
CA GLU E 93 11.50 -7.61 45.13
C GLU E 93 10.50 -6.57 45.68
N GLU E 94 9.37 -6.39 44.98
CA GLU E 94 8.45 -5.23 45.11
C GLU E 94 7.35 -5.48 46.18
N VAL E 95 6.91 -6.72 46.38
CA VAL E 95 5.74 -7.07 47.24
C VAL E 95 6.16 -8.03 48.35
N ILE E 96 5.78 -7.72 49.60
CA ILE E 96 6.15 -8.50 50.82
C ILE E 96 4.87 -8.88 51.58
N HIS E 97 4.72 -10.16 51.92
CA HIS E 97 3.60 -10.72 52.73
C HIS E 97 3.93 -10.57 54.22
N PHE E 98 2.93 -10.19 55.02
CA PHE E 98 3.00 -10.22 56.51
C PHE E 98 2.58 -11.64 56.97
N PHE E 99 2.17 -11.76 58.24
CA PHE E 99 2.09 -13.05 58.99
C PHE E 99 1.14 -14.04 58.30
N ASN E 100 1.50 -15.33 58.36
CA ASN E 100 0.68 -16.47 57.86
C ASN E 100 -0.21 -16.97 59.00
N GLU E 101 -1.53 -16.91 58.81
CA GLU E 101 -2.58 -17.37 59.78
C GLU E 101 -2.11 -17.07 61.20
N PRO E 102 -2.00 -15.77 61.57
CA PRO E 102 -1.51 -15.38 62.90
C PRO E 102 -2.47 -15.80 64.02
N GLU E 103 -3.76 -15.91 63.71
CA GLU E 103 -4.84 -16.27 64.69
C GLU E 103 -4.61 -17.69 65.21
N ARG E 104 -3.83 -18.50 64.50
CA ARG E 104 -3.52 -19.92 64.87
C ARG E 104 -2.07 -20.06 65.36
N ALA E 105 -1.34 -18.97 65.55
CA ALA E 105 0.05 -18.97 66.06
C ALA E 105 0.16 -18.12 67.34
N GLY E 106 -0.98 -17.79 67.96
CA GLY E 106 -1.03 -17.00 69.22
C GLY E 106 -0.50 -15.59 69.05
N ILE E 107 -0.72 -14.98 67.87
CA ILE E 107 -0.42 -13.56 67.57
C ILE E 107 -1.74 -12.80 67.53
N SER E 108 -2.00 -11.92 68.51
CA SER E 108 -3.24 -11.09 68.59
C SER E 108 -3.21 -10.02 67.50
N PRO E 109 -4.37 -9.50 67.08
CA PRO E 109 -4.41 -8.32 66.20
C PRO E 109 -3.58 -7.13 66.72
N GLU E 110 -3.64 -6.88 68.04
CA GLU E 110 -2.97 -5.74 68.71
C GLU E 110 -1.45 -5.89 68.60
N GLU E 111 -0.94 -7.12 68.77
CA GLU E 111 0.51 -7.45 68.74
C GLU E 111 1.03 -7.28 67.30
N ALA E 112 0.23 -7.69 66.31
CA ALA E 112 0.57 -7.63 64.86
C ALA E 112 0.51 -6.19 64.35
N ALA E 113 -0.42 -5.38 64.88
CA ALA E 113 -0.57 -3.94 64.58
C ALA E 113 0.66 -3.17 65.10
N LYS E 114 1.16 -3.53 66.29
CA LYS E 114 2.35 -2.91 66.90
C LYS E 114 3.59 -3.20 66.03
N ILE E 115 3.78 -4.46 65.62
CA ILE E 115 4.95 -4.92 64.80
C ILE E 115 4.89 -4.24 63.42
N TRP E 116 3.69 -4.11 62.85
CA TRP E 116 3.43 -3.41 61.57
C TRP E 116 3.93 -1.96 61.66
N ASN E 117 3.45 -1.20 62.65
CA ASN E 117 3.80 0.23 62.84
C ASN E 117 5.30 0.37 63.14
N ASP E 118 5.83 -0.45 64.05
CA ASP E 118 7.19 -0.29 64.63
C ASP E 118 8.29 -0.75 63.65
N GLN E 119 7.99 -1.61 62.68
CA GLN E 119 9.04 -2.40 61.97
C GLN E 119 8.71 -2.62 60.49
N VAL E 120 7.49 -3.02 60.14
CA VAL E 120 7.13 -3.48 58.76
C VAL E 120 6.82 -2.28 57.86
N LEU E 121 6.11 -1.27 58.38
CA LEU E 121 5.60 -0.09 57.62
C LEU E 121 6.77 0.63 56.92
N ALA E 122 7.94 0.68 57.58
CA ALA E 122 9.19 1.28 57.07
C ALA E 122 9.54 0.67 55.70
N LEU E 123 9.17 -0.59 55.44
CA LEU E 123 9.44 -1.24 54.13
C LEU E 123 8.69 -0.51 53.02
N ARG E 124 7.62 0.22 53.34
CA ARG E 124 6.88 1.05 52.37
C ARG E 124 7.40 2.49 52.36
N THR E 125 7.36 3.17 53.52
CA THR E 125 7.65 4.63 53.63
C THR E 125 9.11 4.89 53.21
N SER E 126 10.01 3.93 53.44
CA SER E 126 11.49 4.09 53.33
C SER E 126 12.06 3.25 52.16
N HIS E 127 11.56 2.03 51.94
CA HIS E 127 12.10 1.09 50.92
C HIS E 127 11.11 0.94 49.74
N HIS E 128 9.93 1.56 49.82
CA HIS E 128 8.91 1.67 48.73
C HIS E 128 8.48 0.29 48.23
N LYS E 129 8.36 -0.67 49.16
CA LYS E 129 7.74 -1.99 48.92
C LYS E 129 6.23 -1.86 49.11
N ARG E 130 5.46 -2.73 48.45
CA ARG E 130 4.00 -2.88 48.71
C ARG E 130 3.83 -4.05 49.71
N LEU E 131 2.86 -3.92 50.61
CA LEU E 131 2.69 -4.83 51.77
C LEU E 131 1.33 -5.54 51.68
N VAL E 132 1.34 -6.88 51.80
CA VAL E 132 0.11 -7.72 51.90
C VAL E 132 -0.21 -7.89 53.39
N SER E 133 -1.49 -7.71 53.76
CA SER E 133 -2.00 -7.98 55.13
C SER E 133 -1.61 -9.40 55.53
N PRO E 134 -1.64 -9.75 56.82
CA PRO E 134 -1.57 -11.16 57.22
C PRO E 134 -2.69 -11.91 56.50
N SER E 135 -2.43 -13.16 56.11
CA SER E 135 -3.40 -14.07 55.44
C SER E 135 -3.96 -15.04 56.49
N CYS E 136 -5.20 -14.81 56.92
CA CYS E 136 -5.93 -15.64 57.92
C CYS E 136 -6.78 -16.69 57.20
N ALA E 137 -7.21 -17.73 57.93
CA ALA E 137 -8.10 -18.80 57.44
C ALA E 137 -9.50 -18.23 57.18
N SER E 138 -10.30 -18.93 56.38
CA SER E 138 -11.66 -18.50 55.93
C SER E 138 -12.73 -18.98 56.93
N ASP E 139 -12.41 -18.98 58.23
CA ASP E 139 -13.35 -19.37 59.32
C ASP E 139 -13.64 -18.14 60.17
N PRO E 140 -14.70 -18.16 61.01
CA PRO E 140 -15.06 -17.00 61.83
C PRO E 140 -13.91 -16.39 62.64
N ALA E 141 -13.00 -17.23 63.15
CA ALA E 141 -11.81 -16.80 63.93
C ALA E 141 -10.89 -15.93 63.06
N GLY E 142 -10.60 -16.37 61.84
CA GLY E 142 -9.77 -15.66 60.85
C GLY E 142 -10.43 -14.38 60.35
N ILE E 143 -11.71 -14.46 59.98
CA ILE E 143 -12.51 -13.30 59.49
C ILE E 143 -12.51 -12.20 60.55
N ALA E 144 -12.64 -12.58 61.83
CA ALA E 144 -12.69 -11.65 62.99
C ALA E 144 -11.31 -11.05 63.25
N TRP E 145 -10.25 -11.85 63.11
CA TRP E 145 -8.84 -11.42 63.34
C TRP E 145 -8.48 -10.31 62.35
N ILE E 146 -8.67 -10.56 61.05
CA ILE E 146 -8.32 -9.61 59.96
C ILE E 146 -9.23 -8.38 60.06
N LYS E 147 -10.51 -8.54 60.44
CA LYS E 147 -11.44 -7.39 60.60
C LYS E 147 -10.87 -6.43 61.65
N LYS E 148 -10.36 -6.96 62.77
CA LYS E 148 -9.85 -6.16 63.92
C LYS E 148 -8.53 -5.49 63.54
N TRP E 149 -7.62 -6.24 62.91
CA TRP E 149 -6.25 -5.76 62.53
C TRP E 149 -6.34 -4.66 61.48
N MET E 150 -7.21 -4.83 60.48
CA MET E 150 -7.45 -3.82 59.41
C MET E 150 -7.99 -2.52 60.01
N ASN E 151 -8.81 -2.61 61.06
CA ASN E 151 -9.36 -1.44 61.79
C ASN E 151 -8.24 -0.76 62.59
N LEU E 152 -7.36 -1.54 63.22
CA LEU E 152 -6.25 -1.03 64.08
C LEU E 152 -5.21 -0.25 63.25
N VAL E 153 -5.06 -0.59 61.96
CA VAL E 153 -4.01 0.01 61.07
C VAL E 153 -4.68 0.73 59.89
N ALA E 154 -5.93 1.19 60.06
CA ALA E 154 -6.74 1.84 59.00
C ALA E 154 -6.04 3.12 58.50
N LYS E 155 -5.23 3.77 59.35
CA LYS E 155 -4.50 5.02 59.02
C LYS E 155 -3.24 4.70 58.21
N ASN E 156 -2.80 3.43 58.21
CA ASN E 156 -1.66 2.93 57.39
C ASN E 156 -2.03 1.56 56.82
N PRO E 157 -3.06 1.49 55.94
CA PRO E 157 -3.60 0.20 55.52
C PRO E 157 -2.61 -0.54 54.63
N PRO E 158 -2.77 -1.87 54.46
CA PRO E 158 -1.92 -2.63 53.53
C PRO E 158 -2.32 -2.34 52.07
N ASP E 159 -1.41 -2.61 51.15
CA ASP E 159 -1.62 -2.41 49.68
C ASP E 159 -2.54 -3.50 49.14
N TYR E 160 -2.48 -4.71 49.72
CA TYR E 160 -3.33 -5.87 49.34
C TYR E 160 -3.88 -6.56 50.60
N LEU E 161 -5.11 -7.08 50.48
CA LEU E 161 -5.74 -7.98 51.49
C LEU E 161 -5.39 -9.43 51.13
N GLY E 162 -4.67 -10.10 52.03
CA GLY E 162 -4.30 -11.53 51.89
C GLY E 162 -5.37 -12.43 52.45
N LEU E 163 -5.81 -13.42 51.66
CA LEU E 163 -6.86 -14.41 52.01
C LEU E 163 -6.36 -15.84 51.74
N HIS E 164 -6.74 -16.77 52.62
CA HIS E 164 -6.73 -18.23 52.38
C HIS E 164 -8.18 -18.70 52.18
N TRP E 165 -8.38 -19.76 51.40
CA TRP E 165 -9.66 -20.50 51.34
C TRP E 165 -9.41 -21.97 50.97
N TYR E 166 -9.88 -22.88 51.83
CA TYR E 166 -9.94 -24.33 51.57
C TYR E 166 -11.38 -24.82 51.78
N GLY E 167 -11.85 -25.71 50.90
CA GLY E 167 -13.20 -26.28 50.92
C GLY E 167 -13.48 -27.10 49.67
N THR E 168 -14.72 -27.55 49.48
CA THR E 168 -15.11 -28.50 48.41
C THR E 168 -16.06 -27.83 47.40
N LYS E 169 -16.70 -26.72 47.78
CA LYS E 169 -17.74 -26.05 46.96
C LYS E 169 -17.19 -24.72 46.43
N GLY E 170 -16.93 -24.66 45.11
CA GLY E 170 -16.42 -23.47 44.42
C GLY E 170 -17.32 -22.27 44.61
N ASP E 171 -18.65 -22.47 44.56
CA ASP E 171 -19.65 -21.38 44.72
C ASP E 171 -19.45 -20.71 46.09
N GLU E 172 -18.99 -21.45 47.11
CA GLU E 172 -18.79 -20.93 48.48
C GLU E 172 -17.50 -20.09 48.55
N MET E 173 -16.45 -20.44 47.80
CA MET E 173 -15.19 -19.64 47.73
C MET E 173 -15.50 -18.30 47.05
N ILE E 174 -16.24 -18.32 45.94
CA ILE E 174 -16.68 -17.12 45.19
C ILE E 174 -17.44 -16.20 46.15
N ARG E 175 -18.40 -16.74 46.89
CA ARG E 175 -19.28 -15.97 47.83
C ARG E 175 -18.42 -15.37 48.94
N TYR E 176 -17.35 -16.06 49.36
CA TYR E 176 -16.40 -15.62 50.42
C TYR E 176 -15.55 -14.45 49.92
N LEU E 177 -14.99 -14.56 48.71
CA LEU E 177 -14.16 -13.49 48.10
C LEU E 177 -15.02 -12.25 47.91
N GLU E 178 -16.22 -12.41 47.32
CA GLU E 178 -17.21 -11.31 47.11
C GLU E 178 -17.55 -10.68 48.46
N SER E 179 -17.71 -11.50 49.50
CA SER E 179 -18.05 -11.08 50.88
C SER E 179 -16.90 -10.25 51.48
N MET E 180 -15.66 -10.72 51.34
CA MET E 180 -14.46 -10.03 51.92
C MET E 180 -14.14 -8.76 51.11
N HIS E 181 -14.46 -8.74 49.81
CA HIS E 181 -14.26 -7.56 48.92
C HIS E 181 -15.23 -6.43 49.31
N LYS E 182 -16.45 -6.78 49.75
CA LYS E 182 -17.49 -5.81 50.22
C LYS E 182 -17.08 -5.27 51.59
N GLU E 183 -16.59 -6.13 52.48
CA GLU E 183 -16.20 -5.79 53.87
C GLU E 183 -14.93 -4.92 53.86
N HIS E 184 -14.03 -5.15 52.90
CA HIS E 184 -12.71 -4.47 52.78
C HIS E 184 -12.50 -3.99 51.34
N PRO E 185 -13.25 -2.95 50.89
CA PRO E 185 -13.28 -2.58 49.47
C PRO E 185 -12.15 -1.66 48.97
N HIS E 186 -11.23 -1.25 49.84
CA HIS E 186 -10.27 -0.14 49.59
C HIS E 186 -9.01 -0.65 48.87
N GLN E 187 -8.75 -1.97 48.85
CA GLN E 187 -7.52 -2.53 48.24
C GLN E 187 -7.87 -3.81 47.47
N PRO E 188 -7.05 -4.22 46.48
CA PRO E 188 -7.25 -5.50 45.79
C PRO E 188 -6.95 -6.68 46.73
N ILE E 189 -7.39 -7.88 46.35
CA ILE E 189 -7.23 -9.13 47.13
C ILE E 189 -6.16 -10.00 46.47
N ILE E 190 -5.26 -10.55 47.29
CA ILE E 190 -4.34 -11.67 46.92
C ILE E 190 -4.81 -12.91 47.69
N VAL E 191 -5.18 -13.98 46.98
CA VAL E 191 -5.46 -15.31 47.58
C VAL E 191 -4.13 -16.05 47.71
N SER E 192 -3.47 -15.89 48.86
CA SER E 192 -2.06 -16.35 49.10
C SER E 192 -2.00 -17.88 49.20
N GLU E 193 -3.12 -18.53 49.54
CA GLU E 193 -3.30 -20.01 49.52
C GLU E 193 -4.76 -20.34 49.22
N TRP E 194 -5.01 -21.29 48.32
CA TRP E 194 -6.34 -21.91 48.14
C TRP E 194 -6.19 -23.28 47.48
N ALA E 195 -7.18 -24.16 47.69
CA ALA E 195 -7.25 -25.52 47.12
C ALA E 195 -8.62 -26.13 47.41
N SER E 196 -9.05 -27.07 46.57
CA SER E 196 -10.14 -28.03 46.88
C SER E 196 -9.61 -29.02 47.91
N THR E 197 -10.40 -29.33 48.93
CA THR E 197 -10.12 -30.37 49.97
C THR E 197 -10.89 -31.66 49.64
N SER E 198 -11.67 -31.67 48.55
CA SER E 198 -12.44 -32.87 48.10
C SER E 198 -11.46 -34.03 47.87
N ARG E 199 -11.87 -35.25 48.22
CA ARG E 199 -11.10 -36.49 48.00
C ARG E 199 -11.52 -37.11 46.65
N SER E 200 -12.48 -36.48 45.97
CA SER E 200 -12.95 -36.84 44.61
C SER E 200 -12.23 -35.96 43.58
N TYR E 201 -11.40 -36.54 42.71
CA TYR E 201 -10.55 -35.77 41.77
C TYR E 201 -11.42 -34.92 40.84
N PRO E 202 -12.51 -35.45 40.23
CA PRO E 202 -13.40 -34.63 39.41
C PRO E 202 -13.91 -33.36 40.11
N ASP E 203 -14.11 -33.43 41.43
CA ASP E 203 -14.59 -32.30 42.26
C ASP E 203 -13.43 -31.32 42.52
N VAL E 204 -12.19 -31.83 42.62
CA VAL E 204 -10.95 -31.00 42.77
C VAL E 204 -10.74 -30.22 41.47
N LEU E 205 -10.66 -30.93 40.34
CA LEU E 205 -10.46 -30.35 38.99
C LEU E 205 -11.58 -29.34 38.70
N GLY E 206 -12.83 -29.70 39.00
CA GLY E 206 -14.01 -28.84 38.74
C GLY E 206 -13.93 -27.51 39.46
N LEU E 207 -13.55 -27.51 40.74
CA LEU E 207 -13.44 -26.30 41.59
C LEU E 207 -12.26 -25.45 41.11
N THR E 208 -11.09 -26.08 40.95
CA THR E 208 -9.83 -25.41 40.52
C THR E 208 -10.11 -24.64 39.22
N VAL E 209 -10.62 -25.33 38.20
CA VAL E 209 -10.97 -24.76 36.86
C VAL E 209 -11.96 -23.60 37.04
N GLN E 210 -13.03 -23.80 37.82
CA GLN E 210 -14.09 -22.77 38.02
C GLN E 210 -13.48 -21.50 38.61
N LEU E 211 -12.67 -21.62 39.67
CA LEU E 211 -12.19 -20.46 40.47
C LEU E 211 -11.05 -19.75 39.74
N ALA E 212 -10.16 -20.51 39.08
CA ALA E 212 -9.08 -19.95 38.22
C ALA E 212 -9.72 -19.01 37.17
N ASN E 213 -10.70 -19.51 36.42
CA ASN E 213 -11.36 -18.76 35.32
C ASN E 213 -12.14 -17.57 35.90
N TRP E 214 -12.82 -17.77 37.04
CA TRP E 214 -13.63 -16.70 37.69
C TRP E 214 -12.71 -15.58 38.19
N MET E 215 -11.62 -15.93 38.87
CA MET E 215 -10.66 -14.95 39.46
C MET E 215 -9.89 -14.25 38.33
N ASP E 216 -9.56 -14.96 37.25
CA ASP E 216 -8.90 -14.41 36.04
C ASP E 216 -9.68 -13.21 35.49
N SER E 217 -11.01 -13.27 35.47
CA SER E 217 -11.89 -12.23 34.87
C SER E 217 -12.47 -11.30 35.97
N THR E 218 -11.96 -11.37 37.19
CA THR E 218 -12.35 -10.48 38.33
C THR E 218 -11.22 -9.49 38.61
N PRO E 219 -11.37 -8.21 38.21
CA PRO E 219 -10.28 -7.23 38.32
C PRO E 219 -9.68 -7.07 39.72
N TRP E 220 -10.51 -7.13 40.78
CA TRP E 220 -10.08 -6.80 42.17
C TRP E 220 -9.36 -7.99 42.83
N VAL E 221 -9.19 -9.11 42.12
CA VAL E 221 -8.27 -10.21 42.53
C VAL E 221 -6.94 -9.99 41.79
N ALA E 222 -5.91 -9.52 42.51
CA ALA E 222 -4.57 -9.20 41.96
C ALA E 222 -3.90 -10.50 41.49
N GLU E 223 -3.81 -11.49 42.38
CA GLU E 223 -3.23 -12.83 42.07
C GLU E 223 -3.82 -13.87 43.02
N TYR E 224 -3.66 -15.16 42.68
CA TYR E 224 -4.14 -16.32 43.47
C TYR E 224 -3.12 -17.45 43.39
N ALA E 225 -3.00 -18.22 44.47
CA ALA E 225 -1.90 -19.19 44.71
C ALA E 225 -2.47 -20.57 45.08
N LEU E 226 -2.48 -21.50 44.13
CA LEU E 226 -3.02 -22.88 44.30
C LEU E 226 -2.03 -23.71 45.12
N PHE E 227 -2.47 -24.29 46.24
CA PHE E 227 -1.64 -25.07 47.19
C PHE E 227 -1.49 -26.52 46.69
N GLY E 228 -0.34 -27.13 46.97
CA GLY E 228 -0.13 -28.58 46.85
C GLY E 228 1.13 -28.99 46.09
N CYS E 229 1.96 -28.06 45.63
CA CYS E 229 3.20 -28.38 44.87
C CYS E 229 4.34 -28.71 45.84
N MET E 230 4.30 -29.93 46.37
CA MET E 230 5.30 -30.50 47.31
C MET E 230 5.17 -32.03 47.28
N ARG E 231 6.21 -32.77 47.67
CA ARG E 231 6.28 -34.25 47.50
C ARG E 231 5.38 -34.97 48.52
N GLN E 232 5.47 -34.59 49.80
CA GLN E 232 4.65 -35.17 50.91
C GLN E 232 3.37 -34.35 51.05
N MET E 233 2.32 -34.94 51.65
CA MET E 233 1.14 -34.18 52.14
C MET E 233 1.62 -33.28 53.27
N ALA E 234 1.17 -32.03 53.29
CA ALA E 234 1.47 -31.04 54.36
C ALA E 234 0.91 -31.55 55.69
N ASP E 235 -0.28 -32.14 55.65
CA ASP E 235 -1.09 -32.51 56.84
C ASP E 235 -2.23 -33.44 56.39
N ASP E 236 -3.16 -33.76 57.30
CA ASP E 236 -4.32 -34.64 57.05
C ASP E 236 -5.51 -33.84 56.50
N PHE E 237 -5.44 -32.50 56.55
CA PHE E 237 -6.57 -31.61 56.15
C PHE E 237 -6.66 -31.56 54.62
N VAL E 238 -5.53 -31.34 53.92
CA VAL E 238 -5.51 -31.13 52.45
C VAL E 238 -5.69 -32.49 51.75
N SER E 239 -6.21 -32.48 50.52
CA SER E 239 -6.57 -33.68 49.72
C SER E 239 -5.35 -34.18 48.95
N PRO E 240 -5.03 -35.50 49.03
CA PRO E 240 -4.05 -36.10 48.11
C PRO E 240 -4.38 -35.93 46.62
N GLU E 241 -5.65 -35.76 46.27
CA GLU E 241 -6.14 -35.63 44.87
C GLU E 241 -5.84 -34.23 44.34
N ALA E 242 -5.57 -33.27 45.24
CA ALA E 242 -5.29 -31.85 44.91
C ALA E 242 -3.77 -31.59 44.84
N GLN E 243 -2.93 -32.63 45.06
CA GLN E 243 -1.46 -32.50 44.96
C GLN E 243 -1.08 -32.05 43.55
N LEU E 244 -0.12 -31.13 43.46
CA LEU E 244 0.42 -30.55 42.20
C LEU E 244 1.76 -31.21 41.86
N MET E 245 2.36 -31.92 42.82
CA MET E 245 3.62 -32.67 42.66
C MET E 245 3.39 -34.12 43.12
N ASN E 246 3.93 -35.09 42.37
CA ASN E 246 3.98 -36.53 42.74
C ASN E 246 5.12 -36.74 43.74
N LYS E 247 5.23 -37.93 44.33
CA LYS E 247 6.23 -38.27 45.37
C LYS E 247 7.66 -38.23 44.77
N ASP E 248 7.80 -38.41 43.44
CA ASP E 248 9.12 -38.42 42.75
C ASP E 248 9.53 -37.00 42.34
N GLY E 249 8.65 -36.01 42.49
CA GLY E 249 8.96 -34.59 42.21
C GLY E 249 8.44 -34.13 40.85
N SER E 250 7.98 -35.04 40.01
CA SER E 250 7.27 -34.73 38.74
C SER E 250 5.94 -34.03 39.07
N PHE E 251 5.35 -33.34 38.09
CA PHE E 251 4.12 -32.54 38.27
C PHE E 251 2.89 -33.37 37.88
N THR E 252 1.79 -33.16 38.61
CA THR E 252 0.48 -33.79 38.33
C THR E 252 -0.16 -33.07 37.14
N ASP E 253 -1.18 -33.67 36.55
CA ASP E 253 -1.93 -33.06 35.42
C ASP E 253 -2.62 -31.79 35.91
N LEU E 254 -3.01 -31.72 37.19
CA LEU E 254 -3.66 -30.52 37.78
C LEU E 254 -2.67 -29.36 37.75
N MET E 255 -1.40 -29.64 38.07
CA MET E 255 -0.31 -28.64 38.08
C MET E 255 -0.06 -28.16 36.64
N TRP E 256 0.00 -29.09 35.68
CA TRP E 256 0.18 -28.76 34.25
C TRP E 256 -0.90 -27.77 33.82
N LYS E 257 -2.17 -28.09 34.09
CA LYS E 257 -3.33 -27.26 33.70
C LYS E 257 -3.21 -25.89 34.37
N TYR E 258 -2.88 -25.85 35.67
CA TYR E 258 -2.74 -24.62 36.47
C TYR E 258 -1.74 -23.67 35.79
N MET E 259 -0.59 -24.21 35.34
CA MET E 259 0.56 -23.39 34.89
C MET E 259 0.59 -23.24 33.36
N SER E 260 -0.31 -23.89 32.61
CA SER E 260 -0.26 -23.93 31.12
C SER E 260 -1.53 -23.37 30.46
N ASP E 261 -2.71 -23.54 31.07
CA ASP E 261 -4.02 -23.38 30.36
C ASP E 261 -4.75 -22.13 30.84
N GLN E 262 -5.07 -21.21 29.92
CA GLN E 262 -5.86 -19.99 30.19
C GLN E 262 -6.72 -19.68 28.95
N PRO E 263 -8.05 -19.91 29.01
CA PRO E 263 -8.74 -20.36 30.22
C PRO E 263 -8.34 -21.78 30.64
N MET E 264 -8.58 -22.14 31.91
CA MET E 264 -8.50 -23.53 32.42
C MET E 264 -9.70 -24.31 31.90
N HIS E 265 -9.51 -25.62 31.65
CA HIS E 265 -10.58 -26.56 31.19
C HIS E 265 -10.44 -27.88 31.97
N ILE E 266 -11.54 -28.59 32.15
CA ILE E 266 -11.59 -29.92 32.83
C ILE E 266 -11.16 -31.01 31.84
N HIS F 20 -23.77 4.37 -14.81
CA HIS F 20 -25.00 5.15 -14.97
C HIS F 20 -26.15 4.45 -14.23
N MET F 21 -27.16 5.19 -13.76
CA MET F 21 -28.56 4.71 -13.58
C MET F 21 -29.02 4.11 -14.92
N VAL F 22 -29.29 2.80 -14.95
CA VAL F 22 -29.83 2.10 -16.15
C VAL F 22 -31.33 2.39 -16.22
N LYS F 23 -31.82 2.90 -17.36
CA LYS F 23 -33.21 3.39 -17.54
C LYS F 23 -33.83 2.69 -18.75
N LYS F 24 -34.47 1.53 -18.51
CA LYS F 24 -35.12 0.69 -19.56
C LYS F 24 -36.58 0.40 -19.20
N ARG F 25 -37.11 0.94 -18.11
CA ARG F 25 -38.42 0.52 -17.56
C ARG F 25 -39.53 1.38 -18.17
N VAL F 26 -40.55 0.71 -18.75
CA VAL F 26 -41.75 1.35 -19.36
C VAL F 26 -42.84 1.45 -18.29
N LEU F 27 -43.53 2.58 -18.24
CA LEU F 27 -44.77 2.79 -17.44
C LEU F 27 -45.98 2.44 -18.32
N LEU F 28 -46.53 1.24 -18.17
CA LEU F 28 -47.83 0.85 -18.77
C LEU F 28 -48.93 1.60 -18.03
N TRP F 29 -49.68 2.45 -18.74
CA TRP F 29 -50.70 3.37 -18.15
C TRP F 29 -52.06 3.09 -18.79
N ASP F 30 -52.79 2.10 -18.23
CA ASP F 30 -54.12 1.67 -18.73
C ASP F 30 -55.05 2.89 -18.77
N TYR F 31 -55.93 2.95 -19.76
CA TYR F 31 -56.83 4.10 -20.03
C TYR F 31 -57.78 4.31 -18.83
N THR F 32 -58.04 3.28 -18.03
CA THR F 32 -58.90 3.39 -16.83
C THR F 32 -58.26 4.37 -15.83
N ASN F 33 -56.92 4.42 -15.79
CA ASN F 33 -56.16 5.42 -14.97
C ASN F 33 -56.49 6.82 -15.48
N THR F 34 -56.44 7.04 -16.80
CA THR F 34 -56.75 8.32 -17.46
C THR F 34 -58.22 8.67 -17.18
N ARG F 35 -59.12 7.68 -17.22
CA ARG F 35 -60.59 7.86 -17.06
C ARG F 35 -60.93 8.26 -15.62
N ASP F 36 -60.26 7.68 -14.62
CA ASP F 36 -60.72 7.68 -13.20
C ASP F 36 -59.72 8.41 -12.28
N VAL F 37 -58.41 8.27 -12.49
CA VAL F 37 -57.38 8.71 -11.50
C VAL F 37 -56.17 9.34 -12.22
N LYS F 38 -56.39 10.33 -13.10
CA LYS F 38 -55.34 11.17 -13.72
C LYS F 38 -54.26 11.49 -12.68
N TRP F 39 -54.69 12.00 -11.53
CA TRP F 39 -53.84 12.52 -10.42
C TRP F 39 -52.74 11.52 -10.05
N ALA F 40 -52.95 10.22 -10.28
CA ALA F 40 -51.99 9.15 -9.93
C ALA F 40 -50.67 9.35 -10.67
N MET F 41 -50.71 9.91 -11.88
CA MET F 41 -49.51 10.12 -12.74
C MET F 41 -48.54 11.09 -12.05
N ASP F 42 -49.06 12.11 -11.35
CA ASP F 42 -48.24 13.14 -10.65
C ASP F 42 -47.50 12.50 -9.47
N LYS F 43 -47.89 11.31 -9.03
CA LYS F 43 -47.24 10.61 -7.89
C LYS F 43 -46.15 9.64 -8.40
N ILE F 44 -45.99 9.51 -9.71
CA ILE F 44 -44.91 8.69 -10.34
C ILE F 44 -43.55 9.30 -9.96
N ASN F 45 -42.54 8.46 -9.80
CA ASN F 45 -41.12 8.85 -9.59
C ASN F 45 -40.45 8.87 -10.98
N PHE F 46 -40.07 10.06 -11.46
CA PHE F 46 -39.50 10.30 -12.82
C PHE F 46 -37.96 10.39 -12.74
N LYS F 47 -37.39 10.35 -11.54
CA LYS F 47 -35.93 10.51 -11.28
C LYS F 47 -35.26 9.13 -11.16
N GLY F 48 -36.04 8.05 -11.21
CA GLY F 48 -35.56 6.65 -11.15
C GLY F 48 -35.41 6.06 -12.56
N PRO F 49 -35.46 4.72 -12.70
CA PRO F 49 -35.22 4.06 -13.99
C PRO F 49 -36.40 3.98 -14.98
N LEU F 50 -37.52 4.65 -14.72
CA LEU F 50 -38.59 4.84 -15.74
C LEU F 50 -38.00 5.64 -16.91
N HIS F 51 -38.29 5.22 -18.15
CA HIS F 51 -37.61 5.73 -19.36
C HIS F 51 -38.63 6.05 -20.48
N SER F 52 -39.84 5.48 -20.44
CA SER F 52 -40.89 5.68 -21.46
C SER F 52 -42.25 5.25 -20.89
N CYS F 53 -43.32 5.34 -21.71
CA CYS F 53 -44.72 5.11 -21.30
C CYS F 53 -45.53 4.66 -22.52
N SER F 54 -46.47 3.73 -22.35
CA SER F 54 -47.46 3.30 -23.39
C SER F 54 -48.80 3.01 -22.71
N ASN F 55 -49.90 3.02 -23.47
CA ASN F 55 -51.28 2.87 -22.92
C ASN F 55 -52.18 2.07 -23.87
N TRP F 56 -51.60 1.22 -24.73
CA TRP F 56 -52.35 0.32 -25.67
C TRP F 56 -53.23 1.13 -26.64
N ASN F 57 -53.01 2.44 -26.77
CA ASN F 57 -53.90 3.33 -27.55
C ASN F 57 -53.06 4.27 -28.45
N THR F 58 -53.71 4.85 -29.46
CA THR F 58 -53.16 5.83 -30.43
C THR F 58 -53.04 7.20 -29.77
N TRP F 59 -53.97 7.55 -28.88
CA TRP F 59 -54.09 8.90 -28.26
C TRP F 59 -53.12 9.02 -27.07
N TYR F 60 -52.75 10.26 -26.75
CA TYR F 60 -51.70 10.62 -25.76
C TYR F 60 -52.35 10.86 -24.40
N PRO F 61 -51.78 10.31 -23.30
CA PRO F 61 -52.26 10.61 -21.95
C PRO F 61 -51.77 11.96 -21.43
N ASP F 62 -52.63 13.00 -21.53
CA ASP F 62 -52.31 14.41 -21.21
C ASP F 62 -51.59 14.50 -19.86
N GLU F 63 -52.04 13.75 -18.86
CA GLU F 63 -51.54 13.83 -17.45
C GLU F 63 -50.04 13.51 -17.41
N LEU F 64 -49.51 12.78 -18.39
CA LEU F 64 -48.06 12.46 -18.51
C LEU F 64 -47.24 13.76 -18.60
N LYS F 65 -47.78 14.77 -19.29
CA LYS F 65 -47.18 16.13 -19.48
C LYS F 65 -45.75 15.98 -20.03
N HIS F 66 -45.57 15.02 -20.95
CA HIS F 66 -44.32 14.77 -21.73
C HIS F 66 -43.12 14.50 -20.81
N ARG F 67 -43.34 14.05 -19.57
CA ARG F 67 -42.24 13.79 -18.60
C ARG F 67 -41.49 12.50 -18.96
N LEU F 68 -42.09 11.65 -19.80
CA LEU F 68 -41.43 10.48 -20.43
C LEU F 68 -41.86 10.39 -21.88
N PRO F 69 -41.01 9.86 -22.79
CA PRO F 69 -41.44 9.58 -24.15
C PRO F 69 -42.63 8.61 -24.13
N PHE F 70 -43.62 8.86 -25.00
CA PHE F 70 -44.84 8.01 -25.15
C PHE F 70 -44.72 7.19 -26.43
N ARG F 71 -45.04 5.90 -26.37
CA ARG F 71 -45.14 5.03 -27.57
C ARG F 71 -46.61 4.81 -27.89
N PRO F 72 -47.18 5.51 -28.89
CA PRO F 72 -48.52 5.19 -29.36
C PRO F 72 -48.58 3.75 -29.86
N MET F 73 -49.76 3.13 -29.82
CA MET F 73 -49.97 1.74 -30.30
C MET F 73 -51.09 1.74 -31.34
N ILE F 74 -50.88 1.00 -32.43
CA ILE F 74 -51.93 0.54 -33.37
C ILE F 74 -52.41 -0.82 -32.83
N HIS F 75 -53.39 -0.80 -31.91
CA HIS F 75 -53.79 -1.97 -31.08
C HIS F 75 -54.40 -3.07 -31.94
N GLY F 76 -55.34 -2.70 -32.83
CA GLY F 76 -56.05 -3.64 -33.72
C GLY F 76 -56.59 -2.96 -34.97
N LYS F 77 -57.39 -3.68 -35.75
CA LYS F 77 -57.95 -3.22 -37.06
C LYS F 77 -58.82 -1.97 -36.85
N ASN F 78 -59.40 -1.80 -35.66
CA ASN F 78 -60.27 -0.66 -35.30
C ASN F 78 -59.48 0.66 -35.21
N ASN F 79 -58.14 0.61 -35.29
CA ASN F 79 -57.23 1.77 -35.08
C ASN F 79 -56.54 2.19 -36.38
N LEU F 80 -57.02 1.72 -37.54
CA LEU F 80 -56.39 1.93 -38.88
C LEU F 80 -57.08 3.08 -39.64
N THR F 81 -58.22 3.58 -39.16
CA THR F 81 -59.07 4.57 -39.89
C THR F 81 -59.47 5.71 -38.94
N GLY F 82 -60.03 6.79 -39.50
CA GLY F 82 -60.63 7.92 -38.76
C GLY F 82 -59.67 8.53 -37.75
N GLY F 83 -60.21 9.11 -36.68
CA GLY F 83 -59.46 9.85 -35.63
C GLY F 83 -58.36 9.00 -35.01
N GLU F 84 -58.54 7.68 -34.94
CA GLU F 84 -57.53 6.72 -34.41
C GLU F 84 -56.27 6.83 -35.25
N TRP F 85 -56.37 6.71 -36.58
CA TRP F 85 -55.22 6.77 -37.51
C TRP F 85 -54.64 8.20 -37.54
N GLN F 86 -55.48 9.22 -37.39
CA GLN F 86 -55.05 10.66 -37.39
C GLN F 86 -54.10 10.90 -36.21
N ASN F 87 -54.39 10.29 -35.06
CA ASN F 87 -53.54 10.37 -33.83
C ASN F 87 -52.14 9.84 -34.17
N ILE F 88 -52.06 8.76 -34.95
CA ILE F 88 -50.79 8.10 -35.36
C ILE F 88 -50.04 8.98 -36.36
N LEU F 89 -50.74 9.54 -37.35
CA LEU F 89 -50.14 10.38 -38.43
C LEU F 89 -49.56 11.68 -37.84
N LYS F 90 -50.16 12.22 -36.78
CA LYS F 90 -49.88 13.59 -36.28
C LYS F 90 -48.89 13.55 -35.10
N THR F 91 -48.58 12.38 -34.53
CA THR F 91 -47.75 12.26 -33.29
C THR F 91 -46.33 12.76 -33.54
N ASN F 92 -45.75 13.40 -32.53
CA ASN F 92 -44.32 13.88 -32.51
C ASN F 92 -43.42 12.81 -31.88
N GLU F 93 -44.00 11.72 -31.37
CA GLU F 93 -43.25 10.68 -30.62
C GLU F 93 -42.54 9.77 -31.62
N GLU F 94 -41.43 9.15 -31.22
CA GLU F 94 -40.41 8.54 -32.12
C GLU F 94 -40.72 7.05 -32.39
N VAL F 95 -41.33 6.33 -31.46
CA VAL F 95 -41.52 4.84 -31.54
C VAL F 95 -43.02 4.49 -31.47
N ILE F 96 -43.49 3.65 -32.39
CA ILE F 96 -44.92 3.25 -32.52
C ILE F 96 -45.01 1.71 -32.52
N HIS F 97 -45.89 1.16 -31.66
CA HIS F 97 -46.19 -0.29 -31.56
C HIS F 97 -47.25 -0.67 -32.60
N PHE F 98 -47.08 -1.83 -33.25
CA PHE F 98 -48.11 -2.46 -34.10
C PHE F 98 -49.00 -3.33 -33.20
N PHE F 99 -49.73 -4.30 -33.78
CA PHE F 99 -50.92 -4.98 -33.18
C PHE F 99 -50.55 -5.68 -31.86
N ASN F 100 -51.50 -5.65 -30.91
CA ASN F 100 -51.42 -6.35 -29.60
C ASN F 100 -52.02 -7.75 -29.76
N GLU F 101 -51.20 -8.79 -29.52
CA GLU F 101 -51.60 -10.23 -29.57
C GLU F 101 -52.59 -10.44 -30.72
N PRO F 102 -52.15 -10.26 -31.98
CA PRO F 102 -53.04 -10.37 -33.14
C PRO F 102 -53.55 -11.80 -33.35
N GLU F 103 -52.79 -12.80 -32.90
CA GLU F 103 -53.10 -14.24 -33.05
C GLU F 103 -54.38 -14.58 -32.25
N ARG F 104 -54.75 -13.74 -31.28
CA ARG F 104 -55.95 -13.92 -30.41
C ARG F 104 -57.06 -12.94 -30.78
N ALA F 105 -56.92 -12.18 -31.87
CA ALA F 105 -57.94 -11.22 -32.35
C ALA F 105 -58.35 -11.56 -33.80
N GLY F 106 -58.01 -12.76 -34.28
CA GLY F 106 -58.36 -13.24 -35.63
C GLY F 106 -57.71 -12.43 -36.73
N ILE F 107 -56.49 -11.94 -36.49
CA ILE F 107 -55.63 -11.26 -37.51
C ILE F 107 -54.51 -12.23 -37.91
N SER F 108 -54.53 -12.73 -39.15
CA SER F 108 -53.50 -13.66 -39.69
C SER F 108 -52.20 -12.91 -39.90
N PRO F 109 -51.03 -13.61 -39.92
CA PRO F 109 -49.77 -12.98 -40.33
C PRO F 109 -49.84 -12.29 -41.70
N GLU F 110 -50.54 -12.92 -42.66
CA GLU F 110 -50.66 -12.43 -44.06
C GLU F 110 -51.43 -11.10 -44.08
N GLU F 111 -52.49 -10.99 -43.28
CA GLU F 111 -53.36 -9.79 -43.19
C GLU F 111 -52.58 -8.63 -42.55
N ALA F 112 -51.76 -8.92 -41.53
CA ALA F 112 -50.96 -7.94 -40.77
C ALA F 112 -49.77 -7.47 -41.62
N ALA F 113 -49.19 -8.37 -42.43
CA ALA F 113 -48.10 -8.06 -43.39
C ALA F 113 -48.60 -7.09 -44.47
N LYS F 114 -49.83 -7.29 -44.95
CA LYS F 114 -50.47 -6.43 -45.98
C LYS F 114 -50.68 -5.02 -45.40
N ILE F 115 -51.22 -4.92 -44.19
CA ILE F 115 -51.52 -3.62 -43.50
C ILE F 115 -50.19 -2.90 -43.23
N TRP F 116 -49.16 -3.63 -42.83
CA TRP F 116 -47.78 -3.11 -42.59
C TRP F 116 -47.25 -2.44 -43.87
N ASN F 117 -47.23 -3.16 -44.99
CA ASN F 117 -46.71 -2.68 -46.30
C ASN F 117 -47.57 -1.49 -46.78
N ASP F 118 -48.89 -1.63 -46.74
CA ASP F 118 -49.85 -0.70 -47.40
C ASP F 118 -50.02 0.61 -46.61
N GLN F 119 -49.72 0.64 -45.31
CA GLN F 119 -50.22 1.73 -44.41
C GLN F 119 -49.20 2.10 -43.31
N VAL F 120 -48.60 1.12 -42.62
CA VAL F 120 -47.79 1.37 -41.40
C VAL F 120 -46.36 1.76 -41.78
N LEU F 121 -45.78 1.11 -42.80
CA LEU F 121 -44.36 1.29 -43.22
C LEU F 121 -44.07 2.76 -43.54
N ALA F 122 -45.05 3.46 -44.12
CA ALA F 122 -45.00 4.91 -44.44
C ALA F 122 -44.62 5.73 -43.21
N LEU F 123 -44.97 5.27 -42.00
CA LEU F 123 -44.62 5.97 -40.75
C LEU F 123 -43.09 6.00 -40.58
N ARG F 124 -42.36 5.07 -41.22
CA ARG F 124 -40.88 5.06 -41.21
C ARG F 124 -40.32 5.80 -42.43
N THR F 125 -40.68 5.36 -43.64
CA THR F 125 -40.08 5.86 -44.92
C THR F 125 -40.37 7.36 -45.07
N SER F 126 -41.51 7.83 -44.56
CA SER F 126 -42.06 9.19 -44.81
C SER F 126 -42.05 10.06 -43.53
N HIS F 127 -42.35 9.49 -42.36
CA HIS F 127 -42.47 10.23 -41.07
C HIS F 127 -41.30 9.91 -40.13
N HIS F 128 -40.42 8.97 -40.52
CA HIS F 128 -39.13 8.64 -39.83
C HIS F 128 -39.38 8.21 -38.38
N LYS F 129 -40.47 7.48 -38.15
CA LYS F 129 -40.76 6.80 -36.87
C LYS F 129 -40.06 5.44 -36.88
N ARG F 130 -39.75 4.91 -35.69
CA ARG F 130 -39.30 3.51 -35.51
C ARG F 130 -40.53 2.67 -35.15
N LEU F 131 -40.58 1.43 -35.66
CA LEU F 131 -41.78 0.55 -35.57
C LEU F 131 -41.45 -0.70 -34.78
N VAL F 132 -42.28 -1.03 -33.78
CA VAL F 132 -42.23 -2.31 -33.01
C VAL F 132 -43.15 -3.31 -33.71
N SER F 133 -42.67 -4.54 -33.90
CA SER F 133 -43.48 -5.68 -34.43
C SER F 133 -44.74 -5.81 -33.58
N PRO F 134 -45.78 -6.52 -34.06
CA PRO F 134 -46.87 -6.93 -33.17
C PRO F 134 -46.28 -7.72 -31.99
N SER F 135 -46.85 -7.55 -30.81
CA SER F 135 -46.45 -8.26 -29.56
C SER F 135 -47.42 -9.42 -29.31
N CYS F 136 -46.96 -10.64 -29.59
CA CYS F 136 -47.72 -11.91 -29.43
C CYS F 136 -47.45 -12.51 -28.05
N ALA F 137 -48.32 -13.42 -27.59
CA ALA F 137 -48.17 -14.18 -26.33
C ALA F 137 -46.99 -15.16 -26.45
N SER F 138 -46.47 -15.61 -25.31
CA SER F 138 -45.26 -16.49 -25.22
C SER F 138 -45.68 -17.98 -25.28
N ASP F 139 -46.70 -18.30 -26.09
CA ASP F 139 -47.19 -19.69 -26.28
C ASP F 139 -46.91 -20.10 -27.73
N PRO F 140 -46.96 -21.41 -28.06
CA PRO F 140 -46.67 -21.88 -29.43
C PRO F 140 -47.41 -21.13 -30.54
N ALA F 141 -48.67 -20.74 -30.30
CA ALA F 141 -49.52 -19.99 -31.26
C ALA F 141 -48.89 -18.62 -31.57
N GLY F 142 -48.46 -17.90 -30.52
CA GLY F 142 -47.82 -16.58 -30.62
C GLY F 142 -46.44 -16.67 -31.26
N ILE F 143 -45.61 -17.62 -30.81
CA ILE F 143 -44.23 -17.86 -31.33
C ILE F 143 -44.32 -18.13 -32.84
N ALA F 144 -45.31 -18.91 -33.28
CA ALA F 144 -45.52 -19.30 -34.69
C ALA F 144 -46.01 -18.11 -35.50
N TRP F 145 -46.90 -17.29 -34.93
CA TRP F 145 -47.50 -16.10 -35.59
C TRP F 145 -46.39 -15.10 -35.94
N ILE F 146 -45.57 -14.72 -34.95
CA ILE F 146 -44.49 -13.71 -35.11
C ILE F 146 -43.40 -14.30 -36.03
N LYS F 147 -43.13 -15.61 -35.95
CA LYS F 147 -42.13 -16.26 -36.84
C LYS F 147 -42.54 -16.06 -38.31
N LYS F 148 -43.83 -16.25 -38.62
CA LYS F 148 -44.37 -16.18 -39.99
C LYS F 148 -44.38 -14.73 -40.48
N TRP F 149 -44.85 -13.81 -39.64
CA TRP F 149 -45.01 -12.37 -39.97
C TRP F 149 -43.63 -11.73 -40.22
N MET F 150 -42.64 -12.04 -39.38
CA MET F 150 -41.26 -11.53 -39.50
C MET F 150 -40.64 -12.01 -40.82
N ASN F 151 -40.97 -13.23 -41.25
CA ASN F 151 -40.50 -13.81 -42.55
C ASN F 151 -41.19 -13.09 -43.71
N LEU F 152 -42.49 -12.79 -43.59
CA LEU F 152 -43.30 -12.13 -44.65
C LEU F 152 -42.82 -10.69 -44.92
N VAL F 153 -42.24 -10.02 -43.91
CA VAL F 153 -41.83 -8.58 -44.00
C VAL F 153 -40.31 -8.46 -43.78
N ALA F 154 -39.54 -9.51 -44.07
CA ALA F 154 -38.08 -9.59 -43.87
C ALA F 154 -37.36 -8.50 -44.68
N LYS F 155 -37.94 -8.08 -45.81
CA LYS F 155 -37.37 -7.06 -46.72
C LYS F 155 -37.65 -5.65 -46.16
N ASN F 156 -38.59 -5.53 -45.23
CA ASN F 156 -38.91 -4.25 -44.50
C ASN F 156 -39.13 -4.57 -43.02
N PRO F 157 -38.09 -5.05 -42.31
CA PRO F 157 -38.28 -5.58 -40.96
C PRO F 157 -38.61 -4.46 -39.98
N PRO F 158 -39.19 -4.79 -38.81
CA PRO F 158 -39.41 -3.78 -37.77
C PRO F 158 -38.10 -3.39 -37.08
N ASP F 159 -38.09 -2.22 -36.43
CA ASP F 159 -36.92 -1.68 -35.71
C ASP F 159 -36.72 -2.44 -34.39
N TYR F 160 -37.81 -2.91 -33.78
CA TYR F 160 -37.80 -3.71 -32.52
C TYR F 160 -38.75 -4.90 -32.64
N LEU F 161 -38.38 -6.02 -32.00
CA LEU F 161 -39.24 -7.21 -31.80
C LEU F 161 -40.00 -7.04 -30.48
N GLY F 162 -41.33 -6.97 -30.55
CA GLY F 162 -42.23 -6.86 -29.39
C GLY F 162 -42.59 -8.24 -28.84
N LEU F 163 -42.42 -8.44 -27.54
CA LEU F 163 -42.70 -9.72 -26.82
C LEU F 163 -43.56 -9.45 -25.59
N HIS F 164 -44.49 -10.37 -25.30
CA HIS F 164 -45.17 -10.54 -23.99
C HIS F 164 -44.59 -11.79 -23.31
N TRP F 165 -44.57 -11.81 -21.98
CA TRP F 165 -44.33 -13.03 -21.18
C TRP F 165 -45.04 -12.94 -19.83
N TYR F 166 -45.89 -13.93 -19.54
CA TYR F 166 -46.52 -14.15 -18.21
C TYR F 166 -46.23 -15.59 -17.76
N GLY F 167 -45.93 -15.77 -16.48
CA GLY F 167 -45.61 -17.06 -15.86
C GLY F 167 -45.10 -16.88 -14.43
N THR F 168 -44.63 -17.95 -13.79
CA THR F 168 -44.25 -17.97 -12.36
C THR F 168 -42.75 -18.18 -12.18
N LYS F 169 -42.06 -18.70 -13.20
CA LYS F 169 -40.62 -19.09 -13.13
C LYS F 169 -39.78 -18.11 -13.95
N GLY F 170 -39.01 -17.26 -13.27
CA GLY F 170 -38.11 -16.26 -13.88
C GLY F 170 -37.12 -16.89 -14.85
N ASP F 171 -36.56 -18.05 -14.49
CA ASP F 171 -35.56 -18.77 -15.33
C ASP F 171 -36.20 -19.10 -16.69
N GLU F 172 -37.52 -19.31 -16.74
CA GLU F 172 -38.24 -19.68 -18.00
C GLU F 172 -38.42 -18.43 -18.87
N MET F 173 -38.63 -17.24 -18.28
CA MET F 173 -38.75 -15.96 -19.04
C MET F 173 -37.39 -15.64 -19.68
N ILE F 174 -36.31 -15.78 -18.91
CA ILE F 174 -34.91 -15.58 -19.38
C ILE F 174 -34.65 -16.49 -20.58
N ARG F 175 -34.98 -17.78 -20.46
CA ARG F 175 -34.74 -18.81 -21.50
C ARG F 175 -35.57 -18.46 -22.76
N TYR F 176 -36.75 -17.87 -22.58
CA TYR F 176 -37.67 -17.46 -23.68
C TYR F 176 -37.08 -16.26 -24.43
N LEU F 177 -36.62 -15.23 -23.71
CA LEU F 177 -36.01 -14.01 -24.30
C LEU F 177 -34.76 -14.43 -25.08
N GLU F 178 -33.88 -15.22 -24.45
CA GLU F 178 -32.63 -15.75 -25.08
C GLU F 178 -33.01 -16.55 -26.32
N SER F 179 -34.08 -17.33 -26.26
CA SER F 179 -34.60 -18.19 -27.37
C SER F 179 -35.08 -17.30 -28.52
N MET F 180 -35.86 -16.26 -28.24
CA MET F 180 -36.43 -15.35 -29.28
C MET F 180 -35.33 -14.45 -29.86
N HIS F 181 -34.30 -14.12 -29.08
CA HIS F 181 -33.14 -13.30 -29.52
C HIS F 181 -32.28 -14.10 -30.51
N LYS F 182 -32.17 -15.42 -30.33
CA LYS F 182 -31.42 -16.33 -31.24
C LYS F 182 -32.21 -16.51 -32.55
N GLU F 183 -33.54 -16.66 -32.45
CA GLU F 183 -34.46 -16.90 -33.59
C GLU F 183 -34.57 -15.63 -34.44
N HIS F 184 -34.51 -14.46 -33.81
CA HIS F 184 -34.69 -13.12 -34.45
C HIS F 184 -33.57 -12.18 -34.01
N PRO F 185 -32.32 -12.39 -34.48
CA PRO F 185 -31.16 -11.68 -33.95
C PRO F 185 -30.87 -10.28 -34.54
N HIS F 186 -31.68 -9.82 -35.50
CA HIS F 186 -31.38 -8.65 -36.36
C HIS F 186 -31.79 -7.32 -35.69
N GLN F 187 -32.63 -7.36 -34.65
CA GLN F 187 -33.13 -6.13 -33.99
C GLN F 187 -33.18 -6.33 -32.47
N PRO F 188 -33.15 -5.25 -31.67
CA PRO F 188 -33.34 -5.36 -30.23
C PRO F 188 -34.77 -5.78 -29.87
N ILE F 189 -34.98 -6.24 -28.64
CA ILE F 189 -36.30 -6.72 -28.13
C ILE F 189 -36.87 -5.66 -27.18
N ILE F 190 -38.16 -5.37 -27.33
CA ILE F 190 -39.01 -4.64 -26.34
C ILE F 190 -39.99 -5.65 -25.75
N VAL F 191 -39.94 -5.84 -24.42
CA VAL F 191 -40.95 -6.64 -23.66
C VAL F 191 -42.10 -5.69 -23.32
N SER F 192 -43.11 -5.63 -24.20
CA SER F 192 -44.21 -4.62 -24.18
C SER F 192 -45.17 -4.91 -23.02
N GLU F 193 -45.23 -6.17 -22.54
CA GLU F 193 -45.97 -6.61 -21.34
C GLU F 193 -45.24 -7.80 -20.70
N TRP F 194 -45.06 -7.77 -19.38
CA TRP F 194 -44.64 -8.97 -18.61
C TRP F 194 -45.05 -8.80 -17.15
N ALA F 195 -45.20 -9.93 -16.44
CA ALA F 195 -45.56 -10.00 -15.01
C ALA F 195 -45.44 -11.44 -14.52
N SER F 196 -45.18 -11.61 -13.21
CA SER F 196 -45.39 -12.89 -12.48
C SER F 196 -46.90 -13.10 -12.35
N THR F 197 -47.37 -14.34 -12.60
CA THR F 197 -48.78 -14.77 -12.41
C THR F 197 -48.92 -15.53 -11.09
N SER F 198 -47.82 -15.71 -10.34
CA SER F 198 -47.80 -16.40 -9.02
C SER F 198 -48.79 -15.69 -8.08
N ARG F 199 -49.51 -16.46 -7.26
CA ARG F 199 -50.43 -15.93 -6.22
C ARG F 199 -49.68 -15.80 -4.90
N SER F 200 -48.40 -16.18 -4.87
CA SER F 200 -47.46 -16.03 -3.73
C SER F 200 -46.64 -14.76 -3.93
N TYR F 201 -46.79 -13.76 -3.05
CA TYR F 201 -46.14 -12.44 -3.23
C TYR F 201 -44.62 -12.59 -3.25
N PRO F 202 -43.98 -13.36 -2.34
CA PRO F 202 -42.53 -13.57 -2.40
C PRO F 202 -42.04 -14.08 -3.78
N ASP F 203 -42.85 -14.88 -4.46
CA ASP F 203 -42.53 -15.44 -5.80
C ASP F 203 -42.73 -14.37 -6.88
N VAL F 204 -43.69 -13.45 -6.68
CA VAL F 204 -43.93 -12.29 -7.59
C VAL F 204 -42.73 -11.33 -7.48
N LEU F 205 -42.42 -10.89 -6.27
CA LEU F 205 -41.30 -9.97 -5.96
C LEU F 205 -39.99 -10.59 -6.45
N GLY F 206 -39.77 -11.88 -6.19
CA GLY F 206 -38.54 -12.60 -6.56
C GLY F 206 -38.31 -12.61 -8.07
N LEU F 207 -39.35 -12.88 -8.86
CA LEU F 207 -39.28 -12.94 -10.34
C LEU F 207 -39.06 -11.53 -10.89
N THR F 208 -39.88 -10.57 -10.45
CA THR F 208 -39.84 -9.15 -10.90
C THR F 208 -38.41 -8.62 -10.71
N VAL F 209 -37.86 -8.74 -9.49
CA VAL F 209 -36.49 -8.30 -9.12
C VAL F 209 -35.46 -9.01 -10.02
N GLN F 210 -35.56 -10.33 -10.18
CA GLN F 210 -34.60 -11.14 -11.00
C GLN F 210 -34.57 -10.62 -12.44
N LEU F 211 -35.75 -10.45 -13.06
CA LEU F 211 -35.87 -10.17 -14.52
C LEU F 211 -35.53 -8.69 -14.80
N ALA F 212 -35.95 -7.77 -13.92
CA ALA F 212 -35.59 -6.34 -14.00
C ALA F 212 -34.07 -6.22 -14.07
N ASN F 213 -33.37 -6.80 -13.09
CA ASN F 213 -31.89 -6.72 -12.96
C ASN F 213 -31.22 -7.44 -14.14
N TRP F 214 -31.75 -8.58 -14.58
CA TRP F 214 -31.19 -9.37 -15.71
C TRP F 214 -31.33 -8.59 -17.02
N MET F 215 -32.52 -8.03 -17.28
CA MET F 215 -32.82 -7.29 -18.53
C MET F 215 -32.05 -5.96 -18.54
N ASP F 216 -31.89 -5.32 -17.37
CA ASP F 216 -31.10 -4.06 -17.19
C ASP F 216 -29.67 -4.25 -17.72
N SER F 217 -29.05 -5.41 -17.49
CA SER F 217 -27.64 -5.69 -17.86
C SER F 217 -27.55 -6.51 -19.16
N THR F 218 -28.66 -6.65 -19.90
CA THR F 218 -28.72 -7.34 -21.22
C THR F 218 -28.89 -6.29 -22.32
N PRO F 219 -27.83 -5.97 -23.10
CA PRO F 219 -27.87 -4.90 -24.08
C PRO F 219 -29.02 -4.99 -25.10
N TRP F 220 -29.35 -6.20 -25.58
CA TRP F 220 -30.29 -6.41 -26.71
C TRP F 220 -31.75 -6.34 -26.24
N VAL F 221 -32.00 -6.10 -24.95
CA VAL F 221 -33.34 -5.71 -24.43
C VAL F 221 -33.38 -4.17 -24.33
N ALA F 222 -34.08 -3.53 -25.26
CA ALA F 222 -34.19 -2.06 -25.37
C ALA F 222 -34.95 -1.50 -24.15
N GLU F 223 -36.15 -2.04 -23.89
CA GLU F 223 -36.98 -1.66 -22.72
C GLU F 223 -37.93 -2.81 -22.35
N TYR F 224 -38.50 -2.78 -21.15
CA TYR F 224 -39.44 -3.79 -20.62
C TYR F 224 -40.53 -3.09 -19.80
N ALA F 225 -41.74 -3.64 -19.83
CA ALA F 225 -43.00 -3.00 -19.35
C ALA F 225 -43.74 -3.94 -18.39
N LEU F 226 -43.63 -3.69 -17.07
CA LEU F 226 -44.27 -4.52 -16.02
C LEU F 226 -45.76 -4.20 -15.97
N PHE F 227 -46.61 -5.22 -16.10
CA PHE F 227 -48.09 -5.10 -16.14
C PHE F 227 -48.65 -5.04 -14.71
N GLY F 228 -49.74 -4.28 -14.52
CA GLY F 228 -50.59 -4.34 -13.32
C GLY F 228 -50.92 -3.00 -12.68
N CYS F 229 -50.49 -1.88 -13.28
CA CYS F 229 -50.76 -0.51 -12.74
C CYS F 229 -52.15 -0.05 -13.18
N MET F 230 -53.19 -0.57 -12.52
CA MET F 230 -54.62 -0.26 -12.74
C MET F 230 -55.40 -0.67 -11.49
N ARG F 231 -56.59 -0.10 -11.25
CA ARG F 231 -57.35 -0.25 -9.98
C ARG F 231 -57.98 -1.64 -9.88
N GLN F 232 -58.67 -2.09 -10.92
CA GLN F 232 -59.33 -3.43 -11.00
C GLN F 232 -58.34 -4.43 -11.58
N MET F 233 -58.56 -5.72 -11.32
CA MET F 233 -57.88 -6.83 -12.05
C MET F 233 -58.36 -6.76 -13.51
N ALA F 234 -57.45 -6.91 -14.47
CA ALA F 234 -57.76 -6.93 -15.92
C ALA F 234 -58.68 -8.11 -16.22
N ASP F 235 -58.40 -9.25 -15.58
CA ASP F 235 -59.02 -10.57 -15.89
C ASP F 235 -58.68 -11.53 -14.74
N ASP F 236 -58.99 -12.83 -14.91
CA ASP F 236 -58.76 -13.90 -13.89
C ASP F 236 -57.35 -14.48 -14.04
N PHE F 237 -56.65 -14.18 -15.14
CA PHE F 237 -55.33 -14.78 -15.47
C PHE F 237 -54.23 -14.14 -14.61
N VAL F 238 -54.20 -12.81 -14.53
CA VAL F 238 -53.15 -12.04 -13.81
C VAL F 238 -53.35 -12.18 -12.29
N SER F 239 -52.26 -12.06 -11.53
CA SER F 239 -52.23 -12.24 -10.04
C SER F 239 -52.59 -10.94 -9.35
N PRO F 240 -53.53 -10.96 -8.37
CA PRO F 240 -53.74 -9.81 -7.49
C PRO F 240 -52.48 -9.37 -6.71
N GLU F 241 -51.53 -10.28 -6.49
CA GLU F 241 -50.28 -10.02 -5.72
C GLU F 241 -49.29 -9.23 -6.57
N ALA F 242 -49.48 -9.23 -7.89
CA ALA F 242 -48.61 -8.54 -8.88
C ALA F 242 -49.16 -7.16 -9.23
N GLN F 243 -50.28 -6.74 -8.64
CA GLN F 243 -50.89 -5.40 -8.88
C GLN F 243 -49.87 -4.32 -8.47
N LEU F 244 -49.76 -3.27 -9.28
CA LEU F 244 -48.86 -2.11 -9.08
C LEU F 244 -49.67 -0.92 -8.53
N MET F 245 -51.00 -1.00 -8.60
CA MET F 245 -51.95 0.01 -8.07
C MET F 245 -52.96 -0.68 -7.15
N ASN F 246 -53.27 -0.06 -6.00
CA ASN F 246 -54.35 -0.48 -5.08
C ASN F 246 -55.69 0.02 -5.65
N LYS F 247 -56.81 -0.43 -5.06
CA LYS F 247 -58.19 -0.08 -5.52
C LYS F 247 -58.45 1.43 -5.39
N ASP F 248 -57.75 2.12 -4.48
CA ASP F 248 -57.93 3.58 -4.23
C ASP F 248 -57.06 4.42 -5.20
N GLY F 249 -56.16 3.78 -5.96
CA GLY F 249 -55.33 4.45 -6.97
C GLY F 249 -53.92 4.73 -6.48
N SER F 250 -53.64 4.54 -5.19
CA SER F 250 -52.28 4.58 -4.60
C SER F 250 -51.45 3.43 -5.18
N PHE F 251 -50.12 3.50 -5.08
CA PHE F 251 -49.19 2.52 -5.67
C PHE F 251 -48.80 1.48 -4.61
N THR F 252 -48.63 0.23 -5.06
CA THR F 252 -48.16 -0.89 -4.22
C THR F 252 -46.64 -0.75 -4.03
N ASP F 253 -46.09 -1.47 -3.06
CA ASP F 253 -44.63 -1.48 -2.79
C ASP F 253 -43.90 -2.03 -4.01
N LEU F 254 -44.52 -2.96 -4.75
CA LEU F 254 -43.91 -3.57 -5.97
C LEU F 254 -43.73 -2.47 -7.02
N MET F 255 -44.72 -1.58 -7.15
CA MET F 255 -44.69 -0.43 -8.10
C MET F 255 -43.59 0.53 -7.68
N TRP F 256 -43.51 0.85 -6.38
CA TRP F 256 -42.46 1.75 -5.82
C TRP F 256 -41.08 1.22 -6.22
N LYS F 257 -40.83 -0.07 -5.97
CA LYS F 257 -39.53 -0.72 -6.25
C LYS F 257 -39.26 -0.67 -7.76
N TYR F 258 -40.26 -0.97 -8.58
CA TYR F 258 -40.16 -0.98 -10.07
C TYR F 258 -39.68 0.39 -10.55
N MET F 259 -40.23 1.48 -10.01
CA MET F 259 -40.03 2.85 -10.55
C MET F 259 -38.95 3.61 -9.78
N SER F 260 -38.37 3.05 -8.70
CA SER F 260 -37.44 3.79 -7.81
C SER F 260 -36.06 3.10 -7.69
N ASP F 261 -35.98 1.77 -7.76
CA ASP F 261 -34.78 1.00 -7.31
C ASP F 261 -34.04 0.41 -8.50
N GLN F 262 -32.75 0.73 -8.65
CA GLN F 262 -31.84 0.17 -9.69
C GLN F 262 -30.44 0.06 -9.10
N PRO F 263 -29.95 -1.17 -8.78
CA PRO F 263 -30.68 -2.41 -9.03
C PRO F 263 -31.96 -2.54 -8.18
N MET F 264 -32.88 -3.40 -8.62
CA MET F 264 -34.05 -3.85 -7.81
C MET F 264 -33.56 -4.81 -6.72
N HIS F 265 -34.21 -4.79 -5.56
CA HIS F 265 -33.94 -5.69 -4.41
C HIS F 265 -35.27 -6.18 -3.83
N ILE F 266 -35.26 -7.34 -3.17
CA ILE F 266 -36.46 -7.94 -2.50
C ILE F 266 -36.68 -7.24 -1.14
N HIS G 20 35.04 33.37 -26.62
CA HIS G 20 35.92 34.15 -25.62
C HIS G 20 35.57 33.73 -24.18
N MET G 21 36.60 33.52 -23.36
CA MET G 21 36.48 32.89 -22.03
C MET G 21 35.59 33.81 -21.17
N VAL G 22 34.43 33.34 -20.74
CA VAL G 22 33.53 34.08 -19.81
C VAL G 22 34.09 33.90 -18.39
N LYS G 23 34.33 35.00 -17.68
CA LYS G 23 34.99 35.01 -16.36
C LYS G 23 34.11 35.73 -15.34
N LYS G 24 33.22 34.98 -14.67
CA LYS G 24 32.25 35.51 -13.67
C LYS G 24 32.37 34.76 -12.32
N ARG G 25 33.31 33.82 -12.18
CA ARG G 25 33.32 32.88 -11.03
C ARG G 25 34.14 33.47 -9.90
N VAL G 26 33.56 33.54 -8.70
CA VAL G 26 34.22 34.05 -7.46
C VAL G 26 34.83 32.85 -6.72
N LEU G 27 36.04 33.04 -6.19
CA LEU G 27 36.71 32.09 -5.27
C LEU G 27 36.37 32.51 -3.84
N LEU G 28 35.39 31.85 -3.22
CA LEU G 28 35.11 31.97 -1.77
C LEU G 28 36.25 31.29 -1.01
N TRP G 29 36.98 32.06 -0.19
CA TRP G 29 38.21 31.60 0.51
C TRP G 29 38.02 31.78 2.02
N ASP G 30 37.41 30.77 2.67
CA ASP G 30 37.12 30.78 4.12
C ASP G 30 38.42 31.01 4.89
N TYR G 31 38.35 31.74 6.00
CA TYR G 31 39.52 32.15 6.81
C TYR G 31 40.25 30.93 7.36
N THR G 32 39.58 29.78 7.49
CA THR G 32 40.21 28.51 7.97
C THR G 32 41.28 28.09 6.96
N ASN G 33 41.09 28.37 5.66
CA ASN G 33 42.11 28.14 4.61
C ASN G 33 43.35 28.98 4.92
N THR G 34 43.15 30.28 5.21
CA THR G 34 44.23 31.24 5.56
C THR G 34 44.92 30.77 6.84
N ARG G 35 44.15 30.27 7.82
CA ARG G 35 44.64 29.84 9.16
C ARG G 35 45.51 28.58 9.03
N ASP G 36 45.12 27.62 8.19
CA ASP G 36 45.63 26.22 8.22
C ASP G 36 46.40 25.85 6.94
N VAL G 37 45.95 26.29 5.76
CA VAL G 37 46.45 25.78 4.45
C VAL G 37 46.60 26.92 3.42
N LYS G 38 47.31 28.00 3.79
CA LYS G 38 47.71 29.10 2.86
C LYS G 38 48.11 28.50 1.50
N TRP G 39 49.01 27.52 1.53
CA TRP G 39 49.65 26.87 0.37
C TRP G 39 48.60 26.44 -0.68
N ALA G 40 47.37 26.17 -0.27
CA ALA G 40 46.28 25.71 -1.16
C ALA G 40 45.99 26.76 -2.24
N MET G 41 46.17 28.05 -1.93
CA MET G 41 45.88 29.18 -2.86
C MET G 41 46.79 29.08 -4.09
N ASP G 42 48.05 28.65 -3.90
CA ASP G 42 49.06 28.53 -4.98
C ASP G 42 48.69 27.41 -5.95
N LYS G 43 47.76 26.51 -5.58
CA LYS G 43 47.29 25.40 -6.43
C LYS G 43 46.04 25.80 -7.22
N ILE G 44 45.50 26.99 -6.99
CA ILE G 44 44.34 27.55 -7.76
C ILE G 44 44.77 27.71 -9.23
N ASN G 45 43.82 27.51 -10.15
CA ASN G 45 43.97 27.78 -11.61
C ASN G 45 43.46 29.21 -11.86
N PHE G 46 44.37 30.13 -12.21
CA PHE G 46 44.08 31.58 -12.42
C PHE G 46 43.88 31.90 -13.90
N LYS G 47 44.09 30.91 -14.78
CA LYS G 47 44.02 31.07 -16.27
C LYS G 47 42.64 30.65 -16.79
N GLY G 48 41.78 30.14 -15.91
CA GLY G 48 40.39 29.74 -16.24
C GLY G 48 39.39 30.85 -15.91
N PRO G 49 38.10 30.53 -15.68
CA PRO G 49 37.06 31.53 -15.48
C PRO G 49 36.92 32.14 -14.07
N LEU G 50 37.85 31.87 -13.15
CA LEU G 50 37.93 32.62 -11.87
C LEU G 50 38.22 34.10 -12.18
N HIS G 51 37.52 35.02 -11.52
CA HIS G 51 37.52 36.47 -11.89
C HIS G 51 37.67 37.36 -10.65
N SER G 52 37.38 36.86 -9.45
CA SER G 52 37.48 37.61 -8.17
C SER G 52 37.51 36.65 -6.99
N CYS G 53 37.57 37.18 -5.77
CA CYS G 53 37.74 36.42 -4.51
C CYS G 53 37.12 37.21 -3.35
N SER G 54 36.48 36.52 -2.40
CA SER G 54 35.96 37.10 -1.12
C SER G 54 36.17 36.09 0.00
N ASN G 55 36.17 36.53 1.26
CA ASN G 55 36.46 35.67 2.44
C ASN G 55 35.60 36.06 3.64
N TRP G 56 34.45 36.70 3.43
CA TRP G 56 33.48 37.08 4.50
C TRP G 56 34.11 38.04 5.52
N ASN G 57 35.27 38.64 5.21
CA ASN G 57 36.05 39.46 6.17
C ASN G 57 36.48 40.78 5.53
N THR G 58 36.87 41.75 6.36
CA THR G 58 37.40 43.09 5.98
C THR G 58 38.86 42.96 5.53
N TRP G 59 39.62 42.05 6.15
CA TRP G 59 41.08 41.90 5.94
C TRP G 59 41.36 41.08 4.66
N TYR G 60 42.54 41.29 4.08
CA TYR G 60 42.96 40.75 2.77
C TYR G 60 43.71 39.43 2.98
N PRO G 61 43.40 38.37 2.19
CA PRO G 61 44.16 37.12 2.24
C PRO G 61 45.50 37.22 1.48
N ASP G 62 46.60 37.45 2.21
CA ASP G 62 47.96 37.71 1.66
C ASP G 62 48.32 36.68 0.59
N GLU G 63 47.98 35.40 0.83
CA GLU G 63 48.37 34.26 -0.06
C GLU G 63 47.80 34.46 -1.47
N LEU G 64 46.71 35.23 -1.62
CA LEU G 64 46.09 35.57 -2.94
C LEU G 64 47.13 36.28 -3.82
N LYS G 65 47.98 37.13 -3.23
CA LYS G 65 49.06 37.89 -3.90
C LYS G 65 48.49 38.67 -5.09
N HIS G 66 47.29 39.23 -4.92
CA HIS G 66 46.58 40.15 -5.85
C HIS G 66 46.36 39.49 -7.22
N ARG G 67 46.34 38.15 -7.31
CA ARG G 67 46.17 37.43 -8.60
C ARG G 67 44.72 37.51 -9.07
N LEU G 68 43.79 37.84 -8.18
CA LEU G 68 42.37 38.16 -8.49
C LEU G 68 41.95 39.38 -7.67
N PRO G 69 41.03 40.22 -8.17
CA PRO G 69 40.44 41.28 -7.36
C PRO G 69 39.77 40.67 -6.11
N PHE G 70 39.93 41.32 -4.96
CA PHE G 70 39.35 40.89 -3.66
C PHE G 70 38.19 41.82 -3.32
N ARG G 71 37.05 41.26 -2.89
CA ARG G 71 35.91 42.04 -2.37
C ARG G 71 35.90 41.93 -0.85
N PRO G 72 36.38 42.95 -0.10
CA PRO G 72 36.20 42.96 1.35
C PRO G 72 34.71 42.92 1.69
N MET G 73 34.38 42.42 2.88
CA MET G 73 32.98 42.34 3.38
C MET G 73 32.90 43.04 4.74
N ILE G 74 31.85 43.84 4.92
CA ILE G 74 31.35 44.30 6.25
C ILE G 74 30.33 43.24 6.70
N HIS G 75 30.81 42.19 7.37
CA HIS G 75 30.05 40.95 7.66
C HIS G 75 28.88 41.24 8.61
N GLY G 76 29.15 41.96 9.71
CA GLY G 76 28.16 42.29 10.75
C GLY G 76 28.54 43.53 11.53
N LYS G 77 27.79 43.82 12.60
CA LYS G 77 27.94 45.03 13.45
C LYS G 77 29.35 45.07 14.07
N ASN G 78 29.97 43.91 14.27
CA ASN G 78 31.33 43.74 14.86
C ASN G 78 32.42 44.30 13.93
N ASN G 79 32.09 44.66 12.70
CA ASN G 79 33.05 45.07 11.63
C ASN G 79 32.93 46.57 11.30
N LEU G 80 32.25 47.35 12.14
CA LEU G 80 31.93 48.79 11.89
C LEU G 80 32.92 49.71 12.62
N THR G 81 33.76 49.18 13.52
CA THR G 81 34.66 49.99 14.40
C THR G 81 36.08 49.41 14.38
N GLY G 82 37.03 50.13 14.96
CA GLY G 82 38.42 49.68 15.19
C GLY G 82 39.10 49.21 13.92
N GLY G 83 40.06 48.29 14.05
CA GLY G 83 40.90 47.77 12.96
C GLY G 83 40.08 47.17 11.84
N GLU G 84 38.91 46.61 12.16
CA GLU G 84 37.95 46.04 11.15
C GLU G 84 37.55 47.13 10.17
N TRP G 85 37.08 48.28 10.66
CA TRP G 85 36.63 49.42 9.81
C TRP G 85 37.83 50.05 9.10
N GLN G 86 39.01 50.07 9.73
CA GLN G 86 40.25 50.64 9.15
C GLN G 86 40.64 49.86 7.90
N ASN G 87 40.47 48.54 7.91
CA ASN G 87 40.73 47.65 6.76
C ASN G 87 39.86 48.09 5.57
N ILE G 88 38.60 48.46 5.85
CA ILE G 88 37.59 48.89 4.83
C ILE G 88 37.98 50.28 4.29
N LEU G 89 38.37 51.21 5.18
CA LEU G 89 38.70 52.61 4.81
C LEU G 89 39.97 52.65 3.95
N LYS G 90 40.91 51.73 4.15
CA LYS G 90 42.29 51.78 3.58
C LYS G 90 42.40 50.92 2.31
N THR G 91 41.40 50.09 1.99
CA THR G 91 41.49 49.11 0.87
C THR G 91 41.61 49.83 -0.47
N ASN G 92 42.39 49.25 -1.39
CA ASN G 92 42.56 49.71 -2.80
C ASN G 92 41.58 48.99 -3.71
N GLU G 93 40.82 48.02 -3.18
CA GLU G 93 39.92 47.15 -3.98
C GLU G 93 38.63 47.94 -4.28
N GLU G 94 37.95 47.60 -5.37
CA GLU G 94 36.90 48.45 -6.02
C GLU G 94 35.50 48.15 -5.47
N VAL G 95 35.22 46.90 -5.07
CA VAL G 95 33.84 46.44 -4.69
C VAL G 95 33.85 45.92 -3.25
N ILE G 96 32.88 46.37 -2.44
CA ILE G 96 32.75 46.02 -0.99
C ILE G 96 31.34 45.49 -0.73
N HIS G 97 31.23 44.33 -0.07
CA HIS G 97 29.97 43.68 0.36
C HIS G 97 29.52 44.25 1.70
N PHE G 98 28.21 44.51 1.84
CA PHE G 98 27.56 44.84 3.14
C PHE G 98 27.20 43.52 3.85
N PHE G 99 26.26 43.56 4.81
CA PHE G 99 26.04 42.52 5.85
C PHE G 99 25.71 41.16 5.23
N ASN G 100 26.20 40.09 5.86
CA ASN G 100 25.91 38.67 5.50
C ASN G 100 24.67 38.22 6.28
N GLU G 101 23.61 37.83 5.56
CA GLU G 101 22.32 37.32 6.11
C GLU G 101 22.00 38.07 7.40
N PRO G 102 21.71 39.38 7.32
CA PRO G 102 21.44 40.20 8.50
C PRO G 102 20.14 39.81 9.21
N GLU G 103 19.19 39.24 8.46
CA GLU G 103 17.86 38.81 8.98
C GLU G 103 18.02 37.69 10.01
N ARG G 104 19.17 37.00 10.00
CA ARG G 104 19.48 35.88 10.93
C ARG G 104 20.52 36.29 11.99
N ALA G 105 20.88 37.58 12.06
CA ALA G 105 21.84 38.12 13.05
C ALA G 105 21.20 39.24 13.88
N GLY G 106 19.86 39.34 13.83
CA GLY G 106 19.08 40.34 14.60
C GLY G 106 19.39 41.77 14.19
N ILE G 107 19.67 41.99 12.89
CA ILE G 107 19.84 43.33 12.28
C ILE G 107 18.59 43.62 11.44
N SER G 108 17.76 44.58 11.86
CA SER G 108 16.52 44.99 11.14
C SER G 108 16.90 45.73 9.87
N PRO G 109 16.02 45.78 8.84
CA PRO G 109 16.23 46.65 7.68
C PRO G 109 16.49 48.12 8.06
N GLU G 110 15.76 48.63 9.06
CA GLU G 110 15.83 50.05 9.51
C GLU G 110 17.22 50.34 10.09
N GLU G 111 17.77 49.41 10.86
CA GLU G 111 19.09 49.53 11.54
C GLU G 111 20.21 49.49 10.49
N ALA G 112 20.07 48.66 9.45
CA ALA G 112 21.05 48.47 8.37
C ALA G 112 21.01 49.67 7.41
N ALA G 113 19.82 50.25 7.19
CA ALA G 113 19.61 51.48 6.39
C ALA G 113 20.30 52.67 7.06
N LYS G 114 20.22 52.77 8.39
CA LYS G 114 20.86 53.85 9.18
C LYS G 114 22.38 53.74 9.05
N ILE G 115 22.94 52.54 9.21
CA ILE G 115 24.41 52.28 9.16
C ILE G 115 24.91 52.57 7.74
N TRP G 116 24.13 52.20 6.71
CA TRP G 116 24.41 52.46 5.28
C TRP G 116 24.56 53.97 5.06
N ASN G 117 23.56 54.77 5.43
CA ASN G 117 23.54 56.25 5.26
C ASN G 117 24.68 56.89 6.08
N ASP G 118 24.83 56.51 7.34
CA ASP G 118 25.70 57.20 8.33
C ASP G 118 27.19 56.87 8.12
N GLN G 119 27.53 55.75 7.46
CA GLN G 119 28.90 55.17 7.56
C GLN G 119 29.36 54.52 6.24
N VAL G 120 28.53 53.70 5.59
CA VAL G 120 28.96 52.85 4.44
C VAL G 120 28.92 53.65 3.14
N LEU G 121 27.90 54.50 2.94
CA LEU G 121 27.65 55.26 1.69
C LEU G 121 28.88 56.11 1.34
N ALA G 122 29.56 56.66 2.36
CA ALA G 122 30.80 57.46 2.25
C ALA G 122 31.86 56.69 1.44
N LEU G 123 31.86 55.36 1.49
CA LEU G 123 32.82 54.53 0.71
C LEU G 123 32.58 54.73 -0.79
N ARG G 124 31.38 55.18 -1.19
CA ARG G 124 31.08 55.50 -2.61
C ARG G 124 31.31 56.99 -2.88
N THR G 125 30.60 57.87 -2.15
CA THR G 125 30.58 59.34 -2.42
C THR G 125 31.99 59.92 -2.27
N SER G 126 32.81 59.35 -1.38
CA SER G 126 34.12 59.91 -0.95
C SER G 126 35.30 59.02 -1.41
N HIS G 127 35.18 57.70 -1.39
CA HIS G 127 36.27 56.74 -1.73
C HIS G 127 36.01 56.04 -3.07
N HIS G 128 34.85 56.29 -3.69
CA HIS G 128 34.48 55.85 -5.07
C HIS G 128 34.55 54.31 -5.21
N LYS G 129 34.16 53.60 -4.15
CA LYS G 129 33.97 52.13 -4.15
C LYS G 129 32.55 51.85 -4.65
N ARG G 130 32.34 50.66 -5.22
CA ARG G 130 30.99 50.13 -5.53
C ARG G 130 30.55 49.23 -4.38
N LEU G 131 29.26 49.26 -4.04
CA LEU G 131 28.71 48.63 -2.82
C LEU G 131 27.70 47.55 -3.21
N VAL G 132 27.85 46.35 -2.66
CA VAL G 132 26.87 45.22 -2.78
C VAL G 132 25.92 45.31 -1.60
N SER G 133 24.61 45.18 -1.85
CA SER G 133 23.55 45.10 -0.81
C SER G 133 23.94 43.99 0.17
N PRO G 134 23.33 43.96 1.37
CA PRO G 134 23.44 42.77 2.22
C PRO G 134 22.93 41.56 1.41
N SER G 135 23.55 40.39 1.61
CA SER G 135 23.17 39.11 0.97
C SER G 135 22.35 38.29 1.96
N CYS G 136 21.03 38.23 1.75
CA CYS G 136 20.05 37.48 2.58
C CYS G 136 19.83 36.09 2.00
N ALA G 137 19.27 35.18 2.80
CA ALA G 137 18.90 33.80 2.38
C ALA G 137 17.73 33.85 1.40
N SER G 138 17.53 32.78 0.63
CA SER G 138 16.50 32.67 -0.44
C SER G 138 15.18 32.14 0.14
N ASP G 139 14.84 32.54 1.38
CA ASP G 139 13.57 32.15 2.07
C ASP G 139 12.72 33.40 2.24
N PRO G 140 11.40 33.26 2.53
CA PRO G 140 10.51 34.41 2.67
C PRO G 140 11.03 35.52 3.62
N ALA G 141 11.71 35.14 4.71
CA ALA G 141 12.29 36.08 5.70
C ALA G 141 13.36 36.95 5.03
N GLY G 142 14.26 36.34 4.26
CA GLY G 142 15.35 37.01 3.51
C GLY G 142 14.80 37.88 2.40
N ILE G 143 13.89 37.34 1.59
CA ILE G 143 13.25 38.05 0.44
C ILE G 143 12.57 39.32 0.95
N ALA G 144 11.91 39.23 2.11
CA ALA G 144 11.15 40.34 2.74
C ALA G 144 12.14 41.37 3.32
N TRP G 145 13.24 40.92 3.91
CA TRP G 145 14.27 41.80 4.54
C TRP G 145 14.89 42.70 3.47
N ILE G 146 15.38 42.10 2.37
CA ILE G 146 16.06 42.83 1.27
C ILE G 146 15.03 43.72 0.55
N LYS G 147 13.77 43.28 0.41
CA LYS G 147 12.70 44.10 -0.22
C LYS G 147 12.54 45.41 0.56
N LYS G 148 12.52 45.33 1.90
CA LYS G 148 12.28 46.49 2.80
C LYS G 148 13.50 47.42 2.78
N TRP G 149 14.71 46.85 2.89
CA TRP G 149 15.99 47.61 2.96
C TRP G 149 16.24 48.36 1.66
N MET G 150 16.00 47.71 0.51
CA MET G 150 16.16 48.32 -0.84
C MET G 150 15.20 49.51 -0.99
N ASN G 151 14.00 49.41 -0.42
CA ASN G 151 12.98 50.50 -0.43
C ASN G 151 13.46 51.65 0.47
N LEU G 152 14.03 51.35 1.63
CA LEU G 152 14.49 52.35 2.64
C LEU G 152 15.66 53.19 2.09
N VAL G 153 16.47 52.63 1.18
CA VAL G 153 17.70 53.28 0.65
C VAL G 153 17.57 53.48 -0.87
N ALA G 154 16.35 53.57 -1.39
CA ALA G 154 16.04 53.68 -2.85
C ALA G 154 16.68 54.94 -3.43
N LYS G 155 16.87 55.99 -2.62
CA LYS G 155 17.46 57.28 -3.06
C LYS G 155 18.99 57.17 -3.11
N ASN G 156 19.56 56.14 -2.49
CA ASN G 156 21.02 55.82 -2.53
C ASN G 156 21.20 54.31 -2.69
N PRO G 157 20.75 53.73 -3.82
CA PRO G 157 20.68 52.27 -3.95
C PRO G 157 22.08 51.68 -4.05
N PRO G 158 22.26 50.36 -3.78
CA PRO G 158 23.54 49.71 -3.97
C PRO G 158 23.85 49.51 -5.47
N ASP G 159 25.13 49.31 -5.78
CA ASP G 159 25.62 49.10 -7.17
C ASP G 159 25.26 47.68 -7.64
N TYR G 160 25.22 46.71 -6.70
CA TYR G 160 24.85 45.31 -6.97
C TYR G 160 23.87 44.79 -5.91
N LEU G 161 22.95 43.92 -6.33
CA LEU G 161 22.07 43.13 -5.42
C LEU G 161 22.78 41.81 -5.08
N GLY G 162 23.08 41.60 -3.80
CA GLY G 162 23.70 40.37 -3.27
C GLY G 162 22.65 39.33 -2.92
N LEU G 163 22.80 38.10 -3.43
CA LEU G 163 21.87 36.96 -3.21
C LEU G 163 22.65 35.72 -2.75
N HIS G 164 22.05 34.94 -1.85
CA HIS G 164 22.42 33.54 -1.55
C HIS G 164 21.33 32.62 -2.13
N TRP G 165 21.69 31.40 -2.51
CA TRP G 165 20.74 30.31 -2.84
C TRP G 165 21.36 28.95 -2.56
N TYR G 166 20.68 28.17 -1.72
CA TYR G 166 20.99 26.73 -1.47
C TYR G 166 19.72 25.91 -1.72
N GLY G 167 19.87 24.74 -2.35
CA GLY G 167 18.78 23.81 -2.69
C GLY G 167 19.27 22.69 -3.59
N THR G 168 18.35 21.86 -4.11
CA THR G 168 18.67 20.63 -4.86
C THR G 168 18.21 20.74 -6.32
N LYS G 169 17.30 21.67 -6.62
CA LYS G 169 16.67 21.81 -7.97
C LYS G 169 17.18 23.08 -8.65
N GLY G 170 18.03 22.90 -9.67
CA GLY G 170 18.62 23.99 -10.47
C GLY G 170 17.55 24.90 -11.08
N ASP G 171 16.46 24.31 -11.59
CA ASP G 171 15.35 25.08 -12.21
C ASP G 171 14.75 26.06 -11.19
N GLU G 172 14.81 25.74 -9.89
CA GLU G 172 14.25 26.60 -8.81
C GLU G 172 15.20 27.78 -8.52
N MET G 173 16.52 27.58 -8.62
CA MET G 173 17.53 28.67 -8.45
C MET G 173 17.38 29.67 -9.61
N ILE G 174 17.26 29.17 -10.84
CA ILE G 174 17.03 29.99 -12.07
C ILE G 174 15.77 30.84 -11.87
N ARG G 175 14.67 30.23 -11.43
CA ARG G 175 13.35 30.90 -11.26
C ARG G 175 13.48 31.97 -10.16
N TYR G 176 14.32 31.74 -9.16
CA TYR G 176 14.57 32.67 -8.02
C TYR G 176 15.37 33.90 -8.50
N LEU G 177 16.45 33.67 -9.26
CA LEU G 177 17.29 34.76 -9.82
C LEU G 177 16.43 35.62 -10.75
N GLU G 178 15.70 34.99 -11.68
CA GLU G 178 14.78 35.66 -12.64
C GLU G 178 13.73 36.45 -11.84
N SER G 179 13.24 35.89 -10.74
CA SER G 179 12.22 36.49 -9.85
C SER G 179 12.79 37.74 -9.16
N MET G 180 14.01 37.65 -8.61
CA MET G 180 14.67 38.77 -7.88
C MET G 180 15.12 39.85 -8.87
N HIS G 181 15.46 39.48 -10.11
CA HIS G 181 15.88 40.42 -11.19
C HIS G 181 14.67 41.26 -11.65
N LYS G 182 13.46 40.68 -11.64
CA LYS G 182 12.21 41.39 -12.00
C LYS G 182 11.81 42.34 -10.87
N GLU G 183 11.95 41.89 -9.62
CA GLU G 183 11.57 42.66 -8.40
C GLU G 183 12.54 43.82 -8.19
N HIS G 184 13.81 43.65 -8.56
CA HIS G 184 14.91 44.64 -8.35
C HIS G 184 15.71 44.80 -9.65
N PRO G 185 15.13 45.44 -10.69
CA PRO G 185 15.73 45.44 -12.03
C PRO G 185 16.82 46.49 -12.30
N HIS G 186 17.13 47.36 -11.32
CA HIS G 186 17.91 48.61 -11.52
C HIS G 186 19.41 48.37 -11.44
N GLN G 187 19.86 47.22 -10.93
CA GLN G 187 21.31 46.89 -10.81
C GLN G 187 21.55 45.43 -11.16
N PRO G 188 22.80 45.05 -11.50
CA PRO G 188 23.14 43.64 -11.70
C PRO G 188 23.11 42.86 -10.38
N ILE G 189 23.09 41.54 -10.48
CA ILE G 189 23.04 40.61 -9.31
C ILE G 189 24.42 39.96 -9.14
N ILE G 190 24.90 39.90 -7.89
CA ILE G 190 26.04 39.05 -7.45
C ILE G 190 25.46 37.95 -6.57
N VAL G 191 25.65 36.68 -6.96
CA VAL G 191 25.32 35.49 -6.11
C VAL G 191 26.54 35.24 -5.21
N SER G 192 26.55 35.84 -4.01
CA SER G 192 27.71 35.90 -3.10
C SER G 192 27.96 34.53 -2.45
N GLU G 193 26.94 33.66 -2.39
CA GLU G 193 27.03 32.23 -1.97
C GLU G 193 25.96 31.42 -2.72
N TRP G 194 26.32 30.27 -3.26
CA TRP G 194 25.35 29.26 -3.74
C TRP G 194 26.01 27.88 -3.77
N ALA G 195 25.20 26.81 -3.72
CA ALA G 195 25.62 25.40 -3.78
C ALA G 195 24.39 24.50 -3.87
N SER G 196 24.56 23.31 -4.46
CA SER G 196 23.62 22.17 -4.32
C SER G 196 23.76 21.63 -2.89
N THR G 197 22.63 21.34 -2.23
CA THR G 197 22.56 20.70 -0.90
C THR G 197 22.25 19.20 -1.06
N SER G 198 22.09 18.71 -2.29
CA SER G 198 21.82 17.27 -2.59
C SER G 198 22.94 16.42 -2.00
N ARG G 199 22.59 15.25 -1.45
CA ARG G 199 23.56 14.25 -0.91
C ARG G 199 23.93 13.26 -2.02
N SER G 200 23.33 13.40 -3.21
CA SER G 200 23.63 12.63 -4.43
C SER G 200 24.61 13.43 -5.31
N TYR G 201 25.83 12.93 -5.51
CA TYR G 201 26.90 13.67 -6.23
C TYR G 201 26.46 14.00 -7.65
N PRO G 202 25.88 13.06 -8.43
CA PRO G 202 25.38 13.38 -9.77
C PRO G 202 24.41 14.57 -9.80
N ASP G 203 23.61 14.74 -8.75
CA ASP G 203 22.62 15.85 -8.61
C ASP G 203 23.35 17.15 -8.24
N VAL G 204 24.45 17.06 -7.49
CA VAL G 204 25.33 18.22 -7.14
C VAL G 204 26.01 18.72 -8.41
N LEU G 205 26.74 17.82 -9.09
CA LEU G 205 27.46 18.11 -10.36
C LEU G 205 26.48 18.66 -11.40
N GLY G 206 25.30 18.03 -11.53
CA GLY G 206 24.28 18.42 -12.52
C GLY G 206 23.79 19.84 -12.32
N LEU G 207 23.50 20.24 -11.07
CA LEU G 207 23.00 21.59 -10.72
C LEU G 207 24.12 22.62 -10.93
N THR G 208 25.31 22.35 -10.38
CA THR G 208 26.49 23.24 -10.46
C THR G 208 26.76 23.57 -11.94
N VAL G 209 26.90 22.54 -12.78
CA VAL G 209 27.15 22.66 -14.25
C VAL G 209 26.02 23.48 -14.89
N GLN G 210 24.75 23.16 -14.61
CA GLN G 210 23.57 23.85 -15.20
C GLN G 210 23.64 25.34 -14.89
N LEU G 211 23.84 25.71 -13.62
CA LEU G 211 23.70 27.11 -13.14
C LEU G 211 24.93 27.94 -13.54
N ALA G 212 26.13 27.36 -13.48
CA ALA G 212 27.37 27.98 -13.97
C ALA G 212 27.18 28.42 -15.42
N ASN G 213 26.77 27.50 -16.29
CA ASN G 213 26.61 27.75 -17.75
C ASN G 213 25.46 28.74 -17.97
N TRP G 214 24.36 28.63 -17.22
CA TRP G 214 23.18 29.53 -17.36
C TRP G 214 23.57 30.96 -16.94
N MET G 215 24.24 31.11 -15.80
CA MET G 215 24.64 32.43 -15.25
C MET G 215 25.73 33.05 -16.14
N ASP G 216 26.64 32.24 -16.68
CA ASP G 216 27.71 32.66 -17.62
C ASP G 216 27.10 33.42 -18.82
N SER G 217 25.96 32.96 -19.35
CA SER G 217 25.33 33.54 -20.56
C SER G 217 24.16 34.48 -20.19
N THR G 218 24.03 34.85 -18.91
CA THR G 218 23.01 35.81 -18.42
C THR G 218 23.69 37.13 -18.05
N PRO G 219 23.55 38.19 -18.88
CA PRO G 219 24.29 39.44 -18.69
C PRO G 219 24.13 40.08 -17.31
N TRP G 220 22.92 40.03 -16.72
CA TRP G 220 22.57 40.78 -15.48
C TRP G 220 23.07 40.05 -14.22
N VAL G 221 23.72 38.89 -14.38
CA VAL G 221 24.51 38.24 -13.28
C VAL G 221 25.97 38.66 -13.44
N ALA G 222 26.45 39.56 -12.58
CA ALA G 222 27.82 40.12 -12.61
C ALA G 222 28.82 39.02 -12.30
N GLU G 223 28.64 38.31 -11.17
CA GLU G 223 29.49 37.18 -10.73
C GLU G 223 28.70 36.26 -9.81
N TYR G 224 29.21 35.04 -9.60
CA TYR G 224 28.58 34.00 -8.73
C TYR G 224 29.69 33.24 -8.00
N ALA G 225 29.41 32.82 -6.76
CA ALA G 225 30.39 32.30 -5.78
C ALA G 225 29.95 30.93 -5.24
N LEU G 226 30.54 29.85 -5.73
CA LEU G 226 30.20 28.46 -5.33
C LEU G 226 30.81 28.17 -3.95
N PHE G 227 29.98 27.75 -2.99
CA PHE G 227 30.36 27.49 -1.59
C PHE G 227 30.95 26.08 -1.45
N GLY G 228 31.92 25.90 -0.54
CA GLY G 228 32.37 24.57 -0.07
C GLY G 228 33.88 24.39 -0.07
N CYS G 229 34.68 25.41 -0.44
CA CYS G 229 36.16 25.31 -0.48
C CYS G 229 36.74 25.56 0.92
N MET G 230 36.65 24.54 1.78
CA MET G 230 37.16 24.52 3.17
C MET G 230 37.30 23.05 3.60
N ARG G 231 38.13 22.76 4.61
CA ARG G 231 38.51 21.38 5.00
C ARG G 231 37.36 20.66 5.72
N GLN G 232 36.76 21.31 6.72
CA GLN G 232 35.63 20.76 7.52
C GLN G 232 34.32 21.20 6.85
N MET G 233 33.23 20.47 7.11
CA MET G 233 31.86 20.92 6.78
C MET G 233 31.57 22.16 7.65
N ALA G 234 30.97 23.21 7.06
CA ALA G 234 30.59 24.44 7.76
C ALA G 234 29.56 24.12 8.85
N ASP G 235 28.63 23.20 8.53
CA ASP G 235 27.42 22.89 9.34
C ASP G 235 26.80 21.60 8.80
N ASP G 236 25.60 21.23 9.31
CA ASP G 236 24.87 20.01 8.91
C ASP G 236 23.99 20.28 7.67
N PHE G 237 23.81 21.54 7.29
CA PHE G 237 22.90 21.95 6.20
C PHE G 237 23.53 21.62 4.84
N VAL G 238 24.79 22.00 4.64
CA VAL G 238 25.53 21.84 3.34
C VAL G 238 25.88 20.37 3.14
N SER G 239 26.01 19.96 1.88
CA SER G 239 26.26 18.55 1.44
C SER G 239 27.76 18.26 1.45
N PRO G 240 28.22 17.16 2.08
CA PRO G 240 29.59 16.68 1.90
C PRO G 240 29.98 16.41 0.44
N GLU G 241 29.01 16.11 -0.43
CA GLU G 241 29.23 15.79 -1.85
C GLU G 241 29.53 17.07 -2.66
N ALA G 242 29.19 18.24 -2.10
CA ALA G 242 29.37 19.57 -2.72
C ALA G 242 30.67 20.23 -2.25
N GLN G 243 31.46 19.56 -1.40
CA GLN G 243 32.76 20.09 -0.91
C GLN G 243 33.69 20.32 -2.11
N LEU G 244 34.42 21.45 -2.09
CA LEU G 244 35.39 21.86 -3.14
C LEU G 244 36.81 21.57 -2.65
N MET G 245 36.97 21.31 -1.35
CA MET G 245 38.27 20.95 -0.72
C MET G 245 38.09 19.64 0.07
N ASN G 246 39.07 18.74 -0.02
CA ASN G 246 39.17 17.51 0.81
C ASN G 246 39.72 17.89 2.18
N LYS G 247 39.73 16.95 3.13
CA LYS G 247 40.15 17.18 4.53
C LYS G 247 41.65 17.49 4.59
N ASP G 248 42.44 17.08 3.59
CA ASP G 248 43.92 17.29 3.54
C ASP G 248 44.23 18.64 2.89
N GLY G 249 43.25 19.33 2.31
CA GLY G 249 43.41 20.68 1.72
C GLY G 249 43.55 20.64 0.21
N SER G 250 43.71 19.46 -0.40
CA SER G 250 43.64 19.25 -1.87
C SER G 250 42.23 19.58 -2.36
N PHE G 251 42.07 19.81 -3.66
CA PHE G 251 40.78 20.23 -4.28
C PHE G 251 40.05 19.02 -4.83
N THR G 252 38.72 19.03 -4.73
CA THR G 252 37.82 18.01 -5.29
C THR G 252 37.72 18.21 -6.81
N ASP G 253 37.23 17.22 -7.53
CA ASP G 253 37.02 17.30 -9.00
C ASP G 253 35.99 18.39 -9.29
N LEU G 254 35.02 18.61 -8.39
CA LEU G 254 33.98 19.66 -8.57
C LEU G 254 34.67 21.03 -8.57
N MET G 255 35.64 21.23 -7.69
CA MET G 255 36.43 22.49 -7.57
C MET G 255 37.24 22.68 -8.85
N TRP G 256 37.91 21.62 -9.32
CA TRP G 256 38.71 21.65 -10.57
C TRP G 256 37.82 22.14 -11.72
N LYS G 257 36.65 21.54 -11.90
CA LYS G 257 35.69 21.88 -12.98
C LYS G 257 35.25 23.34 -12.83
N TYR G 258 34.92 23.75 -11.61
CA TYR G 258 34.46 25.13 -11.29
C TYR G 258 35.50 26.14 -11.77
N MET G 259 36.79 25.89 -11.51
CA MET G 259 37.87 26.89 -11.71
C MET G 259 38.59 26.69 -13.05
N SER G 260 38.27 25.64 -13.82
CA SER G 260 39.04 25.29 -15.06
C SER G 260 38.17 25.27 -16.31
N ASP G 261 36.89 24.90 -16.23
CA ASP G 261 36.07 24.50 -17.41
C ASP G 261 35.01 25.56 -17.72
N GLN G 262 35.03 26.10 -18.95
CA GLN G 262 34.02 27.07 -19.45
C GLN G 262 33.80 26.81 -20.94
N PRO G 263 32.66 26.21 -21.37
CA PRO G 263 31.56 25.87 -20.46
C PRO G 263 31.94 24.76 -19.46
N MET G 264 31.18 24.65 -18.36
CA MET G 264 31.23 23.50 -17.42
C MET G 264 30.56 22.30 -18.09
N HIS G 265 31.04 21.10 -17.79
CA HIS G 265 30.50 19.80 -18.27
C HIS G 265 30.47 18.80 -17.11
N ILE G 266 29.58 17.81 -17.18
CA ILE G 266 29.46 16.72 -16.15
C ILE G 266 30.56 15.68 -16.38
N HIS H 20 12.65 -36.93 -3.36
CA HIS H 20 12.39 -38.34 -3.72
C HIS H 20 12.12 -39.24 -2.51
N MET H 21 12.75 -39.01 -1.34
CA MET H 21 12.14 -39.37 -0.02
C MET H 21 10.78 -38.65 0.07
N VAL H 22 9.68 -39.40 0.13
CA VAL H 22 8.31 -38.84 0.30
C VAL H 22 8.13 -38.50 1.79
N LYS H 23 7.77 -37.25 2.09
CA LYS H 23 7.68 -36.72 3.47
C LYS H 23 6.28 -36.15 3.71
N LYS H 24 5.35 -36.98 4.18
CA LYS H 24 3.93 -36.62 4.47
C LYS H 24 3.54 -36.97 5.90
N ARG H 25 4.45 -37.48 6.73
CA ARG H 25 4.09 -38.08 8.04
C ARG H 25 4.13 -37.01 9.12
N VAL H 26 3.03 -36.89 9.87
CA VAL H 26 2.88 -35.94 11.01
C VAL H 26 3.30 -36.65 12.30
N LEU H 27 4.03 -35.95 13.17
CA LEU H 27 4.35 -36.38 14.55
C LEU H 27 3.29 -35.80 15.47
N LEU H 28 2.28 -36.60 15.85
CA LEU H 28 1.31 -36.28 16.93
C LEU H 28 2.05 -36.34 18.26
N TRP H 29 2.13 -35.22 18.97
CA TRP H 29 2.93 -35.05 20.21
C TRP H 29 2.01 -34.64 21.36
N ASP H 30 1.37 -35.60 22.01
CA ASP H 30 0.42 -35.38 23.14
C ASP H 30 1.11 -34.55 24.23
N TYR H 31 0.36 -33.68 24.89
CA TYR H 31 0.88 -32.72 25.89
C TYR H 31 1.50 -33.47 27.09
N THR H 32 1.09 -34.73 27.33
CA THR H 32 1.64 -35.56 28.42
C THR H 32 3.13 -35.80 28.16
N ASN H 33 3.54 -35.89 26.88
CA ASN H 33 4.97 -35.99 26.48
C ASN H 33 5.70 -34.72 26.93
N THR H 34 5.14 -33.54 26.64
CA THR H 34 5.68 -32.22 27.03
C THR H 34 5.74 -32.13 28.56
N ARG H 35 4.71 -32.64 29.25
CA ARG H 35 4.57 -32.56 30.73
C ARG H 35 5.62 -33.45 31.42
N ASP H 36 5.89 -34.64 30.88
CA ASP H 36 6.60 -35.74 31.61
C ASP H 36 7.94 -36.11 30.97
N VAL H 37 8.04 -36.11 29.63
CA VAL H 37 9.22 -36.71 28.91
C VAL H 37 9.60 -35.84 27.70
N LYS H 38 9.82 -34.53 27.92
CA LYS H 38 10.39 -33.58 26.91
C LYS H 38 11.49 -34.29 26.12
N TRP H 39 12.44 -34.87 26.85
CA TRP H 39 13.69 -35.50 26.33
C TRP H 39 13.39 -36.47 25.17
N ALA H 40 12.20 -37.05 25.13
CA ALA H 40 11.78 -38.04 24.09
C ALA H 40 11.85 -37.41 22.70
N MET H 41 11.58 -36.10 22.58
CA MET H 41 11.57 -35.37 21.29
C MET H 41 12.96 -35.41 20.64
N ASP H 42 14.01 -35.32 21.45
CA ASP H 42 15.43 -35.32 20.98
C ASP H 42 15.81 -36.69 20.41
N LYS H 43 15.02 -37.74 20.68
CA LYS H 43 15.28 -39.12 20.17
C LYS H 43 14.51 -39.35 18.86
N ILE H 44 13.69 -38.40 18.42
CA ILE H 44 12.98 -38.45 17.10
C ILE H 44 14.01 -38.48 15.97
N ASN H 45 13.69 -39.20 14.89
CA ASN H 45 14.47 -39.22 13.63
C ASN H 45 13.86 -38.15 12.70
N PHE H 46 14.61 -37.08 12.43
CA PHE H 46 14.18 -35.89 11.63
C PHE H 46 14.68 -36.00 10.18
N LYS H 47 15.48 -37.03 9.87
CA LYS H 47 16.12 -37.24 8.54
C LYS H 47 15.27 -38.20 7.70
N GLY H 48 14.20 -38.76 8.28
CA GLY H 48 13.26 -39.67 7.59
C GLY H 48 12.03 -38.93 7.07
N PRO H 49 10.90 -39.62 6.87
CA PRO H 49 9.70 -39.01 6.26
C PRO H 49 8.78 -38.19 7.18
N LEU H 50 9.17 -37.91 8.43
CA LEU H 50 8.46 -36.91 9.27
C LEU H 50 8.57 -35.54 8.59
N HIS H 51 7.47 -34.79 8.55
CA HIS H 51 7.34 -33.55 7.72
C HIS H 51 6.69 -32.40 8.52
N SER H 52 5.96 -32.71 9.60
CA SER H 52 5.26 -31.71 10.44
C SER H 52 4.91 -32.33 11.80
N CYS H 53 4.27 -31.55 12.67
CA CYS H 53 3.96 -31.91 14.09
C CYS H 53 2.70 -31.15 14.54
N SER H 54 1.84 -31.79 15.33
CA SER H 54 0.67 -31.17 16.00
C SER H 54 0.51 -31.79 17.38
N ASN H 55 -0.19 -31.11 18.29
CA ASN H 55 -0.33 -31.54 19.71
C ASN H 55 -1.72 -31.22 20.27
N TRP H 56 -2.73 -31.10 19.40
CA TRP H 56 -4.15 -30.85 19.79
C TRP H 56 -4.31 -29.54 20.57
N ASN H 57 -3.30 -28.66 20.55
CA ASN H 57 -3.27 -27.44 21.39
C ASN H 57 -2.86 -26.21 20.55
N THR H 58 -3.14 -25.02 21.07
CA THR H 58 -2.79 -23.70 20.48
C THR H 58 -1.31 -23.40 20.72
N TRP H 59 -0.76 -23.84 21.86
CA TRP H 59 0.62 -23.50 22.31
C TRP H 59 1.63 -24.43 21.63
N TYR H 60 2.88 -23.95 21.53
CA TYR H 60 3.99 -24.59 20.78
C TYR H 60 4.80 -25.48 21.72
N PRO H 61 5.14 -26.72 21.30
CA PRO H 61 6.02 -27.59 22.09
C PRO H 61 7.51 -27.21 21.95
N ASP H 62 8.04 -26.45 22.92
CA ASP H 62 9.40 -25.87 22.90
C ASP H 62 10.44 -26.93 22.50
N GLU H 63 10.30 -28.15 23.03
CA GLU H 63 11.29 -29.26 22.84
C GLU H 63 11.44 -29.59 21.34
N LEU H 64 10.43 -29.28 20.52
CA LEU H 64 10.47 -29.47 19.03
C LEU H 64 11.63 -28.67 18.43
N LYS H 65 11.89 -27.47 18.98
CA LYS H 65 13.00 -26.55 18.57
C LYS H 65 12.92 -26.29 17.06
N HIS H 66 11.70 -26.15 16.54
CA HIS H 66 11.36 -25.76 15.14
C HIS H 66 11.97 -26.74 14.12
N ARG H 67 12.26 -27.99 14.52
CA ARG H 67 12.90 -28.99 13.62
C ARG H 67 11.88 -29.51 12.60
N LEU H 68 10.58 -29.33 12.87
CA LEU H 68 9.46 -29.59 11.92
C LEU H 68 8.46 -28.44 12.03
N PRO H 69 7.74 -28.11 10.93
CA PRO H 69 6.63 -27.17 11.02
C PRO H 69 5.59 -27.68 12.02
N PHE H 70 5.03 -26.79 12.83
CA PHE H 70 4.00 -27.09 13.85
C PHE H 70 2.65 -26.58 13.35
N ARG H 71 1.59 -27.38 13.47
CA ARG H 71 0.20 -26.96 13.18
C ARG H 71 -0.53 -26.74 14.51
N PRO H 72 -0.69 -25.49 14.97
CA PRO H 72 -1.54 -25.22 16.13
C PRO H 72 -2.97 -25.70 15.84
N MET H 73 -3.72 -26.02 16.90
CA MET H 73 -5.12 -26.47 16.79
C MET H 73 -6.00 -25.58 17.67
N ILE H 74 -7.16 -25.19 17.13
CA ILE H 74 -8.32 -24.67 17.90
C ILE H 74 -9.18 -25.88 18.25
N HIS H 75 -8.88 -26.54 19.37
CA HIS H 75 -9.40 -27.88 19.75
C HIS H 75 -10.90 -27.82 20.00
N GLY H 76 -11.36 -26.83 20.79
CA GLY H 76 -12.77 -26.65 21.17
C GLY H 76 -13.08 -25.21 21.55
N LYS H 77 -14.29 -24.97 22.06
CA LYS H 77 -14.82 -23.63 22.43
C LYS H 77 -13.92 -22.98 23.50
N ASN H 78 -13.24 -23.79 24.31
CA ASN H 78 -12.35 -23.33 25.41
C ASN H 78 -11.09 -22.65 24.86
N ASN H 79 -10.86 -22.70 23.53
CA ASN H 79 -9.60 -22.22 22.88
C ASN H 79 -9.86 -20.97 22.03
N LEU H 80 -11.01 -20.31 22.20
CA LEU H 80 -11.46 -19.16 21.35
C LEU H 80 -11.16 -17.82 22.04
N THR H 81 -10.77 -17.81 23.32
CA THR H 81 -10.62 -16.59 24.16
C THR H 81 -9.28 -16.62 24.90
N GLY H 82 -8.91 -15.50 25.52
CA GLY H 82 -7.75 -15.37 26.43
C GLY H 82 -6.45 -15.83 25.78
N GLY H 83 -5.50 -16.31 26.60
CA GLY H 83 -4.15 -16.74 26.19
C GLY H 83 -4.18 -17.81 25.11
N GLU H 84 -5.22 -18.65 25.10
CA GLU H 84 -5.42 -19.71 24.09
C GLU H 84 -5.51 -19.06 22.70
N TRP H 85 -6.39 -18.07 22.54
CA TRP H 85 -6.60 -17.38 21.24
C TRP H 85 -5.37 -16.52 20.88
N GLN H 86 -4.68 -15.96 21.89
CA GLN H 86 -3.45 -15.13 21.69
C GLN H 86 -2.37 -15.99 21.03
N ASN H 87 -2.24 -17.25 21.44
CA ASN H 87 -1.28 -18.23 20.87
C ASN H 87 -1.55 -18.39 19.36
N ILE H 88 -2.82 -18.42 18.98
CA ILE H 88 -3.27 -18.59 17.55
C ILE H 88 -2.97 -17.30 16.77
N LEU H 89 -3.26 -16.13 17.36
CA LEU H 89 -3.09 -14.81 16.69
C LEU H 89 -1.59 -14.52 16.44
N LYS H 90 -0.70 -15.00 17.31
CA LYS H 90 0.73 -14.60 17.35
C LYS H 90 1.61 -15.62 16.60
N THR H 91 1.10 -16.80 16.22
CA THR H 91 1.91 -17.90 15.65
C THR H 91 2.51 -17.49 14.30
N ASN H 92 3.74 -17.94 14.04
CA ASN H 92 4.46 -17.77 12.76
C ASN H 92 4.21 -18.97 11.83
N GLU H 93 3.52 -20.00 12.32
CA GLU H 93 3.31 -21.28 11.59
C GLU H 93 2.19 -21.07 10.56
N GLU H 94 2.21 -21.86 9.48
CA GLU H 94 1.46 -21.59 8.21
C GLU H 94 0.06 -22.22 8.23
N VAL H 95 -0.12 -23.36 8.91
CA VAL H 95 -1.38 -24.18 8.83
C VAL H 95 -1.97 -24.34 10.25
N ILE H 96 -3.28 -24.09 10.39
CA ILE H 96 -4.01 -24.13 11.68
C ILE H 96 -5.23 -25.07 11.54
N HIS H 97 -5.38 -26.00 12.48
CA HIS H 97 -6.53 -26.96 12.56
C HIS H 97 -7.68 -26.31 13.33
N PHE H 98 -8.91 -26.51 12.85
CA PHE H 98 -10.16 -26.15 13.58
C PHE H 98 -10.52 -27.34 14.50
N PHE H 99 -11.79 -27.43 14.92
CA PHE H 99 -12.26 -28.22 16.08
C PHE H 99 -11.95 -29.72 15.89
N ASN H 100 -11.62 -30.39 16.99
CA ASN H 100 -11.40 -31.86 17.06
C ASN H 100 -12.73 -32.55 17.39
N GLU H 101 -13.20 -33.42 16.49
CA GLU H 101 -14.45 -34.22 16.63
C GLU H 101 -15.50 -33.38 17.33
N PRO H 102 -16.00 -32.30 16.68
CA PRO H 102 -16.97 -31.40 17.30
C PRO H 102 -18.32 -32.08 17.53
N GLU H 103 -18.66 -33.09 16.72
CA GLU H 103 -19.95 -33.83 16.78
C GLU H 103 -20.05 -34.59 18.11
N ARG H 104 -18.93 -34.82 18.80
CA ARG H 104 -18.85 -35.54 20.10
C ARG H 104 -18.56 -34.58 21.25
N ALA H 105 -18.57 -33.26 21.03
CA ALA H 105 -18.34 -32.22 22.06
C ALA H 105 -19.54 -31.26 22.12
N GLY H 106 -20.68 -31.64 21.52
CA GLY H 106 -21.92 -30.84 21.52
C GLY H 106 -21.77 -29.51 20.80
N ILE H 107 -20.96 -29.48 19.73
CA ILE H 107 -20.80 -28.33 18.81
C ILE H 107 -21.53 -28.67 17.51
N SER H 108 -22.63 -27.98 17.21
CA SER H 108 -23.43 -28.19 15.96
C SER H 108 -22.65 -27.65 14.77
N PRO H 109 -22.92 -28.13 13.53
CA PRO H 109 -22.38 -27.50 12.32
C PRO H 109 -22.63 -26.00 12.24
N GLU H 110 -23.84 -25.55 12.63
CA GLU H 110 -24.29 -24.14 12.55
C GLU H 110 -23.44 -23.27 13.49
N GLU H 111 -23.15 -23.78 14.69
CA GLU H 111 -22.38 -23.07 15.74
C GLU H 111 -20.92 -22.94 15.30
N ALA H 112 -20.36 -23.97 14.66
CA ALA H 112 -18.96 -24.03 14.17
C ALA H 112 -18.79 -23.15 12.93
N ALA H 113 -19.83 -23.07 12.07
CA ALA H 113 -19.88 -22.19 10.87
C ALA H 113 -19.86 -20.72 11.31
N LYS H 114 -20.58 -20.39 12.38
CA LYS H 114 -20.65 -19.01 12.93
C LYS H 114 -19.27 -18.61 13.46
N ILE H 115 -18.62 -19.47 14.24
CA ILE H 115 -17.29 -19.21 14.85
C ILE H 115 -16.23 -19.07 13.74
N TRP H 116 -16.34 -19.90 12.70
CA TRP H 116 -15.46 -19.86 11.49
C TRP H 116 -15.54 -18.48 10.84
N ASN H 117 -16.74 -18.02 10.49
CA ASN H 117 -16.99 -16.71 9.81
C ASN H 117 -16.55 -15.57 10.73
N ASP H 118 -16.95 -15.60 12.01
CA ASP H 118 -16.83 -14.45 12.95
C ASP H 118 -15.40 -14.28 13.47
N GLN H 119 -14.56 -15.32 13.44
CA GLN H 119 -13.32 -15.34 14.25
C GLN H 119 -12.14 -16.05 13.54
N VAL H 120 -12.36 -17.22 12.94
CA VAL H 120 -11.26 -18.09 12.43
C VAL H 120 -10.83 -17.63 11.02
N LEU H 121 -11.78 -17.26 10.17
CA LEU H 121 -11.55 -16.91 8.74
C LEU H 121 -10.51 -15.79 8.62
N ALA H 122 -10.53 -14.84 9.56
CA ALA H 122 -9.59 -13.70 9.65
C ALA H 122 -8.14 -14.20 9.65
N LEU H 123 -7.88 -15.41 10.16
CA LEU H 123 -6.52 -16.00 10.18
C LEU H 123 -6.03 -16.22 8.73
N ARG H 124 -6.96 -16.32 7.76
CA ARG H 124 -6.61 -16.45 6.33
C ARG H 124 -6.60 -15.06 5.66
N THR H 125 -7.73 -14.34 5.69
CA THR H 125 -7.92 -13.08 4.94
C THR H 125 -6.90 -12.03 5.41
N SER H 126 -6.51 -12.07 6.69
N SER H 126 -6.52 -12.06 6.69
CA SER H 126 -5.73 -11.00 7.37
CA SER H 126 -5.72 -11.01 7.37
C SER H 126 -4.31 -11.49 7.75
C SER H 126 -4.31 -11.49 7.75
N HIS H 127 -4.15 -12.75 8.18
CA HIS H 127 -2.85 -13.31 8.66
C HIS H 127 -2.29 -14.33 7.66
N HIS H 128 -3.04 -14.65 6.58
CA HIS H 128 -2.60 -15.48 5.43
C HIS H 128 -2.15 -16.88 5.89
N LYS H 129 -2.85 -17.42 6.89
CA LYS H 129 -2.70 -18.84 7.33
C LYS H 129 -3.62 -19.70 6.46
N ARG H 130 -3.29 -20.98 6.30
CA ARG H 130 -4.18 -21.99 5.68
C ARG H 130 -4.92 -22.71 6.81
N LEU H 131 -6.18 -23.05 6.58
CA LEU H 131 -7.11 -23.56 7.63
C LEU H 131 -7.57 -24.97 7.27
N VAL H 132 -7.44 -25.90 8.23
CA VAL H 132 -7.98 -27.29 8.12
C VAL H 132 -9.38 -27.29 8.73
N SER H 133 -10.34 -27.92 8.03
CA SER H 133 -11.72 -28.15 8.53
C SER H 133 -11.64 -28.82 9.89
N PRO H 134 -12.72 -28.80 10.69
CA PRO H 134 -12.79 -29.67 11.87
C PRO H 134 -12.58 -31.12 11.40
N SER H 135 -11.90 -31.93 12.22
CA SER H 135 -11.65 -33.36 11.97
C SER H 135 -12.65 -34.20 12.77
N CYS H 136 -13.64 -34.77 12.08
CA CYS H 136 -14.73 -35.61 12.65
C CYS H 136 -14.32 -37.09 12.57
N ALA H 137 -14.99 -37.95 13.34
CA ALA H 137 -14.81 -39.42 13.32
C ALA H 137 -15.35 -39.99 12.00
N SER H 138 -14.94 -41.20 11.64
CA SER H 138 -15.27 -41.88 10.35
C SER H 138 -16.56 -42.71 10.52
N ASP H 139 -17.53 -42.21 11.30
CA ASP H 139 -18.85 -42.87 11.52
C ASP H 139 -19.93 -41.99 10.89
N PRO H 140 -21.15 -42.51 10.66
CA PRO H 140 -22.22 -41.73 10.03
C PRO H 140 -22.47 -40.35 10.67
N ALA H 141 -22.34 -40.23 11.99
CA ALA H 141 -22.52 -38.96 12.74
C ALA H 141 -21.47 -37.93 12.29
N GLY H 142 -20.20 -38.34 12.21
CA GLY H 142 -19.07 -37.50 11.77
C GLY H 142 -19.18 -37.13 10.29
N ILE H 143 -19.45 -38.12 9.44
CA ILE H 143 -19.60 -37.93 7.96
C ILE H 143 -20.70 -36.89 7.70
N ALA H 144 -21.80 -36.96 8.45
CA ALA H 144 -22.98 -36.08 8.31
C ALA H 144 -22.65 -34.67 8.83
N TRP H 145 -21.89 -34.58 9.92
CA TRP H 145 -21.49 -33.29 10.55
C TRP H 145 -20.64 -32.47 9.58
N ILE H 146 -19.58 -33.09 9.04
CA ILE H 146 -18.62 -32.41 8.12
C ILE H 146 -19.34 -32.12 6.80
N LYS H 147 -20.25 -32.98 6.34
CA LYS H 147 -21.03 -32.74 5.09
C LYS H 147 -21.83 -31.44 5.25
N LYS H 148 -22.47 -31.23 6.40
CA LYS H 148 -23.35 -30.06 6.67
C LYS H 148 -22.50 -28.80 6.81
N TRP H 149 -21.41 -28.87 7.57
CA TRP H 149 -20.51 -27.71 7.88
C TRP H 149 -19.83 -27.22 6.61
N MET H 150 -19.35 -28.13 5.75
CA MET H 150 -18.70 -27.81 4.46
C MET H 150 -19.69 -27.10 3.54
N ASN H 151 -20.97 -27.48 3.58
CA ASN H 151 -22.06 -26.84 2.80
C ASN H 151 -22.33 -25.43 3.35
N LEU H 152 -22.34 -25.28 4.68
CA LEU H 152 -22.64 -23.98 5.37
C LEU H 152 -21.56 -22.93 5.07
N VAL H 153 -20.32 -23.35 4.81
CA VAL H 153 -19.15 -22.43 4.61
C VAL H 153 -18.56 -22.62 3.20
N ALA H 154 -19.37 -23.08 2.24
CA ALA H 154 -18.97 -23.37 0.85
C ALA H 154 -18.41 -22.11 0.17
N LYS H 155 -18.87 -20.93 0.58
CA LYS H 155 -18.45 -19.61 0.02
C LYS H 155 -17.09 -19.19 0.61
N ASN H 156 -16.68 -19.81 1.72
CA ASN H 156 -15.34 -19.62 2.36
C ASN H 156 -14.79 -20.96 2.81
N PRO H 157 -14.51 -21.89 1.87
CA PRO H 157 -14.18 -23.26 2.22
C PRO H 157 -12.82 -23.34 2.91
N PRO H 158 -12.53 -24.43 3.64
CA PRO H 158 -11.20 -24.63 4.22
C PRO H 158 -10.17 -25.01 3.15
N ASP H 159 -8.90 -24.80 3.45
CA ASP H 159 -7.77 -25.11 2.54
C ASP H 159 -7.54 -26.63 2.51
N TYR H 160 -7.81 -27.33 3.61
CA TYR H 160 -7.69 -28.81 3.73
C TYR H 160 -8.92 -29.38 4.43
N LEU H 161 -9.32 -30.59 4.02
CA LEU H 161 -10.34 -31.42 4.70
C LEU H 161 -9.63 -32.32 5.73
N GLY H 162 -9.94 -32.13 7.01
CA GLY H 162 -9.41 -32.92 8.14
C GLY H 162 -10.25 -34.17 8.37
N LEU H 163 -9.61 -35.34 8.44
CA LEU H 163 -10.25 -36.66 8.64
C LEU H 163 -9.56 -37.41 9.78
N HIS H 164 -10.35 -38.13 10.58
CA HIS H 164 -9.90 -39.23 11.47
C HIS H 164 -10.34 -40.56 10.85
N TRP H 165 -9.59 -41.63 11.09
CA TRP H 165 -10.02 -43.02 10.80
C TRP H 165 -9.35 -43.99 11.79
N TYR H 166 -10.16 -44.75 12.50
CA TYR H 166 -9.76 -45.90 13.34
C TYR H 166 -10.55 -47.14 12.92
N GLY H 167 -9.87 -48.28 12.86
CA GLY H 167 -10.44 -49.58 12.46
C GLY H 167 -9.36 -50.64 12.31
N THR H 168 -9.72 -51.81 11.81
CA THR H 168 -8.83 -53.01 11.73
C THR H 168 -8.54 -53.38 10.28
N LYS H 169 -9.33 -52.91 9.33
CA LYS H 169 -9.23 -53.30 7.89
C LYS H 169 -8.72 -52.10 7.07
N GLY H 170 -7.47 -52.19 6.61
CA GLY H 170 -6.80 -51.17 5.78
C GLY H 170 -7.58 -50.86 4.52
N ASP H 171 -8.14 -51.87 3.85
CA ASP H 171 -8.93 -51.72 2.61
C ASP H 171 -10.13 -50.79 2.87
N GLU H 172 -10.66 -50.79 4.10
CA GLU H 172 -11.84 -49.96 4.49
C GLU H 172 -11.42 -48.49 4.69
N MET H 173 -10.20 -48.23 5.21
CA MET H 173 -9.67 -46.85 5.37
C MET H 173 -9.44 -46.24 3.99
N ILE H 174 -8.84 -47.00 3.08
CA ILE H 174 -8.59 -46.59 1.66
C ILE H 174 -9.93 -46.20 1.02
N ARG H 175 -10.95 -47.06 1.16
CA ARG H 175 -12.29 -46.87 0.54
C ARG H 175 -12.95 -45.62 1.14
N TYR H 176 -12.67 -45.32 2.41
CA TYR H 176 -13.22 -44.14 3.15
C TYR H 176 -12.57 -42.86 2.63
N LEU H 177 -11.24 -42.84 2.50
CA LEU H 177 -10.48 -41.67 1.99
C LEU H 177 -10.93 -41.38 0.56
N GLU H 178 -10.97 -42.42 -0.29
CA GLU H 178 -11.42 -42.32 -1.71
C GLU H 178 -12.87 -41.79 -1.74
N SER H 179 -13.70 -42.25 -0.82
CA SER H 179 -15.13 -41.86 -0.69
C SER H 179 -15.25 -40.38 -0.31
N MET H 180 -14.46 -39.92 0.68
CA MET H 180 -14.50 -38.52 1.18
C MET H 180 -13.87 -37.58 0.15
N HIS H 181 -12.89 -38.06 -0.64
CA HIS H 181 -12.22 -37.28 -1.71
C HIS H 181 -13.18 -37.03 -2.87
N LYS H 182 -14.08 -37.98 -3.15
CA LYS H 182 -15.13 -37.86 -4.21
C LYS H 182 -16.21 -36.88 -3.73
N GLU H 183 -16.62 -36.98 -2.47
CA GLU H 183 -17.70 -36.17 -1.84
C GLU H 183 -17.24 -34.72 -1.67
N HIS H 184 -15.94 -34.50 -1.42
CA HIS H 184 -15.33 -33.17 -1.15
C HIS H 184 -14.06 -33.02 -2.00
N PRO H 185 -14.19 -32.85 -3.33
CA PRO H 185 -13.03 -32.91 -4.24
C PRO H 185 -12.21 -31.61 -4.40
N HIS H 186 -12.61 -30.52 -3.74
CA HIS H 186 -12.13 -29.14 -4.02
C HIS H 186 -10.83 -28.83 -3.27
N GLN H 187 -10.44 -29.63 -2.26
CA GLN H 187 -9.19 -29.40 -1.49
C GLN H 187 -8.52 -30.72 -1.17
N PRO H 188 -7.21 -30.71 -0.85
CA PRO H 188 -6.51 -31.92 -0.40
C PRO H 188 -7.00 -32.35 0.99
N ILE H 189 -6.68 -33.60 1.36
CA ILE H 189 -7.08 -34.21 2.67
C ILE H 189 -5.86 -34.27 3.58
N ILE H 190 -6.04 -33.89 4.85
CA ILE H 190 -5.11 -34.18 5.97
C ILE H 190 -5.80 -35.20 6.88
N VAL H 191 -5.18 -36.38 7.07
CA VAL H 191 -5.61 -37.38 8.08
C VAL H 191 -4.97 -37.00 9.42
N SER H 192 -5.67 -36.20 10.22
CA SER H 192 -5.15 -35.55 11.45
C SER H 192 -4.95 -36.58 12.57
N GLU H 193 -5.67 -37.71 12.51
CA GLU H 193 -5.50 -38.90 13.40
C GLU H 193 -5.88 -40.16 12.63
N TRP H 194 -5.08 -41.22 12.72
CA TRP H 194 -5.46 -42.58 12.28
C TRP H 194 -4.60 -43.61 13.01
N ALA H 195 -5.11 -44.84 13.12
CA ALA H 195 -4.43 -45.99 13.73
C ALA H 195 -5.24 -47.26 13.47
N SER H 196 -4.58 -48.42 13.48
CA SER H 196 -5.21 -49.75 13.63
C SER H 196 -5.68 -49.88 15.08
N THR H 197 -6.90 -50.39 15.29
CA THR H 197 -7.49 -50.71 16.61
C THR H 197 -7.37 -52.21 16.89
N SER H 198 -6.81 -52.99 15.96
CA SER H 198 -6.59 -54.45 16.12
C SER H 198 -5.75 -54.71 17.37
N ARG H 199 -6.08 -55.78 18.11
CA ARG H 199 -5.31 -56.23 19.30
C ARG H 199 -4.26 -57.25 18.87
N SER H 200 -4.23 -57.59 17.57
CA SER H 200 -3.21 -58.46 16.92
C SER H 200 -2.12 -57.59 16.31
N TYR H 201 -0.88 -57.67 16.79
CA TYR H 201 0.22 -56.77 16.35
C TYR H 201 0.48 -56.94 14.85
N PRO H 202 0.56 -58.17 14.30
CA PRO H 202 0.72 -58.35 12.86
C PRO H 202 -0.33 -57.61 12.02
N ASP H 203 -1.56 -57.49 12.53
CA ASP H 203 -2.69 -56.79 11.85
C ASP H 203 -2.51 -55.27 12.00
N VAL H 204 -1.92 -54.81 13.11
CA VAL H 204 -1.58 -53.37 13.34
C VAL H 204 -0.49 -52.97 12.36
N LEU H 205 0.64 -53.69 12.38
CA LEU H 205 1.82 -53.46 11.50
C LEU H 205 1.38 -53.52 10.03
N GLY H 206 0.57 -54.52 9.68
CA GLY H 206 0.11 -54.75 8.30
C GLY H 206 -0.69 -53.57 7.76
N LEU H 207 -1.62 -53.03 8.56
CA LEU H 207 -2.49 -51.89 8.17
C LEU H 207 -1.64 -50.61 8.08
N THR H 208 -0.85 -50.33 9.12
CA THR H 208 0.02 -49.13 9.21
C THR H 208 0.89 -49.05 7.95
N VAL H 209 1.63 -50.13 7.66
CA VAL H 209 2.53 -50.25 6.48
C VAL H 209 1.72 -50.03 5.19
N GLN H 210 0.57 -50.70 5.04
CA GLN H 210 -0.27 -50.61 3.82
C GLN H 210 -0.68 -49.15 3.57
N LEU H 211 -1.20 -48.47 4.60
CA LEU H 211 -1.84 -47.14 4.46
C LEU H 211 -0.77 -46.04 4.32
N ALA H 212 0.34 -46.15 5.06
CA ALA H 212 1.51 -45.25 4.93
C ALA H 212 1.95 -45.23 3.46
N ASN H 213 2.22 -46.40 2.88
CA ASN H 213 2.75 -46.55 1.50
C ASN H 213 1.68 -46.08 0.50
N TRP H 214 0.40 -46.39 0.73
CA TRP H 214 -0.71 -46.01 -0.17
C TRP H 214 -0.89 -44.48 -0.18
N MET H 215 -0.91 -43.86 1.01
CA MET H 215 -1.11 -42.40 1.17
C MET H 215 0.12 -41.64 0.64
N ASP H 216 1.32 -42.19 0.84
CA ASP H 216 2.60 -41.63 0.32
C ASP H 216 2.50 -41.40 -1.19
N SER H 217 1.90 -42.33 -1.94
CA SER H 217 1.83 -42.28 -3.43
C SER H 217 0.47 -41.74 -3.91
N THR H 218 -0.35 -41.18 -3.02
CA THR H 218 -1.66 -40.55 -3.34
C THR H 218 -1.53 -39.03 -3.24
N PRO H 219 -1.46 -38.29 -4.37
CA PRO H 219 -1.20 -36.85 -4.35
C PRO H 219 -2.15 -36.03 -3.47
N TRP H 220 -3.45 -36.37 -3.45
CA TRP H 220 -4.51 -35.53 -2.80
C TRP H 220 -4.54 -35.77 -1.27
N VAL H 221 -3.68 -36.63 -0.74
CA VAL H 221 -3.40 -36.71 0.73
C VAL H 221 -2.17 -35.85 1.04
N ALA H 222 -2.38 -34.68 1.64
CA ALA H 222 -1.32 -33.69 1.95
C ALA H 222 -0.39 -34.28 3.01
N GLU H 223 -0.94 -34.73 4.14
CA GLU H 223 -0.18 -35.40 5.23
C GLU H 223 -1.12 -36.32 6.02
N TYR H 224 -0.54 -37.21 6.84
CA TYR H 224 -1.27 -38.19 7.70
C TYR H 224 -0.53 -38.34 9.03
N ALA H 225 -1.28 -38.57 10.12
CA ALA H 225 -0.82 -38.48 11.52
C ALA H 225 -1.19 -39.76 12.27
N LEU H 226 -0.22 -40.67 12.48
CA LEU H 226 -0.42 -41.96 13.18
C LEU H 226 -0.51 -41.72 14.68
N PHE H 227 -1.60 -42.17 15.31
CA PHE H 227 -1.91 -41.97 16.76
C PHE H 227 -1.17 -43.02 17.60
N GLY H 228 -0.76 -42.65 18.82
CA GLY H 228 -0.34 -43.58 19.87
C GLY H 228 0.98 -43.23 20.54
N CYS H 229 1.62 -42.11 20.20
CA CYS H 229 2.92 -41.70 20.79
C CYS H 229 2.68 -40.97 22.12
N MET H 230 2.39 -41.75 23.17
CA MET H 230 2.13 -41.29 24.56
C MET H 230 2.34 -42.48 25.51
N ARG H 231 2.62 -42.23 26.79
CA ARG H 231 3.04 -43.28 27.76
C ARG H 231 1.85 -44.17 28.16
N GLN H 232 0.72 -43.57 28.54
CA GLN H 232 -0.53 -44.28 28.93
C GLN H 232 -1.40 -44.47 27.69
N MET H 233 -2.31 -45.45 27.73
CA MET H 233 -3.42 -45.57 26.75
C MET H 233 -4.33 -44.35 26.92
N ALA H 234 -4.75 -43.74 25.82
CA ALA H 234 -5.68 -42.58 25.81
C ALA H 234 -7.02 -43.01 26.42
N ASP H 235 -7.46 -44.23 26.10
CA ASP H 235 -8.80 -44.76 26.41
C ASP H 235 -8.81 -46.27 26.16
N ASP H 236 -9.98 -46.91 26.24
CA ASP H 236 -10.18 -48.38 26.04
C ASP H 236 -10.40 -48.69 24.56
N PHE H 237 -10.62 -47.68 23.72
CA PHE H 237 -10.95 -47.86 22.28
C PHE H 237 -9.68 -48.24 21.49
N VAL H 238 -8.59 -47.50 21.70
CA VAL H 238 -7.31 -47.68 20.95
C VAL H 238 -6.60 -48.94 21.45
N SER H 239 -5.78 -49.55 20.59
CA SER H 239 -5.07 -50.84 20.83
C SER H 239 -3.75 -50.58 21.55
N PRO H 240 -3.45 -51.29 22.65
CA PRO H 240 -2.10 -51.29 23.23
C PRO H 240 -0.99 -51.73 22.26
N GLU H 241 -1.33 -52.52 21.24
CA GLU H 241 -0.37 -53.07 20.24
C GLU H 241 0.01 -51.97 19.23
N ALA H 242 -0.79 -50.90 19.14
CA ALA H 242 -0.59 -49.77 18.20
C ALA H 242 0.14 -48.61 18.89
N GLN H 243 0.52 -48.76 20.17
CA GLN H 243 1.28 -47.71 20.91
C GLN H 243 2.61 -47.46 20.19
N LEU H 244 2.99 -46.19 20.10
CA LEU H 244 4.25 -45.71 19.46
C LEU H 244 5.27 -45.38 20.55
N MET H 245 4.83 -45.28 21.81
CA MET H 245 5.69 -45.03 22.99
C MET H 245 5.42 -46.10 24.04
N ASN H 246 6.48 -46.61 24.69
CA ASN H 246 6.40 -47.52 25.86
C ASN H 246 6.13 -46.68 27.12
N LYS H 247 5.84 -47.32 28.25
CA LYS H 247 5.50 -46.66 29.53
C LYS H 247 6.68 -45.85 30.06
N ASP H 248 7.91 -46.19 29.68
CA ASP H 248 9.15 -45.49 30.16
C ASP H 248 9.47 -44.29 29.26
N GLY H 249 8.77 -44.14 28.13
CA GLY H 249 8.93 -42.98 27.21
C GLY H 249 9.79 -43.30 26.00
N SER H 250 10.45 -44.46 25.98
CA SER H 250 11.16 -44.99 24.78
C SER H 250 10.13 -45.29 23.68
N PHE H 251 10.59 -45.43 22.44
CA PHE H 251 9.72 -45.61 21.24
C PHE H 251 9.60 -47.10 20.93
N THR H 252 8.42 -47.51 20.46
CA THR H 252 8.13 -48.89 19.99
C THR H 252 8.75 -49.05 18.60
N ASP H 253 8.87 -50.30 18.14
CA ASP H 253 9.39 -50.61 16.79
C ASP H 253 8.44 -50.02 15.74
N LEU H 254 7.14 -49.95 16.04
CA LEU H 254 6.14 -49.38 15.10
C LEU H 254 6.44 -47.91 14.88
N MET H 255 6.81 -47.20 15.95
CA MET H 255 7.17 -45.76 15.92
C MET H 255 8.44 -45.58 15.10
N TRP H 256 9.45 -46.43 15.34
CA TRP H 256 10.73 -46.40 14.60
C TRP H 256 10.44 -46.50 13.09
N LYS H 257 9.65 -47.49 12.69
CA LYS H 257 9.30 -47.75 11.27
C LYS H 257 8.56 -46.53 10.71
N TYR H 258 7.59 -46.00 11.46
CA TYR H 258 6.77 -44.83 11.05
C TYR H 258 7.68 -43.65 10.70
N MET H 259 8.70 -43.39 11.52
CA MET H 259 9.52 -42.14 11.44
C MET H 259 10.82 -42.38 10.67
N SER H 260 11.14 -43.61 10.26
CA SER H 260 12.46 -43.95 9.66
C SER H 260 12.35 -44.53 8.25
N ASP H 261 11.29 -45.29 7.94
CA ASP H 261 11.25 -46.19 6.76
C ASP H 261 10.30 -45.66 5.69
N GLN H 262 10.80 -45.42 4.48
CA GLN H 262 9.99 -44.99 3.29
C GLN H 262 10.60 -45.63 2.04
N PRO H 263 9.97 -46.65 1.43
CA PRO H 263 8.66 -47.15 1.87
C PRO H 263 8.72 -47.82 3.26
N MET H 264 7.56 -47.94 3.92
CA MET H 264 7.37 -48.77 5.15
C MET H 264 7.38 -50.25 4.73
N HIS H 265 7.88 -51.12 5.60
CA HIS H 265 7.91 -52.59 5.44
C HIS H 265 7.52 -53.26 6.76
N ILE H 266 7.00 -54.48 6.70
CA ILE H 266 6.60 -55.31 7.89
C ILE H 266 7.85 -55.93 8.51
N HIS I 20 -29.30 28.86 24.30
CA HIS I 20 -29.44 28.70 22.79
C HIS I 20 -30.02 27.32 22.47
N MET I 21 -30.91 27.27 21.48
CA MET I 21 -31.62 26.05 21.05
C MET I 21 -30.57 25.02 20.62
N VAL I 22 -30.47 23.89 21.33
CA VAL I 22 -29.57 22.76 20.95
C VAL I 22 -30.28 21.97 19.84
N LYS I 23 -29.59 21.76 18.70
CA LYS I 23 -30.18 21.15 17.48
C LYS I 23 -29.33 19.94 17.06
N LYS I 24 -29.66 18.75 17.59
CA LYS I 24 -28.94 17.48 17.32
C LYS I 24 -29.90 16.39 16.82
N ARG I 25 -31.18 16.68 16.62
CA ARG I 25 -32.22 15.64 16.39
C ARG I 25 -32.34 15.37 14.89
N VAL I 26 -32.24 14.09 14.50
CA VAL I 26 -32.38 13.61 13.10
C VAL I 26 -33.85 13.22 12.87
N LEU I 27 -34.39 13.58 11.72
CA LEU I 27 -35.71 13.11 11.21
C LEU I 27 -35.47 11.86 10.36
N LEU I 28 -35.69 10.66 10.93
CA LEU I 28 -35.73 9.40 10.16
C LEU I 28 -37.02 9.39 9.34
N TRP I 29 -36.89 9.34 8.01
CA TRP I 29 -38.02 9.46 7.06
C TRP I 29 -38.09 8.20 6.18
N ASP I 30 -38.76 7.16 6.66
CA ASP I 30 -38.92 5.86 5.97
C ASP I 30 -39.52 6.10 4.58
N TYR I 31 -39.09 5.33 3.59
CA TYR I 31 -39.47 5.49 2.16
C TYR I 31 -40.99 5.30 1.99
N THR I 32 -41.66 4.59 2.91
CA THR I 32 -43.13 4.39 2.87
C THR I 32 -43.82 5.75 3.00
N ASN I 33 -43.23 6.68 3.76
CA ASN I 33 -43.71 8.08 3.88
C ASN I 33 -43.65 8.74 2.49
N THR I 34 -42.52 8.61 1.80
CA THR I 34 -42.29 9.17 0.44
C THR I 34 -43.29 8.52 -0.53
N ARG I 35 -43.52 7.21 -0.39
CA ARG I 35 -44.40 6.40 -1.28
C ARG I 35 -45.87 6.81 -1.12
N ASP I 36 -46.32 7.07 0.11
CA ASP I 36 -47.77 7.13 0.47
C ASP I 36 -48.21 8.52 0.94
N VAL I 37 -47.38 9.24 1.71
CA VAL I 37 -47.80 10.46 2.46
C VAL I 37 -46.70 11.53 2.42
N LYS I 38 -46.21 11.87 1.22
CA LYS I 38 -45.29 13.02 0.97
C LYS I 38 -45.72 14.21 1.84
N TRP I 39 -47.01 14.56 1.76
CA TRP I 39 -47.64 15.75 2.40
C TRP I 39 -47.27 15.86 3.89
N ALA I 40 -46.97 14.72 4.55
CA ALA I 40 -46.64 14.67 5.99
C ALA I 40 -45.40 15.52 6.29
N MET I 41 -44.45 15.60 5.34
CA MET I 41 -43.17 16.33 5.51
C MET I 41 -43.46 17.82 5.72
N ASP I 42 -44.47 18.38 5.04
CA ASP I 42 -44.84 19.81 5.13
C ASP I 42 -45.41 20.14 6.52
N LYS I 43 -45.80 19.13 7.31
CA LYS I 43 -46.36 19.32 8.67
C LYS I 43 -45.25 19.23 9.73
N ILE I 44 -44.01 18.92 9.33
CA ILE I 44 -42.82 18.90 10.24
C ILE I 44 -42.59 20.31 10.78
N ASN I 45 -42.12 20.42 12.01
CA ASN I 45 -41.66 21.67 12.67
C ASN I 45 -40.15 21.80 12.43
N PHE I 46 -39.74 22.78 11.62
CA PHE I 46 -38.33 23.01 11.18
C PHE I 46 -37.67 24.11 12.02
N LYS I 47 -38.43 24.74 12.93
CA LYS I 47 -37.99 25.88 13.78
C LYS I 47 -37.54 25.36 15.17
N GLY I 48 -37.71 24.07 15.42
CA GLY I 48 -37.32 23.40 16.68
C GLY I 48 -35.94 22.75 16.57
N PRO I 49 -35.65 21.73 17.40
CA PRO I 49 -34.32 21.11 17.42
C PRO I 49 -34.00 20.05 16.35
N LEU I 50 -34.87 19.86 15.35
CA LEU I 50 -34.53 19.03 14.15
C LEU I 50 -33.36 19.72 13.42
N HIS I 51 -32.37 18.95 13.00
CA HIS I 51 -31.07 19.47 12.50
C HIS I 51 -30.64 18.76 11.20
N SER I 52 -31.16 17.57 10.91
CA SER I 52 -30.81 16.77 9.71
C SER I 52 -31.89 15.70 9.46
N CYS I 53 -31.72 14.87 8.43
CA CYS I 53 -32.70 13.87 7.94
C CYS I 53 -31.96 12.73 7.25
N SER I 54 -32.42 11.49 7.41
CA SER I 54 -31.93 10.28 6.67
C SER I 54 -33.12 9.35 6.39
N ASN I 55 -32.99 8.45 5.41
CA ASN I 55 -34.11 7.58 4.95
C ASN I 55 -33.59 6.18 4.56
N TRP I 56 -32.44 5.75 5.10
CA TRP I 56 -31.85 4.39 4.86
C TRP I 56 -31.56 4.16 3.37
N ASN I 57 -31.55 5.21 2.54
CA ASN I 57 -31.44 5.07 1.07
C ASN I 57 -30.41 6.06 0.52
N THR I 58 -29.94 5.80 -0.70
CA THR I 58 -28.99 6.64 -1.48
C THR I 58 -29.71 7.87 -2.06
N TRP I 59 -30.98 7.71 -2.44
CA TRP I 59 -31.78 8.74 -3.16
C TRP I 59 -32.35 9.76 -2.15
N TYR I 60 -32.63 10.97 -2.63
CA TYR I 60 -33.05 12.15 -1.85
C TYR I 60 -34.57 12.22 -1.77
N PRO I 61 -35.16 12.46 -0.58
CA PRO I 61 -36.60 12.68 -0.47
C PRO I 61 -37.03 14.09 -0.89
N ASP I 62 -37.51 14.24 -2.13
CA ASP I 62 -37.84 15.54 -2.78
C ASP I 62 -38.69 16.40 -1.84
N GLU I 63 -39.65 15.81 -1.14
CA GLU I 63 -40.64 16.53 -0.28
C GLU I 63 -39.91 17.31 0.83
N LEU I 64 -38.69 16.89 1.21
CA LEU I 64 -37.84 17.59 2.22
C LEU I 64 -37.58 19.04 1.75
N LYS I 65 -37.38 19.24 0.45
CA LYS I 65 -37.15 20.56 -0.21
C LYS I 65 -35.97 21.25 0.47
N HIS I 66 -34.94 20.48 0.83
CA HIS I 66 -33.63 20.93 1.38
C HIS I 66 -33.80 21.74 2.67
N ARG I 67 -34.91 21.57 3.40
CA ARG I 67 -35.19 22.34 4.65
C ARG I 67 -34.31 21.84 5.80
N LEU I 68 -33.74 20.63 5.67
CA LEU I 68 -32.70 20.08 6.58
C LEU I 68 -31.64 19.39 5.73
N PRO I 69 -30.37 19.37 6.18
CA PRO I 69 -29.35 18.54 5.53
C PRO I 69 -29.79 17.07 5.51
N PHE I 70 -29.55 16.39 4.40
CA PHE I 70 -29.89 14.96 4.19
C PHE I 70 -28.59 14.14 4.26
N ARG I 71 -28.59 13.02 4.98
CA ARG I 71 -27.47 12.04 4.99
C ARG I 71 -27.87 10.84 4.14
N PRO I 72 -27.39 10.73 2.88
CA PRO I 72 -27.58 9.50 2.11
C PRO I 72 -26.95 8.32 2.86
N MET I 73 -27.46 7.11 2.61
CA MET I 73 -26.93 5.86 3.21
C MET I 73 -26.58 4.87 2.11
N ILE I 74 -25.42 4.23 2.27
CA ILE I 74 -25.04 2.97 1.55
C ILE I 74 -25.53 1.82 2.44
N HIS I 75 -26.79 1.41 2.27
CA HIS I 75 -27.52 0.51 3.21
C HIS I 75 -26.90 -0.89 3.21
N GLY I 76 -26.64 -1.46 2.03
CA GLY I 76 -26.07 -2.80 1.87
C GLY I 76 -25.36 -2.97 0.54
N LYS I 77 -24.97 -4.21 0.21
CA LYS I 77 -24.19 -4.58 -1.01
C LYS I 77 -24.98 -4.19 -2.27
N ASN I 78 -26.31 -4.16 -2.19
CA ASN I 78 -27.23 -3.85 -3.31
C ASN I 78 -27.12 -2.36 -3.71
N ASN I 79 -26.40 -1.53 -2.94
CA ASN I 79 -26.33 -0.05 -3.12
C ASN I 79 -24.93 0.39 -3.58
N LEU I 80 -24.09 -0.54 -4.05
CA LEU I 80 -22.68 -0.29 -4.43
C LEU I 80 -22.52 -0.12 -5.95
N THR I 81 -23.57 -0.39 -6.73
CA THR I 81 -23.54 -0.45 -8.22
C THR I 81 -24.71 0.34 -8.81
N GLY I 82 -24.67 0.58 -10.12
CA GLY I 82 -25.76 1.18 -10.92
C GLY I 82 -26.25 2.50 -10.34
N GLY I 83 -27.53 2.82 -10.57
CA GLY I 83 -28.17 4.10 -10.18
C GLY I 83 -28.05 4.38 -8.69
N GLU I 84 -28.00 3.33 -7.87
CA GLU I 84 -27.83 3.44 -6.39
C GLU I 84 -26.49 4.15 -6.10
N TRP I 85 -25.40 3.67 -6.68
CA TRP I 85 -24.04 4.26 -6.46
C TRP I 85 -23.95 5.64 -7.11
N GLN I 86 -24.64 5.87 -8.24
CA GLN I 86 -24.65 7.17 -8.97
C GLN I 86 -25.26 8.24 -8.05
N ASN I 87 -26.29 7.91 -7.30
CA ASN I 87 -26.96 8.81 -6.31
C ASN I 87 -25.92 9.27 -5.28
N ILE I 88 -25.04 8.36 -4.86
CA ILE I 88 -23.97 8.63 -3.83
C ILE I 88 -22.88 9.52 -4.45
N LEU I 89 -22.46 9.23 -5.69
CA LEU I 89 -21.37 9.96 -6.40
C LEU I 89 -21.80 11.40 -6.68
N LYS I 90 -23.09 11.65 -6.93
CA LYS I 90 -23.60 12.94 -7.47
C LYS I 90 -24.13 13.85 -6.35
N THR I 91 -24.29 13.34 -5.12
CA THR I 91 -24.94 14.10 -4.00
C THR I 91 -24.10 15.34 -3.64
N ASN I 92 -24.78 16.44 -3.28
CA ASN I 92 -24.19 17.70 -2.78
C ASN I 92 -24.13 17.68 -1.25
N GLU I 93 -24.69 16.66 -0.61
CA GLU I 93 -24.82 16.59 0.88
C GLU I 93 -23.45 16.17 1.46
N GLU I 94 -23.18 16.56 2.70
CA GLU I 94 -21.82 16.57 3.31
C GLU I 94 -21.50 15.25 4.03
N VAL I 95 -22.49 14.55 4.59
CA VAL I 95 -22.28 13.34 5.47
C VAL I 95 -23.00 12.13 4.86
N ILE I 96 -22.31 11.00 4.75
CA ILE I 96 -22.82 9.74 4.14
C ILE I 96 -22.64 8.58 5.14
N HIS I 97 -23.70 7.81 5.38
CA HIS I 97 -23.72 6.60 6.24
C HIS I 97 -23.27 5.38 5.44
N PHE I 98 -22.44 4.52 6.05
CA PHE I 98 -22.11 3.18 5.50
C PHE I 98 -23.18 2.18 5.97
N PHE I 99 -22.88 0.88 5.95
CA PHE I 99 -23.85 -0.24 5.99
C PHE I 99 -24.71 -0.20 7.26
N ASN I 100 -25.98 -0.58 7.12
CA ASN I 100 -26.97 -0.70 8.23
C ASN I 100 -26.90 -2.14 8.77
N GLU I 101 -26.57 -2.29 10.06
CA GLU I 101 -26.48 -3.58 10.79
C GLU I 101 -25.93 -4.65 9.85
N PRO I 102 -24.66 -4.54 9.42
CA PRO I 102 -24.07 -5.49 8.47
C PRO I 102 -23.91 -6.89 9.06
N GLU I 103 -23.78 -6.99 10.39
CA GLU I 103 -23.58 -8.27 11.12
C GLU I 103 -24.83 -9.15 10.98
N ARG I 104 -25.97 -8.57 10.60
CA ARG I 104 -27.26 -9.29 10.42
C ARG I 104 -27.64 -9.40 8.95
N ALA I 105 -26.75 -9.03 8.02
CA ALA I 105 -26.96 -9.13 6.55
C ALA I 105 -25.86 -9.99 5.91
N GLY I 106 -25.10 -10.74 6.71
CA GLY I 106 -24.02 -11.64 6.25
C GLY I 106 -22.89 -10.88 5.58
N ILE I 107 -22.58 -9.67 6.06
CA ILE I 107 -21.40 -8.86 5.63
C ILE I 107 -20.37 -8.91 6.76
N SER I 108 -19.24 -9.57 6.55
CA SER I 108 -18.13 -9.69 7.54
C SER I 108 -17.44 -8.34 7.69
N PRO I 109 -16.76 -8.07 8.83
CA PRO I 109 -15.89 -6.90 8.95
C PRO I 109 -14.86 -6.77 7.82
N GLU I 110 -14.27 -7.90 7.40
CA GLU I 110 -13.19 -7.97 6.38
C GLU I 110 -13.75 -7.53 5.02
N GLU I 111 -14.97 -7.97 4.69
CA GLU I 111 -15.66 -7.67 3.41
C GLU I 111 -16.02 -6.17 3.36
N ALA I 112 -16.45 -5.60 4.49
CA ALA I 112 -16.87 -4.18 4.62
C ALA I 112 -15.65 -3.27 4.61
N ALA I 113 -14.52 -3.71 5.18
CA ALA I 113 -13.22 -3.00 5.18
C ALA I 113 -12.68 -2.91 3.74
N LYS I 114 -12.83 -3.98 2.95
CA LYS I 114 -12.39 -4.02 1.53
C LYS I 114 -13.20 -3.03 0.71
N ILE I 115 -14.53 -3.02 0.87
CA ILE I 115 -15.47 -2.12 0.13
C ILE I 115 -15.19 -0.66 0.51
N TRP I 116 -14.91 -0.40 1.79
CA TRP I 116 -14.53 0.92 2.34
C TRP I 116 -13.29 1.45 1.61
N ASN I 117 -12.20 0.68 1.60
CA ASN I 117 -10.90 1.05 0.97
C ASN I 117 -11.08 1.21 -0.53
N ASP I 118 -11.74 0.25 -1.19
CA ASP I 118 -11.79 0.13 -2.68
C ASP I 118 -12.75 1.14 -3.31
N GLN I 119 -13.73 1.67 -2.57
CA GLN I 119 -14.91 2.33 -3.19
C GLN I 119 -15.42 3.53 -2.37
N VAL I 120 -15.57 3.39 -1.05
CA VAL I 120 -16.28 4.41 -0.20
C VAL I 120 -15.32 5.54 0.19
N LEU I 121 -14.06 5.21 0.51
CA LEU I 121 -13.03 6.16 1.02
C LEU I 121 -12.85 7.32 0.03
N ALA I 122 -12.93 7.04 -1.26
CA ALA I 122 -12.84 8.02 -2.38
C ALA I 122 -13.86 9.16 -2.17
N LEU I 123 -14.99 8.89 -1.52
CA LEU I 123 -16.02 9.93 -1.23
C LEU I 123 -15.43 10.98 -0.28
N ARG I 124 -14.38 10.65 0.47
CA ARG I 124 -13.66 11.62 1.35
C ARG I 124 -12.47 12.22 0.61
N THR I 125 -11.52 11.40 0.16
CA THR I 125 -10.23 11.85 -0.41
C THR I 125 -10.48 12.69 -1.67
N SER I 126 -11.54 12.40 -2.42
CA SER I 126 -11.81 12.94 -3.78
C SER I 126 -13.05 13.86 -3.79
N HIS I 127 -14.11 13.55 -3.04
CA HIS I 127 -15.40 14.30 -3.03
C HIS I 127 -15.58 15.06 -1.71
N HIS I 128 -14.67 14.89 -0.74
CA HIS I 128 -14.59 15.66 0.54
C HIS I 128 -15.88 15.52 1.35
N LYS I 129 -16.49 14.35 1.31
CA LYS I 129 -17.63 13.97 2.19
C LYS I 129 -17.07 13.45 3.51
N ARG I 130 -17.86 13.56 4.59
CA ARG I 130 -17.57 12.90 5.89
C ARG I 130 -18.35 11.58 5.92
N LEU I 131 -17.74 10.55 6.50
CA LEU I 131 -18.25 9.15 6.43
C LEU I 131 -18.58 8.65 7.84
N VAL I 132 -19.80 8.12 8.03
CA VAL I 132 -20.24 7.43 9.27
C VAL I 132 -19.92 5.93 9.11
N SER I 133 -19.33 5.32 10.15
CA SER I 133 -19.10 3.86 10.22
C SER I 133 -20.42 3.14 9.97
N PRO I 134 -20.40 1.84 9.64
CA PRO I 134 -21.62 1.04 9.67
C PRO I 134 -22.23 1.15 11.07
N SER I 135 -23.56 1.17 11.15
CA SER I 135 -24.32 1.22 12.43
C SER I 135 -24.83 -0.19 12.76
N CYS I 136 -24.19 -0.82 13.75
CA CYS I 136 -24.50 -2.19 14.24
C CYS I 136 -25.47 -2.11 15.42
N ALA I 137 -26.12 -3.23 15.75
CA ALA I 137 -27.03 -3.38 16.92
C ALA I 137 -26.21 -3.32 18.20
N SER I 138 -26.87 -3.02 19.33
CA SER I 138 -26.24 -2.84 20.67
C SER I 138 -26.16 -4.17 21.41
N ASP I 139 -25.89 -5.28 20.70
CA ASP I 139 -25.73 -6.64 21.27
C ASP I 139 -24.28 -7.08 21.08
N PRO I 140 -23.80 -8.11 21.81
CA PRO I 140 -22.42 -8.57 21.69
C PRO I 140 -21.93 -8.80 20.25
N ALA I 141 -22.80 -9.30 19.36
CA ALA I 141 -22.49 -9.56 17.94
C ALA I 141 -22.14 -8.24 17.23
N GLY I 142 -22.96 -7.20 17.44
CA GLY I 142 -22.77 -5.86 16.86
C GLY I 142 -21.54 -5.16 17.44
N ILE I 143 -21.39 -5.19 18.76
CA ILE I 143 -20.24 -4.55 19.48
C ILE I 143 -18.93 -5.15 18.95
N ALA I 144 -18.91 -6.47 18.72
CA ALA I 144 -17.74 -7.24 18.25
C ALA I 144 -17.46 -6.92 16.78
N TRP I 145 -18.50 -6.78 15.97
CA TRP I 145 -18.40 -6.49 14.51
C TRP I 145 -17.72 -5.13 14.30
N ILE I 146 -18.24 -4.09 14.95
CA ILE I 146 -17.74 -2.69 14.81
C ILE I 146 -16.34 -2.60 15.44
N LYS I 147 -16.06 -3.34 16.52
CA LYS I 147 -14.72 -3.36 17.16
C LYS I 147 -13.68 -3.85 16.13
N LYS I 148 -14.01 -4.91 15.38
CA LYS I 148 -13.09 -5.55 14.40
C LYS I 148 -12.91 -4.64 13.19
N TRP I 149 -14.00 -4.08 12.66
CA TRP I 149 -14.02 -3.24 11.44
C TRP I 149 -13.23 -1.94 11.68
N MET I 150 -13.42 -1.31 12.84
CA MET I 150 -12.72 -0.06 13.25
C MET I 150 -11.22 -0.33 13.34
N ASN I 151 -10.82 -1.52 13.79
CA ASN I 151 -9.39 -1.93 13.87
C ASN I 151 -8.83 -2.14 12.46
N LEU I 152 -9.62 -2.75 11.56
CA LEU I 152 -9.19 -3.07 10.17
C LEU I 152 -8.96 -1.79 9.34
N VAL I 153 -9.65 -0.69 9.67
CA VAL I 153 -9.60 0.58 8.88
C VAL I 153 -9.06 1.71 9.77
N ALA I 154 -8.28 1.40 10.80
CA ALA I 154 -7.73 2.36 11.79
C ALA I 154 -6.85 3.42 11.09
N LYS I 155 -6.23 3.06 9.96
CA LYS I 155 -5.33 3.94 9.17
C LYS I 155 -6.17 4.90 8.32
N ASN I 156 -7.46 4.60 8.11
CA ASN I 156 -8.44 5.47 7.39
C ASN I 156 -9.75 5.46 8.14
N PRO I 157 -9.79 5.97 9.39
CA PRO I 157 -10.96 5.79 10.26
C PRO I 157 -12.14 6.60 9.74
N PRO I 158 -13.38 6.27 10.16
CA PRO I 158 -14.55 7.09 9.81
C PRO I 158 -14.56 8.40 10.61
N ASP I 159 -15.30 9.39 10.10
CA ASP I 159 -15.45 10.73 10.72
C ASP I 159 -16.37 10.62 11.94
N TYR I 160 -17.36 9.71 11.90
CA TYR I 160 -18.31 9.46 13.00
C TYR I 160 -18.48 7.95 13.23
N LEU I 161 -18.69 7.56 14.49
CA LEU I 161 -19.10 6.20 14.89
C LEU I 161 -20.64 6.13 14.92
N GLY I 162 -21.22 5.29 14.07
CA GLY I 162 -22.67 5.05 13.98
C GLY I 162 -23.11 3.96 14.96
N LEU I 163 -24.13 4.25 15.78
CA LEU I 163 -24.68 3.33 16.80
C LEU I 163 -26.19 3.23 16.66
N HIS I 164 -26.75 2.03 16.88
CA HIS I 164 -28.18 1.77 17.18
C HIS I 164 -28.30 1.42 18.66
N TRP I 165 -29.43 1.73 19.28
CA TRP I 165 -29.82 1.21 20.62
C TRP I 165 -31.34 1.14 20.74
N TYR I 166 -31.84 -0.06 21.04
CA TYR I 166 -33.25 -0.33 21.41
C TYR I 166 -33.28 -1.06 22.76
N GLY I 167 -34.22 -0.68 23.62
CA GLY I 167 -34.40 -1.25 24.97
C GLY I 167 -35.42 -0.45 25.77
N THR I 168 -35.58 -0.76 27.06
CA THR I 168 -36.64 -0.20 27.94
C THR I 168 -36.03 0.66 29.04
N LYS I 169 -34.73 0.52 29.33
CA LYS I 169 -34.05 1.20 30.46
C LYS I 169 -33.09 2.27 29.91
N GLY I 170 -33.46 3.55 30.08
CA GLY I 170 -32.67 4.72 29.66
C GLY I 170 -31.27 4.70 30.25
N ASP I 171 -31.12 4.32 31.52
CA ASP I 171 -29.81 4.27 32.22
C ASP I 171 -28.88 3.30 31.49
N GLU I 172 -29.43 2.27 30.83
CA GLU I 172 -28.62 1.24 30.11
C GLU I 172 -28.15 1.80 28.75
N MET I 173 -28.94 2.65 28.08
CA MET I 173 -28.55 3.31 26.81
C MET I 173 -27.40 4.29 27.09
N ILE I 174 -27.53 5.08 28.16
CA ILE I 174 -26.48 6.04 28.62
C ILE I 174 -25.18 5.27 28.86
N ARG I 175 -25.24 4.16 29.60
CA ARG I 175 -24.06 3.35 29.98
C ARG I 175 -23.42 2.75 28.72
N TYR I 176 -24.23 2.44 27.69
CA TYR I 176 -23.79 1.87 26.40
C TYR I 176 -23.04 2.93 25.58
N LEU I 177 -23.61 4.13 25.46
CA LEU I 177 -22.99 5.27 24.72
C LEU I 177 -21.66 5.61 25.39
N GLU I 178 -21.66 5.78 26.72
CA GLU I 178 -20.44 6.08 27.53
C GLU I 178 -19.41 4.96 27.31
N SER I 179 -19.87 3.71 27.24
CA SER I 179 -19.02 2.50 27.05
C SER I 179 -18.38 2.54 25.64
N MET I 180 -19.17 2.83 24.60
CA MET I 180 -18.68 2.85 23.20
C MET I 180 -17.79 4.07 22.96
N HIS I 181 -18.02 5.18 23.68
CA HIS I 181 -17.22 6.43 23.59
C HIS I 181 -15.82 6.19 24.19
N LYS I 182 -15.72 5.36 25.24
CA LYS I 182 -14.44 4.99 25.88
C LYS I 182 -13.66 4.04 24.97
N GLU I 183 -14.36 3.07 24.37
CA GLU I 183 -13.78 2.02 23.49
C GLU I 183 -13.30 2.64 22.17
N HIS I 184 -13.99 3.68 21.68
CA HIS I 184 -13.74 4.35 20.38
C HIS I 184 -13.71 5.86 20.58
N PRO I 185 -12.67 6.42 21.23
CA PRO I 185 -12.68 7.82 21.65
C PRO I 185 -12.25 8.87 20.60
N HIS I 186 -11.88 8.43 19.39
CA HIS I 186 -11.16 9.26 18.38
C HIS I 186 -12.14 10.09 17.54
N GLN I 187 -13.44 9.78 17.54
CA GLN I 187 -14.45 10.54 16.72
C GLN I 187 -15.74 10.70 17.51
N PRO I 188 -16.60 11.66 17.13
CA PRO I 188 -17.92 11.79 17.74
C PRO I 188 -18.83 10.62 17.36
N ILE I 189 -19.94 10.46 18.09
CA ILE I 189 -20.94 9.37 17.89
C ILE I 189 -22.20 9.97 17.24
N ILE I 190 -22.73 9.29 16.23
CA ILE I 190 -24.11 9.49 15.68
C ILE I 190 -24.94 8.27 16.06
N VAL I 191 -26.02 8.47 16.82
CA VAL I 191 -27.05 7.42 17.11
C VAL I 191 -28.03 7.41 15.93
N SER I 192 -27.76 6.59 14.91
CA SER I 192 -28.47 6.59 13.60
C SER I 192 -29.88 6.02 13.76
N GLU I 193 -30.12 5.20 14.79
CA GLU I 193 -31.47 4.69 15.20
C GLU I 193 -31.47 4.47 16.71
N TRP I 194 -32.53 4.91 17.39
CA TRP I 194 -32.81 4.52 18.79
C TRP I 194 -34.30 4.71 19.08
N ALA I 195 -34.81 3.98 20.08
CA ALA I 195 -36.21 4.04 20.56
C ALA I 195 -36.34 3.20 21.84
N SER I 196 -37.33 3.54 22.67
CA SER I 196 -37.86 2.67 23.73
C SER I 196 -38.66 1.54 23.06
N THR I 197 -38.48 0.30 23.51
CA THR I 197 -39.25 -0.89 23.07
C THR I 197 -40.34 -1.22 24.10
N SER I 198 -40.44 -0.45 25.19
CA SER I 198 -41.46 -0.64 26.25
C SER I 198 -42.85 -0.56 25.61
N ARG I 199 -43.78 -1.40 26.09
CA ARG I 199 -45.21 -1.40 25.65
C ARG I 199 -46.02 -0.49 26.59
N SER I 200 -45.36 0.08 27.61
CA SER I 200 -45.93 1.07 28.55
C SER I 200 -45.57 2.48 28.07
N TYR I 201 -46.56 3.30 27.69
CA TYR I 201 -46.31 4.64 27.09
C TYR I 201 -45.53 5.53 28.05
N PRO I 202 -45.90 5.61 29.35
CA PRO I 202 -45.13 6.40 30.32
C PRO I 202 -43.63 6.04 30.34
N ASP I 203 -43.29 4.77 30.12
CA ASP I 203 -41.89 4.27 30.10
C ASP I 203 -41.23 4.65 28.77
N VAL I 204 -41.99 4.72 27.67
CA VAL I 204 -41.50 5.19 26.34
C VAL I 204 -41.17 6.69 26.45
N LEU I 205 -42.14 7.49 26.85
CA LEU I 205 -42.02 8.97 27.02
C LEU I 205 -40.87 9.27 27.99
N GLY I 206 -40.79 8.55 29.10
CA GLY I 206 -39.77 8.75 30.15
C GLY I 206 -38.35 8.56 29.62
N LEU I 207 -38.12 7.49 28.86
CA LEU I 207 -36.80 7.15 28.27
C LEU I 207 -36.44 8.18 27.19
N THR I 208 -37.36 8.42 26.26
CA THR I 208 -37.17 9.36 25.12
C THR I 208 -36.73 10.72 25.68
N VAL I 209 -37.50 11.27 26.61
CA VAL I 209 -37.23 12.59 27.28
C VAL I 209 -35.86 12.54 27.96
N GLN I 210 -35.56 11.49 28.73
CA GLN I 210 -34.28 11.37 29.48
C GLN I 210 -33.10 11.41 28.51
N LEU I 211 -33.14 10.62 27.43
CA LEU I 211 -31.98 10.40 26.52
C LEU I 211 -31.80 11.60 25.59
N ALA I 212 -32.90 12.19 25.10
CA ALA I 212 -32.88 13.43 24.30
C ALA I 212 -32.13 14.52 25.08
N ASN I 213 -32.54 14.79 26.32
CA ASN I 213 -31.96 15.85 27.18
C ASN I 213 -30.51 15.50 27.52
N TRP I 214 -30.21 14.23 27.80
CA TRP I 214 -28.84 13.78 28.18
C TRP I 214 -27.90 13.94 26.97
N MET I 215 -28.32 13.49 25.79
CA MET I 215 -27.51 13.53 24.55
C MET I 215 -27.33 14.99 24.08
N ASP I 216 -28.37 15.82 24.27
CA ASP I 216 -28.35 17.28 23.95
C ASP I 216 -27.16 17.97 24.66
N SER I 217 -26.89 17.61 25.92
CA SER I 217 -25.84 18.25 26.75
C SER I 217 -24.55 17.42 26.79
N THR I 218 -24.43 16.40 25.92
CA THR I 218 -23.20 15.56 25.77
C THR I 218 -22.49 15.93 24.47
N PRO I 219 -21.36 16.68 24.53
CA PRO I 219 -20.71 17.19 23.33
C PRO I 219 -20.35 16.12 22.27
N TRP I 220 -19.91 14.94 22.69
CA TRP I 220 -19.35 13.90 21.79
C TRP I 220 -20.47 13.09 21.09
N VAL I 221 -21.74 13.41 21.36
CA VAL I 221 -22.89 12.92 20.54
C VAL I 221 -23.23 14.02 19.52
N ALA I 222 -22.86 13.80 18.25
CA ALA I 222 -23.05 14.75 17.13
C ALA I 222 -24.54 14.93 16.85
N GLU I 223 -25.27 13.83 16.65
CA GLU I 223 -26.73 13.82 16.44
C GLU I 223 -27.31 12.46 16.83
N TYR I 224 -28.64 12.39 17.01
CA TYR I 224 -29.39 11.16 17.39
C TYR I 224 -30.72 11.14 16.63
N ALA I 225 -31.19 9.94 16.29
CA ALA I 225 -32.30 9.69 15.35
C ALA I 225 -33.36 8.76 15.98
N LEU I 226 -34.48 9.32 16.46
CA LEU I 226 -35.56 8.55 17.12
C LEU I 226 -36.38 7.81 16.05
N PHE I 227 -36.52 6.49 16.20
CA PHE I 227 -37.20 5.58 15.24
C PHE I 227 -38.72 5.61 15.50
N GLY I 228 -39.51 5.46 14.43
CA GLY I 228 -40.95 5.14 14.51
C GLY I 228 -41.86 6.03 13.67
N CYS I 229 -41.32 6.98 12.89
CA CYS I 229 -42.13 7.90 12.04
C CYS I 229 -42.49 7.21 10.72
N MET I 230 -43.48 6.32 10.78
CA MET I 230 -44.03 5.54 9.63
C MET I 230 -45.42 5.03 10.02
N ARG I 231 -46.27 4.71 9.05
CA ARG I 231 -47.72 4.40 9.26
C ARG I 231 -47.88 3.01 9.88
N GLN I 232 -47.23 1.98 9.33
CA GLN I 232 -47.27 0.58 9.81
C GLN I 232 -46.14 0.37 10.83
N MET I 233 -46.28 -0.63 11.69
CA MET I 233 -45.14 -1.14 12.52
C MET I 233 -44.12 -1.75 11.56
N ALA I 234 -42.83 -1.48 11.77
CA ALA I 234 -41.71 -2.02 10.97
C ALA I 234 -41.69 -3.55 11.11
N ASP I 235 -41.94 -4.04 12.33
CA ASP I 235 -41.76 -5.45 12.75
C ASP I 235 -42.45 -5.65 14.11
N ASP I 236 -42.26 -6.82 14.73
CA ASP I 236 -42.86 -7.19 16.04
C ASP I 236 -41.95 -6.72 17.19
N PHE I 237 -40.71 -6.31 16.90
CA PHE I 237 -39.70 -5.95 17.93
C PHE I 237 -40.02 -4.56 18.52
N VAL I 238 -40.29 -3.58 17.67
CA VAL I 238 -40.53 -2.15 18.07
C VAL I 238 -41.92 -2.04 18.71
N SER I 239 -42.10 -1.06 19.60
CA SER I 239 -43.33 -0.83 20.40
C SER I 239 -44.31 0.03 19.61
N PRO I 240 -45.59 -0.37 19.49
CA PRO I 240 -46.64 0.51 18.98
C PRO I 240 -46.79 1.84 19.76
N GLU I 241 -46.39 1.85 21.04
CA GLU I 241 -46.51 3.04 21.93
C GLU I 241 -45.41 4.07 21.60
N ALA I 242 -44.35 3.64 20.89
CA ALA I 242 -43.20 4.48 20.49
C ALA I 242 -43.37 5.02 19.06
N GLN I 243 -44.49 4.72 18.39
CA GLN I 243 -44.78 5.24 17.02
C GLN I 243 -44.81 6.77 17.07
N LEU I 244 -44.21 7.40 16.05
CA LEU I 244 -44.14 8.87 15.87
C LEU I 244 -45.18 9.31 14.84
N MET I 245 -45.74 8.36 14.08
CA MET I 245 -46.82 8.60 13.08
C MET I 245 -47.99 7.65 13.37
N ASN I 246 -49.22 8.17 13.27
CA ASN I 246 -50.49 7.37 13.34
C ASN I 246 -50.70 6.71 11.98
N LYS I 247 -51.70 5.82 11.88
CA LYS I 247 -51.99 5.02 10.66
C LYS I 247 -52.46 5.95 9.53
N ASP I 248 -53.01 7.12 9.84
CA ASP I 248 -53.55 8.10 8.86
C ASP I 248 -52.44 9.04 8.36
N GLY I 249 -51.26 9.00 8.99
CA GLY I 249 -50.08 9.80 8.56
C GLY I 249 -49.87 11.04 9.41
N SER I 250 -50.83 11.40 10.27
CA SER I 250 -50.68 12.46 11.29
C SER I 250 -49.61 12.03 12.31
N PHE I 251 -49.08 12.99 13.07
CA PHE I 251 -47.96 12.77 14.03
C PHE I 251 -48.52 12.53 15.43
N THR I 252 -47.87 11.65 16.18
CA THR I 252 -48.19 11.35 17.60
C THR I 252 -47.66 12.49 18.45
N ASP I 253 -48.12 12.57 19.70
CA ASP I 253 -47.65 13.58 20.68
C ASP I 253 -46.16 13.38 20.94
N LEU I 254 -45.67 12.13 20.88
CA LEU I 254 -44.24 11.82 21.11
C LEU I 254 -43.41 12.48 20.01
N MET I 255 -43.90 12.43 18.76
CA MET I 255 -43.25 13.04 17.58
C MET I 255 -43.23 14.56 17.75
N TRP I 256 -44.36 15.14 18.15
CA TRP I 256 -44.48 16.60 18.38
C TRP I 256 -43.40 17.03 19.38
N LYS I 257 -43.31 16.35 20.51
CA LYS I 257 -42.34 16.67 21.59
C LYS I 257 -40.92 16.54 21.04
N TYR I 258 -40.64 15.46 20.32
CA TYR I 258 -39.30 15.17 19.72
C TYR I 258 -38.86 16.35 18.86
N MET I 259 -39.76 16.89 18.02
CA MET I 259 -39.41 17.88 16.96
C MET I 259 -39.66 19.32 17.42
N SER I 260 -40.24 19.55 18.61
CA SER I 260 -40.68 20.90 19.05
C SER I 260 -40.02 21.35 20.37
N ASP I 261 -39.72 20.44 21.29
CA ASP I 261 -39.43 20.77 22.72
C ASP I 261 -37.95 20.56 23.03
N GLN I 262 -37.26 21.61 23.48
CA GLN I 262 -35.85 21.55 23.94
C GLN I 262 -35.67 22.54 25.10
N PRO I 263 -35.54 22.07 26.36
CA PRO I 263 -35.47 20.65 26.68
C PRO I 263 -36.78 19.90 26.39
N MET I 264 -36.72 18.57 26.25
CA MET I 264 -37.90 17.67 26.23
C MET I 264 -38.46 17.57 27.65
N HIS I 265 -39.78 17.41 27.77
CA HIS I 265 -40.51 17.23 29.05
C HIS I 265 -41.57 16.13 28.87
N ILE I 266 -41.96 15.46 29.97
CA ILE I 266 -43.01 14.41 29.98
C ILE I 266 -44.40 15.07 29.96
N HIS J 20 0.94 -48.05 -50.82
CA HIS J 20 -0.31 -47.66 -51.48
C HIS J 20 -0.05 -46.50 -52.45
N MET J 21 -0.87 -46.36 -53.50
CA MET J 21 -1.19 -45.08 -54.17
C MET J 21 -1.64 -44.08 -53.11
N VAL J 22 -0.89 -43.00 -52.90
CA VAL J 22 -1.26 -41.89 -51.98
C VAL J 22 -2.28 -41.01 -52.70
N LYS J 23 -3.43 -40.77 -52.08
CA LYS J 23 -4.60 -40.07 -52.69
C LYS J 23 -5.00 -38.89 -51.80
N LYS J 24 -4.41 -37.71 -52.05
CA LYS J 24 -4.66 -36.46 -51.28
C LYS J 24 -5.06 -35.30 -52.20
N ARG J 25 -5.20 -35.53 -53.51
CA ARG J 25 -5.32 -34.43 -54.50
C ARG J 25 -6.80 -34.08 -54.70
N VAL J 26 -7.14 -32.80 -54.54
CA VAL J 26 -8.50 -32.24 -54.73
C VAL J 26 -8.63 -31.77 -56.19
N LEU J 27 -9.78 -32.06 -56.80
CA LEU J 27 -10.18 -31.51 -58.12
C LEU J 27 -11.01 -30.24 -57.88
N LEU J 28 -10.38 -29.06 -57.99
CA LEU J 28 -11.07 -27.75 -58.02
C LEU J 28 -11.83 -27.65 -59.35
N TRP J 29 -13.16 -27.55 -59.30
CA TRP J 29 -14.06 -27.58 -60.48
C TRP J 29 -14.89 -26.29 -60.53
N ASP J 30 -14.32 -25.24 -61.12
CA ASP J 30 -14.96 -23.89 -61.24
C ASP J 30 -16.31 -24.06 -61.94
N TYR J 31 -17.31 -23.25 -61.53
CA TYR J 31 -18.71 -23.34 -61.99
C TYR J 31 -18.78 -23.09 -63.51
N THR J 32 -17.81 -22.40 -64.09
CA THR J 32 -17.76 -22.12 -65.55
C THR J 32 -17.64 -23.46 -66.29
N ASN J 33 -16.95 -24.44 -65.71
CA ASN J 33 -16.85 -25.83 -66.25
C ASN J 33 -18.26 -26.43 -66.30
N THR J 34 -19.02 -26.33 -65.19
CA THR J 34 -20.41 -26.84 -65.07
C THR J 34 -21.30 -26.09 -66.09
N ARG J 35 -21.09 -24.78 -66.26
CA ARG J 35 -21.91 -23.91 -67.14
C ARG J 35 -21.67 -24.26 -68.62
N ASP J 36 -20.43 -24.55 -69.02
CA ASP J 36 -19.98 -24.54 -70.45
C ASP J 36 -19.52 -25.93 -70.92
N VAL J 37 -18.84 -26.72 -70.08
CA VAL J 37 -18.13 -27.96 -70.52
C VAL J 37 -18.30 -29.08 -69.48
N LYS J 38 -19.54 -29.38 -69.06
CA LYS J 38 -19.89 -30.56 -68.22
C LYS J 38 -19.05 -31.76 -68.65
N TRP J 39 -19.08 -32.06 -69.95
CA TRP J 39 -18.46 -33.25 -70.61
C TRP J 39 -17.00 -33.42 -70.17
N ALA J 40 -16.31 -32.35 -69.79
CA ALA J 40 -14.88 -32.38 -69.37
C ALA J 40 -14.69 -33.28 -68.15
N MET J 41 -15.69 -33.36 -67.27
CA MET J 41 -15.63 -34.16 -66.01
C MET J 41 -15.45 -35.64 -66.35
N ASP J 42 -16.11 -36.12 -67.42
CA ASP J 42 -16.06 -37.55 -67.86
C ASP J 42 -14.66 -37.91 -68.36
N LYS J 43 -13.81 -36.91 -68.66
CA LYS J 43 -12.43 -37.14 -69.17
C LYS J 43 -11.43 -37.13 -68.01
N ILE J 44 -11.87 -36.87 -66.78
CA ILE J 44 -11.03 -36.93 -65.55
C ILE J 44 -10.57 -38.39 -65.36
N ASN J 45 -9.35 -38.57 -64.83
CA ASN J 45 -8.78 -39.87 -64.40
C ASN J 45 -9.10 -40.06 -62.92
N PHE J 46 -9.98 -41.02 -62.59
CA PHE J 46 -10.49 -41.30 -61.22
C PHE J 46 -9.72 -42.46 -60.58
N LYS J 47 -8.81 -43.11 -61.34
CA LYS J 47 -8.02 -44.29 -60.91
C LYS J 47 -6.66 -43.86 -60.38
N GLY J 48 -6.34 -42.57 -60.46
CA GLY J 48 -5.08 -41.97 -59.96
C GLY J 48 -5.26 -41.37 -58.57
N PRO J 49 -4.40 -40.41 -58.18
CA PRO J 49 -4.42 -39.86 -56.82
C PRO J 49 -5.46 -38.75 -56.51
N LEU J 50 -6.40 -38.47 -57.42
CA LEU J 50 -7.58 -37.61 -57.09
C LEU J 50 -8.39 -38.32 -56.00
N HIS J 51 -8.83 -37.58 -54.98
CA HIS J 51 -9.43 -38.13 -53.74
C HIS J 51 -10.71 -37.38 -53.34
N SER J 52 -10.92 -36.15 -53.82
CA SER J 52 -12.10 -35.32 -53.51
C SER J 52 -12.24 -34.19 -54.54
N CYS J 53 -13.25 -33.33 -54.37
CA CYS J 53 -13.65 -32.27 -55.33
C CYS J 53 -14.34 -31.13 -54.57
N SER J 54 -14.10 -29.88 -54.96
CA SER J 54 -14.80 -28.67 -54.46
C SER J 54 -14.98 -27.68 -55.61
N ASN J 55 -15.93 -26.74 -55.49
CA ASN J 55 -16.29 -25.80 -56.59
C ASN J 55 -16.65 -24.41 -56.05
N TRP J 56 -16.16 -24.05 -54.84
CA TRP J 56 -16.38 -22.72 -54.21
C TRP J 56 -17.86 -22.43 -54.00
N ASN J 57 -18.73 -23.43 -54.07
CA ASN J 57 -20.21 -23.24 -54.03
C ASN J 57 -20.85 -24.26 -53.07
N THR J 58 -22.09 -23.95 -52.67
CA THR J 58 -22.95 -24.79 -51.79
C THR J 58 -23.55 -25.96 -52.60
N TRP J 59 -23.85 -25.74 -53.87
CA TRP J 59 -24.56 -26.71 -54.75
C TRP J 59 -23.57 -27.74 -55.31
N TYR J 60 -24.09 -28.91 -55.67
CA TYR J 60 -23.33 -30.11 -56.10
C TYR J 60 -23.17 -30.12 -57.62
N PRO J 61 -21.96 -30.40 -58.16
CA PRO J 61 -21.78 -30.55 -59.61
C PRO J 61 -22.24 -31.93 -60.10
N ASP J 62 -23.46 -32.00 -60.65
CA ASP J 62 -24.13 -33.26 -61.08
C ASP J 62 -23.19 -34.12 -61.92
N GLU J 63 -22.41 -33.51 -62.82
CA GLU J 63 -21.54 -34.23 -63.79
C GLU J 63 -20.50 -35.07 -63.04
N LEU J 64 -20.17 -34.74 -61.79
CA LEU J 64 -19.24 -35.51 -60.92
C LEU J 64 -19.76 -36.95 -60.75
N LYS J 65 -21.09 -37.11 -60.63
CA LYS J 65 -21.81 -38.40 -60.49
C LYS J 65 -21.22 -39.19 -59.30
N HIS J 66 -20.89 -38.47 -58.22
CA HIS J 66 -20.43 -39.01 -56.91
C HIS J 66 -19.17 -39.87 -57.06
N ARG J 67 -18.37 -39.67 -58.12
CA ARG J 67 -17.14 -40.48 -58.38
C ARG J 67 -16.03 -40.07 -57.41
N LEU J 68 -16.15 -38.89 -56.79
CA LEU J 68 -15.26 -38.41 -55.69
C LEU J 68 -16.14 -37.74 -54.63
N PRO J 69 -15.75 -37.77 -53.34
CA PRO J 69 -16.42 -36.97 -52.32
C PRO J 69 -16.36 -35.49 -52.70
N PHE J 70 -17.46 -34.77 -52.49
CA PHE J 70 -17.58 -33.31 -52.77
C PHE J 70 -17.56 -32.55 -51.43
N ARG J 71 -16.79 -31.47 -51.35
CA ARG J 71 -16.81 -30.55 -50.18
C ARG J 71 -17.58 -29.30 -50.57
N PRO J 72 -18.85 -29.14 -50.16
CA PRO J 72 -19.57 -27.88 -50.32
C PRO J 72 -18.81 -26.76 -49.61
N MET J 73 -18.98 -25.52 -50.07
CA MET J 73 -18.34 -24.33 -49.46
C MET J 73 -19.42 -23.30 -49.12
N ILE J 74 -19.30 -22.71 -47.92
CA ILE J 74 -19.99 -21.45 -47.53
C ILE J 74 -19.02 -20.32 -47.91
N HIS J 75 -19.10 -19.85 -49.16
CA HIS J 75 -18.08 -18.96 -49.80
C HIS J 75 -18.05 -17.59 -49.11
N GLY J 76 -19.21 -16.99 -48.90
CA GLY J 76 -19.35 -15.65 -48.28
C GLY J 76 -20.72 -15.46 -47.63
N LYS J 77 -21.00 -14.22 -47.20
CA LYS J 77 -22.25 -13.84 -46.49
C LYS J 77 -23.47 -14.12 -47.37
N ASN J 78 -23.31 -14.11 -48.68
CA ASN J 78 -24.40 -14.32 -49.68
C ASN J 78 -24.88 -15.79 -49.66
N ASN J 79 -24.19 -16.68 -48.92
CA ASN J 79 -24.44 -18.15 -48.92
C ASN J 79 -25.02 -18.63 -47.59
N LEU J 80 -25.49 -17.71 -46.73
CA LEU J 80 -25.96 -18.00 -45.35
C LEU J 80 -27.49 -18.13 -45.28
N THR J 81 -28.22 -17.77 -46.35
CA THR J 81 -29.70 -17.68 -46.37
C THR J 81 -30.26 -18.38 -47.62
N GLY J 82 -31.58 -18.57 -47.67
CA GLY J 82 -32.32 -19.05 -48.85
C GLY J 82 -31.78 -20.38 -49.36
N GLY J 83 -31.94 -20.63 -50.67
CA GLY J 83 -31.57 -21.89 -51.34
C GLY J 83 -30.11 -22.25 -51.16
N GLU J 84 -29.24 -21.24 -51.01
CA GLU J 84 -27.78 -21.42 -50.76
C GLU J 84 -27.60 -22.20 -49.45
N TRP J 85 -28.22 -21.75 -48.36
CA TRP J 85 -28.11 -22.41 -47.03
C TRP J 85 -28.82 -23.77 -47.03
N GLN J 86 -29.91 -23.90 -47.79
CA GLN J 86 -30.69 -25.16 -47.91
C GLN J 86 -29.80 -26.26 -48.50
N ASN J 87 -28.97 -25.90 -49.49
CA ASN J 87 -27.99 -26.83 -50.13
C ASN J 87 -27.04 -27.38 -49.05
N ILE J 88 -26.62 -26.53 -48.11
CA ILE J 88 -25.68 -26.89 -47.01
C ILE J 88 -26.40 -27.80 -46.00
N LEU J 89 -27.64 -27.46 -45.63
CA LEU J 89 -28.43 -28.21 -44.61
C LEU J 89 -28.75 -29.62 -45.12
N LYS J 90 -28.94 -29.81 -46.43
CA LYS J 90 -29.50 -31.05 -47.03
C LYS J 90 -28.39 -31.98 -47.54
N THR J 91 -27.13 -31.54 -47.60
CA THR J 91 -26.02 -32.31 -48.23
C THR J 91 -25.74 -33.60 -47.44
N ASN J 92 -25.40 -34.67 -48.16
CA ASN J 92 -24.99 -35.99 -47.61
C ASN J 92 -23.46 -36.04 -47.46
N GLU J 93 -22.74 -35.02 -47.93
CA GLU J 93 -21.25 -35.01 -47.97
C GLU J 93 -20.72 -34.69 -46.56
N GLU J 94 -19.51 -35.16 -46.25
CA GLU J 94 -18.97 -35.25 -44.86
C GLU J 94 -18.23 -33.97 -44.44
N VAL J 95 -17.59 -33.25 -45.36
CA VAL J 95 -16.68 -32.10 -45.05
C VAL J 95 -17.19 -30.83 -45.75
N ILE J 96 -17.28 -29.72 -45.00
CA ILE J 96 -17.81 -28.41 -45.48
C ILE J 96 -16.78 -27.32 -45.19
N HIS J 97 -16.44 -26.52 -46.21
CA HIS J 97 -15.53 -25.35 -46.12
C HIS J 97 -16.31 -24.11 -45.67
N PHE J 98 -15.71 -23.32 -44.77
CA PHE J 98 -16.22 -21.97 -44.40
C PHE J 98 -15.64 -20.94 -45.40
N PHE J 99 -15.61 -19.66 -45.04
CA PHE J 99 -15.47 -18.49 -45.95
C PHE J 99 -14.16 -18.56 -46.74
N ASN J 100 -14.21 -18.13 -48.00
CA ASN J 100 -13.05 -18.00 -48.92
C ASN J 100 -12.44 -16.60 -48.75
N GLU J 101 -11.17 -16.52 -48.34
CA GLU J 101 -10.39 -15.27 -48.15
C GLU J 101 -11.31 -14.18 -47.60
N PRO J 102 -11.82 -14.33 -46.36
CA PRO J 102 -12.75 -13.38 -45.79
C PRO J 102 -12.11 -12.00 -45.52
N GLU J 103 -10.79 -11.98 -45.31
CA GLU J 103 -10.01 -10.75 -45.01
C GLU J 103 -10.05 -9.80 -46.22
N ARG J 104 -10.38 -10.31 -47.41
CA ARG J 104 -10.45 -9.53 -48.67
C ARG J 104 -11.90 -9.33 -49.12
N ALA J 105 -12.89 -9.69 -48.30
CA ALA J 105 -14.32 -9.51 -48.59
C ALA J 105 -15.00 -8.68 -47.49
N GLY J 106 -14.20 -8.00 -46.65
CA GLY J 106 -14.69 -7.13 -45.56
C GLY J 106 -15.46 -7.89 -44.50
N ILE J 107 -15.06 -9.14 -44.22
CA ILE J 107 -15.58 -9.99 -43.11
C ILE J 107 -14.51 -10.03 -42.02
N SER J 108 -14.76 -9.41 -40.86
CA SER J 108 -13.83 -9.39 -39.70
C SER J 108 -13.78 -10.77 -39.06
N PRO J 109 -12.69 -11.12 -38.34
CA PRO J 109 -12.68 -12.34 -37.52
C PRO J 109 -13.88 -12.45 -36.56
N GLU J 110 -14.26 -11.34 -35.94
CA GLU J 110 -15.36 -11.28 -34.91
C GLU J 110 -16.69 -11.63 -35.57
N GLU J 111 -16.93 -11.13 -36.79
CA GLU J 111 -18.18 -11.32 -37.57
C GLU J 111 -18.28 -12.80 -38.01
N ALA J 112 -17.15 -13.41 -38.40
CA ALA J 112 -17.06 -14.80 -38.88
C ALA J 112 -17.18 -15.78 -37.70
N ALA J 113 -16.65 -15.40 -36.52
CA ALA J 113 -16.77 -16.17 -35.25
C ALA J 113 -18.23 -16.22 -34.81
N LYS J 114 -18.97 -15.12 -34.95
CA LYS J 114 -20.40 -15.02 -34.59
C LYS J 114 -21.22 -15.95 -35.50
N ILE J 115 -20.98 -15.91 -36.81
CA ILE J 115 -21.71 -16.72 -37.83
C ILE J 115 -21.41 -18.21 -37.59
N TRP J 116 -20.16 -18.53 -37.26
CA TRP J 116 -19.69 -19.90 -36.90
C TRP J 116 -20.51 -20.45 -35.74
N ASN J 117 -20.54 -19.73 -34.61
CA ASN J 117 -21.25 -20.14 -33.36
C ASN J 117 -22.76 -20.22 -33.64
N ASP J 118 -23.34 -19.20 -34.28
CA ASP J 118 -24.81 -19.00 -34.41
C ASP J 118 -25.43 -19.94 -35.45
N GLN J 119 -24.66 -20.46 -36.42
CA GLN J 119 -25.25 -21.03 -37.66
C GLN J 119 -24.46 -22.24 -38.18
N VAL J 120 -23.12 -22.17 -38.25
CA VAL J 120 -22.28 -23.18 -38.96
C VAL J 120 -22.00 -24.37 -38.03
N LEU J 121 -21.74 -24.12 -36.74
CA LEU J 121 -21.33 -25.14 -35.74
C LEU J 121 -22.36 -26.26 -35.66
N ALA J 122 -23.66 -25.92 -35.81
CA ALA J 122 -24.80 -26.87 -35.82
C ALA J 122 -24.58 -27.97 -36.86
N LEU J 123 -23.85 -27.67 -37.95
CA LEU J 123 -23.56 -28.67 -39.00
C LEU J 123 -22.70 -29.80 -38.42
N ARG J 124 -21.97 -29.55 -37.31
CA ARG J 124 -21.18 -30.57 -36.61
C ARG J 124 -22.00 -31.21 -35.48
N THR J 125 -22.46 -30.40 -34.52
CA THR J 125 -23.11 -30.89 -33.28
C THR J 125 -24.39 -31.66 -33.62
N SER J 126 -25.08 -31.29 -34.71
CA SER J 126 -26.44 -31.77 -35.07
C SER J 126 -26.41 -32.64 -36.34
N HIS J 127 -25.60 -32.30 -37.36
CA HIS J 127 -25.56 -33.00 -38.67
C HIS J 127 -24.26 -33.80 -38.82
N HIS J 128 -23.34 -33.71 -37.86
CA HIS J 128 -22.10 -34.54 -37.75
C HIS J 128 -21.22 -34.39 -39.00
N LYS J 129 -21.18 -33.17 -39.55
CA LYS J 129 -20.23 -32.79 -40.63
C LYS J 129 -18.92 -32.35 -39.98
N ARG J 130 -17.81 -32.49 -40.70
CA ARG J 130 -16.50 -31.89 -40.31
C ARG J 130 -16.36 -30.55 -41.02
N LEU J 131 -15.77 -29.56 -40.34
CA LEU J 131 -15.75 -28.14 -40.78
C LEU J 131 -14.30 -27.69 -41.02
N VAL J 132 -14.04 -27.10 -42.18
CA VAL J 132 -12.74 -26.47 -42.53
C VAL J 132 -12.84 -24.99 -42.15
N SER J 133 -11.82 -24.45 -41.48
CA SER J 133 -11.70 -23.00 -41.17
C SER J 133 -11.85 -22.22 -42.47
N PRO J 134 -12.12 -20.90 -42.40
CA PRO J 134 -11.99 -20.05 -43.58
C PRO J 134 -10.56 -20.19 -44.12
N SER J 135 -10.41 -20.17 -45.45
CA SER J 135 -9.10 -20.24 -46.14
C SER J 135 -8.66 -18.83 -46.55
N CYS J 136 -7.68 -18.27 -45.83
CA CYS J 136 -7.11 -16.92 -46.04
C CYS J 136 -5.88 -17.01 -46.95
N ALA J 137 -5.47 -15.88 -47.54
CA ALA J 137 -4.26 -15.74 -48.37
C ALA J 137 -3.01 -15.89 -47.49
N SER J 138 -1.87 -16.20 -48.10
CA SER J 138 -0.58 -16.49 -47.41
C SER J 138 0.22 -15.19 -47.21
N ASP J 139 -0.45 -14.08 -46.92
CA ASP J 139 0.17 -12.76 -46.67
C ASP J 139 -0.09 -12.36 -45.21
N PRO J 140 0.65 -11.38 -44.65
CA PRO J 140 0.47 -10.98 -43.25
C PRO J 140 -0.98 -10.71 -42.84
N ALA J 141 -1.79 -10.13 -43.72
CA ALA J 141 -3.22 -9.81 -43.48
C ALA J 141 -4.01 -11.11 -43.24
N GLY J 142 -3.80 -12.13 -44.10
CA GLY J 142 -4.44 -13.45 -44.00
C GLY J 142 -3.97 -14.22 -42.78
N ILE J 143 -2.66 -14.27 -42.55
CA ILE J 143 -2.03 -14.98 -41.39
C ILE J 143 -2.60 -14.41 -40.08
N ALA J 144 -2.78 -13.09 -40.02
CA ALA J 144 -3.29 -12.36 -38.83
C ALA J 144 -4.78 -12.63 -38.65
N TRP J 145 -5.55 -12.68 -39.75
CA TRP J 145 -7.02 -12.91 -39.74
C TRP J 145 -7.31 -14.29 -39.14
N ILE J 146 -6.69 -15.33 -39.67
CA ILE J 146 -6.89 -16.74 -39.24
C ILE J 146 -6.36 -16.92 -37.82
N LYS J 147 -5.26 -16.26 -37.45
CA LYS J 147 -4.71 -16.32 -36.06
C LYS J 147 -5.77 -15.83 -35.07
N LYS J 148 -6.46 -14.73 -35.39
CA LYS J 148 -7.46 -14.08 -34.50
C LYS J 148 -8.72 -14.95 -34.42
N TRP J 149 -9.20 -15.43 -35.57
CA TRP J 149 -10.47 -16.21 -35.69
C TRP J 149 -10.32 -17.56 -34.96
N MET J 150 -9.18 -18.24 -35.12
CA MET J 150 -8.87 -19.52 -34.45
C MET J 150 -8.86 -19.34 -32.94
N ASN J 151 -8.38 -18.19 -32.45
CA ASN J 151 -8.36 -17.84 -31.01
C ASN J 151 -9.79 -17.58 -30.52
N LEU J 152 -10.62 -16.90 -31.31
CA LEU J 152 -12.02 -16.53 -30.96
C LEU J 152 -12.90 -17.78 -30.83
N VAL J 153 -12.59 -18.86 -31.55
CA VAL J 153 -13.43 -20.10 -31.60
C VAL J 153 -12.63 -21.29 -31.08
N ALA J 154 -11.63 -21.06 -30.22
CA ALA J 154 -10.71 -22.09 -29.66
C ALA J 154 -11.51 -23.15 -28.88
N LYS J 155 -12.66 -22.78 -28.31
CA LYS J 155 -13.53 -23.67 -27.51
C LYS J 155 -14.38 -24.56 -28.43
N ASN J 156 -14.50 -24.18 -29.72
CA ASN J 156 -15.19 -24.97 -30.78
C ASN J 156 -14.35 -24.93 -32.06
N PRO J 157 -13.13 -25.49 -32.05
CA PRO J 157 -12.20 -25.29 -33.16
C PRO J 157 -12.68 -26.03 -34.41
N PRO J 158 -12.18 -25.67 -35.61
CA PRO J 158 -12.51 -26.42 -36.82
C PRO J 158 -11.77 -27.76 -36.85
N ASP J 159 -12.27 -28.69 -37.66
CA ASP J 159 -11.69 -30.05 -37.84
C ASP J 159 -10.42 -29.96 -38.69
N TYR J 160 -10.37 -29.01 -39.63
CA TYR J 160 -9.20 -28.75 -40.52
C TYR J 160 -8.90 -27.26 -40.60
N LEU J 161 -7.61 -26.92 -40.72
CA LEU J 161 -7.12 -25.56 -41.04
C LEU J 161 -7.02 -25.43 -42.56
N GLY J 162 -7.80 -24.52 -43.15
CA GLY J 162 -7.79 -24.19 -44.59
C GLY J 162 -6.74 -23.14 -44.92
N LEU J 163 -5.88 -23.41 -45.91
CA LEU J 163 -4.79 -22.51 -46.36
C LEU J 163 -4.84 -22.35 -47.89
N HIS J 164 -4.54 -21.13 -48.35
CA HIS J 164 -4.14 -20.83 -49.76
C HIS J 164 -2.64 -20.54 -49.77
N TRP J 165 -1.96 -20.83 -50.89
CA TRP J 165 -0.59 -20.36 -51.17
C TRP J 165 -0.39 -20.22 -52.68
N TYR J 166 0.00 -19.01 -53.11
CA TYR J 166 0.46 -18.71 -54.49
C TYR J 166 1.84 -18.04 -54.42
N GLY J 167 2.73 -18.42 -55.33
CA GLY J 167 4.11 -17.91 -55.42
C GLY J 167 4.93 -18.69 -56.44
N THR J 168 6.24 -18.44 -56.50
CA THR J 168 7.15 -18.99 -57.54
C THR J 168 8.18 -19.95 -56.92
N LYS J 169 8.40 -19.87 -55.61
CA LYS J 169 9.47 -20.64 -54.91
C LYS J 169 8.83 -21.72 -54.02
N GLY J 170 8.95 -22.99 -54.44
CA GLY J 170 8.43 -24.16 -53.72
C GLY J 170 8.93 -24.23 -52.30
N ASP J 171 10.21 -23.93 -52.07
CA ASP J 171 10.83 -23.96 -50.72
C ASP J 171 10.10 -23.00 -49.78
N GLU J 172 9.53 -21.92 -50.31
CA GLU J 172 8.81 -20.89 -49.51
C GLU J 172 7.40 -21.40 -49.13
N MET J 173 6.74 -22.18 -49.99
CA MET J 173 5.41 -22.79 -49.69
C MET J 173 5.60 -23.83 -48.58
N ILE J 174 6.63 -24.67 -48.69
CA ILE J 174 6.99 -25.70 -47.67
C ILE J 174 7.19 -25.00 -46.32
N ARG J 175 7.99 -23.93 -46.29
CA ARG J 175 8.34 -23.18 -45.06
C ARG J 175 7.06 -22.55 -44.46
N TYR J 176 6.11 -22.16 -45.31
CA TYR J 176 4.81 -21.54 -44.89
C TYR J 176 3.91 -22.61 -44.25
N LEU J 177 3.78 -23.78 -44.89
CA LEU J 177 2.95 -24.90 -44.36
C LEU J 177 3.53 -25.35 -43.01
N GLU J 178 4.85 -25.57 -42.95
CA GLU J 178 5.57 -25.96 -41.70
C GLU J 178 5.34 -24.89 -40.63
N SER J 179 5.37 -23.61 -41.03
CA SER J 179 5.16 -22.43 -40.14
C SER J 179 3.73 -22.43 -39.58
N MET J 180 2.73 -22.64 -40.43
CA MET J 180 1.30 -22.62 -40.03
C MET J 180 0.96 -23.87 -39.21
N HIS J 181 1.63 -25.00 -39.46
CA HIS J 181 1.45 -26.29 -38.72
C HIS J 181 1.98 -26.14 -37.28
N LYS J 182 3.06 -25.36 -37.09
CA LYS J 182 3.64 -25.08 -35.75
C LYS J 182 2.72 -24.13 -34.98
N GLU J 183 2.20 -23.10 -35.66
CA GLU J 183 1.33 -22.04 -35.07
C GLU J 183 -0.04 -22.63 -34.69
N HIS J 184 -0.52 -23.61 -35.47
CA HIS J 184 -1.86 -24.24 -35.32
C HIS J 184 -1.72 -25.75 -35.38
N PRO J 185 -1.15 -26.40 -34.33
CA PRO J 185 -0.80 -27.82 -34.39
C PRO J 185 -1.92 -28.82 -34.07
N HIS J 186 -3.12 -28.36 -33.75
CA HIS J 186 -4.20 -29.16 -33.11
C HIS J 186 -5.05 -29.90 -34.17
N GLN J 187 -4.96 -29.53 -35.44
CA GLN J 187 -5.75 -30.18 -36.52
C GLN J 187 -4.90 -30.33 -37.78
N PRO J 188 -5.27 -31.23 -38.71
CA PRO J 188 -4.59 -31.33 -40.00
C PRO J 188 -4.87 -30.10 -40.88
N ILE J 189 -4.07 -29.92 -41.92
CA ILE J 189 -4.17 -28.78 -42.87
C ILE J 189 -4.77 -29.29 -44.19
N ILE J 190 -5.72 -28.53 -44.74
CA ILE J 190 -6.21 -28.65 -46.14
C ILE J 190 -5.72 -27.40 -46.90
N VAL J 191 -4.92 -27.59 -47.95
CA VAL J 191 -4.53 -26.51 -48.90
C VAL J 191 -5.64 -26.40 -49.94
N SER J 192 -6.64 -25.55 -49.69
CA SER J 192 -7.90 -25.45 -50.47
C SER J 192 -7.66 -24.83 -51.85
N GLU J 193 -6.57 -24.05 -51.99
CA GLU J 193 -6.07 -23.49 -53.28
C GLU J 193 -4.55 -23.35 -53.20
N TRP J 194 -3.83 -23.77 -54.24
CA TRP J 194 -2.40 -23.43 -54.43
C TRP J 194 -2.03 -23.57 -55.91
N ALA J 195 -0.97 -22.86 -56.32
CA ALA J 195 -0.41 -22.90 -57.69
C ALA J 195 0.90 -22.12 -57.72
N SER J 196 1.77 -22.46 -58.68
CA SER J 196 2.91 -21.61 -59.12
C SER J 196 2.32 -20.43 -59.89
N THR J 197 2.81 -19.21 -59.63
CA THR J 197 2.47 -17.97 -60.37
C THR J 197 3.57 -17.64 -61.39
N SER J 198 4.63 -18.45 -61.47
CA SER J 198 5.75 -18.27 -62.43
C SER J 198 5.18 -18.25 -63.86
N ARG J 199 5.74 -17.40 -64.72
CA ARG J 199 5.38 -17.32 -66.16
C ARG J 199 6.31 -18.23 -66.97
N SER J 200 7.26 -18.89 -66.30
CA SER J 200 8.18 -19.90 -66.86
C SER J 200 7.62 -21.30 -66.59
N TYR J 201 7.26 -22.05 -67.64
CA TYR J 201 6.58 -23.37 -67.48
C TYR J 201 7.47 -24.35 -66.71
N PRO J 202 8.78 -24.47 -67.00
CA PRO J 202 9.66 -25.33 -66.23
C PRO J 202 9.63 -25.04 -64.72
N ASP J 203 9.44 -23.78 -64.33
CA ASP J 203 9.39 -23.34 -62.91
C ASP J 203 8.01 -23.69 -62.32
N VAL J 204 6.95 -23.67 -63.14
CA VAL J 204 5.57 -24.09 -62.75
C VAL J 204 5.57 -25.60 -62.47
N LEU J 205 6.00 -26.38 -63.47
CA LEU J 205 6.09 -27.86 -63.41
C LEU J 205 6.98 -28.27 -62.22
N GLY J 206 8.13 -27.61 -62.06
CA GLY J 206 9.11 -27.91 -61.00
C GLY J 206 8.52 -27.75 -59.60
N LEU J 207 7.79 -26.65 -59.36
CA LEU J 207 7.16 -26.34 -58.05
C LEU J 207 6.01 -27.32 -57.80
N THR J 208 5.11 -27.49 -58.77
CA THR J 208 3.93 -28.37 -58.69
C THR J 208 4.40 -29.77 -58.29
N VAL J 209 5.35 -30.34 -59.03
CA VAL J 209 5.94 -31.69 -58.80
C VAL J 209 6.55 -31.75 -57.38
N GLN J 210 7.35 -30.76 -57.00
CA GLN J 210 8.03 -30.71 -55.68
C GLN J 210 6.99 -30.78 -54.56
N LEU J 211 5.97 -29.93 -54.61
CA LEU J 211 5.01 -29.72 -53.49
C LEU J 211 4.01 -30.88 -53.41
N ALA J 212 3.56 -31.39 -54.56
CA ALA J 212 2.70 -32.60 -54.66
C ALA J 212 3.39 -33.75 -53.90
N ASN J 213 4.63 -34.05 -54.26
CA ASN J 213 5.41 -35.19 -53.69
C ASN J 213 5.69 -34.92 -52.21
N TRP J 214 6.02 -33.67 -51.84
CA TRP J 214 6.33 -33.31 -50.43
C TRP J 214 5.08 -33.46 -49.56
N MET J 215 3.94 -32.92 -50.02
CA MET J 215 2.65 -32.95 -49.28
C MET J 215 2.12 -34.38 -49.20
N ASP J 216 2.31 -35.17 -50.26
CA ASP J 216 1.92 -36.61 -50.32
C ASP J 216 2.54 -37.38 -49.15
N SER J 217 3.80 -37.10 -48.80
CA SER J 217 4.55 -37.84 -47.74
C SER J 217 4.56 -37.06 -46.41
N THR J 218 3.73 -36.01 -46.28
CA THR J 218 3.55 -35.23 -45.03
C THR J 218 2.20 -35.57 -44.40
N PRO J 219 2.16 -36.36 -43.31
CA PRO J 219 0.90 -36.84 -42.73
C PRO J 219 -0.12 -35.75 -42.39
N TRP J 220 0.33 -34.59 -41.87
CA TRP J 220 -0.55 -33.54 -41.31
C TRP J 220 -1.16 -32.66 -42.42
N VAL J 221 -0.84 -32.93 -43.69
CA VAL J 221 -1.57 -32.36 -44.86
C VAL J 221 -2.62 -33.38 -45.29
N ALA J 222 -3.89 -33.11 -44.98
CA ALA J 222 -5.04 -34.01 -45.27
C ALA J 222 -5.23 -34.11 -46.79
N GLU J 223 -5.36 -32.95 -47.46
CA GLU J 223 -5.49 -32.88 -48.94
C GLU J 223 -5.00 -31.51 -49.43
N TYR J 224 -4.76 -31.39 -50.74
CA TYR J 224 -4.29 -30.15 -51.41
C TYR J 224 -4.95 -30.03 -52.78
N ALA J 225 -5.22 -28.79 -53.21
CA ALA J 225 -6.09 -28.45 -54.35
C ALA J 225 -5.37 -27.50 -55.32
N LEU J 226 -4.85 -28.03 -56.44
CA LEU J 226 -4.10 -27.26 -57.46
C LEU J 226 -5.08 -26.42 -58.29
N PHE J 227 -4.87 -25.10 -58.36
CA PHE J 227 -5.75 -24.13 -59.05
C PHE J 227 -5.42 -24.10 -60.55
N GLY J 228 -6.43 -23.88 -61.39
CA GLY J 228 -6.25 -23.50 -62.81
C GLY J 228 -7.09 -24.31 -63.80
N CYS J 229 -7.94 -25.24 -63.33
CA CYS J 229 -8.79 -26.08 -64.24
C CYS J 229 -10.05 -25.31 -64.63
N MET J 230 -9.90 -24.38 -65.57
CA MET J 230 -10.99 -23.53 -66.13
C MET J 230 -10.50 -22.98 -67.49
N ARG J 231 -11.41 -22.59 -68.37
CA ARG J 231 -11.11 -22.22 -69.78
C ARG J 231 -10.40 -20.86 -69.87
N GLN J 232 -10.95 -19.84 -69.20
CA GLN J 232 -10.38 -18.45 -69.17
C GLN J 232 -9.43 -18.34 -67.98
N MET J 233 -8.51 -17.38 -68.00
CA MET J 233 -7.73 -16.97 -66.80
C MET J 233 -8.72 -16.35 -65.81
N ALA J 234 -8.61 -16.70 -64.53
CA ALA J 234 -9.44 -16.15 -63.43
C ALA J 234 -9.21 -14.64 -63.34
N ASP J 235 -7.95 -14.21 -63.50
CA ASP J 235 -7.48 -12.83 -63.23
C ASP J 235 -6.07 -12.67 -63.82
N ASP J 236 -5.41 -11.54 -63.55
CA ASP J 236 -4.05 -11.21 -64.05
C ASP J 236 -2.98 -11.75 -63.09
N PHE J 237 -3.37 -12.20 -61.90
CA PHE J 237 -2.42 -12.66 -60.85
C PHE J 237 -1.86 -14.06 -61.20
N VAL J 238 -2.75 -14.98 -61.56
CA VAL J 238 -2.39 -16.41 -61.85
C VAL J 238 -1.69 -16.49 -63.21
N SER J 239 -0.83 -17.51 -63.38
CA SER J 239 0.01 -17.73 -64.58
C SER J 239 -0.76 -18.50 -65.65
N PRO J 240 -0.78 -18.03 -66.90
CA PRO J 240 -1.27 -18.85 -68.02
C PRO J 240 -0.56 -20.19 -68.19
N GLU J 241 0.69 -20.30 -67.73
CA GLU J 241 1.54 -21.52 -67.85
C GLU J 241 1.09 -22.58 -66.83
N ALA J 242 0.36 -22.16 -65.80
CA ALA J 242 -0.14 -23.03 -64.70
C ALA J 242 -1.58 -23.50 -64.97
N GLN J 243 -2.18 -23.11 -66.11
CA GLN J 243 -3.55 -23.54 -66.49
C GLN J 243 -3.59 -25.07 -66.60
N LEU J 244 -4.67 -25.67 -66.09
CA LEU J 244 -4.91 -27.14 -66.10
C LEU J 244 -5.90 -27.49 -67.22
N MET J 245 -6.58 -26.47 -67.76
CA MET J 245 -7.53 -26.62 -68.90
C MET J 245 -7.14 -25.65 -70.01
N ASN J 246 -7.20 -26.10 -71.27
CA ASN J 246 -7.03 -25.26 -72.48
C ASN J 246 -8.35 -24.52 -72.75
N LYS J 247 -8.35 -23.59 -73.70
CA LYS J 247 -9.53 -22.72 -74.02
C LYS J 247 -10.68 -23.58 -74.60
N ASP J 248 -10.37 -24.74 -75.18
CA ASP J 248 -11.38 -25.64 -75.81
C ASP J 248 -11.97 -26.61 -74.76
N GLY J 249 -11.41 -26.65 -73.54
CA GLY J 249 -11.93 -27.48 -72.43
C GLY J 249 -11.15 -28.76 -72.23
N SER J 250 -10.26 -29.11 -73.16
CA SER J 250 -9.29 -30.23 -73.01
C SER J 250 -8.32 -29.90 -71.88
N PHE J 251 -7.62 -30.91 -71.35
CA PHE J 251 -6.71 -30.78 -70.18
C PHE J 251 -5.28 -30.58 -70.66
N THR J 252 -4.53 -29.75 -69.93
CA THR J 252 -3.08 -29.50 -70.17
C THR J 252 -2.30 -30.72 -69.65
N ASP J 253 -1.03 -30.83 -70.05
CA ASP J 253 -0.13 -31.92 -69.59
C ASP J 253 0.07 -31.79 -68.08
N LEU J 254 0.04 -30.56 -67.54
CA LEU J 254 0.21 -30.32 -66.08
C LEU J 254 -0.97 -30.97 -65.34
N MET J 255 -2.18 -30.84 -65.88
CA MET J 255 -3.43 -31.42 -65.32
C MET J 255 -3.33 -32.94 -65.38
N TRP J 256 -2.89 -33.49 -66.52
CA TRP J 256 -2.71 -34.95 -66.69
C TRP J 256 -1.79 -35.48 -65.58
N LYS J 257 -0.64 -34.85 -65.40
CA LYS J 257 0.37 -35.27 -64.38
C LYS J 257 -0.25 -35.18 -62.99
N TYR J 258 -0.94 -34.08 -62.69
CA TYR J 258 -1.60 -33.83 -61.38
C TYR J 258 -2.54 -35.00 -61.04
N MET J 259 -3.34 -35.44 -62.01
CA MET J 259 -4.46 -36.40 -61.76
C MET J 259 -4.04 -37.84 -62.08
N SER J 260 -2.84 -38.10 -62.61
CA SER J 260 -2.43 -39.45 -63.08
C SER J 260 -1.19 -39.99 -62.37
N ASP J 261 -0.24 -39.14 -61.97
CA ASP J 261 1.15 -39.56 -61.61
C ASP J 261 1.38 -39.42 -60.11
N GLN J 262 1.75 -40.52 -59.45
CA GLN J 262 2.13 -40.56 -58.00
C GLN J 262 3.23 -41.60 -57.81
N PRO J 263 4.50 -41.19 -57.59
CA PRO J 263 4.88 -39.78 -57.44
C PRO J 263 4.70 -38.98 -58.73
N MET J 264 4.62 -37.65 -58.61
CA MET J 264 4.70 -36.69 -59.75
C MET J 264 6.16 -36.64 -60.23
N HIS J 265 6.35 -36.43 -61.53
CA HIS J 265 7.68 -36.28 -62.19
C HIS J 265 7.59 -35.13 -63.21
N ILE J 266 8.73 -34.50 -63.51
CA ILE J 266 8.84 -33.39 -64.51
C ILE J 266 8.87 -33.99 -65.92
C2 BGC K . -0.02 37.24 -8.25
C3 BGC K . 0.34 37.99 -6.97
C4 BGC K . 1.47 37.29 -6.22
C5 BGC K . 2.64 37.02 -7.16
C6 BGC K . 3.77 36.28 -6.44
C1 BGC K . 1.24 36.95 -9.07
O1 BGC K . 0.85 36.18 -10.21
O2 BGC K . -0.91 38.02 -9.06
O3 BGC K . -0.82 38.02 -6.11
O4 BGC K . 1.88 38.10 -5.11
O5 BGC K . 2.17 36.23 -8.26
O6 BGC K . 4.80 35.92 -7.37
C2 BGC K . -2.48 39.25 -4.85
C3 BGC K . -3.00 40.62 -4.44
C4 BGC K . -1.88 41.47 -3.87
C5 BGC K . -0.62 41.45 -4.74
C6 BGC K . 0.51 42.17 -4.00
C1 BGC K . -1.23 39.36 -5.74
O2 BGC K . -3.52 38.53 -5.53
O3 BGC K . -3.98 40.41 -3.41
O4 BGC K . -2.33 42.82 -3.79
O5 BGC K . -0.23 40.09 -5.02
O6 BGC K . 1.48 42.67 -4.92
C2 BGC K . -6.16 40.89 -2.43
C3 BGC K . -7.44 41.71 -2.58
C4 BGC K . -7.13 43.21 -2.74
C5 BGC K . -6.05 43.42 -3.80
C6 BGC K . -5.60 44.89 -3.83
C1 BGC K . -5.18 41.21 -3.56
O2 BGC K . -6.52 39.49 -2.40
O3 BGC K . -8.28 41.50 -1.43
O4 BGC K . -8.34 43.86 -3.18
O5 BGC K . -4.89 42.61 -3.55
O6 BGC K . -4.60 45.09 -2.83
C2 BGC L . -4.06 34.31 -24.42
C3 BGC L . -4.37 33.02 -23.66
C4 BGC L . -5.67 32.39 -24.15
C5 BGC L . -5.67 32.28 -25.68
C6 BGC L . -7.02 31.79 -26.19
C1 BGC L . -4.19 34.15 -25.93
O1 BGC L . -4.18 35.46 -26.51
O2 BGC L . -2.73 34.72 -24.10
O3 BGC L . -4.57 33.42 -22.30
O4 BGC L . -5.83 31.11 -23.54
O5 BGC L . -5.47 33.56 -26.24
O6 BGC L . -7.16 32.18 -27.57
C2 BGC L . -3.80 33.49 -20.03
C3 BGC L . -2.96 32.79 -18.97
C4 BGC L . -3.38 31.33 -18.89
C5 BGC L . -3.34 30.71 -20.28
C6 BGC L . -3.82 29.26 -20.28
C1 BGC L . -3.73 32.74 -21.36
O2 BGC L . -3.33 34.84 -20.19
O3 BGC L . -3.12 33.47 -17.71
O4 BGC L . -2.47 30.59 -18.06
O5 BGC L . -4.19 31.42 -21.15
O6 BGC L . -4.00 28.89 -21.65
C2 BGC M . 10.44 4.06 -9.22
C3 BGC M . 10.76 3.49 -10.59
C4 BGC M . 9.51 3.46 -11.49
C5 BGC M . 9.06 4.92 -11.61
C6 BGC M . 7.98 5.18 -12.67
C1 BGC M . 9.73 5.41 -9.36
O1 BGC M . 9.25 5.82 -8.09
O2 BGC M . 11.64 4.25 -8.45
O3 BGC M . 11.27 2.17 -10.42
O4 BGC M . 9.80 2.88 -12.77
O5 BGC M . 8.63 5.29 -10.29
O6 BGC M . 6.68 4.80 -12.18
C2 BGC M . 13.04 0.64 -10.54
C3 BGC M . 14.37 0.24 -11.17
C4 BGC M . 14.39 0.55 -12.67
C5 BGC M . 13.92 1.97 -12.95
C6 BGC M . 13.87 2.25 -14.45
C1 BGC M . 12.59 2.03 -10.97
O2 BGC M . 13.18 0.58 -9.12
O3 BGC M . 14.47 -1.18 -11.00
O4 BGC M . 15.72 0.36 -13.19
O5 BGC M . 12.60 2.13 -12.40
O6 BGC M . 13.44 3.60 -14.67
C2 BGC M . 15.73 -3.12 -10.19
C3 BGC M . 17.09 -3.57 -9.66
C4 BGC M . 18.26 -3.01 -10.48
C5 BGC M . 18.08 -1.52 -10.74
C6 BGC M . 19.17 -0.97 -11.67
C1 BGC M . 15.74 -1.59 -10.45
O2 BGC M . 14.70 -3.51 -9.25
O3 BGC M . 17.15 -4.99 -9.73
O4 BGC M . 19.47 -3.24 -9.74
O5 BGC M . 16.81 -1.26 -11.33
O6 BGC M . 18.82 -1.23 -13.03
C2 BGC N . 12.56 14.34 4.35
C3 BGC N . 11.40 13.40 4.70
C4 BGC N . 11.48 13.03 6.19
C5 BGC N . 11.56 14.30 7.05
C6 BGC N . 11.65 14.05 8.55
C1 BGC N . 12.65 15.51 5.33
O1 BGC N . 13.85 16.27 5.11
O2 BGC N . 12.41 14.81 3.00
O3 BGC N . 11.55 12.22 3.88
O4 BGC N . 10.36 12.24 6.55
O5 BGC N . 12.70 15.05 6.69
O6 BGC N . 13.03 14.07 8.98
C2 BGC N . 10.83 10.85 2.02
C3 BGC N . 9.63 10.38 1.20
C4 BGC N . 8.57 9.80 2.11
C5 BGC N . 8.26 10.77 3.23
C6 BGC N . 7.25 10.17 4.18
C1 BGC N . 10.38 11.79 3.13
O2 BGC N . 11.76 11.48 1.14
O3 BGC N . 10.01 9.35 0.29
O4 BGC N . 7.40 9.57 1.34
O5 BGC N . 9.45 11.08 3.94
O6 BGC N . 7.03 11.11 5.23
C2 BGC O . 41.52 -5.92 -29.71
C3 BGC O . 40.12 -5.39 -29.97
C4 BGC O . 39.69 -5.65 -31.41
C5 BGC O . 39.88 -7.14 -31.73
C6 BGC O . 39.42 -7.57 -33.13
C1 BGC O . 41.67 -7.35 -30.18
O1 BGC O . 43.03 -7.76 -30.04
O2 BGC O . 41.84 -5.88 -28.31
O3 BGC O . 40.05 -3.98 -29.74
O4 BGC O . 38.33 -5.24 -31.59
O5 BGC O . 41.27 -7.45 -31.56
O6 BGC O . 39.77 -6.58 -34.11
C2 BGC O . 39.05 -2.13 -28.53
C3 BGC O . 38.08 -1.77 -27.39
C4 BGC O . 36.74 -2.45 -27.62
C5 BGC O . 36.90 -3.93 -27.93
C6 BGC O . 35.53 -4.54 -28.26
C1 BGC O . 39.10 -3.64 -28.72
O2 BGC O . 40.34 -1.57 -28.28
O3 BGC O . 37.83 -0.36 -27.37
O4 BGC O . 35.94 -2.31 -26.43
O5 BGC O . 37.78 -4.09 -29.04
O6 BGC O . 35.69 -5.75 -29.00
C2 BGC O . 38.11 1.78 -26.24
C3 BGC O . 38.20 2.45 -24.86
C4 BGC O . 37.04 2.02 -23.96
C5 BGC O . 36.88 0.50 -23.93
C6 BGC O . 35.65 0.16 -23.09
C1 BGC O . 37.93 0.25 -26.07
O2 BGC O . 39.29 2.11 -27.01
O3 BGC O . 38.14 3.88 -24.99
O4 BGC O . 37.31 2.49 -22.63
O5 BGC O . 36.77 0.00 -25.28
O6 BGC O . 34.85 -0.89 -23.66
C2 BGC P . 54.94 -13.89 -22.51
C3 BGC P . 55.45 -12.71 -23.33
C4 BGC P . 56.61 -12.04 -22.59
C5 BGC P . 57.66 -13.04 -22.09
C6 BGC P . 58.63 -12.35 -21.15
C1 BGC P . 56.12 -14.84 -22.22
O1 BGC P . 55.71 -16.06 -21.57
O2 BGC P . 53.87 -14.53 -23.20
O3 BGC P . 54.36 -11.78 -23.51
O4 BGC P . 57.28 -11.10 -23.44
O5 BGC P . 57.03 -14.12 -21.38
O6 BGC P . 58.68 -13.05 -19.90
C2 BGC P . 52.72 -10.84 -25.07
C3 BGC P . 52.40 -10.62 -26.55
C4 BGC P . 53.61 -10.10 -27.34
C5 BGC P . 54.82 -10.98 -27.02
C6 BGC P . 56.10 -10.53 -27.71
C1 BGC P . 54.01 -11.62 -24.90
O2 BGC P . 51.67 -11.59 -24.46
O3 BGC P . 51.32 -9.70 -26.67
O4 BGC P . 53.33 -10.19 -28.75
O5 BGC P . 55.04 -10.93 -25.62
O6 BGC P . 57.21 -11.00 -26.92
C2 BGC Q . 19.19 23.88 35.77
C3 BGC Q . 18.21 24.29 34.69
C4 BGC Q . 16.97 25.01 35.26
C5 BGC Q . 17.41 26.08 36.27
C6 BGC Q . 16.21 26.80 36.88
C1 BGC Q . 19.45 25.02 36.76
O1 BGC Q . 20.29 24.55 37.82
O2 BGC Q . 20.44 23.50 35.16
O3 BGC Q . 17.81 23.08 34.06
O4 BGC Q . 16.18 25.62 34.22
O5 BGC Q . 18.20 25.46 37.29
O6 BGC Q . 16.62 27.54 38.03
C2 BGC Q . 17.34 21.77 32.12
C3 BGC Q . 17.37 21.69 30.60
C4 BGC Q . 16.76 22.93 29.97
C5 BGC Q . 17.28 24.21 30.63
C6 BGC Q . 16.58 25.45 30.07
C1 BGC Q . 17.88 23.11 32.63
O2 BGC Q . 18.07 20.66 32.63
O3 BGC Q . 16.58 20.53 30.28
O4 BGC Q . 17.12 22.99 28.57
O5 BGC Q . 17.08 24.13 32.05
O6 BGC Q . 17.25 26.64 30.51
C2 BGC Q . 16.32 18.46 29.00
C3 BGC Q . 17.02 17.57 27.97
C4 BGC Q . 17.40 18.36 26.72
C5 BGC Q . 18.16 19.64 27.09
C6 BGC Q . 18.57 20.49 25.88
C1 BGC Q . 17.18 19.71 29.25
O2 BGC Q . 16.07 17.72 30.21
O3 BGC Q . 16.13 16.51 27.59
O4 BGC Q . 18.23 17.54 25.88
O5 BGC Q . 17.36 20.40 28.01
O6 BGC Q . 17.43 20.82 25.07
C2 BGC R . 34.73 21.81 42.30
C3 BGC R . 33.80 21.00 43.22
C4 BGC R . 34.56 19.77 43.73
C5 BGC R . 35.77 20.30 44.50
C6 BGC R . 36.51 19.26 45.35
C1 BGC R . 36.15 22.00 42.88
O1 BGC R . 37.03 22.27 41.78
O2 BGC R . 34.15 23.11 42.11
O3 BGC R . 32.64 20.58 42.50
O4 BGC R . 33.70 18.93 44.49
O5 BGC R . 36.64 20.82 43.51
O6 BGC R . 37.23 18.41 44.47
C2 BGC R . 30.29 20.91 42.04
C3 BGC R . 28.91 21.25 42.62
C4 BGC R . 28.63 20.44 43.87
C5 BGC R . 29.83 20.49 44.83
C6 BGC R . 29.56 19.53 45.99
C1 BGC R . 31.40 20.98 43.10
O2 BGC R . 30.53 21.81 40.96
O3 BGC R . 27.89 20.97 41.66
O4 BGC R . 27.45 20.99 44.47
O5 BGC R . 31.04 20.10 44.17
O6 BGC R . 30.35 19.89 47.14
C2 BGC S . -14.92 -23.49 54.11
C3 BGC S . -14.47 -23.38 55.58
C4 BGC S . -15.22 -22.25 56.27
C5 BGC S . -16.72 -22.34 56.00
C6 BGC S . -17.48 -21.18 56.60
C1 BGC S . -16.44 -23.50 53.98
O1 BGC S . -16.79 -23.47 52.60
O2 BGC S . -14.44 -24.72 53.54
O3 BGC S . -13.07 -23.09 55.61
O4 BGC S . -14.99 -22.28 57.69
O5 BGC S . -16.94 -22.33 54.60
O6 BGC S . -18.82 -21.22 56.08
C2 BGC S . -10.85 -23.47 56.56
C3 BGC S . -10.03 -24.45 57.42
C4 BGC S . -10.71 -24.47 58.80
C5 BGC S . -12.19 -24.85 58.67
C6 BGC S . -12.89 -24.89 60.02
C1 BGC S . -12.32 -23.91 56.53
O2 BGC S . -10.34 -23.40 55.23
O3 BGC S . -8.61 -24.16 57.54
O4 BGC S . -10.02 -25.39 59.65
O5 BGC S . -12.84 -23.88 57.84
O6 BGC S . -14.29 -24.68 59.80
C2 BGC T . -19.11 -32.58 39.93
C3 BGC T . -18.30 -31.45 39.30
C4 BGC T . -17.51 -32.03 38.12
C5 BGC T . -18.34 -32.94 37.22
C6 BGC T . -17.45 -33.75 36.27
C1 BGC T . -19.99 -33.24 38.86
O1 BGC T . -20.99 -34.14 39.38
O2 BGC T . -19.93 -32.11 41.00
O3 BGC T . -17.40 -30.81 40.24
O4 BGC T . -17.00 -30.96 37.34
O5 BGC T . -19.09 -33.89 37.97
O6 BGC T . -17.24 -33.00 35.07
C2 BGC T . -17.22 -29.23 42.11
C3 BGC T . -17.66 -27.89 42.68
C4 BGC T . -17.49 -26.84 41.61
C5 BGC T . -18.26 -27.25 40.35
C6 BGC T . -18.02 -26.19 39.28
C1 BGC T . -17.92 -29.59 40.80
O2 BGC T . -17.48 -30.24 43.09
O3 BGC T . -16.91 -27.50 43.83
O4 BGC T . -17.93 -25.59 42.12
O5 BGC T . -17.76 -28.50 39.89
O6 BGC T . -18.45 -26.66 38.01
C2 BGC U . -44.91 -19.60 -19.63
C3 BGC U . -45.98 -19.81 -20.70
C4 BGC U . -45.35 -20.42 -21.95
C5 BGC U . -44.74 -21.75 -21.54
C6 BGC U . -44.20 -22.56 -22.71
C1 BGC U . -44.19 -20.92 -19.36
O1 BGC U . -43.10 -20.64 -18.48
O2 BGC U . -45.47 -19.13 -18.41
O3 BGC U . -46.58 -18.56 -21.03
O4 BGC U . -46.33 -20.58 -22.99
O5 BGC U . -43.69 -21.47 -20.59
O6 BGC U . -44.17 -23.96 -22.34
C2 BGC U . -48.46 -17.24 -21.60
C3 BGC U . -49.97 -17.15 -21.76
C4 BGC U . -50.51 -18.38 -22.50
C5 BGC U . -49.98 -19.68 -21.90
C6 BGC U . -50.55 -20.86 -22.71
C1 BGC U . -48.02 -18.61 -21.08
O2 BGC U . -48.06 -16.20 -20.71
O3 BGC U . -50.24 -15.94 -22.51
O4 BGC U . -51.94 -18.41 -22.42
O5 BGC U . -48.55 -19.64 -21.92
O6 BGC U . -50.00 -22.11 -22.29
C2 BGC U . -51.47 -13.80 -22.63
C3 BGC U . -52.52 -12.96 -21.92
C4 BGC U . -53.79 -13.78 -21.58
C5 BGC U . -53.42 -15.12 -20.94
C6 BGC U . -54.63 -16.03 -20.64
C1 BGC U . -51.25 -15.13 -21.88
O2 BGC U . -50.25 -13.04 -22.73
O3 BGC U . -52.84 -11.84 -22.76
O4 BGC U . -54.59 -13.02 -20.65
O5 BGC U . -52.50 -15.83 -21.79
O6 BGC U . -55.35 -16.38 -21.85
C2 BGC V . -39.25 -17.92 -3.45
C3 BGC V . -38.44 -16.97 -4.32
C4 BGC V . -38.15 -15.71 -3.52
C5 BGC V . -37.58 -16.01 -2.13
C6 BGC V . -37.54 -14.75 -1.28
C1 BGC V . -38.45 -18.22 -2.17
O1 BGC V . -39.07 -19.24 -1.36
O2 BGC V . -39.54 -19.09 -4.23
O3 BGC V . -39.23 -16.69 -5.50
O4 BGC V . -37.24 -14.90 -4.26
O5 BGC V . -38.38 -16.98 -1.44
O6 BGC V . -37.06 -15.02 0.05
C2 BGC V . -39.57 -17.07 -7.90
C3 BGC V . -38.90 -17.47 -9.20
C4 BGC V . -37.60 -16.71 -9.41
C5 BGC V . -36.73 -16.80 -8.16
C6 BGC V . -35.46 -15.98 -8.35
C1 BGC V . -38.59 -17.11 -6.73
O2 BGC V . -40.68 -17.95 -7.73
O3 BGC V . -39.78 -17.22 -10.29
O4 BGC V . -36.91 -17.30 -10.49
O5 BGC V . -37.45 -16.30 -7.05
O6 BGC V . -34.85 -15.82 -7.07
C2 BGC W . 15.24 26.66 -1.72
C3 BGC W . 14.69 27.31 -0.44
C4 BGC W . 13.52 28.24 -0.75
C5 BGC W . 12.49 27.54 -1.63
C6 BGC W . 11.30 28.43 -2.02
C1 BGC W . 14.09 26.07 -2.56
O1 BGC W . 14.60 25.58 -3.82
O2 BGC W . 16.15 25.61 -1.38
O3 BGC W . 15.71 28.09 0.21
O4 BGC W . 12.94 28.64 0.50
O5 BGC W . 13.12 27.08 -2.84
O6 BGC W . 10.19 27.58 -2.34
C2 BGC W . 17.36 28.37 1.94
C3 BGC W . 17.84 28.03 3.34
C4 BGC W . 16.65 27.99 4.32
C5 BGC W . 15.49 27.19 3.74
C6 BGC W . 14.29 27.24 4.70
C1 BGC W . 16.13 27.58 1.50
O2 BGC W . 18.46 28.14 1.04
O3 BGC W . 18.73 29.10 3.73
O4 BGC W . 17.05 27.44 5.60
O5 BGC W . 15.11 27.73 2.48
O6 BGC W . 13.07 26.93 4.01
C2 BGC W . 20.98 29.83 4.36
C3 BGC W . 22.30 29.32 4.95
C4 BGC W . 22.09 28.61 6.29
C5 BGC W . 20.97 27.58 6.22
C6 BGC W . 20.71 27.04 7.64
C1 BGC W . 19.97 28.66 4.32
O2 BGC W . 21.18 30.48 3.07
O3 BGC W . 23.22 30.40 5.15
O4 BGC W . 23.27 27.90 6.70
O5 BGC W . 19.79 28.16 5.65
O6 BGC W . 19.32 27.00 7.96
C2 BGC X . 20.47 13.51 -11.90
C3 BGC X . 20.71 14.80 -12.71
C4 BGC X . 21.98 14.61 -13.53
C5 BGC X . 21.82 13.37 -14.44
C6 BGC X . 22.94 13.13 -15.45
C1 BGC X . 20.48 12.28 -12.81
O1 BGC X . 20.41 11.10 -11.99
O2 BGC X . 19.21 13.59 -11.23
O3 BGC X . 20.80 15.92 -11.80
O4 BGC X . 22.27 15.78 -14.30
O5 BGC X . 21.68 12.23 -13.57
O6 BGC X . 24.03 12.38 -14.89
C2 BGC X . 19.84 17.96 -10.83
C3 BGC X . 19.00 19.20 -11.10
C4 BGC X . 19.47 19.91 -12.37
C5 BGC X . 19.56 18.92 -13.52
C6 BGC X . 20.21 19.59 -14.72
C1 BGC X . 19.90 17.03 -12.06
O2 BGC X . 19.23 17.34 -9.70
O3 BGC X . 19.12 20.07 -9.97
O4 BGC X . 18.53 20.93 -12.68
O5 BGC X . 20.38 17.81 -13.16
O6 BGC X . 20.11 18.78 -15.90
C2 BGC Y . -14.45 -48.10 10.68
C3 BGC Y . -15.62 -47.42 11.38
C4 BGC Y . -16.70 -47.06 10.36
C5 BGC Y . -17.11 -48.31 9.54
C6 BGC Y . -18.20 -47.98 8.51
C1 BGC Y . -14.92 -49.23 9.77
O1 BGC Y . -13.82 -49.67 8.96
O2 BGC Y . -13.55 -48.59 11.69
O3 BGC Y . -15.13 -46.21 11.98
O4 BGC Y . -17.85 -46.52 11.05
O5 BGC Y . -15.93 -48.78 8.88
O6 BGC Y . -18.12 -48.82 7.35
C2 BGC Y . -14.73 -44.95 14.02
C3 BGC Y . -15.01 -44.80 15.51
C4 BGC Y . -16.49 -45.05 15.80
C5 BGC Y . -16.96 -46.33 15.13
C6 BGC Y . -18.45 -46.57 15.37
C1 BGC Y . -15.33 -46.21 13.41
O2 BGC Y . -13.31 -44.95 13.91
O3 BGC Y . -14.64 -43.45 15.83
O4 BGC Y . -16.70 -45.18 17.21
O5 BGC Y . -16.71 -46.23 13.72
O6 BGC Y . -19.07 -47.25 14.26
C2 BGC Y . -13.45 -41.91 17.34
C3 BGC Y . -12.62 -41.87 18.64
C4 BGC Y . -13.34 -42.57 19.78
C5 BGC Y . -13.94 -43.91 19.35
C6 BGC Y . -14.81 -44.55 20.44
C1 BGC Y . -13.90 -43.35 17.06
O2 BGC Y . -12.67 -41.35 16.26
O3 BGC Y . -12.40 -40.52 19.05
O4 BGC Y . -12.33 -42.82 20.78
O5 BGC Y . -14.71 -43.75 18.16
O6 BGC Y . -15.74 -43.62 21.02
C2 BGC Z . -2.50 -60.45 8.60
C3 BGC Z . -1.95 -59.19 7.91
C4 BGC Z . -0.45 -59.12 8.19
C5 BGC Z . 0.28 -60.43 7.86
C6 BGC Z . 1.72 -60.34 8.40
C1 BGC Z . -1.73 -61.65 8.04
O1 BGC Z . -2.32 -62.88 8.48
O2 BGC Z . -3.91 -60.60 8.41
O3 BGC Z . -2.57 -58.00 8.44
O4 BGC Z . 0.12 -58.04 7.43
O5 BGC Z . -0.38 -61.54 8.47
O6 BGC Z . 2.40 -61.61 8.45
C2 BGC Z . -4.26 -56.29 8.18
C3 BGC Z . -5.16 -55.54 7.20
C4 BGC Z . -4.37 -55.00 6.02
C5 BGC Z . -3.44 -56.06 5.47
C6 BGC Z . -2.51 -55.46 4.43
C1 BGC Z . -3.38 -57.31 7.46
O2 BGC Z . -5.06 -56.97 9.13
O3 BGC Z . -5.79 -54.45 7.88
O4 BGC Z . -5.31 -54.63 4.99
O5 BGC Z . -2.62 -56.61 6.48
O6 BGC Z . -2.16 -56.50 3.52
C2 BGC AA . -30.38 -3.61 25.34
C3 BGC AA . -29.94 -4.81 24.52
C4 BGC AA . -28.52 -5.21 24.88
C5 BGC AA . -28.34 -5.37 26.38
C6 BGC AA . -26.87 -5.62 26.72
C1 BGC AA . -30.10 -3.85 26.82
O1 BGC AA . -30.39 -2.65 27.54
O2 BGC AA . -31.75 -3.37 25.07
O3 BGC AA . -29.90 -4.43 23.15
O4 BGC AA . -28.22 -6.41 24.16
O5 BGC AA . -28.73 -4.17 27.03
O6 BGC AA . -26.75 -5.84 28.12
C2 BGC AA . -30.64 -4.68 20.95
C3 BGC AA . -31.38 -5.49 19.91
C4 BGC AA . -31.03 -6.98 20.02
C5 BGC AA . -31.05 -7.45 21.48
C6 BGC AA . -30.57 -8.89 21.56
C1 BGC AA . -30.70 -5.29 22.34
O2 BGC AA . -31.29 -3.41 20.99
O3 BGC AA . -30.97 -4.95 18.65
O4 BGC AA . -32.02 -7.75 19.31
O5 BGC AA . -30.20 -6.63 22.28
O6 BGC AA . -30.42 -9.24 22.94
C2 BGC AA . -31.74 -4.34 16.39
C3 BGC AA . -32.99 -4.33 15.50
C4 BGC AA . -33.71 -5.67 15.48
C5 BGC AA . -33.90 -6.19 16.91
C6 BGC AA . -34.58 -7.57 17.00
C1 BGC AA . -32.10 -4.92 17.75
O2 BGC AA . -31.24 -3.01 16.54
O3 BGC AA . -32.66 -4.01 14.15
O4 BGC AA . -34.98 -5.49 14.86
O5 BGC AA . -32.64 -6.23 17.56
O6 BGC AA . -34.00 -8.51 16.07
C2 BGC BA . -41.88 5.31 34.95
C3 BGC BA . -41.00 6.38 34.27
C4 BGC BA . -41.89 7.55 33.83
C5 BGC BA . -42.80 8.03 34.96
C6 BGC BA . -43.73 9.12 34.42
C1 BGC BA . -42.72 5.93 36.08
O1 BGC BA . -43.52 4.95 36.77
O2 BGC BA . -41.04 4.25 35.41
O3 BGC BA . -40.39 5.79 33.11
O4 BGC BA . -41.11 8.66 33.37
O5 BGC BA . -43.57 6.93 35.48
O6 BGC BA . -45.09 8.94 34.87
C2 BGC BA . -38.44 4.75 32.09
C3 BGC BA . -36.95 4.51 32.23
C4 BGC BA . -36.22 5.84 32.35
C5 BGC BA . -36.84 6.74 33.43
C6 BGC BA . -36.14 8.11 33.39
C1 BGC BA . -38.96 5.64 33.23
O2 BGC BA . -39.08 3.47 32.09
O3 BGC BA . -36.44 3.84 31.08
O4 BGC BA . -34.85 5.55 32.69
O5 BGC BA . -38.24 6.87 33.16
O6 BGC BA . -36.91 9.10 34.08
C2 BGC CA . 4.42 -15.87 -51.35
C3 BGC CA . 3.58 -14.72 -50.80
C4 BGC CA . 3.90 -14.48 -49.33
C5 BGC CA . 5.39 -14.38 -49.08
C6 BGC CA . 5.67 -14.22 -47.59
C1 BGC CA . 5.89 -15.73 -50.97
O1 BGC CA . 6.60 -16.92 -51.34
O2 BGC CA . 4.32 -15.94 -52.78
O3 BGC CA . 2.18 -15.05 -50.91
O4 BGC CA . 3.28 -13.26 -48.91
O5 BGC CA . 6.02 -15.56 -49.56
O6 BGC CA . 7.04 -14.53 -47.32
C2 BGC CA . -0.06 -14.54 -51.68
C3 BGC CA . -0.90 -13.59 -52.55
C4 BGC CA . -0.69 -12.16 -52.10
C5 BGC CA . 0.81 -11.82 -51.96
C6 BGC CA . 0.97 -10.44 -51.35
C1 BGC CA . 1.41 -14.10 -51.64
O2 BGC CA . -0.19 -15.87 -52.17
O3 BGC CA . -2.28 -13.93 -52.41
O4 BGC CA . -1.27 -11.30 -53.08
O5 BGC CA . 1.46 -12.78 -51.10
O6 BGC CA . 2.37 -10.16 -51.21
C2 BGC CA . -4.45 -14.43 -53.26
C3 BGC CA . -5.32 -14.53 -54.49
C4 BGC CA . -5.48 -13.16 -55.09
C5 BGC CA . -4.15 -12.44 -55.29
C6 BGC CA . -4.52 -11.01 -55.74
C1 BGC CA . -3.09 -13.82 -53.61
O2 BGC CA . -4.30 -15.72 -52.64
O3 BGC CA . -6.63 -15.03 -54.17
O4 BGC CA . -6.16 -13.29 -56.34
O5 BGC CA . -3.33 -12.48 -54.10
O6 BGC CA . -3.45 -10.09 -55.63
C2 BGC DA . 14.20 -24.58 -62.65
C3 BGC DA . 13.42 -25.68 -61.91
C4 BGC DA . 13.13 -26.81 -62.90
C5 BGC DA . 14.40 -27.29 -63.58
C6 BGC DA . 14.16 -28.38 -64.63
C1 BGC DA . 15.46 -25.18 -63.30
O1 BGC DA . 16.28 -24.22 -63.99
O2 BGC DA . 14.51 -23.51 -61.75
O3 BGC DA . 12.19 -25.18 -61.32
O4 BGC DA . 12.46 -27.89 -62.22
O5 BGC DA . 15.02 -26.18 -64.24
O6 BGC DA . 13.39 -27.86 -65.73
C2 BGC DA . 11.15 -24.11 -59.41
C3 BGC DA . 11.23 -23.88 -57.91
C4 BGC DA . 11.32 -25.20 -57.16
C5 BGC DA . 12.46 -26.04 -57.74
C6 BGC DA . 12.56 -27.38 -57.01
C1 BGC DA . 12.29 -25.01 -59.88
O2 BGC DA . 11.21 -22.84 -60.03
O3 BGC DA . 10.10 -23.15 -57.44
O4 BGC DA . 11.51 -24.94 -55.76
O5 BGC DA . 12.24 -26.24 -59.14
O6 BGC DA . 12.93 -28.43 -57.92
#